data_2DUW
#
_entry.id   2DUW
#
_entity_poly.entity_id   1
_entity_poly.type   'polypeptide(L)'
_entity_poly.pdbx_seq_one_letter_code
;MKENDIAGILTSTRTIALVGASDKPDRPSYRVMKYLLDQGYHVIPVSPKVAGKTLLGQQGYATLADVPEKVDMVDVFRNS
EAAWGVAQEAIAIGAKTLWLQLGVINEQAAVLAREAGLSVVMDRCPAIELPRLGLAKLEHHHHHH
;
_entity_poly.pdbx_strand_id   A
#
# COMPACT_ATOMS: atom_id res chain seq x y z
N MET A 1 25.92 3.55 7.23
CA MET A 1 24.69 2.89 6.82
C MET A 1 24.21 3.41 5.47
N LYS A 2 24.92 3.03 4.41
CA LYS A 2 24.56 3.46 3.06
C LYS A 2 23.70 2.41 2.37
N GLU A 3 22.75 1.84 3.10
CA GLU A 3 21.87 0.82 2.55
C GLU A 3 20.72 1.46 1.79
N ASN A 4 20.61 1.13 0.50
CA ASN A 4 19.55 1.67 -0.34
C ASN A 4 18.53 0.58 -0.69
N ASP A 5 17.74 0.19 0.29
CA ASP A 5 16.71 -0.84 0.08
C ASP A 5 15.47 -0.53 0.91
N ILE A 6 14.42 -1.31 0.69
CA ILE A 6 13.16 -1.13 1.40
C ILE A 6 13.39 -1.11 2.91
N ALA A 7 14.45 -1.78 3.35
CA ALA A 7 14.78 -1.83 4.77
C ALA A 7 14.94 -0.43 5.35
N GLY A 8 15.53 0.47 4.57
CA GLY A 8 15.73 1.83 5.02
C GLY A 8 14.46 2.66 4.95
N ILE A 9 13.60 2.34 3.98
CA ILE A 9 12.35 3.06 3.80
C ILE A 9 11.33 2.65 4.85
N LEU A 10 11.33 1.37 5.19
CA LEU A 10 10.40 0.83 6.20
C LEU A 10 10.88 1.17 7.60
N THR A 11 12.19 1.16 7.80
CA THR A 11 12.78 1.46 9.10
C THR A 11 12.74 2.96 9.39
N SER A 12 12.76 3.75 8.33
CA SER A 12 12.74 5.21 8.47
C SER A 12 11.31 5.71 8.67
N THR A 13 10.47 5.50 7.66
CA THR A 13 9.08 5.93 7.71
C THR A 13 8.14 4.79 7.36
N ARG A 14 7.21 4.50 8.27
CA ARG A 14 6.24 3.42 8.05
C ARG A 14 4.86 3.99 7.76
N THR A 15 4.46 3.94 6.49
CA THR A 15 3.16 4.45 6.08
C THR A 15 2.51 3.53 5.05
N ILE A 16 1.35 2.98 5.40
CA ILE A 16 0.64 2.07 4.51
C ILE A 16 -0.63 2.74 3.96
N ALA A 17 -0.76 2.74 2.64
CA ALA A 17 -1.91 3.34 1.98
C ALA A 17 -2.72 2.30 1.24
N LEU A 18 -4.02 2.26 1.51
CA LEU A 18 -4.91 1.31 0.86
C LEU A 18 -5.63 1.95 -0.34
N VAL A 19 -5.68 1.22 -1.44
CA VAL A 19 -6.33 1.71 -2.65
C VAL A 19 -7.68 1.02 -2.86
N GLY A 20 -8.73 1.82 -3.03
CA GLY A 20 -10.06 1.26 -3.23
C GLY A 20 -10.64 0.65 -1.97
N ALA A 21 -10.48 1.35 -0.85
CA ALA A 21 -11.00 0.87 0.42
C ALA A 21 -12.50 1.12 0.54
N SER A 22 -13.30 0.10 0.21
CA SER A 22 -14.75 0.21 0.27
C SER A 22 -15.29 -0.57 1.46
N ASP A 23 -16.62 -0.72 1.49
CA ASP A 23 -17.27 -1.44 2.58
C ASP A 23 -17.49 -2.91 2.20
N LYS A 24 -16.47 -3.52 1.62
CA LYS A 24 -16.56 -4.92 1.21
C LYS A 24 -15.68 -5.81 2.09
N PRO A 25 -16.22 -6.20 3.25
CA PRO A 25 -15.52 -7.05 4.21
C PRO A 25 -15.33 -8.47 3.69
N ASP A 26 -15.94 -8.77 2.55
CA ASP A 26 -15.84 -10.09 1.95
C ASP A 26 -14.77 -10.12 0.87
N ARG A 27 -13.83 -9.19 0.95
CA ARG A 27 -12.74 -9.11 -0.03
C ARG A 27 -11.38 -9.08 0.68
N PRO A 28 -10.32 -9.41 -0.08
CA PRO A 28 -8.96 -9.44 0.45
C PRO A 28 -8.43 -8.04 0.73
N SER A 29 -9.06 -7.04 0.12
CA SER A 29 -8.64 -5.65 0.29
C SER A 29 -9.07 -5.13 1.67
N TYR A 30 -10.09 -5.76 2.24
CA TYR A 30 -10.60 -5.36 3.55
C TYR A 30 -9.86 -6.10 4.67
N ARG A 31 -9.76 -7.41 4.52
CA ARG A 31 -9.07 -8.24 5.52
C ARG A 31 -7.67 -7.72 5.77
N VAL A 32 -7.03 -7.19 4.73
CA VAL A 32 -5.68 -6.67 4.84
C VAL A 32 -5.68 -5.30 5.51
N MET A 33 -6.75 -4.54 5.30
CA MET A 33 -6.88 -3.21 5.89
C MET A 33 -6.95 -3.30 7.41
N LYS A 34 -8.03 -3.89 7.91
CA LYS A 34 -8.22 -4.02 9.36
C LYS A 34 -7.07 -4.79 9.98
N TYR A 35 -6.38 -5.60 9.18
CA TYR A 35 -5.26 -6.39 9.66
C TYR A 35 -4.08 -5.50 10.02
N LEU A 36 -3.77 -4.55 9.13
CA LEU A 36 -2.66 -3.64 9.35
C LEU A 36 -2.99 -2.64 10.46
N LEU A 37 -4.28 -2.34 10.61
CA LEU A 37 -4.73 -1.41 11.64
C LEU A 37 -4.55 -2.00 13.03
N ASP A 38 -4.97 -3.25 13.19
CA ASP A 38 -4.85 -3.93 14.48
C ASP A 38 -3.39 -4.17 14.84
N GLN A 39 -2.59 -4.54 13.84
CA GLN A 39 -1.18 -4.81 14.05
C GLN A 39 -0.48 -3.60 14.66
N GLY A 40 -1.05 -2.41 14.44
CA GLY A 40 -0.48 -1.20 14.97
C GLY A 40 0.31 -0.42 13.94
N TYR A 41 -0.19 -0.38 12.71
CA TYR A 41 0.48 0.32 11.63
C TYR A 41 -0.40 1.47 11.10
N HIS A 42 0.26 2.48 10.54
CA HIS A 42 -0.45 3.62 9.98
C HIS A 42 -1.16 3.26 8.68
N VAL A 43 -2.48 3.11 8.75
CA VAL A 43 -3.28 2.75 7.58
C VAL A 43 -3.99 3.97 7.01
N ILE A 44 -3.84 4.18 5.70
CA ILE A 44 -4.47 5.31 5.03
C ILE A 44 -5.29 4.86 3.83
N PRO A 45 -6.49 4.31 4.11
CA PRO A 45 -7.40 3.82 3.06
C PRO A 45 -7.99 4.96 2.24
N VAL A 46 -7.85 4.87 0.91
CA VAL A 46 -8.36 5.90 0.02
C VAL A 46 -9.34 5.28 -0.99
N SER A 47 -10.56 5.80 -0.99
CA SER A 47 -11.59 5.31 -1.90
C SER A 47 -12.53 6.45 -2.32
N PRO A 48 -13.14 6.30 -3.51
CA PRO A 48 -14.06 7.29 -4.05
C PRO A 48 -15.37 7.34 -3.28
N LYS A 49 -15.56 6.39 -2.37
CA LYS A 49 -16.78 6.33 -1.56
C LYS A 49 -16.51 6.83 -0.15
N VAL A 50 -15.30 6.60 0.34
CA VAL A 50 -14.91 7.03 1.68
C VAL A 50 -14.46 8.47 1.69
N ALA A 51 -14.51 9.11 0.51
CA ALA A 51 -14.10 10.50 0.39
C ALA A 51 -14.89 11.40 1.34
N GLY A 52 -14.29 11.74 2.47
CA GLY A 52 -14.95 12.59 3.44
C GLY A 52 -15.64 11.78 4.52
N LYS A 53 -15.26 10.53 4.68
CA LYS A 53 -15.85 9.65 5.68
C LYS A 53 -14.78 9.02 6.55
N THR A 54 -15.21 8.24 7.54
CA THR A 54 -14.29 7.57 8.45
C THR A 54 -14.38 6.05 8.31
N LEU A 55 -13.26 5.42 7.96
CA LEU A 55 -13.21 3.98 7.80
C LEU A 55 -12.36 3.33 8.89
N LEU A 56 -13.03 2.69 9.84
CA LEU A 56 -12.34 2.03 10.94
C LEU A 56 -11.51 3.02 11.75
N GLY A 57 -11.93 4.28 11.72
CA GLY A 57 -11.23 5.32 12.45
C GLY A 57 -10.23 6.07 11.59
N GLN A 58 -10.00 5.56 10.38
CA GLN A 58 -9.06 6.18 9.46
C GLN A 58 -9.79 7.12 8.51
N GLN A 59 -9.27 8.34 8.36
CA GLN A 59 -9.87 9.32 7.47
C GLN A 59 -9.89 8.82 6.04
N GLY A 60 -11.03 9.03 5.36
CA GLY A 60 -11.16 8.59 3.98
C GLY A 60 -10.82 9.68 2.99
N TYR A 61 -10.49 9.28 1.76
CA TYR A 61 -10.13 10.24 0.72
C TYR A 61 -10.57 9.73 -0.65
N ALA A 62 -11.05 10.64 -1.49
CA ALA A 62 -11.49 10.30 -2.83
C ALA A 62 -10.32 9.87 -3.70
N THR A 63 -9.15 10.47 -3.46
CA THR A 63 -7.96 10.15 -4.23
C THR A 63 -6.70 10.31 -3.37
N LEU A 64 -5.65 9.59 -3.74
CA LEU A 64 -4.39 9.65 -3.00
C LEU A 64 -3.76 11.04 -3.11
N ALA A 65 -4.25 11.83 -4.07
CA ALA A 65 -3.75 13.18 -4.27
C ALA A 65 -4.55 14.20 -3.45
N ASP A 66 -5.38 13.70 -2.55
CA ASP A 66 -6.20 14.55 -1.71
C ASP A 66 -5.74 14.49 -0.25
N VAL A 67 -5.03 13.42 0.09
CA VAL A 67 -4.53 13.24 1.45
C VAL A 67 -3.24 14.03 1.67
N PRO A 68 -3.17 14.75 2.79
CA PRO A 68 -2.00 15.56 3.14
C PRO A 68 -0.79 14.69 3.51
N GLU A 69 -1.04 13.64 4.28
CA GLU A 69 0.03 12.74 4.70
C GLU A 69 0.71 12.11 3.49
N LYS A 70 2.04 12.07 3.53
CA LYS A 70 2.82 11.50 2.43
C LYS A 70 2.86 9.97 2.54
N VAL A 71 2.44 9.30 1.48
CA VAL A 71 2.43 7.84 1.46
C VAL A 71 3.84 7.29 1.30
N ASP A 72 4.13 6.20 2.01
CA ASP A 72 5.45 5.58 1.94
C ASP A 72 5.35 4.18 1.34
N MET A 73 4.19 3.56 1.47
CA MET A 73 3.97 2.22 0.93
C MET A 73 2.54 2.07 0.42
N VAL A 74 2.39 1.90 -0.89
CA VAL A 74 1.08 1.74 -1.49
C VAL A 74 0.68 0.27 -1.56
N ASP A 75 -0.36 -0.10 -0.81
CA ASP A 75 -0.84 -1.46 -0.78
C ASP A 75 -1.91 -1.69 -1.84
N VAL A 76 -1.54 -2.35 -2.93
CA VAL A 76 -2.46 -2.63 -4.02
C VAL A 76 -2.92 -4.08 -4.00
N PHE A 77 -4.15 -4.31 -3.56
CA PHE A 77 -4.70 -5.66 -3.50
C PHE A 77 -5.99 -5.76 -4.32
N ARG A 78 -6.43 -4.63 -4.85
CA ARG A 78 -7.65 -4.59 -5.67
C ARG A 78 -7.59 -5.64 -6.78
N ASN A 79 -6.67 -5.44 -7.72
CA ASN A 79 -6.52 -6.37 -8.84
C ASN A 79 -5.07 -6.40 -9.32
N SER A 80 -4.82 -7.18 -10.36
CA SER A 80 -3.48 -7.32 -10.91
C SER A 80 -3.09 -6.07 -11.70
N GLU A 81 -3.88 -5.76 -12.74
CA GLU A 81 -3.62 -4.59 -13.57
C GLU A 81 -3.68 -3.31 -12.74
N ALA A 82 -4.44 -3.35 -11.65
CA ALA A 82 -4.58 -2.20 -10.78
C ALA A 82 -3.22 -1.71 -10.29
N ALA A 83 -2.27 -2.63 -10.16
CA ALA A 83 -0.93 -2.29 -9.71
C ALA A 83 -0.29 -1.25 -10.63
N TRP A 84 -0.57 -1.37 -11.93
CA TRP A 84 -0.02 -0.45 -12.91
C TRP A 84 -0.58 0.96 -12.72
N GLY A 85 -1.90 1.07 -12.71
CA GLY A 85 -2.53 2.36 -12.54
C GLY A 85 -2.17 3.01 -11.22
N VAL A 86 -2.14 2.22 -10.15
CA VAL A 86 -1.80 2.73 -8.83
C VAL A 86 -0.31 3.06 -8.73
N ALA A 87 0.49 2.39 -9.55
CA ALA A 87 1.93 2.62 -9.57
C ALA A 87 2.27 3.99 -10.15
N GLN A 88 1.79 4.24 -11.37
CA GLN A 88 2.05 5.51 -12.03
C GLN A 88 1.61 6.68 -11.16
N GLU A 89 0.43 6.56 -10.56
CA GLU A 89 -0.10 7.61 -9.70
C GLU A 89 0.82 7.86 -8.52
N ALA A 90 1.26 6.78 -7.87
CA ALA A 90 2.15 6.87 -6.72
C ALA A 90 3.46 7.56 -7.10
N ILE A 91 4.09 7.08 -8.17
CA ILE A 91 5.35 7.65 -8.64
C ILE A 91 5.18 9.10 -9.04
N ALA A 92 3.96 9.47 -9.43
CA ALA A 92 3.67 10.84 -9.83
C ALA A 92 3.72 11.78 -8.63
N ILE A 93 3.00 11.43 -7.58
CA ILE A 93 2.96 12.24 -6.37
C ILE A 93 4.29 12.18 -5.62
N GLY A 94 5.02 11.10 -5.82
CA GLY A 94 6.30 10.94 -5.15
C GLY A 94 6.28 9.84 -4.10
N ALA A 95 5.87 8.65 -4.51
CA ALA A 95 5.80 7.52 -3.59
C ALA A 95 7.20 7.06 -3.18
N LYS A 96 7.26 6.00 -2.38
CA LYS A 96 8.53 5.47 -1.90
C LYS A 96 8.57 3.96 -2.04
N THR A 97 7.45 3.31 -1.73
CA THR A 97 7.36 1.86 -1.81
C THR A 97 6.06 1.43 -2.49
N LEU A 98 6.05 0.21 -3.03
CA LEU A 98 4.88 -0.31 -3.71
C LEU A 98 4.70 -1.80 -3.42
N TRP A 99 3.55 -2.16 -2.88
CA TRP A 99 3.26 -3.56 -2.56
C TRP A 99 2.04 -4.05 -3.34
N LEU A 100 2.21 -5.17 -4.03
CA LEU A 100 1.12 -5.75 -4.82
C LEU A 100 0.53 -6.97 -4.12
N GLN A 101 -0.31 -7.71 -4.84
CA GLN A 101 -0.94 -8.90 -4.28
C GLN A 101 0.00 -10.10 -4.37
N LEU A 102 -0.03 -10.94 -3.34
CA LEU A 102 0.82 -12.13 -3.29
C LEU A 102 0.27 -13.22 -4.21
N GLY A 103 1.16 -13.81 -5.00
CA GLY A 103 0.75 -14.87 -5.91
C GLY A 103 0.62 -14.40 -7.34
N VAL A 104 0.64 -13.08 -7.52
CA VAL A 104 0.52 -12.50 -8.86
C VAL A 104 1.86 -11.93 -9.33
N ILE A 105 2.06 -11.91 -10.64
CA ILE A 105 3.29 -11.38 -11.22
C ILE A 105 3.00 -10.41 -12.35
N ASN A 106 3.41 -9.16 -12.16
CA ASN A 106 3.20 -8.13 -13.17
C ASN A 106 4.52 -7.45 -13.55
N GLU A 107 5.10 -7.89 -14.67
CA GLU A 107 6.36 -7.32 -15.13
C GLU A 107 6.18 -5.87 -15.57
N GLN A 108 4.98 -5.54 -16.03
CA GLN A 108 4.68 -4.18 -16.48
C GLN A 108 4.74 -3.21 -15.31
N ALA A 109 4.08 -3.55 -14.21
CA ALA A 109 4.06 -2.69 -13.02
C ALA A 109 5.42 -2.71 -12.33
N ALA A 110 6.16 -3.80 -12.49
CA ALA A 110 7.47 -3.92 -11.88
C ALA A 110 8.46 -2.92 -12.48
N VAL A 111 8.54 -2.89 -13.80
CA VAL A 111 9.43 -1.98 -14.50
C VAL A 111 8.91 -0.55 -14.44
N LEU A 112 7.60 -0.40 -14.44
CA LEU A 112 6.97 0.92 -14.38
C LEU A 112 7.51 1.73 -13.22
N ALA A 113 7.93 1.04 -12.16
CA ALA A 113 8.48 1.70 -10.99
C ALA A 113 9.98 1.94 -11.13
N ARG A 114 10.67 0.96 -11.71
CA ARG A 114 12.11 1.07 -11.91
C ARG A 114 12.46 2.35 -12.67
N GLU A 115 11.61 2.72 -13.62
CA GLU A 115 11.83 3.91 -14.42
C GLU A 115 12.06 5.14 -13.54
N ALA A 116 11.47 5.11 -12.34
CA ALA A 116 11.62 6.21 -11.40
C ALA A 116 12.54 5.82 -10.25
N GLY A 117 12.65 4.52 -9.99
CA GLY A 117 13.49 4.04 -8.91
C GLY A 117 12.69 3.52 -7.74
N LEU A 118 11.39 3.74 -7.77
CA LEU A 118 10.50 3.29 -6.69
C LEU A 118 10.71 1.81 -6.41
N SER A 119 10.51 1.41 -5.16
CA SER A 119 10.67 0.02 -4.75
C SER A 119 9.40 -0.77 -5.01
N VAL A 120 9.38 -1.49 -6.13
CA VAL A 120 8.22 -2.30 -6.49
C VAL A 120 8.35 -3.73 -5.97
N VAL A 121 7.30 -4.21 -5.32
CA VAL A 121 7.30 -5.55 -4.76
C VAL A 121 6.02 -6.31 -5.14
N MET A 122 6.14 -7.24 -6.07
CA MET A 122 4.99 -8.03 -6.51
C MET A 122 5.04 -9.44 -5.92
N ASP A 123 3.94 -10.16 -6.06
CA ASP A 123 3.85 -11.52 -5.54
C ASP A 123 4.27 -11.58 -4.07
N ARG A 124 3.86 -10.57 -3.30
CA ARG A 124 4.20 -10.50 -1.89
C ARG A 124 3.11 -9.75 -1.11
N CYS A 125 2.75 -10.29 0.05
CA CYS A 125 1.73 -9.67 0.89
C CYS A 125 2.25 -9.45 2.31
N PRO A 126 1.73 -8.39 2.96
CA PRO A 126 2.13 -8.05 4.33
C PRO A 126 1.63 -9.07 5.36
N ALA A 127 0.51 -9.69 5.06
CA ALA A 127 -0.08 -10.69 5.95
C ALA A 127 0.91 -11.80 6.26
N ILE A 128 1.68 -12.20 5.24
CA ILE A 128 2.67 -13.25 5.40
C ILE A 128 4.07 -12.67 5.63
N GLU A 129 4.24 -11.41 5.25
CA GLU A 129 5.52 -10.74 5.42
C GLU A 129 5.75 -10.35 6.88
N LEU A 130 4.66 -10.15 7.61
CA LEU A 130 4.74 -9.78 9.01
C LEU A 130 5.29 -10.94 9.86
N PRO A 131 4.60 -12.08 9.80
CA PRO A 131 4.99 -13.28 10.54
C PRO A 131 6.27 -13.91 10.00
N ARG A 132 6.75 -13.38 8.87
CA ARG A 132 7.97 -13.88 8.25
C ARG A 132 9.11 -13.94 9.25
N LEU A 133 9.07 -13.03 10.24
CA LEU A 133 10.11 -12.98 11.26
C LEU A 133 9.59 -13.52 12.59
N GLY A 134 8.28 -13.39 12.80
CA GLY A 134 7.68 -13.87 14.03
C GLY A 134 7.27 -12.75 14.97
N LEU A 135 6.92 -11.61 14.39
CA LEU A 135 6.51 -10.45 15.16
C LEU A 135 5.02 -10.21 15.04
N ALA A 136 4.27 -11.28 14.75
CA ALA A 136 2.82 -11.18 14.61
C ALA A 136 2.13 -11.36 15.96
N LYS A 137 1.23 -10.43 16.28
CA LYS A 137 0.49 -10.48 17.54
C LYS A 137 -0.67 -11.46 17.45
N MET A 1 20.81 7.08 8.18
CA MET A 1 20.61 8.20 7.26
C MET A 1 21.01 7.80 5.85
N LYS A 2 20.47 6.68 5.38
CA LYS A 2 20.77 6.19 4.04
C LYS A 2 19.56 5.46 3.45
N GLU A 3 19.25 5.77 2.19
CA GLU A 3 18.12 5.14 1.52
C GLU A 3 18.59 4.35 0.30
N ASN A 4 19.59 3.50 0.50
CA ASN A 4 20.14 2.69 -0.59
C ASN A 4 19.13 1.62 -1.02
N ASP A 5 18.36 1.12 -0.06
CA ASP A 5 17.35 0.10 -0.34
C ASP A 5 16.13 0.28 0.56
N ILE A 6 15.13 -0.58 0.36
CA ILE A 6 13.91 -0.53 1.15
C ILE A 6 14.22 -0.52 2.64
N ALA A 7 15.35 -1.13 3.00
CA ALA A 7 15.77 -1.20 4.40
C ALA A 7 15.82 0.19 5.03
N GLY A 8 16.21 1.18 4.24
CA GLY A 8 16.29 2.55 4.74
C GLY A 8 14.92 3.20 4.84
N ILE A 9 14.03 2.83 3.94
CA ILE A 9 12.68 3.39 3.93
C ILE A 9 11.83 2.79 5.05
N LEU A 10 12.03 1.50 5.32
CA LEU A 10 11.27 0.81 6.36
C LEU A 10 11.84 1.13 7.74
N THR A 11 13.15 1.37 7.80
CA THR A 11 13.82 1.69 9.05
C THR A 11 13.65 3.15 9.41
N SER A 12 13.44 3.99 8.39
CA SER A 12 13.27 5.42 8.60
C SER A 12 11.84 5.74 9.01
N THR A 13 10.90 5.49 8.09
CA THR A 13 9.49 5.75 8.36
C THR A 13 8.63 4.53 8.04
N ARG A 14 7.71 4.22 8.95
CA ARG A 14 6.82 3.08 8.77
C ARG A 14 5.39 3.52 8.49
N THR A 15 4.98 3.45 7.23
CA THR A 15 3.64 3.85 6.84
C THR A 15 3.05 2.89 5.81
N ILE A 16 1.75 2.64 5.92
CA ILE A 16 1.07 1.73 4.99
C ILE A 16 -0.17 2.40 4.38
N ALA A 17 -0.35 2.21 3.09
CA ALA A 17 -1.50 2.79 2.39
C ALA A 17 -2.29 1.71 1.65
N LEU A 18 -3.61 1.77 1.78
CA LEU A 18 -4.49 0.80 1.13
C LEU A 18 -5.24 1.44 -0.03
N VAL A 19 -5.30 0.74 -1.16
CA VAL A 19 -5.98 1.23 -2.35
C VAL A 19 -7.38 0.62 -2.46
N GLY A 20 -8.36 1.45 -2.78
CA GLY A 20 -9.72 0.97 -2.92
C GLY A 20 -10.31 0.48 -1.61
N ALA A 21 -10.39 1.37 -0.63
CA ALA A 21 -10.93 1.03 0.68
C ALA A 21 -12.41 1.34 0.76
N SER A 22 -13.25 0.36 0.40
CA SER A 22 -14.69 0.54 0.43
C SER A 22 -15.31 -0.25 1.59
N ASP A 23 -16.63 -0.35 1.57
CA ASP A 23 -17.35 -1.07 2.62
C ASP A 23 -17.57 -2.53 2.22
N LYS A 24 -16.53 -3.15 1.67
CA LYS A 24 -16.61 -4.54 1.24
C LYS A 24 -15.76 -5.43 2.16
N PRO A 25 -16.35 -5.84 3.30
CA PRO A 25 -15.67 -6.70 4.26
C PRO A 25 -15.46 -8.12 3.74
N ASP A 26 -16.05 -8.40 2.58
CA ASP A 26 -15.93 -9.72 1.97
C ASP A 26 -14.82 -9.74 0.91
N ARG A 27 -13.88 -8.82 1.04
CA ARG A 27 -12.77 -8.73 0.09
C ARG A 27 -11.43 -8.70 0.82
N PRO A 28 -10.35 -9.02 0.08
CA PRO A 28 -9.00 -9.06 0.64
C PRO A 28 -8.48 -7.66 0.97
N SER A 29 -9.16 -6.65 0.46
CA SER A 29 -8.77 -5.26 0.69
C SER A 29 -9.19 -4.81 2.09
N TYR A 30 -10.24 -5.41 2.60
CA TYR A 30 -10.75 -5.07 3.93
C TYR A 30 -10.05 -5.89 5.01
N ARG A 31 -9.93 -7.19 4.76
CA ARG A 31 -9.28 -8.09 5.71
C ARG A 31 -7.90 -7.57 6.09
N VAL A 32 -7.24 -6.92 5.13
CA VAL A 32 -5.90 -6.38 5.37
C VAL A 32 -5.97 -5.10 6.19
N MET A 33 -6.97 -4.27 5.91
CA MET A 33 -7.15 -3.01 6.62
C MET A 33 -7.21 -3.24 8.13
N LYS A 34 -8.16 -4.07 8.56
CA LYS A 34 -8.32 -4.38 9.97
C LYS A 34 -7.13 -5.16 10.50
N TYR A 35 -6.41 -5.81 9.60
CA TYR A 35 -5.24 -6.59 9.98
C TYR A 35 -4.07 -5.68 10.36
N LEU A 36 -3.75 -4.74 9.48
CA LEU A 36 -2.66 -3.80 9.72
C LEU A 36 -3.04 -2.78 10.79
N LEU A 37 -4.34 -2.54 10.93
CA LEU A 37 -4.84 -1.58 11.91
C LEU A 37 -4.80 -2.18 13.31
N ASP A 38 -5.25 -3.42 13.43
CA ASP A 38 -5.26 -4.11 14.72
C ASP A 38 -3.84 -4.39 15.20
N GLN A 39 -2.98 -4.80 14.27
CA GLN A 39 -1.58 -5.10 14.60
C GLN A 39 -0.91 -3.90 15.26
N GLY A 40 -1.42 -2.71 14.98
CA GLY A 40 -0.84 -1.50 15.55
C GLY A 40 0.05 -0.77 14.58
N TYR A 41 -0.34 -0.74 13.31
CA TYR A 41 0.44 -0.07 12.28
C TYR A 41 -0.34 1.09 11.69
N HIS A 42 0.36 1.96 10.97
CA HIS A 42 -0.26 3.13 10.35
C HIS A 42 -0.89 2.75 9.01
N VAL A 43 -2.21 2.90 8.92
CA VAL A 43 -2.94 2.57 7.70
C VAL A 43 -3.53 3.82 7.07
N ILE A 44 -3.47 3.90 5.74
CA ILE A 44 -4.00 5.04 5.00
C ILE A 44 -4.90 4.59 3.85
N PRO A 45 -6.13 4.17 4.20
CA PRO A 45 -7.10 3.70 3.20
C PRO A 45 -7.63 4.84 2.33
N VAL A 46 -7.54 4.66 1.01
CA VAL A 46 -7.99 5.66 0.07
C VAL A 46 -8.99 5.07 -0.92
N SER A 47 -10.19 5.65 -0.97
CA SER A 47 -11.23 5.17 -1.88
C SER A 47 -12.09 6.33 -2.37
N PRO A 48 -12.66 6.17 -3.58
CA PRO A 48 -13.51 7.19 -4.18
C PRO A 48 -14.85 7.35 -3.47
N LYS A 49 -15.12 6.44 -2.53
CA LYS A 49 -16.35 6.47 -1.77
C LYS A 49 -16.10 6.95 -0.34
N VAL A 50 -14.93 6.60 0.20
CA VAL A 50 -14.57 6.99 1.56
C VAL A 50 -14.07 8.43 1.59
N ALA A 51 -13.93 9.03 0.42
CA ALA A 51 -13.47 10.41 0.32
C ALA A 51 -14.35 11.35 1.15
N GLY A 52 -13.83 11.75 2.30
CA GLY A 52 -14.58 12.64 3.18
C GLY A 52 -15.28 11.90 4.29
N LYS A 53 -14.81 10.69 4.59
CA LYS A 53 -15.40 9.87 5.64
C LYS A 53 -14.32 9.25 6.52
N THR A 54 -14.74 8.53 7.55
CA THR A 54 -13.81 7.88 8.46
C THR A 54 -14.12 6.39 8.60
N LEU A 55 -13.21 5.55 8.14
CA LEU A 55 -13.39 4.11 8.23
C LEU A 55 -12.42 3.49 9.22
N LEU A 56 -12.96 2.89 10.27
CA LEU A 56 -12.14 2.25 11.30
C LEU A 56 -11.27 3.28 12.01
N GLY A 57 -11.71 4.54 12.01
CA GLY A 57 -10.96 5.60 12.66
C GLY A 57 -9.93 6.22 11.74
N GLN A 58 -9.83 5.70 10.52
CA GLN A 58 -8.88 6.21 9.54
C GLN A 58 -9.54 7.22 8.62
N GLN A 59 -8.79 8.25 8.24
CA GLN A 59 -9.30 9.30 7.35
C GLN A 59 -9.46 8.77 5.93
N GLY A 60 -10.56 9.17 5.28
CA GLY A 60 -10.82 8.73 3.93
C GLY A 60 -10.33 9.73 2.90
N TYR A 61 -10.01 9.24 1.71
CA TYR A 61 -9.54 10.10 0.62
C TYR A 61 -9.99 9.58 -0.73
N ALA A 62 -10.42 10.49 -1.60
CA ALA A 62 -10.87 10.12 -2.93
C ALA A 62 -9.74 9.56 -3.77
N THR A 63 -8.51 9.95 -3.44
CA THR A 63 -7.34 9.50 -4.17
C THR A 63 -6.06 9.88 -3.44
N LEU A 64 -4.96 9.21 -3.78
CA LEU A 64 -3.67 9.48 -3.15
C LEU A 64 -3.20 10.90 -3.47
N ALA A 65 -3.82 11.51 -4.48
CA ALA A 65 -3.47 12.87 -4.87
C ALA A 65 -4.31 13.90 -4.13
N ASP A 66 -5.02 13.44 -3.10
CA ASP A 66 -5.86 14.33 -2.30
C ASP A 66 -5.32 14.46 -0.88
N VAL A 67 -4.49 13.50 -0.47
CA VAL A 67 -3.91 13.52 0.87
C VAL A 67 -2.60 14.29 0.88
N PRO A 68 -2.44 15.18 1.87
CA PRO A 68 -1.24 16.00 2.02
C PRO A 68 -0.02 15.17 2.44
N GLU A 69 -0.24 14.25 3.37
CA GLU A 69 0.85 13.40 3.85
C GLU A 69 1.27 12.41 2.78
N LYS A 70 2.58 12.18 2.68
CA LYS A 70 3.13 11.25 1.70
C LYS A 70 3.36 9.88 2.31
N VAL A 71 2.79 8.86 1.68
CA VAL A 71 2.93 7.49 2.16
C VAL A 71 4.32 6.94 1.87
N ASP A 72 4.84 6.13 2.79
CA ASP A 72 6.16 5.54 2.63
C ASP A 72 6.07 4.14 2.01
N MET A 73 4.89 3.53 2.12
CA MET A 73 4.67 2.20 1.56
C MET A 73 3.24 2.06 1.06
N VAL A 74 3.11 1.89 -0.26
CA VAL A 74 1.79 1.73 -0.87
C VAL A 74 1.46 0.27 -1.09
N ASP A 75 0.46 -0.23 -0.37
CA ASP A 75 0.04 -1.62 -0.49
C ASP A 75 -1.19 -1.74 -1.38
N VAL A 76 -1.02 -2.41 -2.52
CA VAL A 76 -2.12 -2.60 -3.46
C VAL A 76 -2.77 -3.97 -3.28
N PHE A 77 -4.05 -3.95 -2.92
CA PHE A 77 -4.80 -5.20 -2.71
C PHE A 77 -5.98 -5.28 -3.66
N ARG A 78 -6.28 -4.18 -4.33
CA ARG A 78 -7.40 -4.12 -5.28
C ARG A 78 -7.31 -5.27 -6.28
N ASN A 79 -6.26 -5.26 -7.10
CA ASN A 79 -6.06 -6.29 -8.11
C ASN A 79 -4.75 -6.09 -8.85
N SER A 80 -4.44 -7.01 -9.75
CA SER A 80 -3.21 -6.93 -10.53
C SER A 80 -3.27 -5.80 -11.54
N GLU A 81 -4.32 -5.79 -12.35
CA GLU A 81 -4.49 -4.76 -13.37
C GLU A 81 -4.47 -3.37 -12.73
N ALA A 82 -4.90 -3.29 -11.48
CA ALA A 82 -4.92 -2.02 -10.77
C ALA A 82 -3.52 -1.60 -10.36
N ALA A 83 -2.63 -2.56 -10.20
CA ALA A 83 -1.25 -2.30 -9.81
C ALA A 83 -0.63 -1.25 -10.71
N TRP A 84 -0.85 -1.39 -12.03
CA TRP A 84 -0.30 -0.46 -13.00
C TRP A 84 -0.91 0.93 -12.83
N GLY A 85 -2.25 0.98 -12.82
CA GLY A 85 -2.93 2.26 -12.66
C GLY A 85 -2.50 2.99 -11.42
N VAL A 86 -2.22 2.24 -10.34
CA VAL A 86 -1.80 2.84 -9.08
C VAL A 86 -0.33 3.24 -9.13
N ALA A 87 0.49 2.40 -9.75
CA ALA A 87 1.92 2.66 -9.87
C ALA A 87 2.17 4.03 -10.48
N GLN A 88 1.58 4.28 -11.65
CA GLN A 88 1.75 5.56 -12.33
C GLN A 88 1.36 6.71 -11.43
N GLU A 89 0.27 6.53 -10.69
CA GLU A 89 -0.21 7.56 -9.78
C GLU A 89 0.77 7.81 -8.64
N ALA A 90 1.26 6.72 -8.06
CA ALA A 90 2.22 6.80 -6.96
C ALA A 90 3.49 7.51 -7.40
N ILE A 91 4.04 7.09 -8.53
CA ILE A 91 5.25 7.69 -9.06
C ILE A 91 5.05 9.16 -9.40
N ALA A 92 3.83 9.51 -9.78
CA ALA A 92 3.50 10.88 -10.13
C ALA A 92 3.62 11.80 -8.91
N ILE A 93 3.01 11.39 -7.80
CA ILE A 93 3.05 12.18 -6.58
C ILE A 93 4.42 12.07 -5.91
N GLY A 94 5.13 10.98 -6.18
CA GLY A 94 6.45 10.79 -5.61
C GLY A 94 6.43 9.79 -4.46
N ALA A 95 5.87 8.61 -4.72
CA ALA A 95 5.80 7.56 -3.72
C ALA A 95 7.19 7.19 -3.20
N LYS A 96 7.25 6.24 -2.28
CA LYS A 96 8.52 5.79 -1.71
C LYS A 96 8.71 4.30 -1.91
N THR A 97 7.61 3.55 -1.79
CA THR A 97 7.65 2.10 -1.95
C THR A 97 6.36 1.58 -2.54
N LEU A 98 6.42 0.38 -3.14
CA LEU A 98 5.23 -0.23 -3.74
C LEU A 98 5.16 -1.71 -3.39
N TRP A 99 3.98 -2.15 -2.97
CA TRP A 99 3.77 -3.55 -2.60
C TRP A 99 2.51 -4.10 -3.25
N LEU A 100 2.66 -5.23 -3.92
CA LEU A 100 1.52 -5.87 -4.59
C LEU A 100 1.07 -7.13 -3.85
N GLN A 101 0.18 -7.89 -4.47
CA GLN A 101 -0.32 -9.12 -3.87
C GLN A 101 0.65 -10.27 -4.08
N LEU A 102 0.74 -11.16 -3.09
CA LEU A 102 1.63 -12.31 -3.16
C LEU A 102 1.07 -13.37 -4.10
N GLY A 103 1.89 -13.82 -5.04
CA GLY A 103 1.46 -14.83 -5.99
C GLY A 103 1.27 -14.28 -7.39
N VAL A 104 1.17 -12.96 -7.49
CA VAL A 104 0.98 -12.30 -8.77
C VAL A 104 2.26 -11.65 -9.26
N ILE A 105 2.42 -11.56 -10.57
CA ILE A 105 3.60 -10.96 -11.17
C ILE A 105 3.23 -10.00 -12.30
N ASN A 106 3.52 -8.72 -12.11
CA ASN A 106 3.22 -7.71 -13.11
C ASN A 106 4.51 -7.13 -13.71
N GLU A 107 5.01 -7.78 -14.75
CA GLU A 107 6.22 -7.33 -15.41
C GLU A 107 6.12 -5.87 -15.82
N GLN A 108 4.93 -5.47 -16.25
CA GLN A 108 4.69 -4.09 -16.67
C GLN A 108 4.80 -3.13 -15.49
N ALA A 109 4.20 -3.52 -14.36
CA ALA A 109 4.23 -2.69 -13.16
C ALA A 109 5.65 -2.55 -12.63
N ALA A 110 6.48 -3.55 -12.92
CA ALA A 110 7.87 -3.53 -12.48
C ALA A 110 8.70 -2.55 -13.29
N VAL A 111 8.35 -2.39 -14.56
CA VAL A 111 9.06 -1.48 -15.44
C VAL A 111 8.68 -0.03 -15.17
N LEU A 112 7.39 0.20 -14.94
CA LEU A 112 6.89 1.54 -14.66
C LEU A 112 7.67 2.18 -13.51
N ALA A 113 7.61 1.54 -12.34
CA ALA A 113 8.30 2.05 -11.16
C ALA A 113 9.82 2.08 -11.39
N ARG A 114 10.31 1.15 -12.19
CA ARG A 114 11.73 1.08 -12.49
C ARG A 114 12.20 2.32 -13.22
N GLU A 115 11.33 2.86 -14.06
CA GLU A 115 11.66 4.07 -14.83
C GLU A 115 11.98 5.24 -13.90
N ALA A 116 11.19 5.37 -12.84
CA ALA A 116 11.39 6.45 -11.88
C ALA A 116 12.41 6.06 -10.82
N GLY A 117 12.57 4.75 -10.61
CA GLY A 117 13.52 4.27 -9.62
C GLY A 117 12.85 3.81 -8.35
N LEU A 118 11.54 4.03 -8.26
CA LEU A 118 10.77 3.63 -7.08
C LEU A 118 11.02 2.17 -6.73
N SER A 119 10.80 1.83 -5.47
CA SER A 119 11.01 0.46 -5.01
C SER A 119 9.76 -0.39 -5.25
N VAL A 120 9.76 -1.12 -6.37
CA VAL A 120 8.63 -1.98 -6.73
C VAL A 120 8.83 -3.39 -6.19
N VAL A 121 7.87 -3.86 -5.41
CA VAL A 121 7.94 -5.20 -4.84
C VAL A 121 6.61 -5.93 -5.01
N MET A 122 6.59 -6.89 -5.94
CA MET A 122 5.39 -7.68 -6.19
C MET A 122 5.55 -9.11 -5.70
N ASP A 123 4.51 -9.92 -5.89
CA ASP A 123 4.54 -11.31 -5.48
C ASP A 123 4.96 -11.44 -4.01
N ARG A 124 4.53 -10.48 -3.19
CA ARG A 124 4.87 -10.47 -1.77
C ARG A 124 3.77 -9.79 -0.96
N CYS A 125 3.41 -10.40 0.17
CA CYS A 125 2.37 -9.86 1.04
C CYS A 125 2.81 -9.91 2.50
N PRO A 126 2.67 -8.77 3.20
CA PRO A 126 3.04 -8.66 4.61
C PRO A 126 2.12 -9.46 5.52
N ALA A 127 0.91 -9.72 5.04
CA ALA A 127 -0.07 -10.47 5.81
C ALA A 127 0.42 -11.89 6.10
N ILE A 128 1.14 -12.47 5.14
CA ILE A 128 1.67 -13.82 5.30
C ILE A 128 3.15 -13.78 5.70
N GLU A 129 3.80 -12.65 5.44
CA GLU A 129 5.21 -12.49 5.78
C GLU A 129 5.38 -12.27 7.28
N LEU A 130 4.37 -11.69 7.91
CA LEU A 130 4.41 -11.43 9.35
C LEU A 130 4.40 -12.72 10.14
N PRO A 131 3.37 -13.55 9.92
CA PRO A 131 3.22 -14.83 10.61
C PRO A 131 4.25 -15.86 10.15
N ARG A 132 5.02 -15.49 9.12
CA ARG A 132 6.04 -16.39 8.59
C ARG A 132 6.96 -16.89 9.70
N LEU A 133 7.13 -16.08 10.74
CA LEU A 133 7.98 -16.45 11.86
C LEU A 133 7.14 -16.82 13.08
N GLY A 134 5.96 -16.21 13.19
CA GLY A 134 5.08 -16.50 14.31
C GLY A 134 5.08 -15.39 15.34
N LEU A 135 5.13 -14.14 14.88
CA LEU A 135 5.14 -13.00 15.78
C LEU A 135 3.74 -12.40 15.92
N ALA A 136 2.91 -12.61 14.90
CA ALA A 136 1.55 -12.10 14.92
C ALA A 136 0.83 -12.51 16.19
N LYS A 137 0.02 -11.60 16.73
CA LYS A 137 -0.74 -11.87 17.94
C LYS A 137 -1.53 -13.17 17.82
N MET A 1 25.89 5.48 6.26
CA MET A 1 24.87 4.56 6.74
C MET A 1 23.56 4.75 5.97
N LYS A 2 23.67 5.24 4.74
CA LYS A 2 22.50 5.47 3.90
C LYS A 2 22.35 4.36 2.86
N GLU A 3 21.60 3.32 3.22
CA GLU A 3 21.38 2.19 2.33
C GLU A 3 20.26 2.50 1.34
N ASN A 4 20.50 2.16 0.07
CA ASN A 4 19.51 2.41 -0.98
C ASN A 4 18.63 1.18 -1.19
N ASP A 5 17.72 0.94 -0.26
CA ASP A 5 16.81 -0.20 -0.34
C ASP A 5 15.64 -0.03 0.62
N ILE A 6 14.64 -0.89 0.48
CA ILE A 6 13.46 -0.84 1.34
C ILE A 6 13.85 -0.84 2.81
N ALA A 7 15.01 -1.42 3.11
CA ALA A 7 15.51 -1.47 4.48
C ALA A 7 15.58 -0.08 5.10
N GLY A 8 16.00 0.90 4.30
CA GLY A 8 16.11 2.26 4.78
C GLY A 8 14.76 2.94 4.87
N ILE A 9 13.86 2.59 3.96
CA ILE A 9 12.52 3.18 3.94
C ILE A 9 11.65 2.62 5.06
N LEU A 10 11.89 1.37 5.42
CA LEU A 10 11.13 0.71 6.48
C LEU A 10 11.73 1.02 7.85
N THR A 11 13.03 1.26 7.88
CA THR A 11 13.72 1.57 9.13
C THR A 11 13.59 3.06 9.47
N SER A 12 13.37 3.88 8.45
CA SER A 12 13.23 5.31 8.63
C SER A 12 11.82 5.66 9.08
N THR A 13 10.84 5.43 8.20
CA THR A 13 9.45 5.72 8.51
C THR A 13 8.56 4.50 8.24
N ARG A 14 7.54 4.33 9.07
CA ARG A 14 6.62 3.21 8.92
C ARG A 14 5.21 3.71 8.61
N THR A 15 4.82 3.61 7.34
CA THR A 15 3.49 4.05 6.91
C THR A 15 2.90 3.08 5.88
N ILE A 16 1.59 2.87 5.96
CA ILE A 16 0.90 1.99 5.04
C ILE A 16 -0.36 2.63 4.48
N ALA A 17 -0.41 2.77 3.17
CA ALA A 17 -1.57 3.36 2.50
C ALA A 17 -2.31 2.35 1.65
N LEU A 18 -3.58 2.15 1.94
CA LEU A 18 -4.40 1.20 1.20
C LEU A 18 -5.07 1.87 0.00
N VAL A 19 -4.90 1.29 -1.18
CA VAL A 19 -5.49 1.83 -2.40
C VAL A 19 -6.79 1.11 -2.74
N GLY A 20 -7.90 1.84 -2.71
CA GLY A 20 -9.19 1.26 -3.01
C GLY A 20 -9.85 0.63 -1.81
N ALA A 21 -10.11 1.44 -0.78
CA ALA A 21 -10.74 0.96 0.43
C ALA A 21 -12.24 1.18 0.40
N SER A 22 -12.97 0.15 -0.04
CA SER A 22 -14.43 0.23 -0.13
C SER A 22 -15.09 -0.51 1.03
N ASP A 23 -16.41 -0.68 0.94
CA ASP A 23 -17.16 -1.37 1.99
C ASP A 23 -17.32 -2.85 1.64
N LYS A 24 -16.24 -3.47 1.18
CA LYS A 24 -16.26 -4.89 0.82
C LYS A 24 -15.46 -5.72 1.81
N PRO A 25 -16.09 -6.08 2.94
CA PRO A 25 -15.46 -6.88 3.98
C PRO A 25 -15.21 -8.32 3.55
N ASP A 26 -15.71 -8.67 2.36
CA ASP A 26 -15.54 -10.02 1.83
C ASP A 26 -14.43 -10.05 0.79
N ARG A 27 -13.52 -9.08 0.87
CA ARG A 27 -12.40 -9.00 -0.07
C ARG A 27 -11.07 -8.95 0.69
N PRO A 28 -9.98 -9.26 -0.03
CA PRO A 28 -8.63 -9.25 0.54
C PRO A 28 -8.14 -7.84 0.85
N SER A 29 -8.83 -6.85 0.29
CA SER A 29 -8.46 -5.45 0.51
C SER A 29 -8.91 -4.97 1.89
N TYR A 30 -9.97 -5.59 2.40
CA TYR A 30 -10.51 -5.23 3.71
C TYR A 30 -9.81 -6.01 4.82
N ARG A 31 -9.67 -7.32 4.60
CA ARG A 31 -9.02 -8.19 5.58
C ARG A 31 -7.63 -7.65 5.95
N VAL A 32 -6.97 -7.03 4.99
CA VAL A 32 -5.64 -6.48 5.21
C VAL A 32 -5.71 -5.16 5.97
N MET A 33 -6.76 -4.37 5.69
CA MET A 33 -6.95 -3.09 6.35
C MET A 33 -7.06 -3.27 7.87
N LYS A 34 -8.09 -3.99 8.30
CA LYS A 34 -8.30 -4.24 9.72
C LYS A 34 -7.16 -5.05 10.31
N TYR A 35 -6.43 -5.76 9.46
CA TYR A 35 -5.30 -6.57 9.91
C TYR A 35 -4.14 -5.68 10.34
N LEU A 36 -3.81 -4.70 9.51
CA LEU A 36 -2.71 -3.78 9.81
C LEU A 36 -3.05 -2.89 10.99
N LEU A 37 -4.33 -2.53 11.11
CA LEU A 37 -4.79 -1.67 12.20
C LEU A 37 -4.69 -2.41 13.53
N ASP A 38 -5.17 -3.65 13.57
CA ASP A 38 -5.14 -4.46 14.77
C ASP A 38 -3.73 -4.53 15.34
N GLN A 39 -2.79 -4.98 14.52
CA GLN A 39 -1.40 -5.10 14.94
C GLN A 39 -0.86 -3.76 15.44
N GLY A 40 -1.46 -2.67 14.95
CA GLY A 40 -1.02 -1.34 15.36
C GLY A 40 -0.12 -0.69 14.34
N TYR A 41 -0.64 -0.49 13.13
CA TYR A 41 0.14 0.12 12.06
C TYR A 41 -0.62 1.30 11.44
N HIS A 42 0.11 2.22 10.85
CA HIS A 42 -0.49 3.40 10.22
C HIS A 42 -1.16 3.01 8.90
N VAL A 43 -2.48 3.03 8.89
CA VAL A 43 -3.24 2.70 7.69
C VAL A 43 -3.87 3.94 7.07
N ILE A 44 -3.74 4.05 5.75
CA ILE A 44 -4.29 5.20 5.02
C ILE A 44 -5.14 4.74 3.84
N PRO A 45 -6.37 4.29 4.13
CA PRO A 45 -7.31 3.83 3.10
C PRO A 45 -7.82 4.96 2.22
N VAL A 46 -7.72 4.77 0.91
CA VAL A 46 -8.16 5.78 -0.05
C VAL A 46 -9.17 5.19 -1.03
N SER A 47 -10.36 5.78 -1.08
CA SER A 47 -11.41 5.31 -1.98
C SER A 47 -12.27 6.46 -2.45
N PRO A 48 -12.85 6.31 -3.66
CA PRO A 48 -13.72 7.34 -4.26
C PRO A 48 -15.05 7.49 -3.52
N LYS A 49 -15.32 6.55 -2.61
CA LYS A 49 -16.55 6.59 -1.83
C LYS A 49 -16.28 7.01 -0.40
N VAL A 50 -15.11 6.63 0.12
CA VAL A 50 -14.73 6.98 1.49
C VAL A 50 -14.26 8.43 1.57
N ALA A 51 -14.11 9.07 0.42
CA ALA A 51 -13.67 10.45 0.36
C ALA A 51 -14.58 11.35 1.21
N GLY A 52 -14.09 11.72 2.39
CA GLY A 52 -14.88 12.57 3.28
C GLY A 52 -15.51 11.79 4.41
N LYS A 53 -15.01 10.58 4.66
CA LYS A 53 -15.54 9.74 5.71
C LYS A 53 -14.41 9.14 6.54
N THR A 54 -14.77 8.38 7.58
CA THR A 54 -13.80 7.74 8.44
C THR A 54 -13.98 6.23 8.48
N LEU A 55 -13.06 5.52 7.84
CA LEU A 55 -13.12 4.05 7.80
C LEU A 55 -12.22 3.43 8.86
N LEU A 56 -12.84 2.82 9.87
CA LEU A 56 -12.09 2.19 10.96
C LEU A 56 -11.26 3.22 11.72
N GLY A 57 -11.70 4.47 11.67
CA GLY A 57 -10.99 5.53 12.37
C GLY A 57 -9.97 6.22 11.48
N GLN A 58 -9.81 5.72 10.26
CA GLN A 58 -8.86 6.29 9.32
C GLN A 58 -9.55 7.29 8.39
N GLN A 59 -8.86 8.39 8.08
CA GLN A 59 -9.41 9.41 7.21
C GLN A 59 -9.59 8.89 5.79
N GLY A 60 -10.66 9.33 5.14
CA GLY A 60 -10.94 8.89 3.79
C GLY A 60 -10.44 9.87 2.75
N TYR A 61 -10.20 9.38 1.53
CA TYR A 61 -9.71 10.22 0.45
C TYR A 61 -10.19 9.69 -0.91
N ALA A 62 -10.68 10.60 -1.73
CA ALA A 62 -11.17 10.24 -3.05
C ALA A 62 -10.04 9.75 -3.95
N THR A 63 -8.86 10.34 -3.77
CA THR A 63 -7.69 9.98 -4.57
C THR A 63 -6.41 10.07 -3.74
N LEU A 64 -5.45 9.21 -4.04
CA LEU A 64 -4.18 9.20 -3.33
C LEU A 64 -3.41 10.48 -3.57
N ALA A 65 -3.76 11.19 -4.65
CA ALA A 65 -3.10 12.44 -4.99
C ALA A 65 -3.47 13.55 -4.01
N ASP A 66 -4.49 13.29 -3.20
CA ASP A 66 -4.95 14.27 -2.22
C ASP A 66 -4.21 14.10 -0.90
N VAL A 67 -3.83 12.86 -0.59
CA VAL A 67 -3.11 12.55 0.64
C VAL A 67 -1.92 13.48 0.82
N PRO A 68 -2.03 14.41 1.79
CA PRO A 68 -0.96 15.38 2.08
C PRO A 68 0.26 14.72 2.71
N GLU A 69 0.01 13.82 3.66
CA GLU A 69 1.09 13.12 4.35
C GLU A 69 1.78 12.13 3.42
N LYS A 70 3.02 12.44 3.05
CA LYS A 70 3.79 11.58 2.16
C LYS A 70 3.80 10.15 2.67
N VAL A 71 3.27 9.23 1.87
CA VAL A 71 3.22 7.82 2.23
C VAL A 71 4.60 7.18 2.12
N ASP A 72 4.86 6.20 2.98
CA ASP A 72 6.13 5.49 2.98
C ASP A 72 6.04 4.18 2.21
N MET A 73 4.86 3.56 2.25
CA MET A 73 4.65 2.31 1.54
C MET A 73 3.17 2.16 1.14
N VAL A 74 2.94 1.92 -0.14
CA VAL A 74 1.58 1.75 -0.65
C VAL A 74 1.35 0.33 -1.14
N ASP A 75 0.24 -0.26 -0.71
CA ASP A 75 -0.11 -1.62 -1.10
C ASP A 75 -1.34 -1.63 -2.00
N VAL A 76 -1.42 -2.63 -2.87
CA VAL A 76 -2.55 -2.75 -3.78
C VAL A 76 -3.20 -4.13 -3.68
N PHE A 77 -4.47 -4.16 -3.31
CA PHE A 77 -5.20 -5.40 -3.17
C PHE A 77 -6.39 -5.45 -4.13
N ARG A 78 -6.69 -4.32 -4.76
CA ARG A 78 -7.79 -4.23 -5.69
C ARG A 78 -7.70 -5.33 -6.75
N ASN A 79 -6.74 -5.20 -7.66
CA ASN A 79 -6.54 -6.18 -8.72
C ASN A 79 -5.12 -6.13 -9.26
N SER A 80 -4.77 -7.10 -10.10
CA SER A 80 -3.43 -7.17 -10.68
C SER A 80 -3.26 -6.09 -11.74
N GLU A 81 -4.13 -6.11 -12.75
CA GLU A 81 -4.05 -5.13 -13.82
C GLU A 81 -4.12 -3.71 -13.28
N ALA A 82 -4.75 -3.56 -12.12
CA ALA A 82 -4.87 -2.24 -11.49
C ALA A 82 -3.52 -1.73 -11.02
N ALA A 83 -2.58 -2.66 -10.80
CA ALA A 83 -1.24 -2.28 -10.35
C ALA A 83 -0.63 -1.22 -11.25
N TRP A 84 -0.85 -1.36 -12.55
CA TRP A 84 -0.31 -0.41 -13.52
C TRP A 84 -0.98 0.95 -13.37
N GLY A 85 -2.32 0.96 -13.43
CA GLY A 85 -3.05 2.20 -13.30
C GLY A 85 -2.74 2.94 -12.02
N VAL A 86 -2.56 2.18 -10.94
CA VAL A 86 -2.24 2.77 -9.64
C VAL A 86 -0.77 3.15 -9.55
N ALA A 87 0.07 2.40 -10.25
CA ALA A 87 1.50 2.67 -10.24
C ALA A 87 1.81 4.05 -10.79
N GLN A 88 1.37 4.32 -12.03
CA GLN A 88 1.59 5.61 -12.66
C GLN A 88 1.14 6.75 -11.76
N GLU A 89 -0.02 6.57 -11.12
CA GLU A 89 -0.57 7.59 -10.24
C GLU A 89 0.38 7.86 -9.08
N ALA A 90 0.93 6.80 -8.50
CA ALA A 90 1.86 6.93 -7.38
C ALA A 90 3.16 7.60 -7.82
N ILE A 91 3.61 7.28 -9.03
CA ILE A 91 4.83 7.85 -9.56
C ILE A 91 4.65 9.33 -9.90
N ALA A 92 3.42 9.70 -10.25
CA ALA A 92 3.10 11.08 -10.60
C ALA A 92 3.16 11.98 -9.36
N ILE A 93 2.46 11.57 -8.31
CA ILE A 93 2.43 12.33 -7.07
C ILE A 93 3.73 12.16 -6.29
N GLY A 94 4.36 11.00 -6.43
CA GLY A 94 5.60 10.74 -5.73
C GLY A 94 5.43 9.77 -4.58
N ALA A 95 5.40 8.48 -4.90
CA ALA A 95 5.23 7.45 -3.88
C ALA A 95 6.58 7.04 -3.30
N LYS A 96 6.58 5.96 -2.52
CA LYS A 96 7.80 5.46 -1.90
C LYS A 96 7.96 3.97 -2.14
N THR A 97 6.87 3.22 -1.98
CA THR A 97 6.89 1.78 -2.17
C THR A 97 5.60 1.30 -2.85
N LEU A 98 5.67 0.13 -3.48
CA LEU A 98 4.52 -0.44 -4.17
C LEU A 98 4.43 -1.94 -3.91
N TRP A 99 3.47 -2.34 -3.07
CA TRP A 99 3.28 -3.75 -2.75
C TRP A 99 2.07 -4.31 -3.48
N LEU A 100 2.21 -5.52 -4.02
CA LEU A 100 1.13 -6.17 -4.74
C LEU A 100 0.59 -7.37 -3.96
N GLN A 101 -0.40 -8.05 -4.53
CA GLN A 101 -1.00 -9.22 -3.89
C GLN A 101 -0.23 -10.48 -4.23
N LEU A 102 -0.04 -11.35 -3.24
CA LEU A 102 0.68 -12.59 -3.44
C LEU A 102 0.12 -13.37 -4.63
N GLY A 103 1.01 -13.90 -5.46
CA GLY A 103 0.58 -14.66 -6.62
C GLY A 103 0.25 -13.77 -7.80
N VAL A 104 0.72 -12.53 -7.76
CA VAL A 104 0.46 -11.58 -8.83
C VAL A 104 1.76 -10.99 -9.36
N ILE A 105 1.94 -11.06 -10.68
CA ILE A 105 3.13 -10.54 -11.32
C ILE A 105 2.78 -9.61 -12.49
N ASN A 106 3.13 -8.34 -12.35
CA ASN A 106 2.86 -7.35 -13.39
C ASN A 106 4.14 -6.72 -13.90
N GLU A 107 4.71 -7.30 -14.94
CA GLU A 107 5.95 -6.78 -15.52
C GLU A 107 5.83 -5.29 -15.83
N GLN A 108 4.64 -4.88 -16.27
CA GLN A 108 4.40 -3.48 -16.60
C GLN A 108 4.44 -2.61 -15.35
N ALA A 109 3.66 -3.00 -14.34
CA ALA A 109 3.61 -2.25 -13.08
C ALA A 109 4.99 -2.11 -12.47
N ALA A 110 5.89 -3.04 -12.80
CA ALA A 110 7.25 -3.02 -12.29
C ALA A 110 8.09 -1.98 -13.02
N VAL A 111 7.94 -1.92 -14.34
CA VAL A 111 8.68 -0.98 -15.15
C VAL A 111 8.38 0.46 -14.75
N LEU A 112 7.10 0.77 -14.60
CA LEU A 112 6.68 2.11 -14.20
C LEU A 112 7.42 2.57 -12.95
N ALA A 113 7.38 1.74 -11.92
CA ALA A 113 8.04 2.06 -10.66
C ALA A 113 9.56 2.12 -10.83
N ARG A 114 10.07 1.28 -11.73
CA ARG A 114 11.50 1.24 -11.99
C ARG A 114 11.97 2.53 -12.66
N GLU A 115 11.11 3.12 -13.48
CA GLU A 115 11.44 4.35 -14.18
C GLU A 115 11.69 5.48 -13.20
N ALA A 116 10.80 5.61 -12.21
CA ALA A 116 10.93 6.66 -11.19
C ALA A 116 11.90 6.24 -10.10
N GLY A 117 12.08 4.93 -9.93
CA GLY A 117 12.98 4.42 -8.91
C GLY A 117 12.25 3.84 -7.72
N LEU A 118 10.93 3.96 -7.73
CA LEU A 118 10.10 3.44 -6.64
C LEU A 118 10.44 1.98 -6.36
N SER A 119 10.20 1.55 -5.12
CA SER A 119 10.48 0.18 -4.72
C SER A 119 9.25 -0.70 -4.92
N VAL A 120 9.21 -1.39 -6.07
CA VAL A 120 8.09 -2.27 -6.39
C VAL A 120 8.36 -3.69 -5.91
N VAL A 121 7.39 -4.27 -5.21
CA VAL A 121 7.53 -5.64 -4.71
C VAL A 121 6.26 -6.44 -4.96
N MET A 122 6.37 -7.45 -5.83
CA MET A 122 5.23 -8.30 -6.15
C MET A 122 5.42 -9.70 -5.59
N ASP A 123 4.43 -10.56 -5.81
CA ASP A 123 4.49 -11.93 -5.32
C ASP A 123 4.82 -11.97 -3.83
N ARG A 124 4.39 -10.94 -3.11
CA ARG A 124 4.65 -10.85 -1.68
C ARG A 124 3.42 -10.32 -0.94
N CYS A 125 3.37 -10.55 0.36
CA CYS A 125 2.26 -10.10 1.18
C CYS A 125 2.66 -9.96 2.65
N PRO A 126 2.37 -8.80 3.24
CA PRO A 126 2.71 -8.51 4.64
C PRO A 126 1.87 -9.33 5.61
N ALA A 127 0.70 -9.79 5.15
CA ALA A 127 -0.18 -10.59 5.98
C ALA A 127 0.51 -11.87 6.45
N ILE A 128 1.28 -12.49 5.56
CA ILE A 128 1.99 -13.72 5.89
C ILE A 128 3.45 -13.43 6.23
N GLU A 129 3.92 -12.26 5.82
CA GLU A 129 5.30 -11.86 6.09
C GLU A 129 5.51 -11.54 7.57
N LEU A 130 4.45 -11.03 8.21
CA LEU A 130 4.51 -10.67 9.62
C LEU A 130 4.65 -11.92 10.49
N PRO A 131 3.69 -12.84 10.35
CA PRO A 131 3.69 -14.10 11.11
C PRO A 131 4.80 -15.04 10.67
N ARG A 132 5.49 -14.68 9.59
CA ARG A 132 6.57 -15.51 9.08
C ARG A 132 7.57 -15.85 10.18
N LEU A 133 7.70 -14.96 11.16
CA LEU A 133 8.62 -15.18 12.27
C LEU A 133 7.89 -15.75 13.48
N GLY A 134 6.60 -15.42 13.60
CA GLY A 134 5.81 -15.92 14.71
C GLY A 134 5.78 -14.95 15.87
N LEU A 135 5.72 -13.66 15.57
CA LEU A 135 5.68 -12.63 16.60
C LEU A 135 4.29 -11.99 16.68
N ALA A 136 3.57 -12.03 15.57
CA ALA A 136 2.22 -11.45 15.51
C ALA A 136 1.36 -11.98 16.65
N LYS A 137 0.46 -11.13 17.14
CA LYS A 137 -0.43 -11.51 18.23
C LYS A 137 -1.49 -12.51 17.75
N MET A 1 24.81 -1.44 5.55
CA MET A 1 25.17 -2.38 4.50
C MET A 1 23.94 -3.05 3.92
N LYS A 2 23.10 -2.28 3.24
CA LYS A 2 21.89 -2.80 2.64
C LYS A 2 21.94 -2.68 1.12
N GLU A 3 21.18 -3.54 0.44
CA GLU A 3 21.14 -3.53 -1.02
C GLU A 3 19.93 -2.75 -1.53
N ASN A 4 18.89 -2.68 -0.71
CA ASN A 4 17.67 -1.97 -1.08
C ASN A 4 17.58 -0.64 -0.33
N ASP A 5 16.74 0.26 -0.83
CA ASP A 5 16.55 1.57 -0.21
C ASP A 5 15.37 1.55 0.76
N ILE A 6 14.45 0.62 0.54
CA ILE A 6 13.26 0.50 1.38
C ILE A 6 13.65 0.39 2.86
N ALA A 7 14.85 -0.12 3.11
CA ALA A 7 15.34 -0.28 4.47
C ALA A 7 15.32 1.05 5.22
N GLY A 8 15.65 2.13 4.52
CA GLY A 8 15.66 3.45 5.13
C GLY A 8 14.27 4.02 5.28
N ILE A 9 13.39 3.69 4.35
CA ILE A 9 12.01 4.18 4.39
C ILE A 9 11.20 3.44 5.44
N LEU A 10 11.55 2.18 5.67
CA LEU A 10 10.85 1.36 6.66
C LEU A 10 11.42 1.57 8.05
N THR A 11 12.70 1.92 8.11
CA THR A 11 13.37 2.16 9.38
C THR A 11 13.16 3.60 9.85
N SER A 12 12.84 4.48 8.91
CA SER A 12 12.62 5.89 9.23
C SER A 12 11.19 6.13 9.69
N THR A 13 10.24 5.94 8.78
CA THR A 13 8.83 6.13 9.09
C THR A 13 8.01 4.91 8.68
N ARG A 14 7.04 4.55 9.51
CA ARG A 14 6.18 3.41 9.23
C ARG A 14 4.76 3.86 8.90
N THR A 15 4.42 3.83 7.61
CA THR A 15 3.09 4.24 7.17
C THR A 15 2.57 3.30 6.07
N ILE A 16 1.27 3.05 6.10
CA ILE A 16 0.64 2.18 5.12
C ILE A 16 -0.58 2.84 4.49
N ALA A 17 -0.68 2.76 3.17
CA ALA A 17 -1.81 3.34 2.44
C ALA A 17 -2.55 2.29 1.64
N LEU A 18 -3.88 2.40 1.61
CA LEU A 18 -4.71 1.46 0.87
C LEU A 18 -5.44 2.15 -0.28
N VAL A 19 -5.43 1.52 -1.45
CA VAL A 19 -6.10 2.08 -2.63
C VAL A 19 -7.31 1.24 -3.02
N GLY A 20 -8.50 1.77 -2.75
CA GLY A 20 -9.72 1.05 -3.08
C GLY A 20 -10.37 0.41 -1.86
N ALA A 21 -10.72 1.23 -0.89
CA ALA A 21 -11.36 0.74 0.33
C ALA A 21 -12.87 0.86 0.25
N SER A 22 -13.56 -0.20 0.66
CA SER A 22 -15.02 -0.21 0.63
C SER A 22 -15.58 -1.10 1.73
N ASP A 23 -16.88 -1.36 1.67
CA ASP A 23 -17.54 -2.21 2.66
C ASP A 23 -17.60 -3.65 2.18
N LYS A 24 -16.49 -4.14 1.62
CA LYS A 24 -16.42 -5.50 1.12
C LYS A 24 -15.49 -6.35 2.00
N PRO A 25 -16.04 -6.87 3.11
CA PRO A 25 -15.29 -7.70 4.05
C PRO A 25 -14.95 -9.07 3.46
N ASP A 26 -15.47 -9.35 2.28
CA ASP A 26 -15.21 -10.61 1.61
C ASP A 26 -14.10 -10.48 0.57
N ARG A 27 -13.24 -9.48 0.78
CA ARG A 27 -12.13 -9.24 -0.13
C ARG A 27 -10.81 -9.15 0.62
N PRO A 28 -9.70 -9.36 -0.10
CA PRO A 28 -8.35 -9.30 0.49
C PRO A 28 -7.95 -7.88 0.87
N SER A 29 -8.67 -6.90 0.33
CA SER A 29 -8.38 -5.50 0.62
C SER A 29 -8.91 -5.11 2.00
N TYR A 30 -9.93 -5.83 2.46
CA TYR A 30 -10.52 -5.56 3.76
C TYR A 30 -9.79 -6.31 4.87
N ARG A 31 -9.55 -7.59 4.64
CA ARG A 31 -8.85 -8.42 5.60
C ARG A 31 -7.52 -7.80 6.01
N VAL A 32 -6.87 -7.12 5.07
CA VAL A 32 -5.60 -6.47 5.33
C VAL A 32 -5.79 -5.17 6.10
N MET A 33 -6.84 -4.42 5.73
CA MET A 33 -7.13 -3.15 6.38
C MET A 33 -7.25 -3.33 7.89
N LYS A 34 -8.23 -4.11 8.32
CA LYS A 34 -8.45 -4.37 9.73
C LYS A 34 -7.25 -5.08 10.36
N TYR A 35 -6.44 -5.70 9.51
CA TYR A 35 -5.25 -6.42 9.97
C TYR A 35 -4.15 -5.45 10.36
N LEU A 36 -3.86 -4.51 9.47
CA LEU A 36 -2.81 -3.51 9.71
C LEU A 36 -3.25 -2.53 10.78
N LEU A 37 -4.56 -2.30 10.90
CA LEU A 37 -5.10 -1.39 11.88
C LEU A 37 -5.00 -1.97 13.29
N ASP A 38 -5.33 -3.25 13.42
CA ASP A 38 -5.26 -3.93 14.70
C ASP A 38 -3.83 -4.21 15.11
N GLN A 39 -2.99 -4.56 14.13
CA GLN A 39 -1.59 -4.86 14.38
C GLN A 39 -0.90 -3.67 15.05
N GLY A 40 -1.44 -2.47 14.82
CA GLY A 40 -0.87 -1.27 15.41
C GLY A 40 -0.10 -0.45 14.39
N TYR A 41 -0.67 -0.28 13.21
CA TYR A 41 -0.02 0.49 12.15
C TYR A 41 -0.94 1.60 11.65
N HIS A 42 -0.42 2.41 10.73
CA HIS A 42 -1.19 3.51 10.17
C HIS A 42 -1.73 3.15 8.78
N VAL A 43 -3.06 3.21 8.64
CA VAL A 43 -3.70 2.88 7.37
C VAL A 43 -4.37 4.12 6.76
N ILE A 44 -4.11 4.35 5.48
CA ILE A 44 -4.69 5.49 4.78
C ILE A 44 -5.44 5.05 3.54
N PRO A 45 -6.63 4.47 3.73
CA PRO A 45 -7.48 3.98 2.63
C PRO A 45 -8.05 5.13 1.81
N VAL A 46 -8.03 4.98 0.49
CA VAL A 46 -8.56 6.00 -0.41
C VAL A 46 -9.50 5.39 -1.43
N SER A 47 -10.74 5.89 -1.45
CA SER A 47 -11.75 5.39 -2.39
C SER A 47 -12.69 6.51 -2.81
N PRO A 48 -13.26 6.37 -4.02
CA PRO A 48 -14.18 7.36 -4.58
C PRO A 48 -15.52 7.39 -3.85
N LYS A 49 -15.72 6.42 -2.96
CA LYS A 49 -16.95 6.33 -2.18
C LYS A 49 -16.72 6.75 -0.73
N VAL A 50 -15.54 6.46 -0.23
CA VAL A 50 -15.19 6.81 1.15
C VAL A 50 -14.80 8.28 1.26
N ALA A 51 -14.68 8.94 0.11
CA ALA A 51 -14.32 10.35 0.08
C ALA A 51 -15.27 11.19 0.95
N GLY A 52 -14.80 11.56 2.13
CA GLY A 52 -15.61 12.36 3.03
C GLY A 52 -16.25 11.53 4.12
N LYS A 53 -15.69 10.34 4.35
CA LYS A 53 -16.21 9.44 5.37
C LYS A 53 -15.07 8.86 6.22
N THR A 54 -15.43 8.07 7.22
CA THR A 54 -14.44 7.45 8.11
C THR A 54 -14.64 5.95 8.20
N LEU A 55 -13.65 5.19 7.77
CA LEU A 55 -13.72 3.73 7.80
C LEU A 55 -12.80 3.17 8.88
N LEU A 56 -13.39 2.55 9.89
CA LEU A 56 -12.62 1.96 10.98
C LEU A 56 -11.77 3.02 11.68
N GLY A 57 -12.20 4.27 11.60
CA GLY A 57 -11.47 5.36 12.22
C GLY A 57 -10.45 5.98 11.28
N GLN A 58 -10.46 5.55 10.03
CA GLN A 58 -9.53 6.07 9.04
C GLN A 58 -10.21 7.07 8.11
N GLN A 59 -9.59 8.23 7.92
CA GLN A 59 -10.14 9.26 7.06
C GLN A 59 -10.26 8.77 5.62
N GLY A 60 -11.34 9.16 4.95
CA GLY A 60 -11.56 8.75 3.58
C GLY A 60 -11.13 9.81 2.58
N TYR A 61 -10.79 9.38 1.38
CA TYR A 61 -10.37 10.30 0.33
C TYR A 61 -10.80 9.80 -1.04
N ALA A 62 -11.30 10.72 -1.87
CA ALA A 62 -11.75 10.38 -3.22
C ALA A 62 -10.58 9.94 -4.09
N THR A 63 -9.40 10.50 -3.82
CA THR A 63 -8.20 10.17 -4.58
C THR A 63 -6.94 10.48 -3.79
N LEU A 64 -5.88 9.74 -4.06
CA LEU A 64 -4.60 9.94 -3.38
C LEU A 64 -4.05 11.32 -3.65
N ALA A 65 -4.55 11.96 -4.70
CA ALA A 65 -4.10 13.30 -5.07
C ALA A 65 -4.53 14.33 -4.02
N ASP A 66 -5.51 13.96 -3.21
CA ASP A 66 -6.02 14.85 -2.16
C ASP A 66 -5.32 14.57 -0.83
N VAL A 67 -4.94 13.31 -0.62
CA VAL A 67 -4.28 12.91 0.62
C VAL A 67 -3.10 13.83 0.93
N PRO A 68 -3.26 14.67 1.96
CA PRO A 68 -2.22 15.61 2.39
C PRO A 68 -1.02 14.91 3.01
N GLU A 69 -1.30 13.95 3.90
CA GLU A 69 -0.24 13.21 4.57
C GLU A 69 0.53 12.34 3.58
N LYS A 70 1.82 12.62 3.45
CA LYS A 70 2.68 11.87 2.54
C LYS A 70 2.90 10.44 3.05
N VAL A 71 2.41 9.47 2.29
CA VAL A 71 2.57 8.07 2.67
C VAL A 71 3.99 7.57 2.40
N ASP A 72 4.49 6.70 3.27
CA ASP A 72 5.83 6.15 3.12
C ASP A 72 5.79 4.80 2.41
N MET A 73 4.64 4.13 2.50
CA MET A 73 4.47 2.82 1.87
C MET A 73 3.06 2.67 1.32
N VAL A 74 2.96 2.48 0.01
CA VAL A 74 1.67 2.31 -0.64
C VAL A 74 1.40 0.84 -0.98
N ASP A 75 0.38 0.27 -0.35
CA ASP A 75 0.03 -1.13 -0.59
C ASP A 75 -1.19 -1.23 -1.51
N VAL A 76 -1.13 -2.17 -2.44
CA VAL A 76 -2.23 -2.37 -3.38
C VAL A 76 -2.89 -3.74 -3.18
N PHE A 77 -4.17 -3.72 -2.84
CA PHE A 77 -4.91 -4.96 -2.62
C PHE A 77 -6.08 -5.07 -3.60
N ARG A 78 -6.34 -3.99 -4.32
CA ARG A 78 -7.44 -3.98 -5.29
C ARG A 78 -7.36 -5.17 -6.23
N ASN A 79 -6.32 -5.19 -7.05
CA ASN A 79 -6.12 -6.28 -8.01
C ASN A 79 -4.72 -6.23 -8.62
N SER A 80 -4.36 -7.26 -9.38
CA SER A 80 -3.06 -7.33 -10.02
C SER A 80 -2.93 -6.28 -11.10
N GLU A 81 -3.82 -6.34 -12.09
CA GLU A 81 -3.81 -5.39 -13.20
C GLU A 81 -3.89 -3.95 -12.68
N ALA A 82 -4.52 -3.79 -11.52
CA ALA A 82 -4.66 -2.46 -10.92
C ALA A 82 -3.30 -1.90 -10.50
N ALA A 83 -2.34 -2.79 -10.27
CA ALA A 83 -1.01 -2.38 -9.87
C ALA A 83 -0.45 -1.32 -10.81
N TRP A 84 -0.67 -1.51 -12.10
CA TRP A 84 -0.19 -0.57 -13.11
C TRP A 84 -0.92 0.76 -13.00
N GLY A 85 -2.25 0.71 -13.02
CA GLY A 85 -3.04 1.93 -12.91
C GLY A 85 -2.71 2.73 -11.67
N VAL A 86 -2.47 2.04 -10.57
CA VAL A 86 -2.14 2.70 -9.31
C VAL A 86 -0.69 3.15 -9.28
N ALA A 87 0.17 2.36 -9.92
CA ALA A 87 1.59 2.68 -9.97
C ALA A 87 1.83 4.05 -10.58
N GLN A 88 1.32 4.26 -11.79
CA GLN A 88 1.47 5.52 -12.48
C GLN A 88 1.04 6.69 -11.59
N GLU A 89 -0.08 6.51 -10.90
CA GLU A 89 -0.60 7.54 -10.01
C GLU A 89 0.33 7.75 -8.82
N ALA A 90 0.78 6.65 -8.23
CA ALA A 90 1.67 6.72 -7.08
C ALA A 90 2.94 7.49 -7.41
N ILE A 91 3.45 7.29 -8.63
CA ILE A 91 4.66 7.96 -9.07
C ILE A 91 4.39 9.43 -9.38
N ALA A 92 3.13 9.73 -9.71
CA ALA A 92 2.74 11.09 -10.03
C ALA A 92 2.79 11.99 -8.80
N ILE A 93 2.15 11.55 -7.72
CA ILE A 93 2.12 12.32 -6.48
C ILE A 93 3.48 12.30 -5.80
N GLY A 94 4.22 11.21 -5.98
CA GLY A 94 5.54 11.09 -5.38
C GLY A 94 5.56 10.11 -4.22
N ALA A 95 5.06 8.91 -4.46
CA ALA A 95 5.03 7.87 -3.43
C ALA A 95 6.43 7.56 -2.91
N LYS A 96 6.51 6.67 -1.93
CA LYS A 96 7.79 6.29 -1.35
C LYS A 96 8.06 4.80 -1.57
N THR A 97 6.99 4.01 -1.63
CA THR A 97 7.12 2.57 -1.85
C THR A 97 5.88 2.01 -2.53
N LEU A 98 6.04 0.85 -3.16
CA LEU A 98 4.93 0.20 -3.86
C LEU A 98 4.87 -1.28 -3.52
N TRP A 99 3.81 -1.68 -2.84
CA TRP A 99 3.62 -3.08 -2.45
C TRP A 99 2.41 -3.68 -3.14
N LEU A 100 2.55 -4.90 -3.63
CA LEU A 100 1.46 -5.59 -4.31
C LEU A 100 0.98 -6.79 -3.50
N GLN A 101 -0.04 -7.47 -4.01
CA GLN A 101 -0.59 -8.64 -3.33
C GLN A 101 0.20 -9.90 -3.67
N LEU A 102 0.52 -10.68 -2.64
CA LEU A 102 1.27 -11.92 -2.84
C LEU A 102 0.63 -12.79 -3.92
N GLY A 103 1.44 -13.19 -4.90
CA GLY A 103 0.94 -14.02 -5.98
C GLY A 103 0.70 -13.24 -7.25
N VAL A 104 1.31 -12.06 -7.34
CA VAL A 104 1.16 -11.21 -8.52
C VAL A 104 2.51 -10.99 -9.20
N ILE A 105 2.48 -10.92 -10.53
CA ILE A 105 3.69 -10.72 -11.31
C ILE A 105 3.43 -9.82 -12.52
N ASN A 106 3.81 -8.55 -12.40
CA ASN A 106 3.61 -7.59 -13.47
C ASN A 106 4.91 -6.86 -13.79
N GLU A 107 5.70 -7.44 -14.69
CA GLU A 107 6.97 -6.85 -15.09
C GLU A 107 6.78 -5.39 -15.51
N GLN A 108 5.65 -5.10 -16.12
CA GLN A 108 5.35 -3.75 -16.57
C GLN A 108 5.23 -2.79 -15.39
N ALA A 109 4.60 -3.26 -14.32
CA ALA A 109 4.42 -2.45 -13.12
C ALA A 109 5.75 -2.22 -12.40
N ALA A 110 6.66 -3.19 -12.52
CA ALA A 110 7.96 -3.09 -11.89
C ALA A 110 8.83 -2.06 -12.59
N VAL A 111 8.65 -1.92 -13.90
CA VAL A 111 9.42 -0.96 -14.69
C VAL A 111 8.88 0.45 -14.50
N LEU A 112 7.56 0.59 -14.52
CA LEU A 112 6.92 1.88 -14.36
C LEU A 112 7.44 2.60 -13.12
N ALA A 113 7.56 1.85 -12.02
CA ALA A 113 8.05 2.41 -10.77
C ALA A 113 9.56 2.59 -10.80
N ARG A 114 10.24 1.75 -11.56
CA ARG A 114 11.69 1.82 -11.69
C ARG A 114 12.11 3.06 -12.47
N GLU A 115 11.33 3.40 -13.49
CA GLU A 115 11.63 4.57 -14.33
C GLU A 115 11.77 5.82 -13.47
N ALA A 116 10.97 5.91 -12.40
CA ALA A 116 11.02 7.05 -11.51
C ALA A 116 11.98 6.81 -10.35
N GLY A 117 12.20 5.53 -10.04
CA GLY A 117 13.10 5.18 -8.94
C GLY A 117 12.37 4.61 -7.76
N LEU A 118 11.04 4.71 -7.78
CA LEU A 118 10.22 4.19 -6.68
C LEU A 118 10.58 2.74 -6.37
N SER A 119 10.34 2.35 -5.12
CA SER A 119 10.64 0.99 -4.68
C SER A 119 9.45 0.07 -4.95
N VAL A 120 9.54 -0.70 -6.03
CA VAL A 120 8.46 -1.63 -6.40
C VAL A 120 8.72 -3.00 -5.80
N VAL A 121 7.72 -3.54 -5.09
CA VAL A 121 7.83 -4.85 -4.48
C VAL A 121 6.59 -5.69 -4.74
N MET A 122 6.72 -6.71 -5.58
CA MET A 122 5.61 -7.59 -5.91
C MET A 122 5.77 -8.95 -5.24
N ASP A 123 4.84 -9.85 -5.51
CA ASP A 123 4.88 -11.19 -4.93
C ASP A 123 5.28 -11.14 -3.46
N ARG A 124 4.77 -10.14 -2.75
CA ARG A 124 5.07 -9.97 -1.33
C ARG A 124 3.85 -9.50 -0.56
N CYS A 125 3.77 -9.89 0.70
CA CYS A 125 2.65 -9.50 1.56
C CYS A 125 3.06 -9.48 3.02
N PRO A 126 2.75 -8.37 3.71
CA PRO A 126 3.07 -8.18 5.13
C PRO A 126 2.23 -9.09 6.03
N ALA A 127 1.09 -9.52 5.53
CA ALA A 127 0.20 -10.39 6.29
C ALA A 127 0.92 -11.66 6.73
N ILE A 128 1.68 -12.25 5.81
CA ILE A 128 2.42 -13.47 6.09
C ILE A 128 3.88 -13.16 6.44
N GLU A 129 4.34 -11.98 6.03
CA GLU A 129 5.72 -11.57 6.29
C GLU A 129 5.86 -11.05 7.72
N LEU A 130 4.74 -10.75 8.34
CA LEU A 130 4.73 -10.23 9.72
C LEU A 130 5.14 -11.33 10.69
N PRO A 131 4.38 -12.43 10.70
CA PRO A 131 4.64 -13.57 11.58
C PRO A 131 5.91 -14.32 11.21
N ARG A 132 6.31 -14.20 9.94
CA ARG A 132 7.51 -14.87 9.46
C ARG A 132 8.73 -14.45 10.26
N LEU A 133 8.64 -13.30 10.92
CA LEU A 133 9.74 -12.79 11.73
C LEU A 133 9.56 -13.18 13.19
N GLY A 134 8.32 -13.31 13.63
CA GLY A 134 8.03 -13.68 14.99
C GLY A 134 7.76 -12.47 15.88
N LEU A 135 7.04 -11.50 15.34
CA LEU A 135 6.71 -10.29 16.08
C LEU A 135 5.19 -10.17 16.29
N ALA A 136 4.43 -10.79 15.40
CA ALA A 136 2.97 -10.75 15.49
C ALA A 136 2.50 -11.18 16.87
N LYS A 137 1.48 -10.50 17.38
CA LYS A 137 0.93 -10.80 18.69
C LYS A 137 0.21 -12.14 18.69
N MET A 1 27.75 -1.08 6.25
CA MET A 1 26.73 -1.37 7.26
C MET A 1 25.38 -1.67 6.59
N LYS A 2 24.75 -0.62 6.05
CA LYS A 2 23.46 -0.78 5.39
C LYS A 2 23.59 -0.53 3.89
N GLU A 3 23.43 -1.59 3.10
CA GLU A 3 23.53 -1.48 1.65
C GLU A 3 22.23 -1.92 0.98
N ASN A 4 21.20 -1.08 1.11
CA ASN A 4 19.90 -1.38 0.52
C ASN A 4 19.14 -0.09 0.18
N ASP A 5 17.94 -0.24 -0.33
CA ASP A 5 17.12 0.91 -0.71
C ASP A 5 15.92 1.05 0.24
N ILE A 6 14.93 0.18 0.05
CA ILE A 6 13.73 0.20 0.89
C ILE A 6 14.09 0.19 2.36
N ALA A 7 15.24 -0.40 2.68
CA ALA A 7 15.71 -0.47 4.07
C ALA A 7 15.75 0.91 4.71
N GLY A 8 16.12 1.91 3.92
CA GLY A 8 16.18 3.27 4.44
C GLY A 8 14.82 3.91 4.57
N ILE A 9 13.90 3.54 3.69
CA ILE A 9 12.55 4.08 3.71
C ILE A 9 11.72 3.45 4.83
N LEU A 10 11.95 2.17 5.08
CA LEU A 10 11.23 1.45 6.12
C LEU A 10 11.82 1.76 7.49
N THR A 11 13.12 2.01 7.53
CA THR A 11 13.80 2.31 8.78
C THR A 11 13.62 3.78 9.17
N SER A 12 13.38 4.62 8.16
CA SER A 12 13.19 6.05 8.40
C SER A 12 11.76 6.34 8.83
N THR A 13 10.81 6.10 7.92
CA THR A 13 9.41 6.33 8.20
C THR A 13 8.57 5.10 7.89
N ARG A 14 7.67 4.75 8.81
CA ARG A 14 6.81 3.60 8.62
C ARG A 14 5.37 4.02 8.36
N THR A 15 4.95 3.95 7.10
CA THR A 15 3.59 4.34 6.72
C THR A 15 3.02 3.37 5.69
N ILE A 16 1.73 3.09 5.82
CA ILE A 16 1.05 2.17 4.89
C ILE A 16 -0.21 2.81 4.32
N ALA A 17 -0.41 2.66 3.01
CA ALA A 17 -1.58 3.21 2.36
C ALA A 17 -2.33 2.14 1.57
N LEU A 18 -3.65 2.23 1.56
CA LEU A 18 -4.48 1.26 0.86
C LEU A 18 -5.24 1.93 -0.29
N VAL A 19 -5.26 1.28 -1.45
CA VAL A 19 -5.95 1.81 -2.60
C VAL A 19 -7.23 1.04 -2.89
N GLY A 20 -8.36 1.74 -2.85
CA GLY A 20 -9.64 1.10 -3.09
C GLY A 20 -10.27 0.54 -1.83
N ALA A 21 -10.56 1.42 -0.88
CA ALA A 21 -11.16 1.01 0.38
C ALA A 21 -12.68 1.09 0.32
N SER A 22 -13.34 -0.06 0.43
CA SER A 22 -14.79 -0.13 0.38
C SER A 22 -15.34 -0.95 1.54
N ASP A 23 -16.65 -1.15 1.55
CA ASP A 23 -17.30 -1.92 2.60
C ASP A 23 -17.45 -3.39 2.20
N LYS A 24 -16.40 -3.94 1.61
CA LYS A 24 -16.41 -5.33 1.16
C LYS A 24 -15.49 -6.18 2.04
N PRO A 25 -16.02 -6.63 3.19
CA PRO A 25 -15.26 -7.46 4.13
C PRO A 25 -15.01 -8.87 3.59
N ASP A 26 -15.58 -9.17 2.43
CA ASP A 26 -15.41 -10.47 1.80
C ASP A 26 -14.31 -10.42 0.75
N ARG A 27 -13.40 -9.47 0.89
CA ARG A 27 -12.30 -9.32 -0.05
C ARG A 27 -10.96 -9.23 0.68
N PRO A 28 -9.87 -9.49 -0.04
CA PRO A 28 -8.51 -9.45 0.51
C PRO A 28 -8.07 -8.03 0.83
N SER A 29 -8.72 -7.06 0.20
CA SER A 29 -8.38 -5.66 0.42
C SER A 29 -8.87 -5.18 1.79
N TYR A 30 -9.90 -5.85 2.31
CA TYR A 30 -10.46 -5.51 3.61
C TYR A 30 -9.73 -6.24 4.73
N ARG A 31 -9.57 -7.54 4.57
CA ARG A 31 -8.88 -8.35 5.57
C ARG A 31 -7.49 -7.80 5.87
N VAL A 32 -6.84 -7.25 4.85
CA VAL A 32 -5.51 -6.67 5.01
C VAL A 32 -5.58 -5.31 5.67
N MET A 33 -6.66 -4.58 5.42
CA MET A 33 -6.85 -3.25 5.99
C MET A 33 -6.93 -3.33 7.52
N LYS A 34 -7.97 -3.98 8.01
CA LYS A 34 -8.17 -4.12 9.45
C LYS A 34 -7.00 -4.87 10.09
N TYR A 35 -6.28 -5.63 9.28
CA TYR A 35 -5.14 -6.40 9.75
C TYR A 35 -3.98 -5.48 10.13
N LEU A 36 -3.67 -4.54 9.23
CA LEU A 36 -2.58 -3.60 9.46
C LEU A 36 -2.96 -2.59 10.54
N LEU A 37 -4.25 -2.33 10.67
CA LEU A 37 -4.74 -1.38 11.67
C LEU A 37 -4.64 -1.97 13.08
N ASP A 38 -5.07 -3.22 13.22
CA ASP A 38 -5.02 -3.90 14.51
C ASP A 38 -3.58 -4.13 14.95
N GLN A 39 -2.74 -4.52 14.00
CA GLN A 39 -1.33 -4.77 14.29
C GLN A 39 -0.67 -3.55 14.90
N GLY A 40 -1.22 -2.37 14.61
CA GLY A 40 -0.66 -1.15 15.14
C GLY A 40 0.17 -0.40 14.12
N TYR A 41 -0.32 -0.34 12.89
CA TYR A 41 0.39 0.35 11.82
C TYR A 41 -0.45 1.48 11.25
N HIS A 42 0.22 2.45 10.61
CA HIS A 42 -0.46 3.60 10.02
C HIS A 42 -1.09 3.22 8.68
N VAL A 43 -2.41 3.25 8.62
CA VAL A 43 -3.12 2.91 7.39
C VAL A 43 -3.79 4.14 6.78
N ILE A 44 -3.62 4.31 5.47
CA ILE A 44 -4.20 5.45 4.77
C ILE A 44 -4.98 4.99 3.54
N PRO A 45 -6.20 4.47 3.79
CA PRO A 45 -7.08 3.99 2.72
C PRO A 45 -7.63 5.13 1.86
N VAL A 46 -7.66 4.92 0.55
CA VAL A 46 -8.16 5.93 -0.37
C VAL A 46 -9.10 5.32 -1.40
N SER A 47 -10.33 5.83 -1.46
CA SER A 47 -11.33 5.32 -2.39
C SER A 47 -12.25 6.45 -2.86
N PRO A 48 -12.79 6.30 -4.08
CA PRO A 48 -13.69 7.29 -4.67
C PRO A 48 -15.04 7.33 -3.97
N LYS A 49 -15.28 6.36 -3.10
CA LYS A 49 -16.54 6.29 -2.35
C LYS A 49 -16.34 6.69 -0.90
N VAL A 50 -15.16 6.40 -0.36
CA VAL A 50 -14.84 6.74 1.02
C VAL A 50 -14.46 8.21 1.16
N ALA A 51 -14.29 8.88 0.02
CA ALA A 51 -13.93 10.29 0.01
C ALA A 51 -14.91 11.12 0.83
N GLY A 52 -14.47 11.52 2.02
CA GLY A 52 -15.33 12.30 2.89
C GLY A 52 -16.00 11.46 3.96
N LYS A 53 -15.46 10.28 4.20
CA LYS A 53 -16.01 9.38 5.21
C LYS A 53 -14.91 8.82 6.11
N THR A 54 -15.31 8.02 7.10
CA THR A 54 -14.36 7.42 8.03
C THR A 54 -14.59 5.93 8.16
N LEU A 55 -13.57 5.14 7.82
CA LEU A 55 -13.66 3.68 7.89
C LEU A 55 -12.67 3.14 8.92
N LEU A 56 -13.21 2.58 10.00
CA LEU A 56 -12.37 2.00 11.05
C LEU A 56 -11.52 3.09 11.70
N GLY A 57 -12.00 4.32 11.68
CA GLY A 57 -11.27 5.42 12.29
C GLY A 57 -10.29 6.05 11.32
N GLN A 58 -10.23 5.52 10.10
CA GLN A 58 -9.32 6.03 9.09
C GLN A 58 -10.02 7.04 8.19
N GLN A 59 -9.33 8.13 7.87
CA GLN A 59 -9.88 9.16 7.01
C GLN A 59 -9.98 8.69 5.56
N GLY A 60 -11.06 9.06 4.89
CA GLY A 60 -11.26 8.66 3.51
C GLY A 60 -10.81 9.72 2.53
N TYR A 61 -10.44 9.30 1.33
CA TYR A 61 -9.97 10.21 0.30
C TYR A 61 -10.38 9.73 -1.09
N ALA A 62 -10.86 10.66 -1.91
CA ALA A 62 -11.29 10.33 -3.26
C ALA A 62 -10.11 9.89 -4.12
N THR A 63 -8.91 10.35 -3.75
CA THR A 63 -7.71 10.01 -4.50
C THR A 63 -6.45 10.42 -3.72
N LEU A 64 -5.34 9.75 -4.02
CA LEU A 64 -4.08 10.03 -3.34
C LEU A 64 -3.67 11.49 -3.55
N ALA A 65 -4.14 12.08 -4.64
CA ALA A 65 -3.83 13.48 -4.94
C ALA A 65 -4.74 14.43 -4.17
N ASP A 66 -5.63 13.86 -3.37
CA ASP A 66 -6.56 14.66 -2.58
C ASP A 66 -6.04 14.85 -1.16
N VAL A 67 -5.12 13.99 -0.75
CA VAL A 67 -4.54 14.06 0.59
C VAL A 67 -3.14 14.68 0.54
N PRO A 68 -2.89 15.63 1.44
CA PRO A 68 -1.60 16.32 1.53
C PRO A 68 -0.49 15.41 2.05
N GLU A 69 -0.81 14.61 3.06
CA GLU A 69 0.16 13.69 3.65
C GLU A 69 0.79 12.81 2.57
N LYS A 70 2.09 12.58 2.69
CA LYS A 70 2.80 11.75 1.73
C LYS A 70 3.08 10.36 2.30
N VAL A 71 2.53 9.34 1.65
CA VAL A 71 2.72 7.96 2.09
C VAL A 71 4.12 7.47 1.78
N ASP A 72 4.68 6.67 2.69
CA ASP A 72 6.02 6.13 2.51
C ASP A 72 5.98 4.75 1.88
N MET A 73 4.84 4.06 2.03
CA MET A 73 4.67 2.74 1.47
C MET A 73 3.24 2.55 0.95
N VAL A 74 3.10 2.40 -0.36
CA VAL A 74 1.79 2.21 -0.97
C VAL A 74 1.50 0.72 -1.19
N ASP A 75 0.54 0.20 -0.44
CA ASP A 75 0.16 -1.20 -0.55
C ASP A 75 -1.07 -1.37 -1.43
N VAL A 76 -1.01 -2.31 -2.37
CA VAL A 76 -2.13 -2.56 -3.27
C VAL A 76 -2.65 -3.98 -3.12
N PHE A 77 -3.94 -4.10 -2.86
CA PHE A 77 -4.58 -5.41 -2.68
C PHE A 77 -5.83 -5.52 -3.54
N ARG A 78 -6.04 -4.54 -4.41
CA ARG A 78 -7.22 -4.53 -5.29
C ARG A 78 -7.17 -5.70 -6.26
N ASN A 79 -6.30 -5.61 -7.25
CA ASN A 79 -6.16 -6.66 -8.25
C ASN A 79 -4.84 -6.54 -9.01
N SER A 80 -4.60 -7.46 -9.93
CA SER A 80 -3.37 -7.45 -10.72
C SER A 80 -3.40 -6.35 -11.76
N GLU A 81 -4.38 -6.41 -12.66
CA GLU A 81 -4.51 -5.42 -13.72
C GLU A 81 -4.63 -4.01 -13.12
N ALA A 82 -5.11 -3.93 -11.89
CA ALA A 82 -5.27 -2.65 -11.21
C ALA A 82 -3.93 -2.13 -10.70
N ALA A 83 -2.98 -3.04 -10.51
CA ALA A 83 -1.66 -2.66 -10.03
C ALA A 83 -1.06 -1.55 -10.88
N TRP A 84 -1.30 -1.62 -12.18
CA TRP A 84 -0.78 -0.61 -13.11
C TRP A 84 -1.47 0.73 -12.89
N GLY A 85 -2.80 0.74 -12.93
CA GLY A 85 -3.55 1.96 -12.74
C GLY A 85 -3.21 2.64 -11.43
N VAL A 86 -3.01 1.85 -10.38
CA VAL A 86 -2.68 2.38 -9.06
C VAL A 86 -1.23 2.86 -9.02
N ALA A 87 -0.36 2.17 -9.75
CA ALA A 87 1.06 2.51 -9.80
C ALA A 87 1.25 3.95 -10.27
N GLN A 88 0.76 4.23 -11.48
CA GLN A 88 0.89 5.56 -12.05
C GLN A 88 0.41 6.63 -11.08
N GLU A 89 -0.72 6.35 -10.42
CA GLU A 89 -1.30 7.29 -9.46
C GLU A 89 -0.33 7.54 -8.30
N ALA A 90 0.35 6.47 -7.86
CA ALA A 90 1.29 6.57 -6.77
C ALA A 90 2.57 7.28 -7.21
N ILE A 91 2.96 7.05 -8.46
CA ILE A 91 4.17 7.67 -9.00
C ILE A 91 3.95 9.15 -9.29
N ALA A 92 2.72 9.51 -9.61
CA ALA A 92 2.38 10.89 -9.90
C ALA A 92 2.29 11.72 -8.62
N ILE A 93 1.69 11.13 -7.59
CA ILE A 93 1.55 11.82 -6.30
C ILE A 93 2.89 11.96 -5.61
N GLY A 94 3.83 11.07 -5.94
CA GLY A 94 5.15 11.12 -5.34
C GLY A 94 5.31 10.11 -4.22
N ALA A 95 4.95 8.86 -4.51
CA ALA A 95 5.06 7.79 -3.52
C ALA A 95 6.51 7.44 -3.26
N LYS A 96 6.73 6.43 -2.42
CA LYS A 96 8.08 6.00 -2.08
C LYS A 96 8.25 4.50 -2.31
N THR A 97 7.20 3.74 -1.99
CA THR A 97 7.22 2.29 -2.16
C THR A 97 5.91 1.78 -2.74
N LEU A 98 5.95 0.59 -3.34
CA LEU A 98 4.77 0.00 -3.95
C LEU A 98 4.73 -1.50 -3.70
N TRP A 99 3.88 -1.91 -2.76
CA TRP A 99 3.74 -3.32 -2.42
C TRP A 99 2.52 -3.94 -3.09
N LEU A 100 2.67 -5.14 -3.63
CA LEU A 100 1.58 -5.83 -4.31
C LEU A 100 1.16 -7.06 -3.53
N GLN A 101 0.25 -7.84 -4.11
CA GLN A 101 -0.24 -9.06 -3.47
C GLN A 101 0.67 -10.24 -3.79
N LEU A 102 0.70 -11.21 -2.88
CA LEU A 102 1.53 -12.40 -3.06
C LEU A 102 1.10 -13.18 -4.30
N GLY A 103 2.08 -13.73 -5.01
CA GLY A 103 1.78 -14.50 -6.21
C GLY A 103 1.24 -13.64 -7.32
N VAL A 104 1.59 -12.36 -7.30
CA VAL A 104 1.14 -11.42 -8.33
C VAL A 104 2.31 -10.76 -9.02
N ILE A 105 2.64 -11.25 -10.22
CA ILE A 105 3.75 -10.70 -10.99
C ILE A 105 3.26 -9.75 -12.07
N ASN A 106 3.52 -8.45 -11.87
CA ASN A 106 3.10 -7.43 -12.81
C ASN A 106 4.31 -6.78 -13.49
N GLU A 107 4.77 -7.38 -14.58
CA GLU A 107 5.92 -6.86 -15.31
C GLU A 107 5.71 -5.39 -15.65
N GLN A 108 4.48 -5.02 -15.96
CA GLN A 108 4.16 -3.64 -16.30
C GLN A 108 4.24 -2.73 -15.08
N ALA A 109 3.54 -3.12 -14.01
CA ALA A 109 3.55 -2.34 -12.77
C ALA A 109 4.96 -2.11 -12.28
N ALA A 110 5.88 -3.01 -12.64
CA ALA A 110 7.27 -2.89 -12.23
C ALA A 110 8.00 -1.85 -13.06
N VAL A 111 7.63 -1.73 -14.33
CA VAL A 111 8.25 -0.76 -15.22
C VAL A 111 7.89 0.66 -14.83
N LEU A 112 6.60 0.88 -14.53
CA LEU A 112 6.11 2.19 -14.15
C LEU A 112 6.97 2.78 -13.03
N ALA A 113 7.13 2.00 -11.96
CA ALA A 113 7.93 2.44 -10.81
C ALA A 113 9.40 2.60 -11.19
N ARG A 114 9.84 1.80 -12.16
CA ARG A 114 11.23 1.85 -12.61
C ARG A 114 11.47 3.08 -13.47
N GLU A 115 10.42 3.59 -14.09
CA GLU A 115 10.52 4.77 -14.94
C GLU A 115 10.75 6.03 -14.10
N ALA A 116 10.17 6.05 -12.90
CA ALA A 116 10.31 7.20 -12.01
C ALA A 116 11.40 6.94 -10.98
N GLY A 117 11.68 5.67 -10.70
CA GLY A 117 12.70 5.33 -9.74
C GLY A 117 12.12 4.77 -8.45
N LEU A 118 10.79 4.80 -8.34
CA LEU A 118 10.11 4.29 -7.16
C LEU A 118 10.57 2.86 -6.84
N SER A 119 10.27 2.41 -5.63
CA SER A 119 10.65 1.07 -5.20
C SER A 119 9.44 0.13 -5.22
N VAL A 120 9.31 -0.61 -6.32
CA VAL A 120 8.20 -1.54 -6.47
C VAL A 120 8.58 -2.93 -5.97
N VAL A 121 7.65 -3.60 -5.30
CA VAL A 121 7.89 -4.93 -4.77
C VAL A 121 6.67 -5.82 -4.94
N MET A 122 6.76 -6.79 -5.86
CA MET A 122 5.65 -7.70 -6.11
C MET A 122 5.97 -9.09 -5.57
N ASP A 123 4.99 -9.99 -5.66
CA ASP A 123 5.17 -11.36 -5.18
C ASP A 123 5.47 -11.38 -3.68
N ARG A 124 4.94 -10.40 -2.96
CA ARG A 124 5.16 -10.30 -1.52
C ARG A 124 3.91 -9.79 -0.82
N CYS A 125 3.90 -9.90 0.51
CA CYS A 125 2.77 -9.44 1.31
C CYS A 125 3.14 -9.32 2.78
N PRO A 126 2.68 -8.25 3.42
CA PRO A 126 2.96 -7.99 4.85
C PRO A 126 2.25 -8.98 5.76
N ALA A 127 1.15 -9.54 5.28
CA ALA A 127 0.38 -10.51 6.06
C ALA A 127 1.22 -11.73 6.40
N ILE A 128 2.08 -12.13 5.47
CA ILE A 128 2.94 -13.29 5.67
C ILE A 128 4.34 -12.86 6.11
N GLU A 129 4.69 -11.61 5.82
CA GLU A 129 6.00 -11.08 6.20
C GLU A 129 6.06 -10.77 7.69
N LEU A 130 4.90 -10.46 8.27
CA LEU A 130 4.82 -10.14 9.69
C LEU A 130 5.15 -11.36 10.54
N PRO A 131 4.37 -12.45 10.34
CA PRO A 131 4.56 -13.70 11.08
C PRO A 131 5.85 -14.42 10.69
N ARG A 132 6.51 -13.91 9.66
CA ARG A 132 7.76 -14.50 9.19
C ARG A 132 8.75 -14.69 10.34
N LEU A 133 8.66 -13.80 11.33
CA LEU A 133 9.55 -13.87 12.48
C LEU A 133 8.78 -14.25 13.74
N GLY A 134 7.50 -13.87 13.79
CA GLY A 134 6.68 -14.19 14.94
C GLY A 134 6.38 -12.97 15.79
N LEU A 135 6.32 -11.81 15.16
CA LEU A 135 6.04 -10.56 15.86
C LEU A 135 4.54 -10.33 16.00
N ALA A 136 3.77 -10.92 15.09
CA ALA A 136 2.32 -10.79 15.11
C ALA A 136 1.75 -11.17 16.47
N LYS A 137 0.45 -10.93 16.66
CA LYS A 137 -0.21 -11.25 17.91
C LYS A 137 -0.64 -12.71 17.94
N MET A 1 27.01 -3.05 3.31
CA MET A 1 26.59 -4.38 2.92
C MET A 1 25.17 -4.38 2.37
N LYS A 2 24.34 -3.50 2.92
CA LYS A 2 22.96 -3.39 2.47
C LYS A 2 22.87 -2.89 1.04
N GLU A 3 21.97 -3.47 0.25
CA GLU A 3 21.80 -3.08 -1.14
C GLU A 3 20.43 -2.44 -1.36
N ASN A 4 19.47 -2.80 -0.51
CA ASN A 4 18.12 -2.27 -0.61
C ASN A 4 18.04 -0.89 0.03
N ASP A 5 17.13 -0.06 -0.48
CA ASP A 5 16.95 1.29 0.04
C ASP A 5 15.70 1.36 0.92
N ILE A 6 14.77 0.44 0.69
CA ILE A 6 13.53 0.41 1.45
C ILE A 6 13.80 0.39 2.95
N ALA A 7 14.96 -0.13 3.32
CA ALA A 7 15.36 -0.19 4.73
C ALA A 7 15.30 1.19 5.38
N GLY A 8 15.73 2.20 4.62
CA GLY A 8 15.73 3.56 5.15
C GLY A 8 14.34 4.16 5.16
N ILE A 9 13.52 3.79 4.18
CA ILE A 9 12.16 4.30 4.09
C ILE A 9 11.25 3.65 5.13
N LEU A 10 11.56 2.41 5.48
CA LEU A 10 10.77 1.68 6.47
C LEU A 10 11.23 1.99 7.88
N THR A 11 12.51 2.35 8.01
CA THR A 11 13.08 2.68 9.31
C THR A 11 12.88 4.16 9.64
N SER A 12 12.64 4.97 8.61
CA SER A 12 12.44 6.39 8.80
C SER A 12 10.98 6.70 9.12
N THR A 13 10.11 6.47 8.15
CA THR A 13 8.68 6.71 8.33
C THR A 13 7.85 5.49 7.94
N ARG A 14 6.91 5.11 8.81
CA ARG A 14 6.06 3.96 8.55
C ARG A 14 4.63 4.39 8.25
N THR A 15 4.27 4.34 6.97
CA THR A 15 2.92 4.73 6.54
C THR A 15 2.39 3.79 5.48
N ILE A 16 1.09 3.49 5.56
CA ILE A 16 0.45 2.59 4.61
C ILE A 16 -0.85 3.18 4.08
N ALA A 17 -1.07 3.08 2.78
CA ALA A 17 -2.27 3.59 2.15
C ALA A 17 -2.94 2.54 1.29
N LEU A 18 -4.25 2.37 1.45
CA LEU A 18 -5.00 1.39 0.69
C LEU A 18 -5.69 2.05 -0.51
N VAL A 19 -5.61 1.41 -1.67
CA VAL A 19 -6.23 1.94 -2.88
C VAL A 19 -7.48 1.13 -3.24
N GLY A 20 -8.62 1.82 -3.27
CA GLY A 20 -9.86 1.17 -3.61
C GLY A 20 -10.50 0.49 -2.42
N ALA A 21 -10.58 1.21 -1.30
CA ALA A 21 -11.18 0.66 -0.08
C ALA A 21 -12.69 0.69 -0.15
N SER A 22 -13.32 -0.48 -0.06
CA SER A 22 -14.77 -0.59 -0.11
C SER A 22 -15.31 -1.30 1.13
N ASP A 23 -16.62 -1.54 1.14
CA ASP A 23 -17.26 -2.21 2.26
C ASP A 23 -17.33 -3.71 2.03
N LYS A 24 -16.24 -4.28 1.53
CA LYS A 24 -16.17 -5.72 1.25
C LYS A 24 -15.26 -6.42 2.26
N PRO A 25 -15.83 -6.83 3.39
CA PRO A 25 -15.09 -7.53 4.45
C PRO A 25 -14.67 -8.94 4.03
N ASP A 26 -15.16 -9.37 2.88
CA ASP A 26 -14.84 -10.70 2.36
C ASP A 26 -13.79 -10.62 1.26
N ARG A 27 -13.01 -9.54 1.28
CA ARG A 27 -11.97 -9.35 0.28
C ARG A 27 -10.61 -9.19 0.93
N PRO A 28 -9.54 -9.40 0.15
CA PRO A 28 -8.16 -9.28 0.64
C PRO A 28 -7.77 -7.83 0.94
N SER A 29 -8.53 -6.90 0.38
CA SER A 29 -8.27 -5.48 0.59
C SER A 29 -8.74 -5.03 1.97
N TYR A 30 -9.75 -5.73 2.48
CA TYR A 30 -10.31 -5.40 3.80
C TYR A 30 -9.55 -6.13 4.91
N ARG A 31 -9.31 -7.42 4.69
CA ARG A 31 -8.60 -8.25 5.67
C ARG A 31 -7.27 -7.60 6.04
N VAL A 32 -6.64 -6.93 5.09
CA VAL A 32 -5.37 -6.27 5.32
C VAL A 32 -5.55 -4.96 6.09
N MET A 33 -6.65 -4.26 5.80
CA MET A 33 -6.94 -3.00 6.46
C MET A 33 -7.03 -3.19 7.98
N LYS A 34 -8.00 -4.00 8.40
CA LYS A 34 -8.19 -4.27 9.82
C LYS A 34 -6.98 -5.00 10.42
N TYR A 35 -6.20 -5.64 9.55
CA TYR A 35 -5.02 -6.36 9.98
C TYR A 35 -3.92 -5.40 10.43
N LEU A 36 -3.66 -4.39 9.60
CA LEU A 36 -2.64 -3.40 9.91
C LEU A 36 -3.03 -2.56 11.12
N LEU A 37 -4.30 -2.19 11.19
CA LEU A 37 -4.81 -1.40 12.30
C LEU A 37 -4.65 -2.13 13.62
N ASP A 38 -5.04 -3.40 13.64
CA ASP A 38 -4.94 -4.22 14.84
C ASP A 38 -3.50 -4.27 15.33
N GLN A 39 -2.59 -4.66 14.46
CA GLN A 39 -1.18 -4.76 14.80
C GLN A 39 -0.65 -3.42 15.31
N GLY A 40 -1.30 -2.34 14.90
CA GLY A 40 -0.88 -1.02 15.32
C GLY A 40 -0.15 -0.26 14.23
N TYR A 41 -0.79 -0.14 13.06
CA TYR A 41 -0.20 0.56 11.94
C TYR A 41 -1.12 1.67 11.44
N HIS A 42 -0.58 2.52 10.57
CA HIS A 42 -1.36 3.62 10.02
C HIS A 42 -1.82 3.31 8.59
N VAL A 43 -3.12 3.19 8.42
CA VAL A 43 -3.70 2.88 7.10
C VAL A 43 -4.43 4.10 6.53
N ILE A 44 -4.30 4.28 5.22
CA ILE A 44 -4.95 5.40 4.55
C ILE A 44 -5.75 4.92 3.34
N PRO A 45 -6.94 4.37 3.59
CA PRO A 45 -7.82 3.86 2.53
C PRO A 45 -8.43 4.98 1.70
N VAL A 46 -8.25 4.89 0.38
CA VAL A 46 -8.77 5.90 -0.53
C VAL A 46 -9.75 5.30 -1.52
N SER A 47 -10.97 5.81 -1.53
CA SER A 47 -12.00 5.31 -2.43
C SER A 47 -12.94 6.43 -2.87
N PRO A 48 -13.53 6.28 -4.06
CA PRO A 48 -14.45 7.27 -4.63
C PRO A 48 -15.77 7.34 -3.87
N LYS A 49 -15.97 6.39 -2.95
CA LYS A 49 -17.19 6.34 -2.15
C LYS A 49 -16.93 6.81 -0.73
N VAL A 50 -15.74 6.51 -0.22
CA VAL A 50 -15.35 6.91 1.13
C VAL A 50 -14.94 8.38 1.17
N ALA A 51 -14.87 9.01 0.01
CA ALA A 51 -14.48 10.40 -0.09
C ALA A 51 -15.38 11.29 0.79
N GLY A 52 -14.87 11.66 1.96
CA GLY A 52 -15.63 12.49 2.87
C GLY A 52 -16.28 11.69 3.98
N LYS A 53 -15.74 10.50 4.24
CA LYS A 53 -16.26 9.63 5.29
C LYS A 53 -15.13 9.00 6.09
N THR A 54 -15.49 8.35 7.20
CA THR A 54 -14.50 7.70 8.05
C THR A 54 -14.72 6.19 8.10
N LEU A 55 -13.71 5.44 7.66
CA LEU A 55 -13.79 3.99 7.67
C LEU A 55 -12.84 3.39 8.70
N LEU A 56 -13.41 2.70 9.69
CA LEU A 56 -12.61 2.08 10.74
C LEU A 56 -11.75 3.11 11.47
N GLY A 57 -12.18 4.37 11.40
CA GLY A 57 -11.44 5.43 12.06
C GLY A 57 -10.42 6.08 11.15
N GLN A 58 -10.44 5.69 9.88
CA GLN A 58 -9.50 6.24 8.91
C GLN A 58 -10.20 7.22 7.96
N GLN A 59 -9.58 8.36 7.75
CA GLN A 59 -10.15 9.39 6.87
C GLN A 59 -10.30 8.86 5.44
N GLY A 60 -11.39 9.25 4.79
CA GLY A 60 -11.62 8.80 3.42
C GLY A 60 -11.22 9.84 2.40
N TYR A 61 -10.92 9.38 1.18
CA TYR A 61 -10.52 10.28 0.10
C TYR A 61 -10.98 9.74 -1.25
N ALA A 62 -11.46 10.64 -2.09
CA ALA A 62 -11.93 10.26 -3.42
C ALA A 62 -10.77 9.81 -4.31
N THR A 63 -9.58 10.32 -4.01
CA THR A 63 -8.38 9.98 -4.78
C THR A 63 -7.12 10.29 -3.99
N LEU A 64 -6.05 9.55 -4.28
CA LEU A 64 -4.77 9.75 -3.59
C LEU A 64 -4.20 11.12 -3.91
N ALA A 65 -4.73 11.75 -4.96
CA ALA A 65 -4.27 13.06 -5.37
C ALA A 65 -5.07 14.17 -4.68
N ASP A 66 -5.85 13.78 -3.67
CA ASP A 66 -6.67 14.74 -2.94
C ASP A 66 -6.17 14.87 -1.49
N VAL A 67 -5.44 13.87 -1.04
CA VAL A 67 -4.91 13.87 0.33
C VAL A 67 -3.61 14.68 0.41
N PRO A 68 -3.52 15.55 1.42
CA PRO A 68 -2.35 16.39 1.64
C PRO A 68 -1.13 15.59 2.09
N GLU A 69 -1.35 14.64 3.00
CA GLU A 69 -0.27 13.81 3.51
C GLU A 69 0.23 12.86 2.43
N LYS A 70 1.51 12.48 2.53
CA LYS A 70 2.12 11.58 1.56
C LYS A 70 2.20 10.16 2.13
N VAL A 71 2.02 9.17 1.26
CA VAL A 71 2.08 7.77 1.68
C VAL A 71 3.50 7.22 1.54
N ASP A 72 3.88 6.35 2.46
CA ASP A 72 5.22 5.75 2.44
C ASP A 72 5.19 4.43 1.68
N MET A 73 4.11 3.68 1.83
CA MET A 73 3.97 2.39 1.16
C MET A 73 2.54 2.19 0.67
N VAL A 74 2.38 2.14 -0.65
CA VAL A 74 1.07 1.96 -1.25
C VAL A 74 0.67 0.48 -1.25
N ASP A 75 -0.28 0.13 -0.38
CA ASP A 75 -0.75 -1.24 -0.28
C ASP A 75 -1.75 -1.55 -1.38
N VAL A 76 -1.28 -2.22 -2.43
CA VAL A 76 -2.13 -2.59 -3.56
C VAL A 76 -2.65 -4.01 -3.41
N PHE A 77 -3.95 -4.13 -3.11
CA PHE A 77 -4.56 -5.45 -2.94
C PHE A 77 -5.70 -5.63 -3.94
N ARG A 78 -6.05 -4.56 -4.64
CA ARG A 78 -7.13 -4.60 -5.62
C ARG A 78 -6.91 -5.75 -6.60
N ASN A 79 -5.92 -5.60 -7.46
CA ASN A 79 -5.60 -6.62 -8.45
C ASN A 79 -4.34 -6.27 -9.22
N SER A 80 -3.94 -7.15 -10.14
CA SER A 80 -2.75 -6.93 -10.94
C SER A 80 -2.94 -5.77 -11.91
N GLU A 81 -4.01 -5.83 -12.69
CA GLU A 81 -4.32 -4.79 -13.65
C GLU A 81 -4.36 -3.42 -12.98
N ALA A 82 -4.87 -3.39 -11.75
CA ALA A 82 -4.97 -2.15 -11.00
C ALA A 82 -3.60 -1.67 -10.53
N ALA A 83 -2.69 -2.62 -10.32
CA ALA A 83 -1.34 -2.30 -9.88
C ALA A 83 -0.71 -1.24 -10.77
N TRP A 84 -0.91 -1.38 -12.09
CA TRP A 84 -0.36 -0.43 -13.05
C TRP A 84 -0.94 0.97 -12.83
N GLY A 85 -2.27 1.04 -12.85
CA GLY A 85 -2.94 2.32 -12.66
C GLY A 85 -2.50 3.03 -11.40
N VAL A 86 -2.30 2.26 -10.33
CA VAL A 86 -1.88 2.81 -9.05
C VAL A 86 -0.39 3.17 -9.07
N ALA A 87 0.39 2.38 -9.79
CA ALA A 87 1.83 2.60 -9.90
C ALA A 87 2.12 3.97 -10.49
N GLN A 88 1.54 4.24 -11.67
CA GLN A 88 1.74 5.51 -12.34
C GLN A 88 1.28 6.67 -11.47
N GLU A 89 0.14 6.49 -10.82
CA GLU A 89 -0.42 7.53 -9.95
C GLU A 89 0.54 7.89 -8.84
N ALA A 90 1.13 6.87 -8.21
CA ALA A 90 2.08 7.07 -7.12
C ALA A 90 3.29 7.88 -7.61
N ILE A 91 3.73 7.59 -8.82
CA ILE A 91 4.88 8.28 -9.39
C ILE A 91 4.55 9.74 -9.70
N ALA A 92 3.27 10.01 -9.97
CA ALA A 92 2.82 11.35 -10.27
C ALA A 92 2.77 12.21 -9.01
N ILE A 93 2.31 11.60 -7.91
CA ILE A 93 2.21 12.31 -6.64
C ILE A 93 3.55 12.33 -5.91
N GLY A 94 4.37 11.33 -6.17
CA GLY A 94 5.68 11.26 -5.54
C GLY A 94 5.68 10.34 -4.33
N ALA A 95 5.33 9.08 -4.54
CA ALA A 95 5.30 8.10 -3.46
C ALA A 95 6.71 7.76 -2.98
N LYS A 96 6.81 6.73 -2.15
CA LYS A 96 8.10 6.31 -1.61
C LYS A 96 8.29 4.80 -1.79
N THR A 97 7.21 4.05 -1.57
CA THR A 97 7.26 2.59 -1.71
C THR A 97 5.97 2.05 -2.32
N LEU A 98 6.06 0.86 -2.89
CA LEU A 98 4.89 0.23 -3.52
C LEU A 98 4.86 -1.27 -3.22
N TRP A 99 3.77 -1.72 -2.61
CA TRP A 99 3.63 -3.13 -2.27
C TRP A 99 2.39 -3.72 -2.94
N LEU A 100 2.58 -4.82 -3.66
CA LEU A 100 1.47 -5.47 -4.36
C LEU A 100 0.98 -6.68 -3.56
N GLN A 101 0.03 -7.41 -4.15
CA GLN A 101 -0.53 -8.59 -3.49
C GLN A 101 0.32 -9.83 -3.77
N LEU A 102 0.58 -10.61 -2.74
CA LEU A 102 1.38 -11.82 -2.86
C LEU A 102 0.87 -12.70 -3.99
N GLY A 103 1.76 -13.03 -4.93
CA GLY A 103 1.37 -13.86 -6.05
C GLY A 103 1.10 -13.06 -7.31
N VAL A 104 1.62 -11.83 -7.34
CA VAL A 104 1.42 -10.96 -8.50
C VAL A 104 2.74 -10.65 -9.19
N ILE A 105 2.69 -10.52 -10.50
CA ILE A 105 3.89 -10.22 -11.29
C ILE A 105 3.57 -9.29 -12.45
N ASN A 106 3.90 -8.01 -12.28
CA ASN A 106 3.64 -7.01 -13.33
C ASN A 106 4.95 -6.35 -13.76
N GLU A 107 5.58 -6.93 -14.78
CA GLU A 107 6.83 -6.39 -15.29
C GLU A 107 6.69 -4.91 -15.64
N GLN A 108 5.50 -4.52 -16.07
CA GLN A 108 5.23 -3.13 -16.43
C GLN A 108 5.23 -2.24 -15.19
N ALA A 109 4.43 -2.61 -14.20
CA ALA A 109 4.33 -1.84 -12.96
C ALA A 109 5.71 -1.67 -12.33
N ALA A 110 6.60 -2.62 -12.57
CA ALA A 110 7.95 -2.57 -12.02
C ALA A 110 8.79 -1.53 -12.74
N VAL A 111 8.53 -1.34 -14.04
CA VAL A 111 9.27 -0.38 -14.84
C VAL A 111 8.87 1.06 -14.48
N LEU A 112 7.57 1.28 -14.32
CA LEU A 112 7.05 2.60 -13.98
C LEU A 112 7.77 3.17 -12.76
N ALA A 113 7.78 2.40 -11.68
CA ALA A 113 8.44 2.82 -10.44
C ALA A 113 9.94 2.95 -10.65
N ARG A 114 10.50 2.08 -11.48
CA ARG A 114 11.94 2.10 -11.76
C ARG A 114 12.33 3.37 -12.52
N GLU A 115 11.41 3.86 -13.34
CA GLU A 115 11.66 5.07 -14.12
C GLU A 115 11.85 6.28 -13.21
N ALA A 116 10.94 6.44 -12.26
CA ALA A 116 11.01 7.55 -11.32
C ALA A 116 12.01 7.28 -10.21
N GLY A 117 12.26 6.00 -9.94
CA GLY A 117 13.19 5.62 -8.90
C GLY A 117 12.49 5.05 -7.67
N LEU A 118 11.16 5.09 -7.69
CA LEU A 118 10.37 4.58 -6.57
C LEU A 118 10.79 3.17 -6.21
N SER A 119 10.41 2.72 -5.01
CA SER A 119 10.74 1.37 -4.55
C SER A 119 9.55 0.44 -4.68
N VAL A 120 9.50 -0.29 -5.78
CA VAL A 120 8.41 -1.23 -6.03
C VAL A 120 8.74 -2.62 -5.50
N VAL A 121 7.74 -3.31 -4.97
CA VAL A 121 7.93 -4.66 -4.43
C VAL A 121 6.71 -5.53 -4.68
N MET A 122 6.86 -6.49 -5.58
CA MET A 122 5.76 -7.40 -5.91
C MET A 122 6.01 -8.78 -5.33
N ASP A 123 5.04 -9.68 -5.51
CA ASP A 123 5.15 -11.04 -5.00
C ASP A 123 5.50 -11.04 -3.51
N ARG A 124 4.98 -10.06 -2.79
CA ARG A 124 5.23 -9.94 -1.36
C ARG A 124 3.99 -9.41 -0.63
N CYS A 125 3.94 -9.66 0.68
CA CYS A 125 2.81 -9.20 1.49
C CYS A 125 3.20 -9.11 2.96
N PRO A 126 2.85 -8.00 3.61
CA PRO A 126 3.16 -7.76 5.01
C PRO A 126 2.34 -8.67 5.94
N ALA A 127 1.28 -9.26 5.40
CA ALA A 127 0.42 -10.15 6.17
C ALA A 127 1.20 -11.37 6.65
N ILE A 128 1.99 -11.95 5.76
CA ILE A 128 2.78 -13.13 6.09
C ILE A 128 4.22 -12.75 6.42
N GLU A 129 4.62 -11.55 6.00
CA GLU A 129 5.97 -11.07 6.27
C GLU A 129 6.14 -10.67 7.74
N LEU A 130 5.04 -10.27 8.36
CA LEU A 130 5.06 -9.85 9.76
C LEU A 130 5.31 -11.06 10.67
N PRO A 131 4.44 -12.06 10.58
CA PRO A 131 4.55 -13.29 11.38
C PRO A 131 5.74 -14.14 10.97
N ARG A 132 6.40 -13.76 9.88
CA ARG A 132 7.56 -14.50 9.39
C ARG A 132 8.58 -14.71 10.50
N LEU A 133 8.62 -13.77 11.44
CA LEU A 133 9.56 -13.85 12.56
C LEU A 133 8.96 -14.63 13.72
N GLY A 134 7.63 -14.55 13.85
CA GLY A 134 6.95 -15.26 14.93
C GLY A 134 6.73 -14.39 16.14
N LEU A 135 6.48 -13.11 15.91
CA LEU A 135 6.24 -12.16 17.00
C LEU A 135 4.82 -11.63 16.96
N ALA A 136 4.24 -11.60 15.76
CA ALA A 136 2.87 -11.11 15.58
C ALA A 136 1.91 -11.80 16.54
N LYS A 137 0.85 -11.10 16.92
CA LYS A 137 -0.15 -11.66 17.83
C LYS A 137 -0.84 -12.86 17.21
N MET A 1 20.90 -6.88 4.35
CA MET A 1 21.56 -7.98 3.66
C MET A 1 21.71 -7.68 2.17
N LYS A 2 20.69 -7.04 1.60
CA LYS A 2 20.70 -6.69 0.18
C LYS A 2 20.77 -5.19 -0.01
N GLU A 3 21.31 -4.77 -1.15
CA GLU A 3 21.43 -3.34 -1.45
C GLU A 3 20.10 -2.77 -1.93
N ASN A 4 19.53 -1.88 -1.14
CA ASN A 4 18.25 -1.25 -1.47
C ASN A 4 18.14 0.14 -0.86
N ASP A 5 17.03 0.81 -1.13
CA ASP A 5 16.80 2.16 -0.60
C ASP A 5 15.61 2.17 0.35
N ILE A 6 14.73 1.19 0.21
CA ILE A 6 13.55 1.08 1.05
C ILE A 6 13.94 1.12 2.54
N ALA A 7 15.16 0.68 2.83
CA ALA A 7 15.64 0.66 4.21
C ALA A 7 15.55 2.05 4.84
N GLY A 8 15.81 3.08 4.03
CA GLY A 8 15.75 4.45 4.52
C GLY A 8 14.32 4.94 4.68
N ILE A 9 13.45 4.50 3.78
CA ILE A 9 12.05 4.91 3.82
C ILE A 9 11.29 4.18 4.93
N LEU A 10 11.73 2.97 5.24
CA LEU A 10 11.09 2.18 6.29
C LEU A 10 11.67 2.52 7.66
N THR A 11 12.91 2.98 7.67
CA THR A 11 13.58 3.35 8.91
C THR A 11 13.30 4.81 9.28
N SER A 12 12.92 5.60 8.28
CA SER A 12 12.62 7.01 8.50
C SER A 12 11.18 7.20 8.97
N THR A 13 10.24 6.90 8.09
CA THR A 13 8.82 7.03 8.42
C THR A 13 8.06 5.74 8.11
N ARG A 14 7.09 5.43 8.95
CA ARG A 14 6.28 4.22 8.77
C ARG A 14 4.82 4.58 8.52
N THR A 15 4.40 4.47 7.26
CA THR A 15 3.02 4.79 6.89
C THR A 15 2.49 3.79 5.87
N ILE A 16 1.21 3.45 5.99
CA ILE A 16 0.57 2.51 5.08
C ILE A 16 -0.73 3.07 4.53
N ALA A 17 -0.79 3.23 3.21
CA ALA A 17 -1.98 3.75 2.56
C ALA A 17 -2.65 2.69 1.69
N LEU A 18 -3.93 2.44 1.94
CA LEU A 18 -4.67 1.44 1.18
C LEU A 18 -5.42 2.09 0.02
N VAL A 19 -5.34 1.46 -1.15
CA VAL A 19 -6.01 1.97 -2.34
C VAL A 19 -7.23 1.11 -2.70
N GLY A 20 -8.41 1.72 -2.65
CA GLY A 20 -9.62 1.00 -2.98
C GLY A 20 -10.22 0.30 -1.78
N ALA A 21 -10.82 1.07 -0.88
CA ALA A 21 -11.44 0.52 0.32
C ALA A 21 -12.96 0.60 0.25
N SER A 22 -13.63 -0.28 0.98
CA SER A 22 -15.09 -0.30 0.99
C SER A 22 -15.61 -1.22 2.11
N ASP A 23 -16.91 -1.48 2.09
CA ASP A 23 -17.53 -2.34 3.10
C ASP A 23 -17.62 -3.78 2.59
N LYS A 24 -16.54 -4.26 2.00
CA LYS A 24 -16.50 -5.63 1.48
C LYS A 24 -15.57 -6.50 2.31
N PRO A 25 -16.09 -7.03 3.43
CA PRO A 25 -15.33 -7.89 4.34
C PRO A 25 -15.02 -9.25 3.72
N ASP A 26 -15.59 -9.50 2.54
CA ASP A 26 -15.37 -10.77 1.84
C ASP A 26 -14.26 -10.63 0.80
N ARG A 27 -13.38 -9.66 1.00
CA ARG A 27 -12.27 -9.42 0.07
C ARG A 27 -10.95 -9.28 0.83
N PRO A 28 -9.84 -9.48 0.11
CA PRO A 28 -8.50 -9.38 0.69
C PRO A 28 -8.12 -7.95 1.04
N SER A 29 -8.89 -6.99 0.52
CA SER A 29 -8.63 -5.59 0.79
C SER A 29 -9.12 -5.20 2.19
N TYR A 30 -10.10 -5.94 2.69
CA TYR A 30 -10.65 -5.66 4.01
C TYR A 30 -9.87 -6.40 5.09
N ARG A 31 -9.59 -7.68 4.85
CA ARG A 31 -8.85 -8.50 5.80
C ARG A 31 -7.53 -7.84 6.17
N VAL A 32 -6.93 -7.14 5.20
CA VAL A 32 -5.66 -6.45 5.42
C VAL A 32 -5.87 -5.16 6.20
N MET A 33 -6.97 -4.48 5.93
CA MET A 33 -7.28 -3.22 6.60
C MET A 33 -7.35 -3.42 8.11
N LYS A 34 -8.29 -4.24 8.56
CA LYS A 34 -8.46 -4.51 9.98
C LYS A 34 -7.19 -5.15 10.56
N TYR A 35 -6.38 -5.75 9.70
CA TYR A 35 -5.14 -6.38 10.13
C TYR A 35 -4.12 -5.34 10.56
N LEU A 36 -3.88 -4.36 9.70
CA LEU A 36 -2.93 -3.30 9.99
C LEU A 36 -3.37 -2.47 11.20
N LEU A 37 -4.68 -2.28 11.32
CA LEU A 37 -5.24 -1.52 12.42
C LEU A 37 -5.15 -2.29 13.73
N ASP A 38 -5.37 -3.60 13.64
CA ASP A 38 -5.32 -4.47 14.82
C ASP A 38 -3.91 -4.51 15.40
N GLN A 39 -2.94 -4.87 14.57
CA GLN A 39 -1.56 -4.96 14.99
C GLN A 39 -1.06 -3.61 15.50
N GLY A 40 -1.68 -2.54 15.01
CA GLY A 40 -1.29 -1.20 15.43
C GLY A 40 -0.42 -0.50 14.40
N TYR A 41 -1.02 -0.12 13.27
CA TYR A 41 -0.30 0.55 12.21
C TYR A 41 -1.09 1.73 11.65
N HIS A 42 -0.44 2.54 10.84
CA HIS A 42 -1.09 3.71 10.25
C HIS A 42 -1.73 3.35 8.91
N VAL A 43 -3.05 3.20 8.91
CA VAL A 43 -3.78 2.85 7.69
C VAL A 43 -4.43 4.09 7.08
N ILE A 44 -4.20 4.27 5.78
CA ILE A 44 -4.76 5.41 5.06
C ILE A 44 -5.49 4.97 3.80
N PRO A 45 -6.73 4.48 3.96
CA PRO A 45 -7.56 4.01 2.84
C PRO A 45 -8.02 5.15 1.95
N VAL A 46 -8.20 4.86 0.66
CA VAL A 46 -8.65 5.86 -0.29
C VAL A 46 -9.63 5.27 -1.29
N SER A 47 -10.83 5.83 -1.35
CA SER A 47 -11.85 5.36 -2.27
C SER A 47 -12.73 6.51 -2.75
N PRO A 48 -13.28 6.36 -3.97
CA PRO A 48 -14.15 7.38 -4.57
C PRO A 48 -15.49 7.50 -3.86
N LYS A 49 -15.78 6.55 -2.99
CA LYS A 49 -17.03 6.54 -2.25
C LYS A 49 -16.80 6.92 -0.79
N VAL A 50 -15.59 6.65 -0.29
CA VAL A 50 -15.23 6.96 1.08
C VAL A 50 -14.67 8.38 1.20
N ALA A 51 -14.82 9.15 0.12
CA ALA A 51 -14.33 10.54 0.11
C ALA A 51 -15.16 11.42 1.03
N GLY A 52 -14.83 11.40 2.32
CA GLY A 52 -15.55 12.20 3.28
C GLY A 52 -16.08 11.39 4.45
N LYS A 53 -15.77 10.09 4.44
CA LYS A 53 -16.21 9.19 5.50
C LYS A 53 -15.03 8.52 6.19
N THR A 54 -15.25 8.04 7.42
CA THR A 54 -14.21 7.39 8.18
C THR A 54 -14.40 5.87 8.20
N LEU A 55 -13.52 5.15 7.53
CA LEU A 55 -13.59 3.69 7.48
C LEU A 55 -12.81 3.06 8.62
N LEU A 56 -13.52 2.47 9.58
CA LEU A 56 -12.89 1.83 10.72
C LEU A 56 -12.05 2.83 11.51
N GLY A 57 -12.35 4.11 11.33
CA GLY A 57 -11.63 5.14 12.04
C GLY A 57 -10.61 5.85 11.15
N GLN A 58 -10.40 5.31 9.95
CA GLN A 58 -9.45 5.90 9.02
C GLN A 58 -10.16 6.83 8.05
N GLN A 59 -9.70 8.08 7.99
CA GLN A 59 -10.30 9.07 7.11
C GLN A 59 -10.17 8.64 5.65
N GLY A 60 -11.30 8.67 4.92
CA GLY A 60 -11.29 8.27 3.53
C GLY A 60 -10.93 9.43 2.61
N TYR A 61 -10.75 9.12 1.33
CA TYR A 61 -10.40 10.13 0.34
C TYR A 61 -10.80 9.68 -1.07
N ALA A 62 -11.39 10.61 -1.83
CA ALA A 62 -11.81 10.32 -3.18
C ALA A 62 -10.64 9.83 -4.04
N THR A 63 -9.44 10.23 -3.66
CA THR A 63 -8.23 9.83 -4.39
C THR A 63 -6.97 10.27 -3.64
N LEU A 64 -5.85 9.68 -4.04
CA LEU A 64 -4.56 10.01 -3.41
C LEU A 64 -4.18 11.46 -3.65
N ALA A 65 -4.86 12.09 -4.62
CA ALA A 65 -4.59 13.49 -4.95
C ALA A 65 -5.51 14.42 -4.16
N ASP A 66 -6.19 13.86 -3.15
CA ASP A 66 -7.09 14.65 -2.33
C ASP A 66 -6.55 14.78 -0.90
N VAL A 67 -5.65 13.87 -0.53
CA VAL A 67 -5.05 13.88 0.80
C VAL A 67 -3.85 14.80 0.85
N PRO A 68 -3.78 15.66 1.89
CA PRO A 68 -2.68 16.60 2.08
C PRO A 68 -1.38 15.90 2.45
N GLU A 69 -1.46 14.92 3.34
CA GLU A 69 -0.29 14.18 3.78
C GLU A 69 0.19 13.23 2.69
N LYS A 70 1.49 12.95 2.69
CA LYS A 70 2.08 12.05 1.71
C LYS A 70 2.32 10.67 2.29
N VAL A 71 1.93 9.64 1.56
CA VAL A 71 2.10 8.26 2.01
C VAL A 71 3.55 7.83 1.90
N ASP A 72 4.00 7.03 2.85
CA ASP A 72 5.38 6.54 2.87
C ASP A 72 5.47 5.17 2.21
N MET A 73 4.43 4.36 2.38
CA MET A 73 4.40 3.03 1.79
C MET A 73 3.02 2.71 1.23
N VAL A 74 2.92 2.60 -0.10
CA VAL A 74 1.66 2.31 -0.76
C VAL A 74 1.45 0.80 -0.89
N ASP A 75 0.33 0.32 -0.35
CA ASP A 75 0.02 -1.11 -0.41
C ASP A 75 -1.17 -1.35 -1.33
N VAL A 76 -0.96 -2.17 -2.37
CA VAL A 76 -2.01 -2.49 -3.32
C VAL A 76 -2.50 -3.92 -3.14
N PHE A 77 -3.77 -4.06 -2.77
CA PHE A 77 -4.36 -5.39 -2.56
C PHE A 77 -5.54 -5.61 -3.50
N ARG A 78 -5.95 -4.54 -4.19
CA ARG A 78 -7.07 -4.62 -5.11
C ARG A 78 -6.89 -5.78 -6.09
N ASN A 79 -5.99 -5.60 -7.05
CA ASN A 79 -5.71 -6.63 -8.05
C ASN A 79 -4.31 -6.46 -8.63
N SER A 80 -3.96 -7.36 -9.55
CA SER A 80 -2.65 -7.31 -10.18
C SER A 80 -2.56 -6.16 -11.18
N GLU A 81 -3.48 -6.16 -12.15
CA GLU A 81 -3.51 -5.11 -13.16
C GLU A 81 -3.57 -3.72 -12.53
N ALA A 82 -4.17 -3.66 -11.34
CA ALA A 82 -4.29 -2.40 -10.62
C ALA A 82 -2.92 -1.85 -10.22
N ALA A 83 -1.95 -2.76 -10.05
CA ALA A 83 -0.60 -2.37 -9.67
C ALA A 83 -0.06 -1.30 -10.60
N TRP A 84 -0.30 -1.47 -11.90
CA TRP A 84 0.17 -0.51 -12.90
C TRP A 84 -0.52 0.84 -12.73
N GLY A 85 -1.85 0.82 -12.71
CA GLY A 85 -2.60 2.05 -12.56
C GLY A 85 -2.23 2.81 -11.31
N VAL A 86 -2.00 2.08 -10.22
CA VAL A 86 -1.63 2.70 -8.95
C VAL A 86 -0.17 3.16 -8.97
N ALA A 87 0.67 2.39 -9.63
CA ALA A 87 2.09 2.71 -9.73
C ALA A 87 2.30 4.09 -10.34
N GLN A 88 1.72 4.31 -11.52
CA GLN A 88 1.84 5.58 -12.21
C GLN A 88 1.29 6.72 -11.35
N GLU A 89 0.15 6.47 -10.70
CA GLU A 89 -0.48 7.47 -9.85
C GLU A 89 0.45 7.88 -8.71
N ALA A 90 1.04 6.89 -8.05
CA ALA A 90 1.95 7.13 -6.95
C ALA A 90 3.18 7.90 -7.40
N ILE A 91 3.81 7.41 -8.47
CA ILE A 91 5.00 8.06 -9.01
C ILE A 91 4.69 9.48 -9.50
N ALA A 92 3.47 9.67 -9.99
CA ALA A 92 3.05 10.98 -10.48
C ALA A 92 3.04 12.01 -9.36
N ILE A 93 2.39 11.67 -8.25
CA ILE A 93 2.32 12.57 -7.11
C ILE A 93 3.65 12.63 -6.37
N GLY A 94 4.39 11.52 -6.40
CA GLY A 94 5.67 11.48 -5.73
C GLY A 94 5.67 10.53 -4.54
N ALA A 95 5.39 9.26 -4.80
CA ALA A 95 5.36 8.26 -3.74
C ALA A 95 6.76 7.98 -3.20
N LYS A 96 6.85 7.10 -2.21
CA LYS A 96 8.13 6.75 -1.60
C LYS A 96 8.38 5.26 -1.72
N THR A 97 7.32 4.46 -1.63
CA THR A 97 7.43 3.02 -1.73
C THR A 97 6.18 2.41 -2.35
N LEU A 98 6.33 1.21 -2.91
CA LEU A 98 5.21 0.51 -3.53
C LEU A 98 5.22 -0.98 -3.19
N TRP A 99 4.07 -1.49 -2.79
CA TRP A 99 3.94 -2.91 -2.43
C TRP A 99 2.77 -3.55 -3.15
N LEU A 100 2.95 -4.80 -3.55
CA LEU A 100 1.89 -5.54 -4.25
C LEU A 100 1.48 -6.77 -3.47
N GLN A 101 0.62 -7.59 -4.08
CA GLN A 101 0.15 -8.81 -3.43
C GLN A 101 1.17 -9.93 -3.56
N LEU A 102 0.95 -11.02 -2.84
CA LEU A 102 1.86 -12.16 -2.88
C LEU A 102 1.49 -13.11 -4.02
N GLY A 103 2.49 -13.52 -4.79
CA GLY A 103 2.25 -14.43 -5.90
C GLY A 103 2.07 -13.70 -7.22
N VAL A 104 1.90 -12.39 -7.14
CA VAL A 104 1.71 -11.56 -8.33
C VAL A 104 3.05 -11.07 -8.88
N ILE A 105 3.18 -11.05 -10.20
CA ILE A 105 4.41 -10.59 -10.84
C ILE A 105 4.10 -9.66 -12.01
N ASN A 106 4.34 -8.36 -11.80
CA ASN A 106 4.08 -7.38 -12.84
C ASN A 106 5.39 -6.71 -13.28
N GLU A 107 6.03 -7.29 -14.29
CA GLU A 107 7.29 -6.76 -14.81
C GLU A 107 7.10 -5.35 -15.34
N GLN A 108 5.94 -5.09 -15.94
CA GLN A 108 5.64 -3.78 -16.49
C GLN A 108 5.58 -2.72 -15.38
N ALA A 109 4.97 -3.09 -14.26
CA ALA A 109 4.84 -2.19 -13.12
C ALA A 109 6.19 -1.95 -12.45
N ALA A 110 7.07 -2.95 -12.52
CA ALA A 110 8.39 -2.85 -11.92
C ALA A 110 9.26 -1.86 -12.69
N VAL A 111 9.07 -1.80 -14.00
CA VAL A 111 9.84 -0.90 -14.85
C VAL A 111 9.35 0.54 -14.70
N LEU A 112 8.04 0.72 -14.73
CA LEU A 112 7.43 2.04 -14.61
C LEU A 112 7.97 2.76 -13.37
N ALA A 113 8.22 2.00 -12.32
CA ALA A 113 8.73 2.57 -11.07
C ALA A 113 10.26 2.67 -11.11
N ARG A 114 10.90 1.75 -11.83
CA ARG A 114 12.35 1.74 -11.94
C ARG A 114 12.84 2.93 -12.75
N GLU A 115 12.04 3.35 -13.73
CA GLU A 115 12.40 4.48 -14.57
C GLU A 115 12.37 5.79 -13.78
N ALA A 116 11.43 5.88 -12.84
CA ALA A 116 11.30 7.07 -12.02
C ALA A 116 12.18 6.98 -10.77
N GLY A 117 12.50 5.75 -10.37
CA GLY A 117 13.33 5.56 -9.20
C GLY A 117 12.56 4.98 -8.03
N LEU A 118 11.23 4.96 -8.15
CA LEU A 118 10.38 4.44 -7.09
C LEU A 118 10.82 3.05 -6.67
N SER A 119 10.41 2.63 -5.47
CA SER A 119 10.77 1.33 -4.94
C SER A 119 9.60 0.36 -5.03
N VAL A 120 9.55 -0.42 -6.11
CA VAL A 120 8.48 -1.39 -6.32
C VAL A 120 8.85 -2.75 -5.75
N VAL A 121 7.93 -3.36 -5.02
CA VAL A 121 8.16 -4.68 -4.44
C VAL A 121 6.94 -5.57 -4.58
N MET A 122 7.05 -6.57 -5.46
CA MET A 122 5.95 -7.50 -5.70
C MET A 122 6.25 -8.87 -5.10
N ASP A 123 5.34 -9.80 -5.28
CA ASP A 123 5.51 -11.16 -4.75
C ASP A 123 5.82 -11.12 -3.26
N ARG A 124 5.25 -10.16 -2.56
CA ARG A 124 5.46 -10.01 -1.12
C ARG A 124 4.23 -9.45 -0.43
N CYS A 125 3.90 -10.01 0.73
CA CYS A 125 2.74 -9.58 1.48
C CYS A 125 3.12 -9.21 2.91
N PRO A 126 2.70 -8.01 3.35
CA PRO A 126 2.99 -7.51 4.69
C PRO A 126 2.24 -8.28 5.77
N ALA A 127 1.23 -9.03 5.36
CA ALA A 127 0.43 -9.81 6.29
C ALA A 127 1.25 -10.93 6.92
N ILE A 128 2.07 -11.59 6.11
CA ILE A 128 2.91 -12.68 6.59
C ILE A 128 4.33 -12.19 6.86
N GLU A 129 4.69 -11.05 6.29
CA GLU A 129 6.01 -10.48 6.48
C GLU A 129 6.17 -9.96 7.90
N LEU A 130 5.19 -9.19 8.36
CA LEU A 130 5.23 -8.63 9.70
C LEU A 130 5.53 -9.71 10.74
N PRO A 131 4.70 -10.75 10.77
CA PRO A 131 4.85 -11.87 11.70
C PRO A 131 6.07 -12.72 11.38
N ARG A 132 6.74 -12.41 10.28
CA ARG A 132 7.92 -13.14 9.87
C ARG A 132 9.14 -12.71 10.67
N LEU A 133 9.21 -11.42 10.98
CA LEU A 133 10.33 -10.88 11.74
C LEU A 133 9.87 -10.39 13.11
N GLY A 134 8.62 -9.92 13.18
CA GLY A 134 8.09 -9.43 14.43
C GLY A 134 7.28 -10.49 15.17
N LEU A 135 6.78 -11.47 14.43
CA LEU A 135 5.99 -12.54 15.02
C LEU A 135 4.70 -12.01 15.62
N ALA A 136 4.22 -10.89 15.07
CA ALA A 136 2.99 -10.28 15.55
C ALA A 136 1.86 -11.30 15.62
N LYS A 137 0.76 -10.91 16.27
CA LYS A 137 -0.39 -11.79 16.41
C LYS A 137 -0.91 -12.24 15.05
N MET A 1 23.16 7.41 7.38
CA MET A 1 22.28 6.36 6.91
C MET A 1 22.27 6.29 5.38
N LYS A 2 22.01 5.10 4.84
CA LYS A 2 21.98 4.91 3.40
C LYS A 2 20.66 5.40 2.82
N GLU A 3 19.55 4.93 3.38
CA GLU A 3 18.22 5.32 2.92
C GLU A 3 18.05 5.01 1.44
N ASN A 4 18.79 4.01 0.95
CA ASN A 4 18.72 3.61 -0.44
C ASN A 4 17.74 2.46 -0.63
N ASP A 5 18.07 1.30 -0.06
CA ASP A 5 17.22 0.12 -0.16
C ASP A 5 15.99 0.27 0.72
N ILE A 6 14.99 -0.58 0.47
CA ILE A 6 13.76 -0.55 1.25
C ILE A 6 14.05 -0.63 2.75
N ALA A 7 15.16 -1.25 3.09
CA ALA A 7 15.56 -1.40 4.48
C ALA A 7 15.62 -0.04 5.19
N GLY A 8 16.07 0.97 4.46
CA GLY A 8 16.17 2.31 5.03
C GLY A 8 14.81 2.99 5.12
N ILE A 9 13.95 2.72 4.15
CA ILE A 9 12.62 3.33 4.13
C ILE A 9 11.69 2.66 5.15
N LEU A 10 11.94 1.39 5.41
CA LEU A 10 11.14 0.64 6.37
C LEU A 10 11.66 0.83 7.79
N THR A 11 12.95 1.12 7.92
CA THR A 11 13.57 1.34 9.22
C THR A 11 13.46 2.80 9.63
N SER A 12 13.27 3.67 8.66
CA SER A 12 13.15 5.11 8.93
C SER A 12 11.72 5.47 9.34
N THR A 13 10.80 5.34 8.38
CA THR A 13 9.39 5.66 8.63
C THR A 13 8.50 4.50 8.20
N ARG A 14 7.46 4.26 9.00
CA ARG A 14 6.51 3.18 8.70
C ARG A 14 5.13 3.73 8.40
N THR A 15 4.77 3.76 7.12
CA THR A 15 3.47 4.27 6.70
C THR A 15 2.87 3.41 5.60
N ILE A 16 1.65 2.93 5.81
CA ILE A 16 0.97 2.10 4.84
C ILE A 16 -0.28 2.79 4.30
N ALA A 17 -0.46 2.74 2.98
CA ALA A 17 -1.60 3.36 2.34
C ALA A 17 -2.37 2.36 1.48
N LEU A 18 -3.67 2.25 1.71
CA LEU A 18 -4.51 1.32 0.95
C LEU A 18 -5.19 2.03 -0.21
N VAL A 19 -4.92 1.55 -1.43
CA VAL A 19 -5.51 2.13 -2.63
C VAL A 19 -6.83 1.47 -2.97
N GLY A 20 -7.91 2.23 -2.88
CA GLY A 20 -9.23 1.69 -3.19
C GLY A 20 -9.82 0.91 -2.03
N ALA A 21 -10.12 1.61 -0.93
CA ALA A 21 -10.68 0.98 0.24
C ALA A 21 -12.17 1.32 0.39
N SER A 22 -13.02 0.34 0.11
CA SER A 22 -14.47 0.54 0.20
C SER A 22 -15.04 -0.18 1.42
N ASP A 23 -16.37 -0.27 1.48
CA ASP A 23 -17.04 -0.93 2.59
C ASP A 23 -17.29 -2.40 2.27
N LYS A 24 -16.29 -3.06 1.69
CA LYS A 24 -16.41 -4.46 1.32
C LYS A 24 -15.53 -5.33 2.22
N PRO A 25 -16.06 -5.69 3.41
CA PRO A 25 -15.33 -6.51 4.38
C PRO A 25 -15.17 -7.96 3.90
N ASP A 26 -15.81 -8.27 2.78
CA ASP A 26 -15.74 -9.62 2.21
C ASP A 26 -14.70 -9.68 1.10
N ARG A 27 -13.72 -8.80 1.16
CA ARG A 27 -12.67 -8.75 0.16
C ARG A 27 -11.28 -8.73 0.81
N PRO A 28 -10.26 -9.11 0.03
CA PRO A 28 -8.87 -9.13 0.52
C PRO A 28 -8.31 -7.74 0.76
N SER A 29 -8.98 -6.73 0.21
CA SER A 29 -8.54 -5.35 0.37
C SER A 29 -8.92 -4.81 1.74
N TYR A 30 -10.00 -5.36 2.31
CA TYR A 30 -10.47 -4.93 3.63
C TYR A 30 -9.77 -5.73 4.73
N ARG A 31 -9.69 -7.04 4.54
CA ARG A 31 -9.04 -7.91 5.53
C ARG A 31 -7.64 -7.40 5.87
N VAL A 32 -6.98 -6.79 4.88
CA VAL A 32 -5.64 -6.27 5.09
C VAL A 32 -5.67 -4.96 5.86
N MET A 33 -6.63 -4.11 5.54
CA MET A 33 -6.77 -2.82 6.21
C MET A 33 -6.87 -3.00 7.72
N LYS A 34 -7.89 -3.73 8.16
CA LYS A 34 -8.10 -3.98 9.58
C LYS A 34 -6.97 -4.83 10.15
N TYR A 35 -6.28 -5.55 9.29
CA TYR A 35 -5.17 -6.40 9.71
C TYR A 35 -3.98 -5.56 10.18
N LEU A 36 -3.62 -4.57 9.36
CA LEU A 36 -2.50 -3.68 9.68
C LEU A 36 -2.86 -2.75 10.84
N LEU A 37 -4.12 -2.34 10.89
CA LEU A 37 -4.59 -1.44 11.94
C LEU A 37 -4.54 -2.14 13.30
N ASP A 38 -4.89 -3.42 13.32
CA ASP A 38 -4.88 -4.21 14.56
C ASP A 38 -3.46 -4.54 14.97
N GLN A 39 -2.67 -5.00 14.02
CA GLN A 39 -1.27 -5.37 14.29
C GLN A 39 -0.51 -4.20 14.88
N GLY A 40 -0.97 -2.98 14.58
CA GLY A 40 -0.31 -1.80 15.09
C GLY A 40 0.42 -1.02 14.01
N TYR A 41 -0.28 -0.70 12.94
CA TYR A 41 0.30 0.03 11.83
C TYR A 41 -0.60 1.19 11.40
N HIS A 42 -0.12 1.97 10.44
CA HIS A 42 -0.88 3.11 9.93
C HIS A 42 -1.44 2.81 8.54
N VAL A 43 -2.76 2.74 8.44
CA VAL A 43 -3.42 2.46 7.17
C VAL A 43 -4.07 3.72 6.60
N ILE A 44 -3.69 4.06 5.36
CA ILE A 44 -4.24 5.24 4.70
C ILE A 44 -5.09 4.85 3.50
N PRO A 45 -6.33 4.40 3.77
CA PRO A 45 -7.28 4.00 2.73
C PRO A 45 -7.78 5.18 1.91
N VAL A 46 -8.01 4.94 0.62
CA VAL A 46 -8.50 5.99 -0.27
C VAL A 46 -9.62 5.47 -1.16
N SER A 47 -10.79 6.12 -1.08
CA SER A 47 -11.94 5.73 -1.88
C SER A 47 -12.77 6.94 -2.25
N PRO A 48 -13.47 6.85 -3.39
CA PRO A 48 -14.33 7.93 -3.89
C PRO A 48 -15.58 8.13 -3.03
N LYS A 49 -15.81 7.19 -2.13
CA LYS A 49 -16.97 7.26 -1.24
C LYS A 49 -16.55 7.61 0.18
N VAL A 50 -15.31 7.28 0.53
CA VAL A 50 -14.79 7.56 1.86
C VAL A 50 -14.13 8.94 1.90
N ALA A 51 -14.35 9.73 0.84
CA ALA A 51 -13.78 11.06 0.77
C ALA A 51 -14.45 12.00 1.77
N GLY A 52 -13.99 11.95 3.02
CA GLY A 52 -14.55 12.80 4.05
C GLY A 52 -14.97 12.01 5.28
N LYS A 53 -14.75 10.70 5.25
CA LYS A 53 -15.11 9.83 6.36
C LYS A 53 -13.88 9.15 6.94
N THR A 54 -13.96 8.75 8.21
CA THR A 54 -12.86 8.08 8.87
C THR A 54 -13.13 6.59 9.05
N LEU A 55 -12.42 5.77 8.30
CA LEU A 55 -12.59 4.32 8.37
C LEU A 55 -11.65 3.71 9.41
N LEU A 56 -12.22 3.17 10.46
CA LEU A 56 -11.43 2.56 11.53
C LEU A 56 -10.43 3.54 12.11
N GLY A 57 -10.75 4.83 12.00
CA GLY A 57 -9.86 5.86 12.51
C GLY A 57 -8.96 6.44 11.44
N GLN A 58 -8.98 5.84 10.26
CA GLN A 58 -8.15 6.30 9.16
C GLN A 58 -8.94 7.24 8.25
N GLN A 59 -8.43 8.46 8.10
CA GLN A 59 -9.08 9.46 7.26
C GLN A 59 -9.15 8.99 5.81
N GLY A 60 -10.33 9.10 5.21
CA GLY A 60 -10.50 8.68 3.83
C GLY A 60 -10.18 9.79 2.85
N TYR A 61 -10.16 9.45 1.56
CA TYR A 61 -9.87 10.43 0.52
C TYR A 61 -10.47 9.99 -0.82
N ALA A 62 -11.07 10.95 -1.52
CA ALA A 62 -11.68 10.67 -2.82
C ALA A 62 -10.66 10.11 -3.80
N THR A 63 -9.44 10.64 -3.74
CA THR A 63 -8.37 10.19 -4.63
C THR A 63 -7.00 10.43 -3.99
N LEU A 64 -5.98 9.82 -4.57
CA LEU A 64 -4.61 9.97 -4.08
C LEU A 64 -4.10 11.38 -4.29
N ALA A 65 -4.79 12.14 -5.15
CA ALA A 65 -4.40 13.50 -5.44
C ALA A 65 -5.09 14.48 -4.48
N ASP A 66 -5.68 13.95 -3.42
CA ASP A 66 -6.37 14.76 -2.43
C ASP A 66 -5.71 14.61 -1.06
N VAL A 67 -4.87 13.60 -0.92
CA VAL A 67 -4.17 13.35 0.35
C VAL A 67 -2.75 13.91 0.31
N PRO A 68 -2.54 15.03 0.99
CA PRO A 68 -1.23 15.68 1.06
C PRO A 68 -0.22 14.89 1.89
N GLU A 69 -0.72 14.14 2.86
CA GLU A 69 0.14 13.32 3.71
C GLU A 69 1.09 12.47 2.87
N LYS A 70 2.38 12.57 3.16
CA LYS A 70 3.39 11.81 2.44
C LYS A 70 3.35 10.34 2.85
N VAL A 71 3.06 9.47 1.89
CA VAL A 71 3.00 8.03 2.15
C VAL A 71 4.37 7.39 1.97
N ASP A 72 4.65 6.38 2.78
CA ASP A 72 5.92 5.68 2.71
C ASP A 72 5.76 4.34 1.99
N MET A 73 4.56 3.76 2.07
CA MET A 73 4.29 2.48 1.43
C MET A 73 2.87 2.47 0.85
N VAL A 74 2.77 2.13 -0.43
CA VAL A 74 1.47 2.07 -1.10
C VAL A 74 1.04 0.63 -1.34
N ASP A 75 0.20 0.12 -0.44
CA ASP A 75 -0.29 -1.25 -0.55
C ASP A 75 -1.34 -1.36 -1.66
N VAL A 76 -1.20 -2.39 -2.50
CA VAL A 76 -2.12 -2.60 -3.61
C VAL A 76 -2.70 -4.01 -3.56
N PHE A 77 -4.00 -4.11 -3.23
CA PHE A 77 -4.67 -5.40 -3.15
C PHE A 77 -5.91 -5.41 -4.04
N ARG A 78 -6.18 -4.28 -4.69
CA ARG A 78 -7.34 -4.18 -5.58
C ARG A 78 -7.36 -5.31 -6.59
N ASN A 79 -6.36 -5.33 -7.47
CA ASN A 79 -6.27 -6.36 -8.49
C ASN A 79 -4.83 -6.51 -8.99
N SER A 80 -4.61 -7.46 -9.89
CA SER A 80 -3.29 -7.71 -10.43
C SER A 80 -2.90 -6.62 -11.44
N GLU A 81 -3.71 -6.48 -12.49
CA GLU A 81 -3.45 -5.47 -13.51
C GLU A 81 -3.51 -4.07 -12.93
N ALA A 82 -4.30 -3.90 -11.88
CA ALA A 82 -4.45 -2.60 -11.22
C ALA A 82 -3.10 -2.07 -10.77
N ALA A 83 -2.14 -2.97 -10.54
CA ALA A 83 -0.81 -2.59 -10.11
C ALA A 83 -0.22 -1.52 -11.03
N TRP A 84 -0.40 -1.70 -12.33
CA TRP A 84 0.12 -0.74 -13.31
C TRP A 84 -0.63 0.58 -13.22
N GLY A 85 -1.95 0.52 -13.28
CA GLY A 85 -2.75 1.72 -13.21
C GLY A 85 -2.50 2.51 -11.94
N VAL A 86 -2.26 1.81 -10.84
CA VAL A 86 -2.00 2.45 -9.56
C VAL A 86 -0.55 2.91 -9.46
N ALA A 87 0.35 2.16 -10.08
CA ALA A 87 1.76 2.49 -10.08
C ALA A 87 2.02 3.83 -10.75
N GLN A 88 1.46 4.00 -11.93
CA GLN A 88 1.64 5.24 -12.69
C GLN A 88 1.15 6.44 -11.88
N GLU A 89 0.00 6.29 -11.23
CA GLU A 89 -0.56 7.36 -10.42
C GLU A 89 0.33 7.67 -9.22
N ALA A 90 0.78 6.62 -8.54
CA ALA A 90 1.64 6.76 -7.37
C ALA A 90 2.94 7.45 -7.75
N ILE A 91 3.58 6.98 -8.81
CA ILE A 91 4.84 7.55 -9.26
C ILE A 91 4.66 8.99 -9.71
N ALA A 92 3.47 9.31 -10.21
CA ALA A 92 3.17 10.66 -10.67
C ALA A 92 3.18 11.65 -9.51
N ILE A 93 2.48 11.31 -8.44
CA ILE A 93 2.41 12.17 -7.26
C ILE A 93 3.75 12.17 -6.51
N GLY A 94 4.47 11.06 -6.59
CA GLY A 94 5.75 10.95 -5.91
C GLY A 94 5.72 9.96 -4.77
N ALA A 95 5.33 8.73 -5.06
CA ALA A 95 5.27 7.68 -4.05
C ALA A 95 6.65 7.38 -3.48
N LYS A 96 6.71 6.47 -2.51
CA LYS A 96 7.96 6.09 -1.88
C LYS A 96 8.21 4.60 -2.04
N THR A 97 7.14 3.81 -2.01
CA THR A 97 7.24 2.36 -2.14
C THR A 97 5.96 1.77 -2.72
N LEU A 98 6.07 0.58 -3.29
CA LEU A 98 4.92 -0.10 -3.88
C LEU A 98 4.89 -1.57 -3.48
N TRP A 99 3.75 -2.03 -2.98
CA TRP A 99 3.59 -3.42 -2.57
C TRP A 99 2.35 -4.03 -3.19
N LEU A 100 2.51 -5.20 -3.81
CA LEU A 100 1.39 -5.89 -4.44
C LEU A 100 1.06 -7.18 -3.69
N GLN A 101 0.20 -7.99 -4.29
CA GLN A 101 -0.20 -9.26 -3.68
C GLN A 101 0.89 -10.31 -3.85
N LEU A 102 0.97 -11.23 -2.89
CA LEU A 102 1.96 -12.30 -2.94
C LEU A 102 1.55 -13.38 -3.92
N GLY A 103 2.51 -13.86 -4.70
CA GLY A 103 2.22 -14.91 -5.68
C GLY A 103 2.04 -14.35 -7.09
N VAL A 104 1.72 -13.07 -7.18
CA VAL A 104 1.52 -12.43 -8.48
C VAL A 104 2.78 -11.70 -8.92
N ILE A 105 2.97 -11.62 -10.24
CA ILE A 105 4.14 -10.96 -10.80
C ILE A 105 3.77 -10.19 -12.06
N ASN A 106 3.86 -8.85 -11.97
CA ASN A 106 3.55 -7.99 -13.09
C ASN A 106 4.80 -7.31 -13.64
N GLU A 107 5.39 -7.90 -14.66
CA GLU A 107 6.60 -7.36 -15.28
C GLU A 107 6.41 -5.88 -15.62
N GLN A 108 5.30 -5.57 -16.27
CA GLN A 108 5.00 -4.19 -16.65
C GLN A 108 4.95 -3.28 -15.43
N ALA A 109 4.23 -3.73 -14.40
CA ALA A 109 4.10 -2.95 -13.17
C ALA A 109 5.46 -2.68 -12.54
N ALA A 110 6.38 -3.64 -12.70
CA ALA A 110 7.72 -3.51 -12.15
C ALA A 110 8.55 -2.51 -12.95
N VAL A 111 8.51 -2.65 -14.27
CA VAL A 111 9.26 -1.75 -15.15
C VAL A 111 8.83 -0.30 -14.96
N LEU A 112 7.53 -0.09 -14.80
CA LEU A 112 6.99 1.25 -14.60
C LEU A 112 7.69 1.96 -13.45
N ALA A 113 7.63 1.35 -12.26
CA ALA A 113 8.26 1.91 -11.08
C ALA A 113 9.77 1.98 -11.24
N ARG A 114 10.32 1.06 -12.04
CA ARG A 114 11.76 1.01 -12.27
C ARG A 114 12.23 2.24 -13.04
N GLU A 115 11.38 2.73 -13.95
CA GLU A 115 11.71 3.90 -14.74
C GLU A 115 11.91 5.13 -13.86
N ALA A 116 11.11 5.21 -12.80
CA ALA A 116 11.20 6.33 -11.87
C ALA A 116 12.17 6.04 -10.74
N GLY A 117 12.39 4.76 -10.47
CA GLY A 117 13.31 4.37 -9.42
C GLY A 117 12.59 3.92 -8.15
N LEU A 118 11.27 4.11 -8.13
CA LEU A 118 10.46 3.74 -6.98
C LEU A 118 10.72 2.28 -6.59
N SER A 119 10.59 1.99 -5.30
CA SER A 119 10.81 0.64 -4.80
C SER A 119 9.56 -0.23 -5.01
N VAL A 120 9.56 -1.00 -6.09
CA VAL A 120 8.44 -1.88 -6.41
C VAL A 120 8.67 -3.28 -5.86
N VAL A 121 7.73 -3.75 -5.05
CA VAL A 121 7.83 -5.08 -4.45
C VAL A 121 6.61 -5.93 -4.82
N MET A 122 6.82 -6.88 -5.73
CA MET A 122 5.75 -7.76 -6.16
C MET A 122 5.90 -9.15 -5.53
N ASP A 123 4.94 -10.03 -5.84
CA ASP A 123 4.97 -11.39 -5.30
C ASP A 123 5.38 -11.39 -3.83
N ARG A 124 4.87 -10.42 -3.08
CA ARG A 124 5.17 -10.30 -1.66
C ARG A 124 4.02 -9.68 -0.89
N CYS A 125 3.66 -10.29 0.23
CA CYS A 125 2.57 -9.79 1.05
C CYS A 125 2.94 -9.82 2.54
N PRO A 126 2.74 -8.68 3.21
CA PRO A 126 3.05 -8.55 4.64
C PRO A 126 2.11 -9.36 5.52
N ALA A 127 0.93 -9.67 4.98
CA ALA A 127 -0.06 -10.45 5.72
C ALA A 127 0.48 -11.82 6.10
N ILE A 128 1.20 -12.44 5.18
CA ILE A 128 1.78 -13.77 5.42
C ILE A 128 3.24 -13.65 5.82
N GLU A 129 3.86 -12.51 5.51
CA GLU A 129 5.26 -12.27 5.85
C GLU A 129 5.43 -12.01 7.34
N LEU A 130 4.38 -11.47 7.96
CA LEU A 130 4.42 -11.17 9.39
C LEU A 130 4.45 -12.46 10.21
N PRO A 131 3.43 -13.30 10.02
CA PRO A 131 3.32 -14.58 10.73
C PRO A 131 4.38 -15.59 10.29
N ARG A 132 5.13 -15.24 9.25
CA ARG A 132 6.17 -16.11 8.74
C ARG A 132 7.11 -16.56 9.85
N LEU A 133 7.26 -15.71 10.87
CA LEU A 133 8.13 -16.03 11.99
C LEU A 133 7.35 -16.74 13.10
N GLY A 134 6.07 -16.43 13.20
CA GLY A 134 5.24 -17.05 14.22
C GLY A 134 5.13 -16.20 15.48
N LEU A 135 5.07 -14.89 15.30
CA LEU A 135 4.96 -13.97 16.43
C LEU A 135 3.64 -13.21 16.39
N ALA A 136 3.09 -13.05 15.20
CA ALA A 136 1.82 -12.34 15.03
C ALA A 136 0.75 -12.90 15.95
N LYS A 137 -0.21 -12.06 16.30
CA LYS A 137 -1.30 -12.47 17.19
C LYS A 137 -2.13 -13.57 16.56
N MET A 1 25.05 8.36 6.99
CA MET A 1 24.45 7.10 6.55
C MET A 1 23.76 7.27 5.20
N LYS A 2 23.74 6.20 4.42
CA LYS A 2 23.10 6.23 3.11
C LYS A 2 22.70 4.81 2.67
N GLU A 3 21.39 4.59 2.56
CA GLU A 3 20.88 3.28 2.15
C GLU A 3 19.76 3.44 1.13
N ASN A 4 19.97 2.89 -0.06
CA ASN A 4 18.97 2.97 -1.13
C ASN A 4 18.23 1.65 -1.28
N ASP A 5 17.66 1.17 -0.17
CA ASP A 5 16.92 -0.08 -0.18
C ASP A 5 15.71 -0.01 0.76
N ILE A 6 14.75 -0.90 0.56
CA ILE A 6 13.55 -0.94 1.38
C ILE A 6 13.91 -1.00 2.86
N ALA A 7 15.08 -1.57 3.16
CA ALA A 7 15.54 -1.70 4.54
C ALA A 7 15.56 -0.34 5.23
N GLY A 8 15.96 0.69 4.49
CA GLY A 8 16.03 2.03 5.06
C GLY A 8 14.65 2.68 5.17
N ILE A 9 13.78 2.36 4.23
CA ILE A 9 12.42 2.90 4.22
C ILE A 9 11.56 2.25 5.28
N LEU A 10 11.84 0.99 5.57
CA LEU A 10 11.09 0.24 6.58
C LEU A 10 11.64 0.49 7.97
N THR A 11 12.93 0.79 8.04
CA THR A 11 13.60 1.04 9.32
C THR A 11 13.45 2.51 9.72
N SER A 12 13.18 3.36 8.74
CA SER A 12 13.03 4.79 8.99
C SER A 12 11.60 5.11 9.42
N THR A 13 10.66 4.93 8.50
CA THR A 13 9.25 5.20 8.78
C THR A 13 8.38 4.01 8.40
N ARG A 14 7.33 3.79 9.20
CA ARG A 14 6.41 2.68 8.95
C ARG A 14 5.02 3.19 8.63
N THR A 15 4.64 3.15 7.36
CA THR A 15 3.33 3.62 6.93
C THR A 15 2.75 2.68 5.86
N ILE A 16 1.42 2.49 5.92
CA ILE A 16 0.75 1.63 4.96
C ILE A 16 -0.42 2.36 4.30
N ALA A 17 -0.53 2.23 2.99
CA ALA A 17 -1.61 2.87 2.24
C ALA A 17 -2.43 1.84 1.48
N LEU A 18 -3.76 1.95 1.61
CA LEU A 18 -4.67 1.02 0.93
C LEU A 18 -5.43 1.73 -0.19
N VAL A 19 -5.53 1.07 -1.33
CA VAL A 19 -6.23 1.64 -2.48
C VAL A 19 -7.52 0.87 -2.75
N GLY A 20 -8.60 1.61 -2.97
CA GLY A 20 -9.89 0.98 -3.25
C GLY A 20 -10.57 0.47 -1.99
N ALA A 21 -10.67 1.33 -0.98
CA ALA A 21 -11.30 0.95 0.28
C ALA A 21 -12.81 1.19 0.23
N SER A 22 -13.57 0.24 0.80
CA SER A 22 -15.02 0.35 0.81
C SER A 22 -15.60 -0.49 1.95
N ASP A 23 -16.93 -0.66 1.93
CA ASP A 23 -17.61 -1.43 2.95
C ASP A 23 -17.78 -2.89 2.51
N LYS A 24 -16.73 -3.44 1.91
CA LYS A 24 -16.76 -4.82 1.44
C LYS A 24 -15.83 -5.70 2.29
N PRO A 25 -16.35 -6.15 3.44
CA PRO A 25 -15.59 -7.01 4.35
C PRO A 25 -15.36 -8.41 3.78
N ASP A 26 -15.96 -8.68 2.64
CA ASP A 26 -15.82 -9.98 1.99
C ASP A 26 -14.77 -9.92 0.88
N ARG A 27 -13.82 -9.00 1.02
CA ARG A 27 -12.76 -8.85 0.04
C ARG A 27 -11.39 -8.78 0.71
N PRO A 28 -10.33 -9.04 -0.07
CA PRO A 28 -8.96 -9.03 0.44
C PRO A 28 -8.48 -7.62 0.76
N SER A 29 -9.20 -6.62 0.25
CA SER A 29 -8.85 -5.23 0.50
C SER A 29 -9.27 -4.79 1.89
N TYR A 30 -10.30 -5.44 2.42
CA TYR A 30 -10.81 -5.11 3.75
C TYR A 30 -10.07 -5.91 4.81
N ARG A 31 -9.89 -7.20 4.56
CA ARG A 31 -9.20 -8.08 5.50
C ARG A 31 -7.84 -7.50 5.88
N VAL A 32 -7.23 -6.77 4.95
CA VAL A 32 -5.92 -6.16 5.19
C VAL A 32 -6.05 -4.92 6.07
N MET A 33 -7.14 -4.17 5.88
CA MET A 33 -7.37 -2.96 6.66
C MET A 33 -7.48 -3.28 8.14
N LYS A 34 -8.47 -4.12 8.50
CA LYS A 34 -8.69 -4.50 9.88
C LYS A 34 -7.47 -5.24 10.44
N TYR A 35 -6.70 -5.86 9.54
CA TYR A 35 -5.51 -6.60 9.94
C TYR A 35 -4.41 -5.66 10.43
N LEU A 36 -4.11 -4.65 9.62
CA LEU A 36 -3.07 -3.68 9.97
C LEU A 36 -3.51 -2.84 11.16
N LEU A 37 -4.80 -2.51 11.22
CA LEU A 37 -5.33 -1.71 12.32
C LEU A 37 -5.35 -2.51 13.62
N ASP A 38 -5.47 -3.82 13.50
CA ASP A 38 -5.48 -4.69 14.67
C ASP A 38 -4.11 -4.74 15.33
N GLN A 39 -3.10 -5.11 14.56
CA GLN A 39 -1.73 -5.19 15.07
C GLN A 39 -1.28 -3.86 15.65
N GLY A 40 -1.88 -2.78 15.17
CA GLY A 40 -1.54 -1.46 15.65
C GLY A 40 -0.66 -0.70 14.66
N TYR A 41 -1.01 -0.77 13.39
CA TYR A 41 -0.26 -0.09 12.35
C TYR A 41 -1.02 1.12 11.82
N HIS A 42 -0.37 1.91 10.97
CA HIS A 42 -0.98 3.10 10.40
C HIS A 42 -1.43 2.84 8.96
N VAL A 43 -2.74 2.79 8.76
CA VAL A 43 -3.30 2.55 7.44
C VAL A 43 -3.91 3.82 6.86
N ILE A 44 -3.84 3.96 5.54
CA ILE A 44 -4.38 5.13 4.86
C ILE A 44 -5.16 4.72 3.61
N PRO A 45 -6.41 4.28 3.81
CA PRO A 45 -7.28 3.86 2.72
C PRO A 45 -7.72 5.04 1.84
N VAL A 46 -7.75 4.82 0.53
CA VAL A 46 -8.15 5.86 -0.42
C VAL A 46 -9.13 5.30 -1.44
N SER A 47 -10.31 5.91 -1.51
CA SER A 47 -11.35 5.49 -2.45
C SER A 47 -12.17 6.68 -2.92
N PRO A 48 -12.72 6.57 -4.15
CA PRO A 48 -13.53 7.62 -4.74
C PRO A 48 -14.88 7.78 -4.06
N LYS A 49 -15.20 6.83 -3.17
CA LYS A 49 -16.46 6.86 -2.45
C LYS A 49 -16.23 7.25 -0.99
N VAL A 50 -15.08 6.87 -0.45
CA VAL A 50 -14.73 7.17 0.93
C VAL A 50 -14.21 8.60 1.07
N ALA A 51 -14.16 9.32 -0.05
CA ALA A 51 -13.68 10.69 -0.06
C ALA A 51 -14.59 11.59 0.77
N GLY A 52 -14.27 11.72 2.05
CA GLY A 52 -15.06 12.56 2.93
C GLY A 52 -15.60 11.80 4.13
N LYS A 53 -15.26 10.52 4.21
CA LYS A 53 -15.71 9.68 5.31
C LYS A 53 -14.54 9.19 6.15
N THR A 54 -14.84 8.45 7.21
CA THR A 54 -13.80 7.93 8.10
C THR A 54 -13.95 6.42 8.28
N LEU A 55 -13.08 5.66 7.61
CA LEU A 55 -13.13 4.20 7.70
C LEU A 55 -12.25 3.71 8.86
N LEU A 56 -12.90 3.15 9.87
CA LEU A 56 -12.18 2.63 11.03
C LEU A 56 -11.32 3.72 11.68
N GLY A 57 -11.76 4.97 11.54
CA GLY A 57 -11.03 6.08 12.12
C GLY A 57 -10.05 6.69 11.14
N GLN A 58 -9.94 6.09 9.96
CA GLN A 58 -9.03 6.59 8.93
C GLN A 58 -9.75 7.51 7.96
N GLN A 59 -9.21 8.71 7.78
CA GLN A 59 -9.80 9.70 6.88
C GLN A 59 -9.71 9.24 5.43
N GLY A 60 -10.86 9.06 4.79
CA GLY A 60 -10.88 8.63 3.40
C GLY A 60 -10.37 9.70 2.45
N TYR A 61 -10.19 9.32 1.19
CA TYR A 61 -9.69 10.25 0.18
C TYR A 61 -10.12 9.80 -1.21
N ALA A 62 -10.58 10.75 -2.02
CA ALA A 62 -11.01 10.46 -3.39
C ALA A 62 -9.84 10.01 -4.24
N THR A 63 -8.65 10.52 -3.95
CA THR A 63 -7.44 10.18 -4.69
C THR A 63 -6.20 10.28 -3.81
N LEU A 64 -5.23 9.41 -4.08
CA LEU A 64 -4.00 9.41 -3.31
C LEU A 64 -3.21 10.70 -3.52
N ALA A 65 -3.59 11.45 -4.55
CA ALA A 65 -2.92 12.72 -4.86
C ALA A 65 -3.65 13.89 -4.19
N ASP A 66 -4.54 13.57 -3.26
CA ASP A 66 -5.29 14.60 -2.55
C ASP A 66 -4.92 14.63 -1.07
N VAL A 67 -4.34 13.53 -0.59
CA VAL A 67 -3.91 13.43 0.80
C VAL A 67 -2.59 14.15 1.02
N PRO A 68 -2.53 14.96 2.09
CA PRO A 68 -1.32 15.72 2.44
C PRO A 68 -0.19 14.81 2.95
N GLU A 69 -0.56 13.85 3.79
CA GLU A 69 0.42 12.92 4.34
C GLU A 69 1.03 12.05 3.25
N LYS A 70 2.34 11.96 3.24
CA LYS A 70 3.05 11.15 2.25
C LYS A 70 3.28 9.73 2.75
N VAL A 71 2.69 8.76 2.06
CA VAL A 71 2.82 7.36 2.44
C VAL A 71 4.21 6.83 2.09
N ASP A 72 4.73 5.95 2.94
CA ASP A 72 6.05 5.36 2.72
C ASP A 72 5.93 3.99 2.06
N MET A 73 4.78 3.35 2.24
CA MET A 73 4.54 2.03 1.66
C MET A 73 3.12 1.93 1.11
N VAL A 74 3.01 1.80 -0.20
CA VAL A 74 1.71 1.69 -0.86
C VAL A 74 1.36 0.23 -1.14
N ASP A 75 0.32 -0.25 -0.47
CA ASP A 75 -0.13 -1.63 -0.64
C ASP A 75 -1.31 -1.70 -1.61
N VAL A 76 -1.21 -2.57 -2.60
CA VAL A 76 -2.26 -2.74 -3.59
C VAL A 76 -2.87 -4.14 -3.52
N PHE A 77 -4.14 -4.22 -3.18
CA PHE A 77 -4.83 -5.49 -3.07
C PHE A 77 -6.03 -5.54 -4.02
N ARG A 78 -6.32 -4.41 -4.66
CA ARG A 78 -7.44 -4.32 -5.58
C ARG A 78 -7.39 -5.44 -6.61
N ASN A 79 -6.47 -5.32 -7.56
CA ASN A 79 -6.33 -6.33 -8.61
C ASN A 79 -4.96 -6.22 -9.28
N SER A 80 -4.71 -7.08 -10.25
CA SER A 80 -3.44 -7.09 -10.97
C SER A 80 -3.37 -5.90 -11.94
N GLU A 81 -4.35 -5.81 -12.82
CA GLU A 81 -4.40 -4.73 -13.80
C GLU A 81 -4.38 -3.36 -13.11
N ALA A 82 -4.88 -3.32 -11.88
CA ALA A 82 -4.92 -2.09 -11.10
C ALA A 82 -3.52 -1.66 -10.68
N ALA A 83 -2.62 -2.63 -10.57
CA ALA A 83 -1.25 -2.36 -10.16
C ALA A 83 -0.63 -1.26 -11.03
N TRP A 84 -0.87 -1.34 -12.33
CA TRP A 84 -0.33 -0.35 -13.26
C TRP A 84 -0.95 1.02 -13.00
N GLY A 85 -2.27 1.10 -13.00
CA GLY A 85 -2.95 2.35 -12.76
C GLY A 85 -2.50 3.01 -11.48
N VAL A 86 -2.24 2.22 -10.46
CA VAL A 86 -1.80 2.74 -9.16
C VAL A 86 -0.32 3.11 -9.20
N ALA A 87 0.48 2.30 -9.89
CA ALA A 87 1.91 2.54 -10.00
C ALA A 87 2.18 3.95 -10.53
N GLN A 88 1.67 4.25 -11.71
CA GLN A 88 1.86 5.55 -12.33
C GLN A 88 1.44 6.67 -11.37
N GLU A 89 0.31 6.48 -10.70
CA GLU A 89 -0.20 7.46 -9.76
C GLU A 89 0.82 7.73 -8.66
N ALA A 90 1.43 6.68 -8.14
CA ALA A 90 2.42 6.80 -7.08
C ALA A 90 3.69 7.47 -7.59
N ILE A 91 4.07 7.15 -8.82
CA ILE A 91 5.27 7.72 -9.42
C ILE A 91 5.06 9.19 -9.77
N ALA A 92 3.79 9.56 -9.98
CA ALA A 92 3.46 10.94 -10.31
C ALA A 92 3.57 11.84 -9.08
N ILE A 93 2.93 11.43 -8.00
CA ILE A 93 2.95 12.20 -6.76
C ILE A 93 4.28 12.04 -6.03
N GLY A 94 4.90 10.87 -6.19
CA GLY A 94 6.17 10.60 -5.54
C GLY A 94 6.04 9.63 -4.38
N ALA A 95 5.94 8.35 -4.70
CA ALA A 95 5.82 7.32 -3.67
C ALA A 95 7.18 6.91 -3.12
N LYS A 96 7.19 5.88 -2.28
CA LYS A 96 8.44 5.40 -1.69
C LYS A 96 8.57 3.90 -1.88
N THR A 97 7.46 3.18 -1.77
CA THR A 97 7.46 1.73 -1.93
C THR A 97 6.16 1.25 -2.58
N LEU A 98 6.21 0.07 -3.17
CA LEU A 98 5.04 -0.51 -3.83
C LEU A 98 4.89 -1.99 -3.50
N TRP A 99 3.78 -2.34 -2.87
CA TRP A 99 3.52 -3.73 -2.49
C TRP A 99 2.27 -4.26 -3.19
N LEU A 100 2.36 -5.50 -3.69
CA LEU A 100 1.24 -6.12 -4.38
C LEU A 100 0.64 -7.24 -3.54
N GLN A 101 -0.30 -7.99 -4.13
CA GLN A 101 -0.94 -9.10 -3.45
C GLN A 101 -0.17 -10.39 -3.67
N LEU A 102 0.19 -11.06 -2.58
CA LEU A 102 0.93 -12.31 -2.65
C LEU A 102 0.23 -13.30 -3.58
N GLY A 103 0.90 -13.62 -4.69
CA GLY A 103 0.33 -14.54 -5.65
C GLY A 103 0.05 -13.89 -6.99
N VAL A 104 0.47 -12.63 -7.14
CA VAL A 104 0.26 -11.91 -8.38
C VAL A 104 1.57 -11.33 -8.91
N ILE A 105 1.62 -11.13 -10.22
CA ILE A 105 2.82 -10.58 -10.85
C ILE A 105 2.47 -9.54 -11.91
N ASN A 106 2.93 -8.32 -11.69
CA ASN A 106 2.66 -7.23 -12.63
C ASN A 106 3.96 -6.64 -13.18
N GLU A 107 4.46 -7.21 -14.26
CA GLU A 107 5.69 -6.74 -14.88
C GLU A 107 5.58 -5.28 -15.29
N GLN A 108 4.46 -4.94 -15.95
CA GLN A 108 4.23 -3.57 -16.40
C GLN A 108 4.26 -2.60 -15.22
N ALA A 109 3.45 -2.89 -14.21
CA ALA A 109 3.38 -2.04 -13.03
C ALA A 109 4.76 -1.87 -12.39
N ALA A 110 5.60 -2.89 -12.54
CA ALA A 110 6.95 -2.85 -11.98
C ALA A 110 7.85 -1.91 -12.79
N VAL A 111 7.82 -2.06 -14.11
CA VAL A 111 8.63 -1.23 -14.99
C VAL A 111 8.40 0.25 -14.73
N LEU A 112 7.13 0.62 -14.56
CA LEU A 112 6.76 2.01 -14.28
C LEU A 112 7.58 2.58 -13.13
N ALA A 113 7.48 1.94 -11.97
CA ALA A 113 8.20 2.37 -10.79
C ALA A 113 9.71 2.21 -10.98
N ARG A 114 10.10 1.17 -11.72
CA ARG A 114 11.51 0.90 -11.97
C ARG A 114 12.16 2.07 -12.71
N GLU A 115 11.38 2.78 -13.51
CA GLU A 115 11.87 3.92 -14.26
C GLU A 115 12.15 5.10 -13.34
N ALA A 116 11.19 5.39 -12.46
CA ALA A 116 11.32 6.50 -11.52
C ALA A 116 12.31 6.16 -10.41
N GLY A 117 12.48 4.86 -10.16
CA GLY A 117 13.39 4.43 -9.12
C GLY A 117 12.67 4.05 -7.83
N LEU A 118 11.43 3.63 -7.96
CA LEU A 118 10.62 3.24 -6.80
C LEU A 118 10.90 1.79 -6.42
N SER A 119 10.66 1.46 -5.15
CA SER A 119 10.89 0.11 -4.65
C SER A 119 9.65 -0.76 -4.86
N VAL A 120 9.68 -1.57 -5.91
CA VAL A 120 8.55 -2.45 -6.22
C VAL A 120 8.74 -3.82 -5.56
N VAL A 121 7.63 -4.39 -5.10
CA VAL A 121 7.66 -5.69 -4.45
C VAL A 121 6.35 -6.46 -4.68
N MET A 122 6.42 -7.46 -5.55
CA MET A 122 5.24 -8.27 -5.87
C MET A 122 5.39 -9.68 -5.30
N ASP A 123 4.39 -10.52 -5.55
CA ASP A 123 4.41 -11.90 -5.07
C ASP A 123 4.70 -11.95 -3.58
N ARG A 124 4.25 -10.93 -2.85
CA ARG A 124 4.47 -10.86 -1.42
C ARG A 124 3.36 -10.06 -0.74
N CYS A 125 2.95 -10.51 0.44
CA CYS A 125 1.89 -9.84 1.18
C CYS A 125 2.34 -9.55 2.62
N PRO A 126 1.91 -8.40 3.15
CA PRO A 126 2.25 -7.97 4.51
C PRO A 126 1.58 -8.84 5.58
N ALA A 127 0.47 -9.46 5.20
CA ALA A 127 -0.26 -10.32 6.13
C ALA A 127 0.58 -11.52 6.56
N ILE A 128 1.33 -12.08 5.62
CA ILE A 128 2.17 -13.22 5.91
C ILE A 128 3.63 -12.79 6.13
N GLU A 129 3.98 -11.63 5.60
CA GLU A 129 5.33 -11.09 5.73
C GLU A 129 5.58 -10.62 7.17
N LEU A 130 4.64 -9.86 7.69
CA LEU A 130 4.75 -9.32 9.05
C LEU A 130 5.08 -10.44 10.04
N PRO A 131 4.22 -11.47 10.08
CA PRO A 131 4.40 -12.62 10.98
C PRO A 131 5.58 -13.50 10.57
N ARG A 132 6.20 -13.16 9.44
CA ARG A 132 7.34 -13.91 8.95
C ARG A 132 8.62 -13.52 9.69
N LEU A 133 8.73 -12.25 10.05
CA LEU A 133 9.89 -11.76 10.77
C LEU A 133 9.51 -11.29 12.18
N GLY A 134 8.29 -10.81 12.32
CA GLY A 134 7.82 -10.35 13.61
C GLY A 134 7.03 -11.41 14.36
N LEU A 135 6.48 -12.36 13.62
CA LEU A 135 5.69 -13.44 14.22
C LEU A 135 4.43 -12.89 14.86
N ALA A 136 3.97 -11.74 14.37
CA ALA A 136 2.76 -11.12 14.90
C ALA A 136 1.56 -12.06 14.82
N LYS A 137 0.40 -11.59 15.25
CA LYS A 137 -0.81 -12.39 15.22
C LYS A 137 -1.39 -12.45 13.81
N MET A 1 20.49 11.11 6.59
CA MET A 1 20.01 9.74 6.39
C MET A 1 19.97 9.39 4.91
N LYS A 2 20.26 8.13 4.60
CA LYS A 2 20.27 7.67 3.22
C LYS A 2 19.20 6.60 3.00
N GLU A 3 18.81 6.41 1.74
CA GLU A 3 17.78 5.42 1.40
C GLU A 3 18.28 4.49 0.30
N ASN A 4 19.31 3.71 0.62
CA ASN A 4 19.88 2.78 -0.34
C ASN A 4 18.82 1.80 -0.85
N ASP A 5 18.26 1.02 0.06
CA ASP A 5 17.23 0.05 -0.29
C ASP A 5 16.02 0.18 0.63
N ILE A 6 15.03 -0.68 0.43
CA ILE A 6 13.81 -0.65 1.23
C ILE A 6 14.15 -0.71 2.72
N ALA A 7 15.28 -1.32 3.04
CA ALA A 7 15.71 -1.44 4.43
C ALA A 7 15.77 -0.07 5.11
N GLY A 8 16.19 0.94 4.36
CA GLY A 8 16.28 2.29 4.89
C GLY A 8 14.93 2.96 5.02
N ILE A 9 14.03 2.66 4.08
CA ILE A 9 12.71 3.24 4.08
C ILE A 9 11.82 2.58 5.14
N LEU A 10 12.09 1.32 5.41
CA LEU A 10 11.33 0.58 6.42
C LEU A 10 11.88 0.80 7.81
N THR A 11 13.17 1.11 7.89
CA THR A 11 13.83 1.35 9.17
C THR A 11 13.72 2.82 9.57
N SER A 12 13.47 3.68 8.59
CA SER A 12 13.35 5.11 8.84
C SER A 12 11.93 5.46 9.27
N THR A 13 10.99 5.31 8.35
CA THR A 13 9.59 5.61 8.63
C THR A 13 8.69 4.43 8.27
N ARG A 14 7.63 4.24 9.06
CA ARG A 14 6.69 3.15 8.82
C ARG A 14 5.31 3.68 8.50
N THR A 15 4.94 3.63 7.23
CA THR A 15 3.64 4.11 6.77
C THR A 15 3.04 3.19 5.73
N ILE A 16 1.75 2.89 5.89
CA ILE A 16 1.05 2.02 4.94
C ILE A 16 -0.23 2.66 4.43
N ALA A 17 -0.38 2.69 3.12
CA ALA A 17 -1.57 3.27 2.50
C ALA A 17 -2.31 2.25 1.65
N LEU A 18 -3.64 2.28 1.71
CA LEU A 18 -4.46 1.36 0.95
C LEU A 18 -5.15 2.07 -0.21
N VAL A 19 -5.13 1.43 -1.39
CA VAL A 19 -5.75 2.01 -2.57
C VAL A 19 -7.09 1.33 -2.88
N GLY A 20 -8.13 2.13 -3.03
CA GLY A 20 -9.44 1.59 -3.33
C GLY A 20 -10.09 0.96 -2.12
N ALA A 21 -10.31 1.76 -1.07
CA ALA A 21 -10.94 1.27 0.15
C ALA A 21 -12.46 1.40 0.08
N SER A 22 -13.14 0.27 0.14
CA SER A 22 -14.60 0.25 0.08
C SER A 22 -15.19 -0.52 1.26
N ASP A 23 -16.50 -0.67 1.27
CA ASP A 23 -17.18 -1.39 2.34
C ASP A 23 -17.36 -2.86 1.97
N LYS A 24 -16.31 -3.46 1.42
CA LYS A 24 -16.36 -4.87 1.03
C LYS A 24 -15.48 -5.71 1.95
N PRO A 25 -16.04 -6.11 3.10
CA PRO A 25 -15.31 -6.92 4.09
C PRO A 25 -15.08 -8.35 3.59
N ASP A 26 -15.65 -8.67 2.45
CA ASP A 26 -15.51 -10.00 1.87
C ASP A 26 -14.41 -10.02 0.82
N ARG A 27 -13.46 -9.11 0.94
CA ARG A 27 -12.36 -9.01 -0.01
C ARG A 27 -11.02 -8.95 0.72
N PRO A 28 -9.94 -9.26 0.00
CA PRO A 28 -8.58 -9.25 0.56
C PRO A 28 -8.09 -7.83 0.85
N SER A 29 -8.78 -6.85 0.29
CA SER A 29 -8.41 -5.45 0.48
C SER A 29 -8.86 -4.96 1.85
N TYR A 30 -9.91 -5.56 2.38
CA TYR A 30 -10.44 -5.19 3.69
C TYR A 30 -9.74 -5.96 4.79
N ARG A 31 -9.59 -7.26 4.60
CA ARG A 31 -8.94 -8.12 5.58
C ARG A 31 -7.57 -7.56 5.96
N VAL A 32 -6.91 -6.92 5.00
CA VAL A 32 -5.60 -6.35 5.24
C VAL A 32 -5.69 -5.04 6.01
N MET A 33 -6.72 -4.26 5.71
CA MET A 33 -6.94 -2.98 6.38
C MET A 33 -7.04 -3.17 7.89
N LYS A 34 -8.02 -3.97 8.33
CA LYS A 34 -8.22 -4.23 9.74
C LYS A 34 -7.06 -5.01 10.33
N TYR A 35 -6.35 -5.74 9.46
CA TYR A 35 -5.21 -6.54 9.89
C TYR A 35 -4.06 -5.65 10.33
N LEU A 36 -3.68 -4.71 9.48
CA LEU A 36 -2.59 -3.79 9.77
C LEU A 36 -2.99 -2.81 10.89
N LEU A 37 -4.27 -2.48 10.94
CA LEU A 37 -4.78 -1.56 11.94
C LEU A 37 -4.70 -2.18 13.34
N ASP A 38 -5.15 -3.43 13.45
CA ASP A 38 -5.13 -4.14 14.72
C ASP A 38 -3.69 -4.44 15.15
N GLN A 39 -2.87 -4.86 14.20
CA GLN A 39 -1.47 -5.17 14.48
C GLN A 39 -0.77 -3.98 15.11
N GLY A 40 -1.27 -2.78 14.84
CA GLY A 40 -0.66 -1.58 15.38
C GLY A 40 0.20 -0.85 14.37
N TYR A 41 -0.37 -0.59 13.19
CA TYR A 41 0.36 0.10 12.13
C TYR A 41 -0.41 1.32 11.66
N HIS A 42 0.12 1.99 10.64
CA HIS A 42 -0.52 3.18 10.09
C HIS A 42 -1.16 2.88 8.73
N VAL A 43 -2.49 2.93 8.69
CA VAL A 43 -3.22 2.66 7.45
C VAL A 43 -3.81 3.94 6.87
N ILE A 44 -3.58 4.17 5.59
CA ILE A 44 -4.09 5.35 4.91
C ILE A 44 -4.87 4.98 3.65
N PRO A 45 -6.11 4.50 3.85
CA PRO A 45 -6.98 4.10 2.74
C PRO A 45 -7.47 5.29 1.93
N VAL A 46 -7.51 5.12 0.61
CA VAL A 46 -7.95 6.19 -0.28
C VAL A 46 -8.97 5.67 -1.30
N SER A 47 -10.16 6.27 -1.30
CA SER A 47 -11.21 5.86 -2.21
C SER A 47 -12.06 7.06 -2.62
N PRO A 48 -12.64 6.98 -3.83
CA PRO A 48 -13.49 8.06 -4.38
C PRO A 48 -14.82 8.17 -3.63
N LYS A 49 -15.09 7.21 -2.76
CA LYS A 49 -16.33 7.20 -1.99
C LYS A 49 -16.07 7.58 -0.54
N VAL A 50 -14.90 7.17 -0.03
CA VAL A 50 -14.53 7.48 1.34
C VAL A 50 -14.08 8.92 1.49
N ALA A 51 -13.91 9.60 0.36
CA ALA A 51 -13.48 10.99 0.37
C ALA A 51 -14.42 11.85 1.22
N GLY A 52 -13.96 12.23 2.40
CA GLY A 52 -14.76 13.03 3.30
C GLY A 52 -15.46 12.21 4.37
N LYS A 53 -14.96 11.00 4.59
CA LYS A 53 -15.54 10.11 5.59
C LYS A 53 -14.44 9.42 6.41
N THR A 54 -14.85 8.76 7.48
CA THR A 54 -13.91 8.06 8.35
C THR A 54 -14.13 6.55 8.31
N LEU A 55 -13.14 5.83 7.79
CA LEU A 55 -13.23 4.38 7.69
C LEU A 55 -12.34 3.71 8.73
N LEU A 56 -12.95 3.05 9.71
CA LEU A 56 -12.21 2.36 10.76
C LEU A 56 -11.31 3.34 11.51
N GLY A 57 -11.66 4.62 11.45
CA GLY A 57 -10.86 5.63 12.14
C GLY A 57 -9.84 6.28 11.22
N GLN A 58 -9.72 5.76 10.00
CA GLN A 58 -8.77 6.29 9.04
C GLN A 58 -9.44 7.32 8.13
N GLN A 59 -8.81 8.49 8.01
CA GLN A 59 -9.34 9.56 7.17
C GLN A 59 -9.48 9.09 5.73
N GLY A 60 -10.57 9.51 5.07
CA GLY A 60 -10.80 9.13 3.70
C GLY A 60 -10.29 10.16 2.72
N TYR A 61 -9.95 9.71 1.51
CA TYR A 61 -9.44 10.60 0.47
C TYR A 61 -9.92 10.16 -0.90
N ALA A 62 -10.39 11.13 -1.69
CA ALA A 62 -10.89 10.86 -3.03
C ALA A 62 -9.75 10.41 -3.96
N THR A 63 -8.57 10.96 -3.72
CA THR A 63 -7.39 10.63 -4.53
C THR A 63 -6.11 10.72 -3.72
N LEU A 64 -5.16 9.85 -4.02
CA LEU A 64 -3.89 9.82 -3.31
C LEU A 64 -3.18 11.18 -3.43
N ALA A 65 -3.39 11.85 -4.55
CA ALA A 65 -2.78 13.16 -4.77
C ALA A 65 -3.47 14.24 -3.96
N ASP A 66 -4.54 13.86 -3.27
CA ASP A 66 -5.30 14.80 -2.45
C ASP A 66 -4.82 14.76 -1.00
N VAL A 67 -3.91 13.83 -0.71
CA VAL A 67 -3.38 13.68 0.64
C VAL A 67 -2.14 14.55 0.84
N PRO A 68 -2.12 15.30 1.96
CA PRO A 68 -1.00 16.18 2.29
C PRO A 68 0.27 15.41 2.65
N GLU A 69 0.10 14.35 3.44
CA GLU A 69 1.23 13.53 3.86
C GLU A 69 1.67 12.59 2.73
N LYS A 70 2.94 12.18 2.78
CA LYS A 70 3.48 11.29 1.76
C LYS A 70 3.59 9.86 2.30
N VAL A 71 3.05 8.90 1.55
CA VAL A 71 3.08 7.51 1.94
C VAL A 71 4.47 6.92 1.75
N ASP A 72 4.92 6.14 2.72
CA ASP A 72 6.24 5.51 2.66
C ASP A 72 6.15 4.12 2.06
N MET A 73 5.02 3.45 2.28
CA MET A 73 4.81 2.11 1.75
C MET A 73 3.40 1.96 1.19
N VAL A 74 3.31 1.80 -0.12
CA VAL A 74 2.03 1.65 -0.79
C VAL A 74 1.59 0.18 -0.83
N ASP A 75 0.36 -0.07 -0.41
CA ASP A 75 -0.18 -1.43 -0.39
C ASP A 75 -1.21 -1.62 -1.49
N VAL A 76 -0.88 -2.44 -2.49
CA VAL A 76 -1.78 -2.70 -3.59
C VAL A 76 -2.34 -4.13 -3.53
N PHE A 77 -3.60 -4.24 -3.13
CA PHE A 77 -4.25 -5.54 -3.03
C PHE A 77 -5.55 -5.56 -3.83
N ARG A 78 -5.87 -4.44 -4.47
CA ARG A 78 -7.08 -4.34 -5.27
C ARG A 78 -7.16 -5.48 -6.28
N ASN A 79 -6.25 -5.47 -7.24
CA ASN A 79 -6.23 -6.51 -8.27
C ASN A 79 -4.81 -6.69 -8.83
N SER A 80 -4.65 -7.65 -9.73
CA SER A 80 -3.36 -7.91 -10.34
C SER A 80 -2.95 -6.79 -11.29
N GLU A 81 -3.82 -6.50 -12.25
CA GLU A 81 -3.56 -5.45 -13.23
C GLU A 81 -3.61 -4.07 -12.57
N ALA A 82 -4.39 -3.97 -11.48
CA ALA A 82 -4.52 -2.71 -10.76
C ALA A 82 -3.16 -2.18 -10.31
N ALA A 83 -2.21 -3.09 -10.17
CA ALA A 83 -0.86 -2.71 -9.74
C ALA A 83 -0.30 -1.58 -10.61
N TRP A 84 -0.59 -1.65 -11.90
CA TRP A 84 -0.11 -0.63 -12.84
C TRP A 84 -0.83 0.69 -12.61
N GLY A 85 -2.16 0.66 -12.62
CA GLY A 85 -2.94 1.86 -12.41
C GLY A 85 -2.63 2.53 -11.09
N VAL A 86 -2.38 1.71 -10.06
CA VAL A 86 -2.08 2.23 -8.74
C VAL A 86 -0.63 2.71 -8.65
N ALA A 87 0.24 2.09 -9.45
CA ALA A 87 1.65 2.45 -9.47
C ALA A 87 1.85 3.86 -10.01
N GLN A 88 1.27 4.14 -11.17
CA GLN A 88 1.39 5.45 -11.80
C GLN A 88 0.87 6.54 -10.86
N GLU A 89 -0.25 6.27 -10.21
CA GLU A 89 -0.84 7.24 -9.29
C GLU A 89 0.08 7.52 -8.11
N ALA A 90 0.62 6.45 -7.52
CA ALA A 90 1.53 6.57 -6.39
C ALA A 90 2.82 7.28 -6.80
N ILE A 91 3.35 6.90 -7.96
CA ILE A 91 4.58 7.50 -8.46
C ILE A 91 4.36 8.95 -8.87
N ALA A 92 3.15 9.26 -9.32
CA ALA A 92 2.82 10.62 -9.73
C ALA A 92 2.79 11.57 -8.53
N ILE A 93 2.23 11.10 -7.43
CA ILE A 93 2.14 11.92 -6.22
C ILE A 93 3.48 11.96 -5.49
N GLY A 94 4.30 10.93 -5.72
CA GLY A 94 5.60 10.87 -5.07
C GLY A 94 5.67 9.79 -4.01
N ALA A 95 5.53 8.54 -4.43
CA ALA A 95 5.58 7.41 -3.52
C ALA A 95 7.03 7.06 -3.15
N LYS A 96 7.19 6.05 -2.31
CA LYS A 96 8.51 5.61 -1.89
C LYS A 96 8.68 4.11 -2.08
N THR A 97 7.62 3.36 -1.78
CA THR A 97 7.65 1.91 -1.93
C THR A 97 6.32 1.39 -2.48
N LEU A 98 6.36 0.20 -3.07
CA LEU A 98 5.17 -0.42 -3.64
C LEU A 98 5.13 -1.91 -3.34
N TRP A 99 4.02 -2.36 -2.76
CA TRP A 99 3.85 -3.77 -2.41
C TRP A 99 2.58 -4.32 -3.03
N LEU A 100 2.68 -5.52 -3.62
CA LEU A 100 1.53 -6.16 -4.24
C LEU A 100 1.07 -7.37 -3.42
N GLN A 101 0.10 -8.10 -3.96
CA GLN A 101 -0.44 -9.27 -3.27
C GLN A 101 0.47 -10.48 -3.50
N LEU A 102 0.49 -11.39 -2.52
CA LEU A 102 1.31 -12.58 -2.61
C LEU A 102 0.80 -13.51 -3.70
N GLY A 103 1.65 -13.80 -4.68
CA GLY A 103 1.27 -14.68 -5.77
C GLY A 103 0.88 -13.92 -7.02
N VAL A 104 1.46 -12.73 -7.19
CA VAL A 104 1.17 -11.90 -8.35
C VAL A 104 2.44 -11.58 -9.13
N ILE A 105 2.30 -11.41 -10.44
CA ILE A 105 3.44 -11.09 -11.30
C ILE A 105 3.05 -10.11 -12.40
N ASN A 106 3.39 -8.85 -12.21
CA ASN A 106 3.08 -7.81 -13.18
C ASN A 106 4.35 -7.14 -13.69
N GLU A 107 4.94 -7.70 -14.74
CA GLU A 107 6.16 -7.15 -15.32
C GLU A 107 6.01 -5.66 -15.60
N GLN A 108 4.89 -5.30 -16.25
CA GLN A 108 4.63 -3.90 -16.58
C GLN A 108 4.66 -3.03 -15.33
N ALA A 109 4.00 -3.48 -14.28
CA ALA A 109 3.95 -2.75 -13.02
C ALA A 109 5.33 -2.64 -12.39
N ALA A 110 6.18 -3.62 -12.68
CA ALA A 110 7.54 -3.64 -12.14
C ALA A 110 8.43 -2.63 -12.87
N VAL A 111 8.16 -2.42 -14.15
CA VAL A 111 8.92 -1.48 -14.95
C VAL A 111 8.52 -0.04 -14.66
N LEU A 112 7.23 0.18 -14.50
CA LEU A 112 6.70 1.52 -14.21
C LEU A 112 7.40 2.11 -13.00
N ALA A 113 7.50 1.33 -11.93
CA ALA A 113 8.15 1.79 -10.71
C ALA A 113 9.67 1.90 -10.89
N ARG A 114 10.21 1.05 -11.75
CA ARG A 114 11.64 1.05 -12.02
C ARG A 114 12.05 2.27 -12.83
N GLU A 115 11.12 2.75 -13.65
CA GLU A 115 11.39 3.93 -14.49
C GLU A 115 11.53 5.18 -13.63
N ALA A 116 10.75 5.25 -12.54
CA ALA A 116 10.79 6.38 -11.64
C ALA A 116 11.79 6.16 -10.52
N GLY A 117 12.07 4.90 -10.22
CA GLY A 117 13.01 4.57 -9.17
C GLY A 117 12.33 3.95 -7.96
N LEU A 118 11.00 4.04 -7.92
CA LEU A 118 10.24 3.49 -6.81
C LEU A 118 10.61 2.03 -6.56
N SER A 119 10.51 1.60 -5.30
CA SER A 119 10.84 0.23 -4.93
C SER A 119 9.62 -0.67 -5.03
N VAL A 120 9.52 -1.41 -6.13
CA VAL A 120 8.40 -2.32 -6.35
C VAL A 120 8.71 -3.72 -5.84
N VAL A 121 7.78 -4.30 -5.09
CA VAL A 121 7.96 -5.65 -4.54
C VAL A 121 6.71 -6.50 -4.76
N MET A 122 6.83 -7.49 -5.63
CA MET A 122 5.71 -8.38 -5.93
C MET A 122 5.98 -9.78 -5.40
N ASP A 123 5.00 -10.67 -5.55
CA ASP A 123 5.14 -12.05 -5.10
C ASP A 123 5.44 -12.10 -3.60
N ARG A 124 4.94 -11.09 -2.87
CA ARG A 124 5.16 -11.02 -1.44
C ARG A 124 4.02 -10.27 -0.75
N CYS A 125 3.79 -10.57 0.52
CA CYS A 125 2.73 -9.93 1.28
C CYS A 125 3.04 -9.96 2.78
N PRO A 126 2.95 -8.79 3.42
CA PRO A 126 3.22 -8.66 4.86
C PRO A 126 2.15 -9.32 5.71
N ALA A 127 1.02 -9.66 5.09
CA ALA A 127 -0.07 -10.31 5.79
C ALA A 127 0.34 -11.66 6.34
N ILE A 128 1.01 -12.45 5.51
CA ILE A 128 1.47 -13.77 5.93
C ILE A 128 2.94 -13.75 6.34
N GLU A 129 3.65 -12.73 5.88
CA GLU A 129 5.07 -12.59 6.20
C GLU A 129 5.26 -12.22 7.67
N LEU A 130 4.50 -11.24 8.13
CA LEU A 130 4.59 -10.79 9.52
C LEU A 130 4.46 -11.98 10.48
N PRO A 131 3.36 -12.73 10.36
CA PRO A 131 3.10 -13.89 11.20
C PRO A 131 4.04 -15.06 10.89
N ARG A 132 4.86 -14.88 9.86
CA ARG A 132 5.81 -15.91 9.45
C ARG A 132 7.03 -15.92 10.37
N LEU A 133 7.45 -14.74 10.80
CA LEU A 133 8.61 -14.61 11.69
C LEU A 133 8.19 -14.09 13.06
N GLY A 134 7.14 -13.28 13.08
CA GLY A 134 6.65 -12.73 14.34
C GLY A 134 5.52 -13.55 14.92
N LEU A 135 4.82 -14.28 14.08
CA LEU A 135 3.70 -15.11 14.52
C LEU A 135 2.57 -14.24 15.05
N ALA A 136 2.51 -13.00 14.59
CA ALA A 136 1.46 -12.07 15.01
C ALA A 136 0.07 -12.68 14.81
N LYS A 137 -0.94 -11.97 15.29
CA LYS A 137 -2.32 -12.43 15.16
C LYS A 137 -2.71 -12.60 13.69
N MET A 1 23.18 3.14 7.42
CA MET A 1 22.85 4.54 7.70
C MET A 1 22.66 5.32 6.41
N LYS A 2 23.30 4.87 5.34
CA LYS A 2 23.21 5.52 4.04
C LYS A 2 22.98 4.50 2.94
N GLU A 3 21.72 4.08 2.78
CA GLU A 3 21.37 3.11 1.76
C GLU A 3 20.06 3.48 1.08
N ASN A 4 19.72 2.75 0.01
CA ASN A 4 18.49 3.01 -0.73
C ASN A 4 17.65 1.75 -0.84
N ASP A 5 17.33 1.15 0.30
CA ASP A 5 16.53 -0.07 0.34
C ASP A 5 15.30 0.10 1.21
N ILE A 6 14.30 -0.75 1.01
CA ILE A 6 13.07 -0.68 1.78
C ILE A 6 13.36 -0.68 3.29
N ALA A 7 14.48 -1.29 3.66
CA ALA A 7 14.88 -1.36 5.06
C ALA A 7 14.96 0.02 5.68
N GLY A 8 15.41 1.00 4.90
CA GLY A 8 15.52 2.35 5.39
C GLY A 8 14.19 3.06 5.46
N ILE A 9 13.31 2.76 4.51
CA ILE A 9 11.99 3.37 4.46
C ILE A 9 11.07 2.77 5.52
N LEU A 10 11.31 1.50 5.85
CA LEU A 10 10.49 0.81 6.85
C LEU A 10 11.03 1.07 8.25
N THR A 11 12.32 1.36 8.34
CA THR A 11 12.96 1.63 9.63
C THR A 11 12.89 3.11 9.98
N SER A 12 12.66 3.94 8.97
CA SER A 12 12.57 5.39 9.16
C SER A 12 11.16 5.79 9.55
N THR A 13 10.23 5.66 8.60
CA THR A 13 8.84 6.01 8.83
C THR A 13 7.91 4.87 8.43
N ARG A 14 6.88 4.64 9.24
CA ARG A 14 5.92 3.57 8.97
C ARG A 14 4.56 4.16 8.57
N THR A 15 4.27 4.13 7.27
CA THR A 15 3.01 4.65 6.76
C THR A 15 2.47 3.76 5.64
N ILE A 16 1.25 3.27 5.83
CA ILE A 16 0.62 2.41 4.83
C ILE A 16 -0.63 3.08 4.25
N ALA A 17 -0.78 2.98 2.93
CA ALA A 17 -1.94 3.56 2.26
C ALA A 17 -2.63 2.53 1.37
N LEU A 18 -3.93 2.36 1.59
CA LEU A 18 -4.72 1.40 0.81
C LEU A 18 -5.43 2.09 -0.35
N VAL A 19 -5.37 1.47 -1.52
CA VAL A 19 -6.02 2.03 -2.70
C VAL A 19 -7.41 1.43 -2.91
N GLY A 20 -8.39 2.29 -3.13
CA GLY A 20 -9.75 1.82 -3.33
C GLY A 20 -10.31 1.12 -2.12
N ALA A 21 -10.36 1.81 -0.99
CA ALA A 21 -10.88 1.24 0.24
C ALA A 21 -12.38 1.48 0.37
N SER A 22 -13.16 0.42 0.16
CA SER A 22 -14.60 0.52 0.24
C SER A 22 -15.13 -0.29 1.43
N ASP A 23 -16.45 -0.46 1.47
CA ASP A 23 -17.08 -1.20 2.56
C ASP A 23 -17.36 -2.65 2.14
N LYS A 24 -16.35 -3.28 1.54
CA LYS A 24 -16.49 -4.66 1.09
C LYS A 24 -15.64 -5.60 1.95
N PRO A 25 -16.19 -6.01 3.09
CA PRO A 25 -15.51 -6.91 4.03
C PRO A 25 -15.37 -8.32 3.46
N ASP A 26 -15.98 -8.56 2.30
CA ASP A 26 -15.92 -9.87 1.67
C ASP A 26 -14.85 -9.89 0.58
N ARG A 27 -13.88 -9.00 0.69
CA ARG A 27 -12.80 -8.91 -0.29
C ARG A 27 -11.44 -8.88 0.41
N PRO A 28 -10.38 -9.20 -0.34
CA PRO A 28 -9.01 -9.22 0.18
C PRO A 28 -8.49 -7.83 0.48
N SER A 29 -9.19 -6.81 -0.03
CA SER A 29 -8.79 -5.43 0.18
C SER A 29 -9.16 -4.96 1.58
N TYR A 30 -10.18 -5.59 2.17
CA TYR A 30 -10.63 -5.24 3.50
C TYR A 30 -9.87 -6.04 4.56
N ARG A 31 -9.74 -7.34 4.34
CA ARG A 31 -9.04 -8.21 5.27
C ARG A 31 -7.63 -7.68 5.56
N VAL A 32 -7.01 -7.09 4.54
CA VAL A 32 -5.67 -6.54 4.69
C VAL A 32 -5.70 -5.20 5.43
N MET A 33 -6.82 -4.49 5.30
CA MET A 33 -6.97 -3.19 5.96
C MET A 33 -7.01 -3.36 7.47
N LYS A 34 -8.04 -4.03 7.96
CA LYS A 34 -8.19 -4.25 9.39
C LYS A 34 -7.01 -5.04 9.95
N TYR A 35 -6.35 -5.80 9.07
CA TYR A 35 -5.21 -6.62 9.48
C TYR A 35 -4.04 -5.73 9.91
N LEU A 36 -3.69 -4.76 9.06
CA LEU A 36 -2.60 -3.84 9.36
C LEU A 36 -2.96 -2.91 10.50
N LEU A 37 -4.25 -2.62 10.63
CA LEU A 37 -4.73 -1.72 11.69
C LEU A 37 -4.53 -2.35 13.07
N ASP A 38 -4.91 -3.63 13.19
CA ASP A 38 -4.77 -4.34 14.45
C ASP A 38 -3.30 -4.48 14.83
N GLN A 39 -2.46 -4.77 13.85
CA GLN A 39 -1.03 -4.94 14.09
C GLN A 39 -0.44 -3.69 14.72
N GLY A 40 -1.10 -2.55 14.51
CA GLY A 40 -0.62 -1.30 15.08
C GLY A 40 0.15 -0.47 14.07
N TYR A 41 -0.32 -0.46 12.83
CA TYR A 41 0.34 0.29 11.77
C TYR A 41 -0.58 1.39 11.23
N HIS A 42 0.03 2.44 10.68
CA HIS A 42 -0.74 3.56 10.14
C HIS A 42 -1.40 3.18 8.82
N VAL A 43 -2.73 3.20 8.80
CA VAL A 43 -3.49 2.85 7.60
C VAL A 43 -4.15 4.07 7.00
N ILE A 44 -4.01 4.25 5.69
CA ILE A 44 -4.61 5.38 5.00
C ILE A 44 -5.44 4.92 3.81
N PRO A 45 -6.67 4.46 4.09
CA PRO A 45 -7.60 3.98 3.06
C PRO A 45 -8.11 5.10 2.17
N VAL A 46 -7.71 5.09 0.91
CA VAL A 46 -8.14 6.10 -0.05
C VAL A 46 -9.19 5.56 -1.01
N SER A 47 -10.35 6.20 -1.03
CA SER A 47 -11.44 5.78 -1.91
C SER A 47 -12.25 6.98 -2.38
N PRO A 48 -12.86 6.85 -3.57
CA PRO A 48 -13.68 7.91 -4.16
C PRO A 48 -15.00 8.12 -3.40
N LYS A 49 -15.31 7.19 -2.51
CA LYS A 49 -16.54 7.27 -1.71
C LYS A 49 -16.22 7.67 -0.28
N VAL A 50 -15.03 7.32 0.18
CA VAL A 50 -14.61 7.63 1.54
C VAL A 50 -13.98 9.02 1.62
N ALA A 51 -14.07 9.77 0.52
CA ALA A 51 -13.52 11.11 0.46
C ALA A 51 -14.31 12.07 1.35
N GLY A 52 -13.97 12.08 2.64
CA GLY A 52 -14.65 12.95 3.58
C GLY A 52 -15.19 12.19 4.78
N LYS A 53 -14.89 10.90 4.85
CA LYS A 53 -15.37 10.07 5.95
C LYS A 53 -14.19 9.41 6.67
N THR A 54 -14.49 8.66 7.73
CA THR A 54 -13.47 7.98 8.50
C THR A 54 -13.74 6.48 8.57
N LEU A 55 -12.99 5.71 7.80
CA LEU A 55 -13.15 4.25 7.79
C LEU A 55 -12.28 3.60 8.84
N LEU A 56 -12.90 2.91 9.80
CA LEU A 56 -12.18 2.24 10.87
C LEU A 56 -11.32 3.23 11.65
N GLY A 57 -11.69 4.50 11.59
CA GLY A 57 -10.95 5.52 12.31
C GLY A 57 -9.91 6.20 11.45
N GLN A 58 -9.73 5.68 10.23
CA GLN A 58 -8.76 6.25 9.31
C GLN A 58 -9.41 7.24 8.35
N GLN A 59 -8.83 8.43 8.25
CA GLN A 59 -9.38 9.46 7.37
C GLN A 59 -9.35 9.01 5.92
N GLY A 60 -10.49 9.16 5.24
CA GLY A 60 -10.59 8.76 3.85
C GLY A 60 -10.19 9.87 2.90
N TYR A 61 -9.98 9.51 1.63
CA TYR A 61 -9.59 10.49 0.62
C TYR A 61 -10.07 10.06 -0.77
N ALA A 62 -10.59 11.02 -1.54
CA ALA A 62 -11.07 10.74 -2.88
C ALA A 62 -9.96 10.16 -3.76
N THR A 63 -8.72 10.49 -3.42
CA THR A 63 -7.57 10.02 -4.18
C THR A 63 -6.27 10.33 -3.45
N LEU A 64 -5.22 9.57 -3.77
CA LEU A 64 -3.92 9.77 -3.15
C LEU A 64 -3.33 11.13 -3.52
N ALA A 65 -3.90 11.75 -4.55
CA ALA A 65 -3.45 13.05 -5.00
C ALA A 65 -4.26 14.17 -4.36
N ASP A 66 -5.00 13.83 -3.31
CA ASP A 66 -5.82 14.81 -2.61
C ASP A 66 -5.32 15.01 -1.18
N VAL A 67 -4.58 14.03 -0.68
CA VAL A 67 -4.05 14.09 0.68
C VAL A 67 -2.65 14.70 0.68
N PRO A 68 -2.43 15.66 1.60
CA PRO A 68 -1.14 16.34 1.73
C PRO A 68 -0.05 15.42 2.28
N GLU A 69 -0.40 14.62 3.28
CA GLU A 69 0.55 13.70 3.89
C GLU A 69 1.19 12.80 2.83
N LYS A 70 2.46 12.46 3.06
CA LYS A 70 3.20 11.61 2.12
C LYS A 70 3.25 10.17 2.61
N VAL A 71 2.81 9.24 1.77
CA VAL A 71 2.81 7.83 2.12
C VAL A 71 4.18 7.21 1.91
N ASP A 72 4.58 6.34 2.83
CA ASP A 72 5.88 5.66 2.74
C ASP A 72 5.73 4.28 2.13
N MET A 73 4.56 3.68 2.29
CA MET A 73 4.29 2.36 1.75
C MET A 73 2.93 2.31 1.05
N VAL A 74 2.91 1.75 -0.15
CA VAL A 74 1.67 1.65 -0.92
C VAL A 74 1.24 0.20 -1.07
N ASP A 75 0.13 -0.16 -0.43
CA ASP A 75 -0.39 -1.52 -0.50
C ASP A 75 -1.41 -1.65 -1.61
N VAL A 76 -1.18 -2.60 -2.52
CA VAL A 76 -2.08 -2.83 -3.64
C VAL A 76 -2.68 -4.23 -3.58
N PHE A 77 -3.93 -4.32 -3.14
CA PHE A 77 -4.63 -5.60 -3.04
C PHE A 77 -5.88 -5.61 -3.91
N ARG A 78 -6.15 -4.50 -4.58
CA ARG A 78 -7.31 -4.38 -5.43
C ARG A 78 -7.38 -5.54 -6.43
N ASN A 79 -6.50 -5.49 -7.43
CA ASN A 79 -6.45 -6.53 -8.46
C ASN A 79 -5.06 -6.58 -9.11
N SER A 80 -4.90 -7.53 -10.03
CA SER A 80 -3.62 -7.69 -10.72
C SER A 80 -3.43 -6.60 -11.76
N GLU A 81 -4.40 -6.47 -12.66
CA GLU A 81 -4.34 -5.46 -13.71
C GLU A 81 -4.35 -4.05 -13.12
N ALA A 82 -4.98 -3.92 -11.95
CA ALA A 82 -5.05 -2.62 -11.28
C ALA A 82 -3.69 -2.17 -10.78
N ALA A 83 -2.80 -3.13 -10.56
CA ALA A 83 -1.45 -2.83 -10.09
C ALA A 83 -0.79 -1.77 -10.96
N TRP A 84 -1.15 -1.76 -12.24
CA TRP A 84 -0.59 -0.80 -13.19
C TRP A 84 -1.13 0.60 -12.92
N GLY A 85 -2.45 0.73 -12.91
CA GLY A 85 -3.06 2.03 -12.66
C GLY A 85 -2.66 2.62 -11.33
N VAL A 86 -2.51 1.77 -10.32
CA VAL A 86 -2.12 2.22 -8.99
C VAL A 86 -0.63 2.56 -8.94
N ALA A 87 0.17 1.83 -9.69
CA ALA A 87 1.61 2.06 -9.73
C ALA A 87 1.92 3.44 -10.31
N GLN A 88 1.41 3.71 -11.50
CA GLN A 88 1.64 4.99 -12.16
C GLN A 88 1.29 6.14 -11.23
N GLU A 89 0.14 6.04 -10.57
CA GLU A 89 -0.32 7.07 -9.66
C GLU A 89 0.70 7.32 -8.56
N ALA A 90 1.24 6.23 -8.00
CA ALA A 90 2.24 6.34 -6.93
C ALA A 90 3.48 7.07 -7.42
N ILE A 91 3.86 6.82 -8.66
CA ILE A 91 5.04 7.46 -9.24
C ILE A 91 4.80 8.94 -9.49
N ALA A 92 3.58 9.27 -9.91
CA ALA A 92 3.21 10.66 -10.17
C ALA A 92 3.39 11.52 -8.93
N ILE A 93 2.82 11.08 -7.81
CA ILE A 93 2.91 11.80 -6.56
C ILE A 93 4.30 11.67 -5.95
N GLY A 94 4.96 10.55 -6.23
CA GLY A 94 6.30 10.32 -5.70
C GLY A 94 6.28 9.49 -4.44
N ALA A 95 5.72 8.29 -4.53
CA ALA A 95 5.65 7.39 -3.38
C ALA A 95 7.05 6.99 -2.91
N LYS A 96 7.10 6.03 -2.00
CA LYS A 96 8.37 5.56 -1.46
C LYS A 96 8.52 4.05 -1.68
N THR A 97 7.41 3.33 -1.58
CA THR A 97 7.42 1.88 -1.76
C THR A 97 6.08 1.39 -2.31
N LEU A 98 6.09 0.21 -2.93
CA LEU A 98 4.88 -0.37 -3.50
C LEU A 98 4.85 -1.87 -3.27
N TRP A 99 3.69 -2.38 -2.83
CA TRP A 99 3.53 -3.80 -2.57
C TRP A 99 2.28 -4.34 -3.27
N LEU A 100 2.38 -5.56 -3.77
CA LEU A 100 1.25 -6.19 -4.47
C LEU A 100 0.85 -7.49 -3.78
N GLN A 101 -0.07 -8.22 -4.40
CA GLN A 101 -0.54 -9.49 -3.85
C GLN A 101 0.46 -10.61 -4.15
N LEU A 102 0.40 -11.67 -3.35
CA LEU A 102 1.30 -12.81 -3.53
C LEU A 102 0.80 -13.72 -4.65
N GLY A 103 1.72 -14.12 -5.53
CA GLY A 103 1.35 -14.98 -6.63
C GLY A 103 1.12 -14.22 -7.92
N VAL A 104 0.97 -12.91 -7.81
CA VAL A 104 0.74 -12.06 -8.98
C VAL A 104 2.06 -11.56 -9.56
N ILE A 105 2.08 -11.36 -10.87
CA ILE A 105 3.28 -10.89 -11.55
C ILE A 105 2.93 -9.92 -12.67
N ASN A 106 3.20 -8.64 -12.46
CA ASN A 106 2.92 -7.61 -13.45
C ASN A 106 4.20 -6.96 -13.95
N GLU A 107 4.76 -7.51 -15.02
CA GLU A 107 5.99 -6.99 -15.60
C GLU A 107 5.88 -5.49 -15.85
N GLN A 108 4.70 -5.06 -16.29
CA GLN A 108 4.45 -3.65 -16.56
C GLN A 108 4.53 -2.81 -15.29
N ALA A 109 3.78 -3.22 -14.28
CA ALA A 109 3.76 -2.51 -13.01
C ALA A 109 5.17 -2.39 -12.43
N ALA A 110 6.03 -3.33 -12.78
CA ALA A 110 7.41 -3.33 -12.30
C ALA A 110 8.25 -2.30 -13.05
N VAL A 111 8.01 -2.16 -14.35
CA VAL A 111 8.74 -1.20 -15.17
C VAL A 111 8.42 0.23 -14.76
N LEU A 112 7.13 0.50 -14.53
CA LEU A 112 6.70 1.83 -14.13
C LEU A 112 7.51 2.34 -12.93
N ALA A 113 7.57 1.53 -11.89
CA ALA A 113 8.32 1.90 -10.69
C ALA A 113 9.81 1.94 -10.97
N ARG A 114 10.26 1.13 -11.92
CA ARG A 114 11.68 1.08 -12.28
C ARG A 114 12.11 2.39 -12.93
N GLU A 115 11.20 3.01 -13.68
CA GLU A 115 11.49 4.26 -14.36
C GLU A 115 11.78 5.37 -13.35
N ALA A 116 10.90 5.50 -12.37
CA ALA A 116 11.05 6.53 -11.33
C ALA A 116 12.09 6.11 -10.30
N GLY A 117 12.30 4.81 -10.17
CA GLY A 117 13.27 4.30 -9.21
C GLY A 117 12.62 3.86 -7.91
N LEU A 118 11.30 3.76 -7.91
CA LEU A 118 10.56 3.36 -6.72
C LEU A 118 10.79 1.88 -6.41
N SER A 119 10.53 1.50 -5.17
CA SER A 119 10.72 0.11 -4.74
C SER A 119 9.42 -0.68 -4.90
N VAL A 120 9.31 -1.40 -6.01
CA VAL A 120 8.12 -2.20 -6.29
C VAL A 120 8.34 -3.65 -5.89
N VAL A 121 7.48 -4.16 -5.02
CA VAL A 121 7.58 -5.54 -4.56
C VAL A 121 6.28 -6.29 -4.79
N MET A 122 6.28 -7.16 -5.79
CA MET A 122 5.09 -7.95 -6.11
C MET A 122 5.29 -9.42 -5.76
N ASP A 123 4.29 -10.24 -6.05
CA ASP A 123 4.36 -11.66 -5.75
C ASP A 123 4.74 -11.90 -4.30
N ARG A 124 4.25 -11.04 -3.41
CA ARG A 124 4.55 -11.15 -1.98
C ARG A 124 3.36 -10.68 -1.15
N CYS A 125 3.07 -11.41 -0.09
CA CYS A 125 1.97 -11.07 0.81
C CYS A 125 2.46 -10.75 2.20
N PRO A 126 2.22 -9.50 2.65
CA PRO A 126 2.65 -9.03 3.97
C PRO A 126 1.85 -9.69 5.09
N ALA A 127 0.71 -10.27 4.75
CA ALA A 127 -0.15 -10.93 5.73
C ALA A 127 0.53 -12.18 6.28
N ILE A 128 1.22 -12.91 5.42
CA ILE A 128 1.91 -14.13 5.83
C ILE A 128 3.40 -13.86 6.06
N GLU A 129 3.89 -12.75 5.53
CA GLU A 129 5.29 -12.38 5.68
C GLU A 129 5.56 -11.85 7.08
N LEU A 130 4.56 -11.17 7.65
CA LEU A 130 4.70 -10.61 8.99
C LEU A 130 4.87 -11.70 10.03
N PRO A 131 3.90 -12.63 10.08
CA PRO A 131 3.93 -13.75 11.03
C PRO A 131 5.01 -14.76 10.70
N ARG A 132 5.67 -14.57 9.56
CA ARG A 132 6.72 -15.47 9.12
C ARG A 132 7.77 -15.66 10.22
N LEU A 133 7.93 -14.63 11.05
CA LEU A 133 8.90 -14.69 12.15
C LEU A 133 8.27 -15.30 13.40
N GLY A 134 6.96 -15.10 13.55
CA GLY A 134 6.26 -15.64 14.70
C GLY A 134 6.04 -14.60 15.78
N LEU A 135 5.73 -13.38 15.37
CA LEU A 135 5.49 -12.29 16.31
C LEU A 135 4.04 -11.80 16.22
N ALA A 136 3.48 -11.87 15.03
CA ALA A 136 2.10 -11.43 14.81
C ALA A 136 1.14 -12.18 15.72
N LYS A 137 -0.06 -11.64 15.90
CA LYS A 137 -1.07 -12.26 16.73
C LYS A 137 -2.13 -12.95 15.89
N MET A 1 21.06 -8.39 5.90
CA MET A 1 21.41 -9.26 4.79
C MET A 1 20.60 -8.92 3.55
N LYS A 2 20.26 -7.64 3.40
CA LYS A 2 19.49 -7.18 2.26
C LYS A 2 20.19 -6.01 1.57
N GLU A 3 20.16 -6.01 0.23
CA GLU A 3 20.79 -4.96 -0.55
C GLU A 3 19.74 -4.11 -1.26
N ASN A 4 19.02 -3.30 -0.50
CA ASN A 4 17.99 -2.44 -1.06
C ASN A 4 18.01 -1.07 -0.40
N ASP A 5 17.08 -0.20 -0.81
CA ASP A 5 17.00 1.14 -0.25
C ASP A 5 15.76 1.29 0.62
N ILE A 6 14.80 0.39 0.43
CA ILE A 6 13.57 0.43 1.20
C ILE A 6 13.85 0.47 2.70
N ALA A 7 15.00 -0.08 3.09
CA ALA A 7 15.39 -0.11 4.49
C ALA A 7 15.40 1.29 5.08
N GLY A 8 15.80 2.27 4.29
CA GLY A 8 15.83 3.64 4.75
C GLY A 8 14.46 4.28 4.80
N ILE A 9 13.59 3.87 3.87
CA ILE A 9 12.24 4.40 3.80
C ILE A 9 11.35 3.81 4.90
N LEU A 10 11.59 2.54 5.21
CA LEU A 10 10.82 1.85 6.25
C LEU A 10 11.34 2.21 7.64
N THR A 11 12.64 2.50 7.73
CA THR A 11 13.25 2.85 9.00
C THR A 11 13.06 4.34 9.31
N SER A 12 12.86 5.13 8.27
CA SER A 12 12.66 6.57 8.43
C SER A 12 11.21 6.87 8.80
N THR A 13 10.30 6.60 7.87
CA THR A 13 8.88 6.85 8.10
C THR A 13 8.05 5.60 7.79
N ARG A 14 7.02 5.38 8.61
CA ARG A 14 6.15 4.22 8.43
C ARG A 14 4.72 4.67 8.10
N THR A 15 4.34 4.53 6.84
CA THR A 15 3.01 4.91 6.40
C THR A 15 2.44 3.91 5.41
N ILE A 16 1.22 3.44 5.67
CA ILE A 16 0.58 2.46 4.80
C ILE A 16 -0.69 3.04 4.19
N ALA A 17 -0.84 2.88 2.88
CA ALA A 17 -2.01 3.39 2.16
C ALA A 17 -2.71 2.27 1.41
N LEU A 18 -4.04 2.31 1.41
CA LEU A 18 -4.84 1.30 0.73
C LEU A 18 -5.61 1.90 -0.44
N VAL A 19 -5.58 1.22 -1.58
CA VAL A 19 -6.28 1.70 -2.76
C VAL A 19 -7.57 0.91 -3.00
N GLY A 20 -8.66 1.63 -3.26
CA GLY A 20 -9.93 0.98 -3.49
C GLY A 20 -10.49 0.31 -2.24
N ALA A 21 -10.50 1.06 -1.14
CA ALA A 21 -11.01 0.54 0.12
C ALA A 21 -12.53 0.69 0.21
N SER A 22 -13.18 -0.30 0.82
CA SER A 22 -14.62 -0.28 0.96
C SER A 22 -15.06 -1.03 2.23
N ASP A 23 -16.37 -1.13 2.42
CA ASP A 23 -16.91 -1.83 3.58
C ASP A 23 -17.19 -3.29 3.27
N LYS A 24 -16.24 -3.92 2.57
CA LYS A 24 -16.38 -5.33 2.20
C LYS A 24 -15.44 -6.19 3.02
N PRO A 25 -15.94 -6.70 4.16
CA PRO A 25 -15.15 -7.57 5.05
C PRO A 25 -14.88 -8.93 4.45
N ASP A 26 -15.49 -9.20 3.29
CA ASP A 26 -15.32 -10.48 2.61
C ASP A 26 -14.32 -10.34 1.47
N ARG A 27 -13.45 -9.35 1.55
CA ARG A 27 -12.45 -9.10 0.52
C ARG A 27 -11.04 -9.17 1.11
N PRO A 28 -10.06 -9.45 0.23
CA PRO A 28 -8.66 -9.55 0.64
C PRO A 28 -8.07 -8.20 1.03
N SER A 29 -8.66 -7.13 0.52
CA SER A 29 -8.19 -5.78 0.81
C SER A 29 -8.64 -5.34 2.20
N TYR A 30 -9.66 -6.01 2.73
CA TYR A 30 -10.19 -5.69 4.05
C TYR A 30 -9.41 -6.41 5.14
N ARG A 31 -9.21 -7.72 4.95
CA ARG A 31 -8.49 -8.52 5.92
C ARG A 31 -7.12 -7.92 6.22
N VAL A 32 -6.49 -7.36 5.19
CA VAL A 32 -5.17 -6.74 5.34
C VAL A 32 -5.29 -5.38 6.02
N MET A 33 -6.38 -4.67 5.75
CA MET A 33 -6.60 -3.35 6.33
C MET A 33 -6.63 -3.43 7.85
N LYS A 34 -7.63 -4.13 8.39
CA LYS A 34 -7.77 -4.28 9.83
C LYS A 34 -6.53 -4.95 10.43
N TYR A 35 -5.84 -5.74 9.62
CA TYR A 35 -4.64 -6.43 10.07
C TYR A 35 -3.53 -5.43 10.42
N LEU A 36 -3.32 -4.45 9.56
CA LEU A 36 -2.31 -3.43 9.77
C LEU A 36 -2.72 -2.47 10.88
N LEU A 37 -4.03 -2.25 11.00
CA LEU A 37 -4.57 -1.35 12.02
C LEU A 37 -4.40 -1.95 13.42
N ASP A 38 -4.77 -3.23 13.56
CA ASP A 38 -4.66 -3.92 14.83
C ASP A 38 -3.20 -4.07 15.25
N GLN A 39 -2.32 -4.24 14.27
CA GLN A 39 -0.90 -4.39 14.54
C GLN A 39 -0.31 -3.10 15.12
N GLY A 40 -0.96 -1.97 14.82
CA GLY A 40 -0.48 -0.70 15.32
C GLY A 40 0.26 0.10 14.27
N TYR A 41 -0.34 0.20 13.07
CA TYR A 41 0.27 0.94 11.98
C TYR A 41 -0.64 2.06 11.51
N HIS A 42 -0.21 2.76 10.46
CA HIS A 42 -1.00 3.86 9.91
C HIS A 42 -1.60 3.48 8.56
N VAL A 43 -2.92 3.32 8.53
CA VAL A 43 -3.61 2.96 7.30
C VAL A 43 -4.34 4.16 6.70
N ILE A 44 -4.16 4.37 5.41
CA ILE A 44 -4.79 5.48 4.71
C ILE A 44 -5.53 5.00 3.47
N PRO A 45 -6.72 4.41 3.67
CA PRO A 45 -7.55 3.91 2.57
C PRO A 45 -8.13 5.02 1.72
N VAL A 46 -8.08 4.85 0.40
CA VAL A 46 -8.61 5.84 -0.53
C VAL A 46 -9.52 5.20 -1.56
N SER A 47 -10.76 5.66 -1.62
CA SER A 47 -11.73 5.12 -2.57
C SER A 47 -12.70 6.20 -3.03
N PRO A 48 -13.22 6.05 -4.25
CA PRO A 48 -14.16 7.02 -4.85
C PRO A 48 -15.52 6.98 -4.16
N LYS A 49 -15.72 6.00 -3.29
CA LYS A 49 -16.97 5.86 -2.56
C LYS A 49 -16.81 6.28 -1.10
N VAL A 50 -15.62 6.03 -0.56
CA VAL A 50 -15.32 6.38 0.83
C VAL A 50 -15.03 7.88 0.98
N ALA A 51 -15.00 8.58 -0.15
CA ALA A 51 -14.73 10.00 -0.16
C ALA A 51 -15.78 10.76 0.67
N GLY A 52 -15.44 11.05 1.92
CA GLY A 52 -16.35 11.76 2.79
C GLY A 52 -16.94 10.87 3.87
N LYS A 53 -16.30 9.74 4.11
CA LYS A 53 -16.76 8.79 5.12
C LYS A 53 -15.59 8.26 5.94
N THR A 54 -15.89 7.66 7.09
CA THR A 54 -14.87 7.11 7.97
C THR A 54 -15.18 5.65 8.32
N LEU A 55 -14.39 4.74 7.77
CA LEU A 55 -14.59 3.32 8.03
C LEU A 55 -13.44 2.76 8.88
N LEU A 56 -13.78 1.96 9.88
CA LEU A 56 -12.79 1.36 10.76
C LEU A 56 -11.96 2.44 11.45
N GLY A 57 -12.50 3.65 11.51
CA GLY A 57 -11.80 4.75 12.15
C GLY A 57 -10.85 5.46 11.21
N GLN A 58 -10.84 5.04 9.95
CA GLN A 58 -9.96 5.63 8.95
C GLN A 58 -10.74 6.56 8.02
N GLN A 59 -10.18 7.73 7.75
CA GLN A 59 -10.84 8.70 6.87
C GLN A 59 -10.75 8.26 5.42
N GLY A 60 -11.83 8.48 4.67
CA GLY A 60 -11.85 8.10 3.27
C GLY A 60 -11.53 9.26 2.35
N TYR A 61 -11.00 8.95 1.17
CA TYR A 61 -10.64 9.98 0.19
C TYR A 61 -11.00 9.53 -1.22
N ALA A 62 -11.55 10.46 -2.01
CA ALA A 62 -11.94 10.17 -3.38
C ALA A 62 -10.71 9.88 -4.24
N THR A 63 -9.60 10.52 -3.91
CA THR A 63 -8.35 10.33 -4.66
C THR A 63 -7.14 10.47 -3.75
N LEU A 64 -6.07 9.77 -4.10
CA LEU A 64 -4.84 9.81 -3.32
C LEU A 64 -4.19 11.19 -3.40
N ALA A 65 -4.63 11.98 -4.38
CA ALA A 65 -4.09 13.33 -4.56
C ALA A 65 -4.94 14.36 -3.83
N ASP A 66 -5.83 13.88 -2.97
CA ASP A 66 -6.70 14.77 -2.20
C ASP A 66 -6.32 14.76 -0.72
N VAL A 67 -5.66 13.68 -0.30
CA VAL A 67 -5.25 13.53 1.10
C VAL A 67 -4.01 14.37 1.38
N PRO A 68 -4.05 15.11 2.51
CA PRO A 68 -2.93 15.97 2.92
C PRO A 68 -1.73 15.16 3.38
N GLU A 69 -1.98 14.10 4.14
CA GLU A 69 -0.91 13.25 4.64
C GLU A 69 -0.24 12.48 3.50
N LYS A 70 1.05 12.72 3.32
CA LYS A 70 1.81 12.05 2.26
C LYS A 70 2.03 10.58 2.60
N VAL A 71 1.86 9.72 1.60
CA VAL A 71 2.06 8.29 1.79
C VAL A 71 3.51 7.89 1.56
N ASP A 72 3.97 6.91 2.33
CA ASP A 72 5.35 6.43 2.21
C ASP A 72 5.38 5.01 1.66
N MET A 73 4.28 4.27 1.86
CA MET A 73 4.19 2.90 1.38
C MET A 73 2.79 2.60 0.87
N VAL A 74 2.67 2.40 -0.44
CA VAL A 74 1.39 2.10 -1.06
C VAL A 74 1.21 0.59 -1.28
N ASP A 75 0.16 0.04 -0.68
CA ASP A 75 -0.12 -1.38 -0.82
C ASP A 75 -1.31 -1.62 -1.73
N VAL A 76 -1.14 -2.52 -2.70
CA VAL A 76 -2.20 -2.84 -3.65
C VAL A 76 -2.76 -4.24 -3.40
N PHE A 77 -4.04 -4.31 -3.04
CA PHE A 77 -4.69 -5.57 -2.77
C PHE A 77 -5.80 -5.85 -3.79
N ARG A 78 -6.26 -4.79 -4.44
CA ARG A 78 -7.33 -4.91 -5.43
C ARG A 78 -6.98 -5.98 -6.47
N ASN A 79 -5.95 -5.72 -7.27
CA ASN A 79 -5.52 -6.65 -8.30
C ASN A 79 -4.17 -6.25 -8.87
N SER A 80 -3.65 -7.06 -9.79
CA SER A 80 -2.36 -6.79 -10.41
C SER A 80 -2.47 -5.67 -11.44
N GLU A 81 -3.50 -5.76 -12.28
CA GLU A 81 -3.73 -4.76 -13.32
C GLU A 81 -3.81 -3.36 -12.71
N ALA A 82 -4.31 -3.29 -11.48
CA ALA A 82 -4.44 -2.01 -10.78
C ALA A 82 -3.08 -1.45 -10.41
N ALA A 83 -2.11 -2.34 -10.22
CA ALA A 83 -0.76 -1.93 -9.84
C ALA A 83 -0.22 -0.88 -10.81
N TRP A 84 -0.53 -1.05 -12.09
CA TRP A 84 -0.07 -0.11 -13.11
C TRP A 84 -0.74 1.25 -12.93
N GLY A 85 -2.06 1.27 -12.88
CA GLY A 85 -2.79 2.52 -12.71
C GLY A 85 -2.40 3.23 -11.44
N VAL A 86 -2.21 2.48 -10.36
CA VAL A 86 -1.84 3.06 -9.08
C VAL A 86 -0.38 3.51 -9.08
N ALA A 87 0.46 2.73 -9.74
CA ALA A 87 1.89 3.05 -9.82
C ALA A 87 2.11 4.42 -10.43
N GLN A 88 1.58 4.62 -11.64
CA GLN A 88 1.71 5.89 -12.34
C GLN A 88 1.20 7.04 -11.48
N GLU A 89 0.05 6.82 -10.83
CA GLU A 89 -0.55 7.85 -9.98
C GLU A 89 0.35 8.16 -8.79
N ALA A 90 0.85 7.11 -8.15
CA ALA A 90 1.73 7.28 -6.99
C ALA A 90 2.99 8.06 -7.36
N ILE A 91 3.65 7.64 -8.43
CA ILE A 91 4.86 8.31 -8.88
C ILE A 91 4.59 9.77 -9.26
N ALA A 92 3.34 10.05 -9.63
CA ALA A 92 2.94 11.39 -10.01
C ALA A 92 2.91 12.32 -8.80
N ILE A 93 2.26 11.86 -7.73
CA ILE A 93 2.17 12.64 -6.50
C ILE A 93 3.48 12.65 -5.75
N GLY A 94 4.29 11.62 -5.96
CA GLY A 94 5.58 11.53 -5.29
C GLY A 94 5.62 10.40 -4.27
N ALA A 95 5.25 9.20 -4.71
CA ALA A 95 5.25 8.03 -3.84
C ALA A 95 6.66 7.74 -3.31
N LYS A 96 6.78 6.69 -2.52
CA LYS A 96 8.06 6.30 -1.95
C LYS A 96 8.29 4.79 -2.06
N THR A 97 7.22 4.02 -1.80
CA THR A 97 7.30 2.57 -1.86
C THR A 97 6.04 1.99 -2.51
N LEU A 98 6.17 0.77 -3.04
CA LEU A 98 5.05 0.11 -3.69
C LEU A 98 5.03 -1.38 -3.34
N TRP A 99 3.87 -1.86 -2.91
CA TRP A 99 3.71 -3.27 -2.54
C TRP A 99 2.53 -3.90 -3.27
N LEU A 100 2.77 -5.03 -3.92
CA LEU A 100 1.71 -5.73 -4.64
C LEU A 100 1.24 -6.97 -3.87
N GLN A 101 0.40 -7.76 -4.51
CA GLN A 101 -0.12 -8.98 -3.90
C GLN A 101 0.78 -10.17 -4.20
N LEU A 102 0.82 -11.12 -3.28
CA LEU A 102 1.65 -12.31 -3.45
C LEU A 102 1.28 -13.05 -4.73
N GLY A 103 2.29 -13.59 -5.41
CA GLY A 103 2.04 -14.32 -6.64
C GLY A 103 1.70 -13.40 -7.79
N VAL A 104 2.16 -12.15 -7.72
CA VAL A 104 1.88 -11.17 -8.76
C VAL A 104 3.18 -10.61 -9.35
N ILE A 105 3.27 -10.61 -10.67
CA ILE A 105 4.46 -10.10 -11.35
C ILE A 105 4.08 -9.24 -12.55
N ASN A 106 4.27 -7.93 -12.41
CA ASN A 106 3.95 -6.99 -13.48
C ASN A 106 5.21 -6.27 -13.96
N GLU A 107 5.87 -6.86 -14.95
CA GLU A 107 7.08 -6.27 -15.52
C GLU A 107 6.85 -4.83 -15.93
N GLN A 108 5.61 -4.52 -16.30
CA GLN A 108 5.25 -3.17 -16.73
C GLN A 108 5.16 -2.23 -15.54
N ALA A 109 4.44 -2.65 -14.50
CA ALA A 109 4.29 -1.84 -13.30
C ALA A 109 5.60 -1.74 -12.54
N ALA A 110 6.47 -2.72 -12.72
CA ALA A 110 7.76 -2.73 -12.05
C ALA A 110 8.71 -1.70 -12.64
N VAL A 111 8.86 -1.73 -13.96
CA VAL A 111 9.73 -0.79 -14.66
C VAL A 111 9.15 0.62 -14.63
N LEU A 112 7.83 0.71 -14.65
CA LEU A 112 7.14 2.00 -14.64
C LEU A 112 7.60 2.83 -13.43
N ALA A 113 8.01 2.15 -12.37
CA ALA A 113 8.46 2.82 -11.16
C ALA A 113 9.96 3.13 -11.23
N ARG A 114 10.72 2.19 -11.78
CA ARG A 114 12.16 2.35 -11.92
C ARG A 114 12.50 3.65 -12.64
N GLU A 115 11.70 3.97 -13.66
CA GLU A 115 11.91 5.18 -14.44
C GLU A 115 11.97 6.41 -13.54
N ALA A 116 11.27 6.34 -12.41
CA ALA A 116 11.24 7.45 -11.46
C ALA A 116 12.16 7.17 -10.27
N GLY A 117 12.41 5.88 -10.01
CA GLY A 117 13.28 5.51 -8.91
C GLY A 117 12.50 4.90 -7.75
N LEU A 118 11.17 4.95 -7.84
CA LEU A 118 10.32 4.39 -6.80
C LEU A 118 10.71 2.94 -6.48
N SER A 119 10.47 2.53 -5.25
CA SER A 119 10.80 1.17 -4.82
C SER A 119 9.62 0.23 -5.05
N VAL A 120 9.70 -0.53 -6.14
CA VAL A 120 8.64 -1.48 -6.48
C VAL A 120 8.93 -2.85 -5.89
N VAL A 121 7.92 -3.44 -5.25
CA VAL A 121 8.06 -4.75 -4.65
C VAL A 121 6.82 -5.61 -4.88
N MET A 122 6.95 -6.61 -5.74
CA MET A 122 5.84 -7.50 -6.05
C MET A 122 6.09 -8.90 -5.49
N ASP A 123 5.08 -9.76 -5.59
CA ASP A 123 5.19 -11.14 -5.11
C ASP A 123 5.58 -11.16 -3.64
N ARG A 124 5.08 -10.19 -2.88
CA ARG A 124 5.38 -10.10 -1.45
C ARG A 124 4.19 -9.52 -0.68
N CYS A 125 3.91 -10.11 0.48
CA CYS A 125 2.80 -9.66 1.31
C CYS A 125 3.27 -9.37 2.73
N PRO A 126 2.81 -8.23 3.28
CA PRO A 126 3.17 -7.82 4.64
C PRO A 126 2.55 -8.71 5.71
N ALA A 127 1.48 -9.40 5.35
CA ALA A 127 0.79 -10.29 6.28
C ALA A 127 1.72 -11.40 6.76
N ILE A 128 2.52 -11.93 5.84
CA ILE A 128 3.46 -12.99 6.18
C ILE A 128 4.86 -12.44 6.40
N GLU A 129 5.11 -11.23 5.89
CA GLU A 129 6.41 -10.59 6.04
C GLU A 129 6.62 -10.10 7.48
N LEU A 130 5.52 -9.77 8.15
CA LEU A 130 5.58 -9.29 9.53
C LEU A 130 6.01 -10.41 10.47
N PRO A 131 5.23 -11.51 10.47
CA PRO A 131 5.51 -12.66 11.33
C PRO A 131 6.77 -13.42 10.89
N ARG A 132 7.32 -13.03 9.75
CA ARG A 132 8.52 -13.66 9.22
C ARG A 132 9.61 -13.73 10.27
N LEU A 133 9.61 -12.76 11.18
CA LEU A 133 10.61 -12.70 12.24
C LEU A 133 10.08 -13.32 13.53
N GLY A 134 8.76 -13.23 13.72
CA GLY A 134 8.14 -13.78 14.91
C GLY A 134 7.83 -12.73 15.95
N LEU A 135 7.27 -11.61 15.51
CA LEU A 135 6.92 -10.52 16.42
C LEU A 135 5.41 -10.30 16.46
N ALA A 136 4.74 -10.68 15.37
CA ALA A 136 3.29 -10.53 15.29
C ALA A 136 2.60 -11.13 16.50
N LYS A 137 1.59 -10.43 17.01
CA LYS A 137 0.84 -10.90 18.17
C LYS A 137 0.30 -12.31 17.94
N MET A 1 21.77 12.21 0.90
CA MET A 1 22.17 11.69 -0.40
C MET A 1 22.60 10.22 -0.30
N LYS A 2 21.92 9.47 0.56
CA LYS A 2 22.23 8.07 0.75
C LYS A 2 21.16 7.18 0.10
N GLU A 3 21.44 6.71 -1.11
CA GLU A 3 20.50 5.86 -1.83
C GLU A 3 20.44 4.47 -1.20
N ASN A 4 19.64 4.33 -0.16
CA ASN A 4 19.50 3.05 0.53
C ASN A 4 18.32 2.25 -0.04
N ASP A 5 18.21 1.00 0.37
CA ASP A 5 17.13 0.14 -0.09
C ASP A 5 15.92 0.23 0.83
N ILE A 6 14.96 -0.66 0.62
CA ILE A 6 13.75 -0.67 1.44
C ILE A 6 14.08 -0.72 2.92
N ALA A 7 15.24 -1.29 3.25
CA ALA A 7 15.67 -1.39 4.63
C ALA A 7 15.69 -0.02 5.31
N GLY A 8 16.05 1.01 4.54
CA GLY A 8 16.10 2.35 5.09
C GLY A 8 14.72 2.96 5.24
N ILE A 9 13.83 2.63 4.32
CA ILE A 9 12.47 3.15 4.34
C ILE A 9 11.63 2.45 5.41
N LEU A 10 11.96 1.20 5.66
CA LEU A 10 11.23 0.41 6.67
C LEU A 10 11.80 0.65 8.06
N THR A 11 13.08 1.03 8.12
CA THR A 11 13.75 1.29 9.39
C THR A 11 13.59 2.75 9.80
N SER A 12 13.29 3.60 8.84
CA SER A 12 13.11 5.03 9.10
C SER A 12 11.68 5.32 9.56
N THR A 13 10.73 5.14 8.65
CA THR A 13 9.33 5.40 8.95
C THR A 13 8.46 4.20 8.56
N ARG A 14 7.43 3.94 9.36
CA ARG A 14 6.52 2.83 9.09
C ARG A 14 5.13 3.34 8.75
N THR A 15 4.79 3.29 7.46
CA THR A 15 3.49 3.75 6.99
C THR A 15 2.93 2.83 5.91
N ILE A 16 1.62 2.62 5.93
CA ILE A 16 0.97 1.77 4.94
C ILE A 16 -0.19 2.48 4.28
N ALA A 17 -0.27 2.39 2.96
CA ALA A 17 -1.34 3.03 2.20
C ALA A 17 -2.18 1.99 1.47
N LEU A 18 -3.49 2.17 1.52
CA LEU A 18 -4.42 1.24 0.86
C LEU A 18 -5.22 1.96 -0.22
N VAL A 19 -5.32 1.32 -1.39
CA VAL A 19 -6.06 1.89 -2.51
C VAL A 19 -7.38 1.15 -2.73
N GLY A 20 -8.48 1.88 -2.64
CA GLY A 20 -9.78 1.26 -2.83
C GLY A 20 -10.32 0.62 -1.57
N ALA A 21 -10.61 1.45 -0.57
CA ALA A 21 -11.15 0.95 0.69
C ALA A 21 -12.64 1.23 0.81
N SER A 22 -13.44 0.29 0.31
CA SER A 22 -14.90 0.43 0.35
C SER A 22 -15.48 -0.35 1.52
N ASP A 23 -16.80 -0.48 1.55
CA ASP A 23 -17.49 -1.20 2.61
C ASP A 23 -17.69 -2.67 2.22
N LYS A 24 -16.66 -3.27 1.65
CA LYS A 24 -16.73 -4.67 1.24
C LYS A 24 -15.85 -5.54 2.12
N PRO A 25 -16.40 -5.95 3.28
CA PRO A 25 -15.68 -6.80 4.24
C PRO A 25 -15.49 -8.22 3.72
N ASP A 26 -16.07 -8.52 2.56
CA ASP A 26 -15.96 -9.83 1.96
C ASP A 26 -14.87 -9.85 0.89
N ARG A 27 -13.92 -8.93 1.00
CA ARG A 27 -12.83 -8.84 0.04
C ARG A 27 -11.48 -8.81 0.74
N PRO A 28 -10.42 -9.14 -0.01
CA PRO A 28 -9.05 -9.17 0.54
C PRO A 28 -8.52 -7.78 0.85
N SER A 29 -9.18 -6.76 0.31
CA SER A 29 -8.78 -5.38 0.53
C SER A 29 -9.21 -4.91 1.91
N TYR A 30 -10.27 -5.50 2.44
CA TYR A 30 -10.78 -5.14 3.76
C TYR A 30 -10.08 -5.94 4.85
N ARG A 31 -9.99 -7.26 4.65
CA ARG A 31 -9.34 -8.13 5.62
C ARG A 31 -7.93 -7.64 5.94
N VAL A 32 -7.27 -7.07 4.95
CA VAL A 32 -5.92 -6.55 5.12
C VAL A 32 -5.93 -5.22 5.86
N MET A 33 -6.98 -4.44 5.66
CA MET A 33 -7.11 -3.13 6.31
C MET A 33 -7.19 -3.29 7.82
N LYS A 34 -8.23 -3.97 8.29
CA LYS A 34 -8.42 -4.19 9.72
C LYS A 34 -7.27 -5.00 10.30
N TYR A 35 -6.62 -5.80 9.46
CA TYR A 35 -5.51 -6.62 9.89
C TYR A 35 -4.36 -5.76 10.39
N LEU A 36 -3.95 -4.78 9.58
CA LEU A 36 -2.87 -3.88 9.94
C LEU A 36 -3.26 -3.00 11.13
N LEU A 37 -4.49 -2.51 11.11
CA LEU A 37 -4.99 -1.66 12.19
C LEU A 37 -5.02 -2.41 13.51
N ASP A 38 -5.56 -3.62 13.48
CA ASP A 38 -5.65 -4.46 14.68
C ASP A 38 -4.27 -4.76 15.24
N GLN A 39 -3.41 -5.31 14.40
CA GLN A 39 -2.04 -5.65 14.81
C GLN A 39 -1.32 -4.42 15.35
N GLY A 40 -1.76 -3.24 14.91
CA GLY A 40 -1.13 -2.01 15.35
C GLY A 40 -0.23 -1.40 14.30
N TYR A 41 -0.83 -0.90 13.23
CA TYR A 41 -0.08 -0.29 12.14
C TYR A 41 -0.80 0.94 11.60
N HIS A 42 -0.09 1.75 10.83
CA HIS A 42 -0.66 2.95 10.25
C HIS A 42 -1.23 2.68 8.86
N VAL A 43 -2.55 2.82 8.73
CA VAL A 43 -3.21 2.58 7.46
C VAL A 43 -3.77 3.86 6.88
N ILE A 44 -3.62 4.04 5.57
CA ILE A 44 -4.11 5.24 4.89
C ILE A 44 -4.91 4.87 3.65
N PRO A 45 -6.15 4.40 3.86
CA PRO A 45 -7.05 4.02 2.77
C PRO A 45 -7.53 5.22 1.96
N VAL A 46 -7.56 5.06 0.64
CA VAL A 46 -8.00 6.13 -0.25
C VAL A 46 -8.98 5.60 -1.29
N SER A 47 -10.17 6.19 -1.32
CA SER A 47 -11.20 5.78 -2.28
C SER A 47 -12.05 6.96 -2.70
N PRO A 48 -12.59 6.89 -3.92
CA PRO A 48 -13.45 7.96 -4.48
C PRO A 48 -14.79 8.06 -3.77
N LYS A 49 -15.07 7.10 -2.89
CA LYS A 49 -16.32 7.09 -2.15
C LYS A 49 -16.09 7.47 -0.69
N VAL A 50 -14.93 7.10 -0.16
CA VAL A 50 -14.58 7.41 1.22
C VAL A 50 -14.10 8.85 1.35
N ALA A 51 -13.95 9.54 0.21
CA ALA A 51 -13.50 10.92 0.20
C ALA A 51 -14.38 11.79 1.09
N GLY A 52 -13.90 12.08 2.30
CA GLY A 52 -14.65 12.90 3.22
C GLY A 52 -15.36 12.09 4.28
N LYS A 53 -14.90 10.86 4.49
CA LYS A 53 -15.48 9.97 5.48
C LYS A 53 -14.41 9.36 6.37
N THR A 54 -14.84 8.57 7.35
CA THR A 54 -13.92 7.91 8.26
C THR A 54 -14.13 6.41 8.28
N LEU A 55 -13.06 5.67 8.00
CA LEU A 55 -13.12 4.21 7.98
C LEU A 55 -12.26 3.61 9.09
N LEU A 56 -12.91 3.06 10.10
CA LEU A 56 -12.20 2.45 11.23
C LEU A 56 -11.31 3.47 11.92
N GLY A 57 -11.62 4.75 11.73
CA GLY A 57 -10.82 5.79 12.35
C GLY A 57 -9.84 6.41 11.39
N GLN A 58 -9.84 5.94 10.15
CA GLN A 58 -8.93 6.45 9.13
C GLN A 58 -9.60 7.51 8.26
N GLN A 59 -8.90 8.60 8.00
CA GLN A 59 -9.44 9.69 7.19
C GLN A 59 -9.49 9.29 5.72
N GLY A 60 -10.70 9.28 5.16
CA GLY A 60 -10.85 8.92 3.76
C GLY A 60 -10.30 9.97 2.82
N TYR A 61 -10.10 9.59 1.57
CA TYR A 61 -9.56 10.51 0.57
C TYR A 61 -9.98 10.09 -0.84
N ALA A 62 -10.39 11.07 -1.65
CA ALA A 62 -10.82 10.79 -3.01
C ALA A 62 -9.64 10.33 -3.87
N THR A 63 -8.44 10.74 -3.49
CA THR A 63 -7.23 10.37 -4.21
C THR A 63 -5.98 10.58 -3.37
N LEU A 64 -4.94 9.81 -3.66
CA LEU A 64 -3.69 9.91 -2.93
C LEU A 64 -3.04 11.27 -3.14
N ALA A 65 -3.51 11.99 -4.16
CA ALA A 65 -2.97 13.32 -4.46
C ALA A 65 -3.76 14.40 -3.74
N ASP A 66 -4.59 13.99 -2.79
CA ASP A 66 -5.40 14.93 -2.01
C ASP A 66 -4.97 14.96 -0.55
N VAL A 67 -4.28 13.91 -0.13
CA VAL A 67 -3.80 13.80 1.24
C VAL A 67 -2.47 14.52 1.43
N PRO A 68 -2.38 15.33 2.49
CA PRO A 68 -1.16 16.09 2.79
C PRO A 68 -0.01 15.20 3.24
N GLU A 69 -0.33 14.21 4.09
CA GLU A 69 0.68 13.29 4.59
C GLU A 69 1.26 12.45 3.46
N LYS A 70 2.55 12.15 3.55
CA LYS A 70 3.23 11.36 2.53
C LYS A 70 3.42 9.92 3.01
N VAL A 71 2.98 8.96 2.19
CA VAL A 71 3.11 7.55 2.54
C VAL A 71 4.51 7.04 2.24
N ASP A 72 4.99 6.14 3.08
CA ASP A 72 6.32 5.56 2.91
C ASP A 72 6.26 4.24 2.16
N MET A 73 5.15 3.53 2.33
CA MET A 73 4.94 2.24 1.67
C MET A 73 3.51 2.10 1.18
N VAL A 74 3.36 1.95 -0.13
CA VAL A 74 2.04 1.79 -0.74
C VAL A 74 1.74 0.33 -1.05
N ASP A 75 0.64 -0.17 -0.50
CA ASP A 75 0.24 -1.55 -0.72
C ASP A 75 -0.95 -1.63 -1.67
N VAL A 76 -0.94 -2.63 -2.56
CA VAL A 76 -2.00 -2.82 -3.52
C VAL A 76 -2.64 -4.19 -3.38
N PHE A 77 -3.93 -4.22 -3.03
CA PHE A 77 -4.65 -5.46 -2.86
C PHE A 77 -5.83 -5.54 -3.81
N ARG A 78 -6.13 -4.43 -4.47
CA ARG A 78 -7.24 -4.36 -5.42
C ARG A 78 -7.15 -5.50 -6.44
N ASN A 79 -6.10 -5.48 -7.25
CA ASN A 79 -5.90 -6.51 -8.26
C ASN A 79 -4.57 -6.29 -8.99
N SER A 80 -4.25 -7.21 -9.90
CA SER A 80 -3.01 -7.14 -10.66
C SER A 80 -3.03 -5.93 -11.60
N GLU A 81 -4.05 -5.87 -12.45
CA GLU A 81 -4.17 -4.77 -13.40
C GLU A 81 -4.21 -3.43 -12.68
N ALA A 82 -4.67 -3.43 -11.44
CA ALA A 82 -4.75 -2.22 -10.64
C ALA A 82 -3.37 -1.74 -10.23
N ALA A 83 -2.46 -2.68 -10.00
CA ALA A 83 -1.10 -2.35 -9.60
C ALA A 83 -0.47 -1.36 -10.58
N TRP A 84 -0.80 -1.50 -11.86
CA TRP A 84 -0.27 -0.62 -12.89
C TRP A 84 -0.83 0.80 -12.73
N GLY A 85 -2.15 0.89 -12.69
CA GLY A 85 -2.79 2.19 -12.54
C GLY A 85 -2.42 2.88 -11.24
N VAL A 86 -2.21 2.09 -10.19
CA VAL A 86 -1.85 2.63 -8.90
C VAL A 86 -0.37 2.99 -8.83
N ALA A 87 0.46 2.18 -9.49
CA ALA A 87 1.90 2.43 -9.52
C ALA A 87 2.22 3.75 -10.19
N GLN A 88 1.63 3.98 -11.36
CA GLN A 88 1.86 5.21 -12.10
C GLN A 88 1.47 6.43 -11.26
N GLU A 89 0.33 6.34 -10.59
CA GLU A 89 -0.15 7.43 -9.75
C GLU A 89 0.82 7.71 -8.61
N ALA A 90 1.25 6.65 -7.93
CA ALA A 90 2.18 6.78 -6.82
C ALA A 90 3.49 7.45 -7.26
N ILE A 91 4.06 6.93 -8.35
CA ILE A 91 5.31 7.46 -8.87
C ILE A 91 5.14 8.91 -9.31
N ALA A 92 3.92 9.28 -9.69
CA ALA A 92 3.62 10.63 -10.13
C ALA A 92 3.75 11.62 -8.98
N ILE A 93 3.11 11.31 -7.87
CA ILE A 93 3.15 12.17 -6.69
C ILE A 93 4.51 12.10 -6.00
N GLY A 94 5.20 10.98 -6.20
CA GLY A 94 6.51 10.81 -5.60
C GLY A 94 6.52 9.74 -4.51
N ALA A 95 6.02 8.55 -4.85
CA ALA A 95 5.97 7.44 -3.91
C ALA A 95 7.37 7.08 -3.42
N LYS A 96 7.46 6.03 -2.61
CA LYS A 96 8.73 5.59 -2.06
C LYS A 96 8.86 4.07 -2.17
N THR A 97 7.77 3.36 -1.88
CA THR A 97 7.76 1.90 -1.95
C THR A 97 6.45 1.39 -2.53
N LEU A 98 6.48 0.17 -3.05
CA LEU A 98 5.29 -0.45 -3.64
C LEU A 98 5.20 -1.93 -3.27
N TRP A 99 4.01 -2.35 -2.86
CA TRP A 99 3.80 -3.74 -2.48
C TRP A 99 2.56 -4.31 -3.16
N LEU A 100 2.66 -5.54 -3.65
CA LEU A 100 1.54 -6.19 -4.33
C LEU A 100 1.06 -7.41 -3.53
N GLN A 101 0.20 -8.21 -4.16
CA GLN A 101 -0.33 -9.40 -3.52
C GLN A 101 0.62 -10.58 -3.67
N LEU A 102 0.68 -11.43 -2.65
CA LEU A 102 1.56 -12.59 -2.68
C LEU A 102 1.06 -13.64 -3.67
N GLY A 103 1.95 -14.14 -4.50
CA GLY A 103 1.57 -15.14 -5.48
C GLY A 103 1.36 -14.55 -6.87
N VAL A 104 1.13 -13.25 -6.91
CA VAL A 104 0.91 -12.56 -8.18
C VAL A 104 2.20 -11.92 -8.69
N ILE A 105 2.34 -11.89 -10.02
CA ILE A 105 3.52 -11.31 -10.64
C ILE A 105 3.14 -10.35 -11.76
N ASN A 106 3.52 -9.08 -11.59
CA ASN A 106 3.21 -8.06 -12.60
C ASN A 106 4.50 -7.46 -13.16
N GLU A 107 4.94 -7.99 -14.30
CA GLU A 107 6.16 -7.50 -14.94
C GLU A 107 5.98 -6.06 -15.41
N GLN A 108 4.77 -5.72 -15.85
CA GLN A 108 4.47 -4.38 -16.32
C GLN A 108 4.53 -3.37 -15.18
N ALA A 109 3.86 -3.70 -14.08
CA ALA A 109 3.83 -2.82 -12.92
C ALA A 109 5.19 -2.79 -12.22
N ALA A 110 5.96 -3.85 -12.40
CA ALA A 110 7.28 -3.95 -11.78
C ALA A 110 8.25 -2.99 -12.45
N VAL A 111 8.35 -3.05 -13.77
CA VAL A 111 9.24 -2.19 -14.54
C VAL A 111 8.77 -0.74 -14.50
N LEU A 112 7.45 -0.56 -14.46
CA LEU A 112 6.86 0.78 -14.42
C LEU A 112 7.43 1.59 -13.27
N ALA A 113 7.85 0.90 -12.21
CA ALA A 113 8.42 1.56 -11.04
C ALA A 113 9.92 1.77 -11.21
N ARG A 114 10.58 0.82 -11.86
CA ARG A 114 12.02 0.90 -12.08
C ARG A 114 12.37 2.11 -12.93
N GLU A 115 11.50 2.43 -13.89
CA GLU A 115 11.72 3.58 -14.76
C GLU A 115 11.92 4.86 -13.96
N ALA A 116 11.35 4.89 -12.75
CA ALA A 116 11.47 6.05 -11.89
C ALA A 116 12.46 5.79 -10.75
N GLY A 117 12.64 4.51 -10.42
CA GLY A 117 13.55 4.16 -9.35
C GLY A 117 12.84 3.63 -8.13
N LEU A 118 11.52 3.80 -8.10
CA LEU A 118 10.71 3.34 -6.97
C LEU A 118 11.00 1.88 -6.65
N SER A 119 10.85 1.51 -5.39
CA SER A 119 11.10 0.14 -4.95
C SER A 119 9.84 -0.71 -5.09
N VAL A 120 9.78 -1.49 -6.16
CA VAL A 120 8.63 -2.36 -6.41
C VAL A 120 8.85 -3.75 -5.84
N VAL A 121 7.85 -4.27 -5.14
CA VAL A 121 7.94 -5.59 -4.55
C VAL A 121 6.63 -6.35 -4.71
N MET A 122 6.63 -7.33 -5.60
CA MET A 122 5.44 -8.14 -5.86
C MET A 122 5.61 -9.56 -5.32
N ASP A 123 4.61 -10.39 -5.52
CA ASP A 123 4.66 -11.77 -5.05
C ASP A 123 5.02 -11.83 -3.57
N ARG A 124 4.54 -10.86 -2.82
CA ARG A 124 4.80 -10.80 -1.38
C ARG A 124 3.68 -10.09 -0.64
N CYS A 125 3.28 -10.65 0.49
CA CYS A 125 2.20 -10.08 1.29
C CYS A 125 2.58 -10.02 2.77
N PRO A 126 2.44 -8.84 3.38
CA PRO A 126 2.76 -8.64 4.79
C PRO A 126 1.80 -9.36 5.72
N ALA A 127 0.67 -9.79 5.17
CA ALA A 127 -0.34 -10.50 5.96
C ALA A 127 0.22 -11.80 6.53
N ILE A 128 0.91 -12.56 5.68
CA ILE A 128 1.50 -13.83 6.09
C ILE A 128 2.98 -13.67 6.42
N GLU A 129 3.58 -12.61 5.91
CA GLU A 129 5.00 -12.33 6.16
C GLU A 129 5.22 -11.89 7.60
N LEU A 130 4.37 -10.97 8.07
CA LEU A 130 4.49 -10.46 9.43
C LEU A 130 4.55 -11.61 10.44
N PRO A 131 3.53 -12.48 10.41
CA PRO A 131 3.46 -13.63 11.32
C PRO A 131 4.50 -14.70 10.99
N ARG A 132 5.23 -14.48 9.91
CA ARG A 132 6.27 -15.42 9.49
C ARG A 132 7.54 -15.24 10.30
N LEU A 133 7.84 -13.99 10.65
CA LEU A 133 9.03 -13.68 11.43
C LEU A 133 8.66 -13.14 12.81
N GLY A 134 7.52 -12.47 12.88
CA GLY A 134 7.06 -11.91 14.14
C GLY A 134 6.07 -12.82 14.86
N LEU A 135 5.42 -13.69 14.09
CA LEU A 135 4.44 -14.61 14.65
C LEU A 135 3.24 -13.86 15.24
N ALA A 136 3.00 -12.66 14.72
CA ALA A 136 1.89 -11.84 15.19
C ALA A 136 0.59 -12.64 15.20
N LYS A 137 -0.44 -12.07 15.82
CA LYS A 137 -1.74 -12.73 15.90
C LYS A 137 -2.33 -12.95 14.51
N MET A 1 22.69 -11.06 2.62
CA MET A 1 23.68 -10.12 2.08
C MET A 1 23.03 -9.14 1.11
N LYS A 2 21.76 -8.83 1.36
CA LYS A 2 21.03 -7.90 0.51
C LYS A 2 20.64 -6.64 1.30
N GLU A 3 20.32 -5.57 0.58
CA GLU A 3 19.93 -4.32 1.20
C GLU A 3 19.05 -3.50 0.27
N ASN A 4 18.59 -2.35 0.75
CA ASN A 4 17.73 -1.46 -0.04
C ASN A 4 17.57 -0.10 0.64
N ASP A 5 16.83 0.79 0.00
CA ASP A 5 16.59 2.11 0.54
C ASP A 5 15.31 2.14 1.38
N ILE A 6 14.40 1.23 1.08
CA ILE A 6 13.14 1.14 1.80
C ILE A 6 13.37 1.06 3.31
N ALA A 7 14.52 0.51 3.69
CA ALA A 7 14.87 0.37 5.10
C ALA A 7 14.78 1.71 5.82
N GLY A 8 15.15 2.78 5.12
CA GLY A 8 15.12 4.11 5.71
C GLY A 8 13.71 4.66 5.79
N ILE A 9 12.86 4.28 4.83
CA ILE A 9 11.48 4.75 4.81
C ILE A 9 10.63 4.04 5.86
N LEU A 10 11.00 2.79 6.14
CA LEU A 10 10.27 2.00 7.13
C LEU A 10 10.78 2.27 8.54
N THR A 11 12.04 2.67 8.64
CA THR A 11 12.65 2.97 9.93
C THR A 11 12.41 4.42 10.33
N SER A 12 12.12 5.26 9.34
CA SER A 12 11.87 6.67 9.59
C SER A 12 10.39 6.91 9.87
N THR A 13 9.57 6.74 8.83
CA THR A 13 8.13 6.94 8.97
C THR A 13 7.36 5.73 8.46
N ARG A 14 6.67 5.04 9.36
CA ARG A 14 5.89 3.85 9.00
C ARG A 14 4.44 4.24 8.69
N THR A 15 4.11 4.26 7.40
CA THR A 15 2.76 4.61 6.97
C THR A 15 2.30 3.70 5.83
N ILE A 16 1.02 3.37 5.84
CA ILE A 16 0.45 2.51 4.80
C ILE A 16 -0.80 3.13 4.20
N ALA A 17 -0.93 3.03 2.88
CA ALA A 17 -2.08 3.59 2.18
C ALA A 17 -2.79 2.52 1.36
N LEU A 18 -4.06 2.28 1.68
CA LEU A 18 -4.85 1.28 0.97
C LEU A 18 -5.58 1.90 -0.22
N VAL A 19 -5.44 1.26 -1.38
CA VAL A 19 -6.10 1.74 -2.59
C VAL A 19 -7.32 0.90 -2.95
N GLY A 20 -8.46 1.56 -3.12
CA GLY A 20 -9.68 0.85 -3.46
C GLY A 20 -10.35 0.24 -2.24
N ALA A 21 -10.17 0.89 -1.10
CA ALA A 21 -10.77 0.40 0.14
C ALA A 21 -12.29 0.56 0.12
N SER A 22 -12.99 -0.56 0.01
CA SER A 22 -14.45 -0.55 -0.04
C SER A 22 -15.03 -1.32 1.14
N ASP A 23 -16.33 -1.57 1.10
CA ASP A 23 -17.02 -2.31 2.16
C ASP A 23 -17.09 -3.79 1.83
N LYS A 24 -15.98 -4.33 1.33
CA LYS A 24 -15.92 -5.75 0.98
C LYS A 24 -15.03 -6.51 1.95
N PRO A 25 -15.60 -6.92 3.09
CA PRO A 25 -14.88 -7.66 4.12
C PRO A 25 -14.54 -9.08 3.68
N ASP A 26 -15.05 -9.48 2.51
CA ASP A 26 -14.79 -10.80 1.98
C ASP A 26 -13.70 -10.77 0.92
N ARG A 27 -12.85 -9.76 1.00
CA ARG A 27 -11.75 -9.60 0.05
C ARG A 27 -10.41 -9.45 0.77
N PRO A 28 -9.32 -9.71 0.04
CA PRO A 28 -7.96 -9.61 0.60
C PRO A 28 -7.55 -8.17 0.87
N SER A 29 -8.29 -7.23 0.28
CA SER A 29 -8.00 -5.81 0.46
C SER A 29 -8.49 -5.33 1.82
N TYR A 30 -9.50 -6.00 2.36
CA TYR A 30 -10.07 -5.64 3.66
C TYR A 30 -9.31 -6.32 4.79
N ARG A 31 -9.06 -7.62 4.63
CA ARG A 31 -8.35 -8.40 5.63
C ARG A 31 -7.02 -7.73 5.98
N VAL A 32 -6.41 -7.08 5.01
CA VAL A 32 -5.14 -6.40 5.21
C VAL A 32 -5.32 -5.09 5.95
N MET A 33 -6.38 -4.37 5.61
CA MET A 33 -6.68 -3.09 6.24
C MET A 33 -6.77 -3.24 7.75
N LYS A 34 -7.71 -4.06 8.21
CA LYS A 34 -7.90 -4.29 9.63
C LYS A 34 -6.67 -4.97 10.24
N TYR A 35 -5.89 -5.64 9.40
CA TYR A 35 -4.69 -6.33 9.85
C TYR A 35 -3.60 -5.34 10.24
N LEU A 36 -3.37 -4.35 9.38
CA LEU A 36 -2.36 -3.34 9.63
C LEU A 36 -2.79 -2.40 10.76
N LEU A 37 -4.09 -2.21 10.90
CA LEU A 37 -4.64 -1.35 11.94
C LEU A 37 -4.40 -1.96 13.32
N ASP A 38 -4.69 -3.24 13.46
CA ASP A 38 -4.50 -3.94 14.73
C ASP A 38 -3.02 -4.07 15.06
N GLN A 39 -2.20 -4.20 14.03
CA GLN A 39 -0.75 -4.34 14.21
C GLN A 39 -0.16 -3.08 14.84
N GLY A 40 -0.84 -1.95 14.65
CA GLY A 40 -0.36 -0.71 15.21
C GLY A 40 0.23 0.21 14.16
N TYR A 41 -0.32 0.15 12.94
CA TYR A 41 0.16 0.98 11.84
C TYR A 41 -0.87 2.04 11.47
N HIS A 42 -0.45 3.01 10.67
CA HIS A 42 -1.33 4.09 10.24
C HIS A 42 -1.87 3.83 8.84
N VAL A 43 -3.00 3.12 8.76
CA VAL A 43 -3.62 2.80 7.48
C VAL A 43 -4.30 4.02 6.88
N ILE A 44 -4.27 4.12 5.56
CA ILE A 44 -4.89 5.24 4.86
C ILE A 44 -5.66 4.77 3.63
N PRO A 45 -6.87 4.23 3.87
CA PRO A 45 -7.73 3.73 2.80
C PRO A 45 -8.29 4.86 1.93
N VAL A 46 -8.26 4.65 0.61
CA VAL A 46 -8.76 5.65 -0.32
C VAL A 46 -9.73 5.02 -1.33
N SER A 47 -10.95 5.54 -1.37
CA SER A 47 -11.97 5.03 -2.27
C SER A 47 -12.89 6.16 -2.75
N PRO A 48 -13.45 5.99 -3.97
CA PRO A 48 -14.35 6.98 -4.56
C PRO A 48 -15.69 7.05 -3.84
N LYS A 49 -15.91 6.12 -2.91
CA LYS A 49 -17.16 6.09 -2.15
C LYS A 49 -16.93 6.58 -0.73
N VAL A 50 -15.75 6.28 -0.18
CA VAL A 50 -15.42 6.69 1.18
C VAL A 50 -15.03 8.16 1.22
N ALA A 51 -14.87 8.77 0.05
CA ALA A 51 -14.51 10.18 -0.04
C ALA A 51 -15.50 11.05 0.73
N GLY A 52 -15.11 11.46 1.93
CA GLY A 52 -15.97 12.29 2.75
C GLY A 52 -16.62 11.52 3.87
N LYS A 53 -16.06 10.35 4.19
CA LYS A 53 -16.61 9.51 5.26
C LYS A 53 -15.49 9.00 6.16
N THR A 54 -15.87 8.27 7.20
CA THR A 54 -14.90 7.71 8.14
C THR A 54 -14.97 6.19 8.18
N LEU A 55 -13.96 5.54 7.62
CA LEU A 55 -13.90 4.08 7.60
C LEU A 55 -12.91 3.55 8.62
N LEU A 56 -13.38 2.71 9.52
CA LEU A 56 -12.53 2.13 10.56
C LEU A 56 -11.89 3.21 11.40
N GLY A 57 -12.52 4.38 11.45
CA GLY A 57 -11.99 5.49 12.22
C GLY A 57 -11.02 6.34 11.43
N GLN A 58 -10.74 5.93 10.20
CA GLN A 58 -9.81 6.67 9.35
C GLN A 58 -10.57 7.57 8.37
N GLN A 59 -9.91 8.62 7.91
CA GLN A 59 -10.52 9.55 6.98
C GLN A 59 -10.56 8.97 5.57
N GLY A 60 -11.66 9.22 4.86
CA GLY A 60 -11.81 8.71 3.51
C GLY A 60 -11.34 9.70 2.47
N TYR A 61 -10.98 9.18 1.29
CA TYR A 61 -10.51 10.03 0.20
C TYR A 61 -10.94 9.48 -1.15
N ALA A 62 -11.41 10.36 -2.02
CA ALA A 62 -11.87 9.96 -3.34
C ALA A 62 -10.69 9.48 -4.19
N THR A 63 -9.50 9.96 -3.88
CA THR A 63 -8.30 9.58 -4.61
C THR A 63 -7.04 10.06 -3.90
N LEU A 64 -5.94 9.36 -4.11
CA LEU A 64 -4.67 9.71 -3.50
C LEU A 64 -4.25 11.12 -3.89
N ALA A 65 -4.79 11.61 -5.00
CA ALA A 65 -4.47 12.94 -5.49
C ALA A 65 -4.93 14.01 -4.50
N ASP A 66 -5.82 13.62 -3.60
CA ASP A 66 -6.33 14.55 -2.59
C ASP A 66 -5.58 14.39 -1.27
N VAL A 67 -5.13 13.17 -0.99
CA VAL A 67 -4.39 12.90 0.24
C VAL A 67 -3.27 13.90 0.44
N PRO A 68 -3.44 14.80 1.42
CA PRO A 68 -2.44 15.83 1.74
C PRO A 68 -1.19 15.23 2.38
N GLU A 69 -1.38 14.33 3.33
CA GLU A 69 -0.26 13.69 4.01
C GLU A 69 0.48 12.74 3.07
N LYS A 70 1.79 12.97 2.91
CA LYS A 70 2.61 12.13 2.04
C LYS A 70 2.77 10.74 2.64
N VAL A 71 2.31 9.73 1.90
CA VAL A 71 2.40 8.35 2.34
C VAL A 71 3.83 7.82 2.19
N ASP A 72 4.24 6.98 3.12
CA ASP A 72 5.58 6.40 3.09
C ASP A 72 5.57 5.04 2.40
N MET A 73 4.41 4.39 2.41
CA MET A 73 4.28 3.07 1.79
C MET A 73 2.87 2.89 1.23
N VAL A 74 2.79 2.54 -0.05
CA VAL A 74 1.50 2.32 -0.70
C VAL A 74 1.15 0.84 -0.77
N ASP A 75 0.05 0.46 -0.13
CA ASP A 75 -0.39 -0.92 -0.12
C ASP A 75 -1.41 -1.17 -1.22
N VAL A 76 -1.08 -2.08 -2.13
CA VAL A 76 -1.97 -2.42 -3.23
C VAL A 76 -2.30 -3.91 -3.24
N PHE A 77 -3.56 -4.23 -3.00
CA PHE A 77 -4.02 -5.62 -2.97
C PHE A 77 -5.27 -5.81 -3.82
N ARG A 78 -5.66 -4.75 -4.52
CA ARG A 78 -6.84 -4.79 -5.37
C ARG A 78 -6.76 -5.93 -6.38
N ASN A 79 -5.93 -5.75 -7.40
CA ASN A 79 -5.76 -6.77 -8.43
C ASN A 79 -4.37 -6.68 -9.06
N SER A 80 -4.09 -7.56 -10.01
CA SER A 80 -2.80 -7.59 -10.68
C SER A 80 -2.68 -6.44 -11.68
N GLU A 81 -3.65 -6.34 -12.58
CA GLU A 81 -3.65 -5.28 -13.59
C GLU A 81 -3.77 -3.91 -12.92
N ALA A 82 -4.44 -3.86 -11.78
CA ALA A 82 -4.62 -2.61 -11.05
C ALA A 82 -3.29 -2.04 -10.59
N ALA A 83 -2.31 -2.92 -10.40
CA ALA A 83 -0.98 -2.52 -9.96
C ALA A 83 -0.42 -1.42 -10.86
N TRP A 84 -0.61 -1.58 -12.17
CA TRP A 84 -0.12 -0.60 -13.14
C TRP A 84 -0.85 0.72 -12.98
N GLY A 85 -2.18 0.67 -13.03
CA GLY A 85 -2.97 1.87 -12.89
C GLY A 85 -2.64 2.65 -11.63
N VAL A 86 -2.41 1.92 -10.54
CA VAL A 86 -2.09 2.54 -9.26
C VAL A 86 -0.64 3.01 -9.23
N ALA A 87 0.24 2.25 -9.87
CA ALA A 87 1.66 2.58 -9.92
C ALA A 87 1.87 3.98 -10.50
N GLN A 88 1.39 4.19 -11.72
CA GLN A 88 1.53 5.47 -12.38
C GLN A 88 1.01 6.61 -11.50
N GLU A 89 -0.13 6.38 -10.87
CA GLU A 89 -0.73 7.38 -9.99
C GLU A 89 0.18 7.68 -8.81
N ALA A 90 0.81 6.65 -8.26
CA ALA A 90 1.71 6.80 -7.13
C ALA A 90 2.90 7.69 -7.49
N ILE A 91 3.41 7.53 -8.70
CA ILE A 91 4.54 8.32 -9.17
C ILE A 91 4.11 9.74 -9.51
N ALA A 92 2.83 9.91 -9.84
CA ALA A 92 2.29 11.21 -10.18
C ALA A 92 2.26 12.14 -8.96
N ILE A 93 1.68 11.65 -7.87
CA ILE A 93 1.58 12.43 -6.65
C ILE A 93 2.95 12.57 -5.98
N GLY A 94 3.79 11.55 -6.15
CA GLY A 94 5.11 11.58 -5.56
C GLY A 94 5.23 10.64 -4.37
N ALA A 95 4.84 9.39 -4.56
CA ALA A 95 4.90 8.39 -3.50
C ALA A 95 6.35 8.14 -3.08
N LYS A 96 6.54 7.17 -2.19
CA LYS A 96 7.87 6.82 -1.71
C LYS A 96 8.12 5.32 -1.87
N THR A 97 7.10 4.52 -1.63
CA THR A 97 7.22 3.07 -1.75
C THR A 97 5.94 2.45 -2.31
N LEU A 98 6.06 1.26 -2.87
CA LEU A 98 4.92 0.57 -3.45
C LEU A 98 4.96 -0.92 -3.12
N TRP A 99 3.87 -1.43 -2.55
CA TRP A 99 3.79 -2.84 -2.18
C TRP A 99 2.57 -3.49 -2.82
N LEU A 100 2.78 -4.64 -3.47
CA LEU A 100 1.69 -5.35 -4.12
C LEU A 100 1.37 -6.65 -3.37
N GLN A 101 0.54 -7.48 -3.97
CA GLN A 101 0.14 -8.75 -3.36
C GLN A 101 1.21 -9.81 -3.59
N LEU A 102 1.35 -10.72 -2.64
CA LEU A 102 2.33 -11.80 -2.74
C LEU A 102 1.88 -12.86 -3.73
N GLY A 103 2.78 -13.24 -4.63
CA GLY A 103 2.45 -14.26 -5.63
C GLY A 103 2.26 -13.66 -7.01
N VAL A 104 2.03 -12.35 -7.06
CA VAL A 104 1.82 -11.66 -8.33
C VAL A 104 3.07 -10.89 -8.74
N ILE A 105 3.43 -10.98 -10.02
CA ILE A 105 4.60 -10.29 -10.55
C ILE A 105 4.24 -9.47 -11.77
N ASN A 106 4.29 -8.15 -11.62
CA ASN A 106 3.97 -7.24 -12.72
C ASN A 106 5.21 -6.48 -13.16
N GLU A 107 5.96 -7.07 -14.09
CA GLU A 107 7.18 -6.44 -14.60
C GLU A 107 6.90 -5.02 -15.07
N GLN A 108 5.83 -4.85 -15.85
CA GLN A 108 5.46 -3.55 -16.37
C GLN A 108 5.30 -2.54 -15.24
N ALA A 109 4.64 -2.97 -14.16
CA ALA A 109 4.42 -2.11 -13.01
C ALA A 109 5.72 -1.85 -12.25
N ALA A 110 6.66 -2.78 -12.39
CA ALA A 110 7.95 -2.67 -11.71
C ALA A 110 8.82 -1.60 -12.38
N VAL A 111 8.98 -1.71 -13.69
CA VAL A 111 9.79 -0.76 -14.44
C VAL A 111 9.13 0.61 -14.47
N LEU A 112 7.80 0.62 -14.50
CA LEU A 112 7.04 1.87 -14.53
C LEU A 112 7.43 2.78 -13.37
N ALA A 113 7.89 2.18 -12.28
CA ALA A 113 8.31 2.93 -11.11
C ALA A 113 9.77 3.34 -11.20
N ARG A 114 10.61 2.42 -11.66
CA ARG A 114 12.03 2.67 -11.79
C ARG A 114 12.28 3.91 -12.66
N GLU A 115 11.41 4.12 -13.64
CA GLU A 115 11.53 5.26 -14.53
C GLU A 115 11.57 6.57 -13.74
N ALA A 116 10.96 6.55 -12.56
CA ALA A 116 10.91 7.74 -11.70
C ALA A 116 11.84 7.57 -10.49
N GLY A 117 12.11 6.33 -10.12
CA GLY A 117 12.97 6.06 -8.99
C GLY A 117 12.22 5.43 -7.83
N LEU A 118 10.90 5.48 -7.89
CA LEU A 118 10.07 4.91 -6.83
C LEU A 118 10.46 3.47 -6.54
N SER A 119 10.27 3.05 -5.29
CA SER A 119 10.62 1.70 -4.88
C SER A 119 9.43 0.76 -5.05
N VAL A 120 9.43 0.01 -6.16
CA VAL A 120 8.35 -0.93 -6.44
C VAL A 120 8.68 -2.31 -5.90
N VAL A 121 7.79 -2.83 -5.06
CA VAL A 121 7.97 -4.15 -4.47
C VAL A 121 6.72 -5.02 -4.65
N MET A 122 6.80 -5.98 -5.55
CA MET A 122 5.69 -6.88 -5.82
C MET A 122 5.99 -8.29 -5.33
N ASP A 123 5.04 -9.20 -5.51
CA ASP A 123 5.21 -10.58 -5.10
C ASP A 123 5.64 -10.65 -3.64
N ARG A 124 5.11 -9.76 -2.82
CA ARG A 124 5.45 -9.72 -1.40
C ARG A 124 4.30 -9.18 -0.58
N CYS A 125 3.99 -9.86 0.53
CA CYS A 125 2.90 -9.44 1.40
C CYS A 125 3.37 -9.36 2.86
N PRO A 126 3.09 -8.22 3.50
CA PRO A 126 3.47 -7.99 4.90
C PRO A 126 2.68 -8.86 5.87
N ALA A 127 1.57 -9.41 5.39
CA ALA A 127 0.73 -10.26 6.21
C ALA A 127 1.48 -11.50 6.68
N ILE A 128 2.21 -12.13 5.76
CA ILE A 128 2.98 -13.32 6.08
C ILE A 128 4.44 -12.98 6.35
N GLU A 129 4.87 -11.83 5.86
CA GLU A 129 6.25 -11.38 6.06
C GLU A 129 6.45 -10.81 7.45
N LEU A 130 5.35 -10.44 8.10
CA LEU A 130 5.40 -9.87 9.44
C LEU A 130 5.82 -10.93 10.46
N PRO A 131 5.06 -12.03 10.53
CA PRO A 131 5.35 -13.14 11.45
C PRO A 131 6.60 -13.91 11.06
N ARG A 132 7.15 -13.59 9.90
CA ARG A 132 8.36 -14.25 9.41
C ARG A 132 9.45 -14.23 10.47
N LEU A 133 9.45 -13.20 11.30
CA LEU A 133 10.44 -13.06 12.36
C LEU A 133 9.83 -13.37 13.72
N GLY A 134 8.54 -13.08 13.86
CA GLY A 134 7.87 -13.35 15.12
C GLY A 134 7.50 -12.07 15.86
N LEU A 135 6.86 -11.14 15.15
CA LEU A 135 6.47 -9.87 15.75
C LEU A 135 4.96 -9.79 15.91
N ALA A 136 4.24 -10.52 15.07
CA ALA A 136 2.78 -10.53 15.12
C ALA A 136 2.29 -10.83 16.53
N LYS A 137 1.18 -10.21 16.90
CA LYS A 137 0.59 -10.41 18.22
C LYS A 137 0.08 -11.84 18.38
N MET A 1 15.20 9.62 2.16
CA MET A 1 14.68 9.73 0.79
C MET A 1 15.31 8.69 -0.12
N LYS A 2 15.33 7.44 0.34
CA LYS A 2 15.90 6.34 -0.44
C LYS A 2 14.83 5.32 -0.83
N GLU A 3 14.81 4.96 -2.10
CA GLU A 3 13.84 3.99 -2.59
C GLU A 3 14.30 2.55 -2.30
N ASN A 4 15.48 2.21 -2.78
CA ASN A 4 16.03 0.88 -2.58
C ASN A 4 16.28 0.61 -1.10
N ASP A 5 16.76 -0.58 -0.79
CA ASP A 5 17.04 -0.96 0.59
C ASP A 5 15.77 -0.89 1.45
N ILE A 6 14.79 -1.71 1.10
CA ILE A 6 13.53 -1.73 1.85
C ILE A 6 13.77 -1.90 3.34
N ALA A 7 14.89 -2.53 3.69
CA ALA A 7 15.23 -2.74 5.09
C ALA A 7 15.32 -1.43 5.84
N GLY A 8 15.88 -0.41 5.19
CA GLY A 8 16.01 0.89 5.81
C GLY A 8 14.70 1.66 5.85
N ILE A 9 13.88 1.46 4.82
CA ILE A 9 12.59 2.14 4.74
C ILE A 9 11.57 1.52 5.70
N LEU A 10 11.72 0.21 5.93
CA LEU A 10 10.81 -0.50 6.83
C LEU A 10 11.28 -0.38 8.28
N THR A 11 12.58 -0.20 8.46
CA THR A 11 13.15 -0.06 9.80
C THR A 11 13.10 1.39 10.28
N SER A 12 13.00 2.31 9.33
CA SER A 12 12.95 3.74 9.64
C SER A 12 11.51 4.17 9.96
N THR A 13 10.66 4.13 8.95
CA THR A 13 9.26 4.53 9.13
C THR A 13 8.33 3.45 8.60
N ARG A 14 7.26 3.18 9.35
CA ARG A 14 6.28 2.17 8.97
C ARG A 14 4.94 2.81 8.62
N THR A 15 4.66 2.90 7.32
CA THR A 15 3.42 3.50 6.85
C THR A 15 2.84 2.71 5.68
N ILE A 16 1.57 2.32 5.81
CA ILE A 16 0.90 1.57 4.76
C ILE A 16 -0.29 2.35 4.19
N ALA A 17 -0.46 2.28 2.88
CA ALA A 17 -1.55 2.97 2.21
C ALA A 17 -2.43 2.00 1.42
N LEU A 18 -3.73 2.09 1.61
CA LEU A 18 -4.68 1.22 0.92
C LEU A 18 -5.34 1.94 -0.24
N VAL A 19 -5.43 1.27 -1.39
CA VAL A 19 -6.04 1.86 -2.57
C VAL A 19 -7.36 1.17 -2.89
N GLY A 20 -8.38 1.97 -3.18
CA GLY A 20 -9.69 1.42 -3.51
C GLY A 20 -10.40 0.87 -2.29
N ALA A 21 -10.39 1.64 -1.20
CA ALA A 21 -11.04 1.22 0.03
C ALA A 21 -12.56 1.33 -0.09
N SER A 22 -13.23 0.18 -0.17
CA SER A 22 -14.67 0.14 -0.30
C SER A 22 -15.30 -0.62 0.87
N ASP A 23 -16.60 -0.89 0.77
CA ASP A 23 -17.32 -1.60 1.82
C ASP A 23 -17.49 -3.07 1.44
N LYS A 24 -16.41 -3.69 0.99
CA LYS A 24 -16.43 -5.09 0.60
C LYS A 24 -15.61 -5.94 1.57
N PRO A 25 -16.19 -6.24 2.74
CA PRO A 25 -15.54 -7.05 3.77
C PRO A 25 -15.40 -8.51 3.36
N ASP A 26 -15.85 -8.83 2.16
CA ASP A 26 -15.77 -10.19 1.64
C ASP A 26 -14.59 -10.35 0.69
N ARG A 27 -13.71 -9.35 0.67
CA ARG A 27 -12.54 -9.38 -0.19
C ARG A 27 -11.26 -9.31 0.62
N PRO A 28 -10.14 -9.69 0.00
CA PRO A 28 -8.83 -9.69 0.66
C PRO A 28 -8.31 -8.28 0.91
N SER A 29 -8.98 -7.29 0.33
CA SER A 29 -8.59 -5.89 0.49
C SER A 29 -9.03 -5.37 1.84
N TYR A 30 -10.09 -5.95 2.39
CA TYR A 30 -10.62 -5.53 3.68
C TYR A 30 -9.93 -6.29 4.81
N ARG A 31 -9.81 -7.60 4.65
CA ARG A 31 -9.17 -8.44 5.67
C ARG A 31 -7.79 -7.89 6.02
N VAL A 32 -7.11 -7.33 5.03
CA VAL A 32 -5.77 -6.78 5.24
C VAL A 32 -5.85 -5.42 5.94
N MET A 33 -6.84 -4.63 5.57
CA MET A 33 -7.03 -3.31 6.17
C MET A 33 -7.12 -3.41 7.69
N LYS A 34 -8.15 -4.09 8.17
CA LYS A 34 -8.36 -4.27 9.60
C LYS A 34 -7.19 -5.01 10.23
N TYR A 35 -6.47 -5.77 9.43
CA TYR A 35 -5.32 -6.53 9.91
C TYR A 35 -4.18 -5.60 10.29
N LEU A 36 -3.83 -4.68 9.39
CA LEU A 36 -2.76 -3.74 9.64
C LEU A 36 -3.10 -2.79 10.78
N LEU A 37 -4.37 -2.37 10.82
CA LEU A 37 -4.83 -1.46 11.86
C LEU A 37 -4.78 -2.13 13.23
N ASP A 38 -5.21 -3.39 13.29
CA ASP A 38 -5.21 -4.13 14.54
C ASP A 38 -3.78 -4.39 15.02
N GLN A 39 -2.92 -4.82 14.10
CA GLN A 39 -1.53 -5.10 14.42
C GLN A 39 -0.85 -3.87 15.03
N GLY A 40 -1.37 -2.69 14.70
CA GLY A 40 -0.81 -1.46 15.22
C GLY A 40 -0.03 -0.69 14.17
N TYR A 41 -0.39 -0.88 12.90
CA TYR A 41 0.28 -0.21 11.79
C TYR A 41 -0.51 1.00 11.34
N HIS A 42 -0.02 1.65 10.28
CA HIS A 42 -0.69 2.83 9.75
C HIS A 42 -1.33 2.53 8.39
N VAL A 43 -2.65 2.67 8.32
CA VAL A 43 -3.38 2.41 7.09
C VAL A 43 -3.99 3.69 6.53
N ILE A 44 -3.67 3.99 5.28
CA ILE A 44 -4.19 5.19 4.63
C ILE A 44 -5.03 4.83 3.41
N PRO A 45 -6.28 4.39 3.66
CA PRO A 45 -7.21 4.01 2.60
C PRO A 45 -7.69 5.21 1.79
N VAL A 46 -7.49 5.15 0.48
CA VAL A 46 -7.90 6.22 -0.42
C VAL A 46 -8.85 5.72 -1.50
N SER A 47 -10.04 6.31 -1.56
CA SER A 47 -11.04 5.91 -2.53
C SER A 47 -11.87 7.11 -2.98
N PRO A 48 -12.38 7.06 -4.22
CA PRO A 48 -13.20 8.12 -4.79
C PRO A 48 -14.57 8.23 -4.12
N LYS A 49 -14.89 7.24 -3.30
CA LYS A 49 -16.17 7.22 -2.60
C LYS A 49 -15.99 7.54 -1.12
N VAL A 50 -14.85 7.14 -0.57
CA VAL A 50 -14.55 7.39 0.83
C VAL A 50 -14.10 8.83 1.05
N ALA A 51 -13.87 9.55 -0.05
CA ALA A 51 -13.44 10.93 0.02
C ALA A 51 -14.39 11.76 0.88
N GLY A 52 -13.98 12.04 2.12
CA GLY A 52 -14.80 12.82 3.01
C GLY A 52 -15.52 11.96 4.04
N LYS A 53 -15.03 10.74 4.23
CA LYS A 53 -15.64 9.82 5.19
C LYS A 53 -14.57 9.14 6.04
N THR A 54 -15.00 8.31 6.97
CA THR A 54 -14.09 7.59 7.85
C THR A 54 -14.27 6.09 7.72
N LEU A 55 -13.27 5.42 7.15
CA LEU A 55 -13.32 3.98 6.96
C LEU A 55 -12.51 3.27 8.04
N LEU A 56 -13.21 2.53 8.90
CA LEU A 56 -12.55 1.79 9.99
C LEU A 56 -11.78 2.73 10.89
N GLY A 57 -12.15 4.01 10.87
CA GLY A 57 -11.47 5.00 11.70
C GLY A 57 -10.41 5.76 10.94
N GLN A 58 -10.19 5.38 9.69
CA GLN A 58 -9.19 6.03 8.86
C GLN A 58 -9.82 7.12 8.01
N GLN A 59 -9.09 8.22 7.81
CA GLN A 59 -9.58 9.34 7.01
C GLN A 59 -9.63 8.97 5.54
N GLY A 60 -10.79 9.20 4.91
CA GLY A 60 -10.95 8.89 3.51
C GLY A 60 -10.42 9.98 2.60
N TYR A 61 -10.00 9.60 1.40
CA TYR A 61 -9.46 10.56 0.43
C TYR A 61 -9.86 10.18 -0.99
N ALA A 62 -10.27 11.18 -1.76
CA ALA A 62 -10.67 10.95 -3.15
C ALA A 62 -9.48 10.50 -4.00
N THR A 63 -8.31 11.00 -3.67
CA THR A 63 -7.09 10.65 -4.41
C THR A 63 -5.87 10.69 -3.49
N LEU A 64 -4.85 9.91 -3.86
CA LEU A 64 -3.62 9.86 -3.07
C LEU A 64 -2.87 11.18 -3.14
N ALA A 65 -3.24 12.01 -4.11
CA ALA A 65 -2.60 13.31 -4.28
C ALA A 65 -3.28 14.38 -3.42
N ASP A 66 -4.20 13.95 -2.56
CA ASP A 66 -4.92 14.86 -1.69
C ASP A 66 -4.45 14.72 -0.25
N VAL A 67 -3.84 13.58 0.06
CA VAL A 67 -3.34 13.33 1.40
C VAL A 67 -2.19 14.27 1.76
N PRO A 68 -2.27 14.86 2.96
CA PRO A 68 -1.25 15.79 3.45
C PRO A 68 0.07 15.10 3.76
N GLU A 69 -0.01 13.93 4.40
CA GLU A 69 1.18 13.18 4.75
C GLU A 69 1.61 12.25 3.60
N LYS A 70 2.90 12.02 3.49
CA LYS A 70 3.44 11.16 2.44
C LYS A 70 3.55 9.72 2.92
N VAL A 71 3.00 8.79 2.14
CA VAL A 71 3.03 7.38 2.48
C VAL A 71 4.43 6.80 2.26
N ASP A 72 4.82 5.87 3.14
CA ASP A 72 6.13 5.24 3.04
C ASP A 72 6.05 3.95 2.22
N MET A 73 4.88 3.33 2.22
CA MET A 73 4.68 2.09 1.48
C MET A 73 3.22 1.95 1.04
N VAL A 74 3.01 1.77 -0.26
CA VAL A 74 1.66 1.62 -0.80
C VAL A 74 1.37 0.17 -1.16
N ASP A 75 0.30 -0.38 -0.59
CA ASP A 75 -0.08 -1.75 -0.85
C ASP A 75 -1.26 -1.81 -1.81
N VAL A 76 -1.26 -2.80 -2.69
CA VAL A 76 -2.34 -2.98 -3.67
C VAL A 76 -3.01 -4.34 -3.50
N PHE A 77 -4.30 -4.32 -3.19
CA PHE A 77 -5.06 -5.55 -3.01
C PHE A 77 -6.17 -5.66 -4.05
N ARG A 78 -6.51 -4.53 -4.66
CA ARG A 78 -7.56 -4.50 -5.67
C ARG A 78 -7.32 -5.56 -6.74
N ASN A 79 -6.34 -5.31 -7.61
CA ASN A 79 -6.02 -6.25 -8.67
C ASN A 79 -4.71 -5.85 -9.36
N SER A 80 -4.34 -6.60 -10.40
CA SER A 80 -3.11 -6.34 -11.14
C SER A 80 -3.23 -5.03 -11.92
N GLU A 81 -4.29 -4.91 -12.71
CA GLU A 81 -4.52 -3.71 -13.51
C GLU A 81 -4.45 -2.46 -12.64
N ALA A 82 -4.86 -2.59 -11.39
CA ALA A 82 -4.85 -1.47 -10.46
C ALA A 82 -3.42 -1.12 -10.04
N ALA A 83 -2.58 -2.14 -9.96
CA ALA A 83 -1.18 -1.94 -9.57
C ALA A 83 -0.51 -0.90 -10.45
N TRP A 84 -0.80 -0.95 -11.75
CA TRP A 84 -0.22 0.00 -12.70
C TRP A 84 -0.73 1.41 -12.44
N GLY A 85 -2.05 1.57 -12.41
CA GLY A 85 -2.64 2.87 -12.17
C GLY A 85 -2.12 3.53 -10.90
N VAL A 86 -1.84 2.71 -9.89
CA VAL A 86 -1.32 3.21 -8.62
C VAL A 86 0.17 3.45 -8.69
N ALA A 87 0.86 2.60 -9.45
CA ALA A 87 2.32 2.72 -9.61
C ALA A 87 2.70 4.09 -10.14
N GLN A 88 2.18 4.44 -11.32
CA GLN A 88 2.47 5.72 -11.94
C GLN A 88 2.14 6.87 -10.99
N GLU A 89 0.98 6.78 -10.34
CA GLU A 89 0.55 7.81 -9.41
C GLU A 89 1.55 7.98 -8.27
N ALA A 90 2.07 6.86 -7.79
CA ALA A 90 3.05 6.88 -6.70
C ALA A 90 4.36 7.53 -7.15
N ILE A 91 4.82 7.16 -8.34
CA ILE A 91 6.05 7.70 -8.88
C ILE A 91 5.95 9.20 -9.10
N ALA A 92 4.73 9.68 -9.31
CA ALA A 92 4.49 11.10 -9.52
C ALA A 92 4.55 11.88 -8.21
N ILE A 93 3.84 11.38 -7.21
CA ILE A 93 3.82 12.02 -5.89
C ILE A 93 5.15 11.87 -5.18
N GLY A 94 5.83 10.75 -5.45
CA GLY A 94 7.12 10.50 -4.81
C GLY A 94 7.05 9.41 -3.78
N ALA A 95 6.47 8.27 -4.14
CA ALA A 95 6.33 7.14 -3.23
C ALA A 95 7.70 6.64 -2.78
N LYS A 96 7.71 5.58 -1.98
CA LYS A 96 8.94 5.01 -1.48
C LYS A 96 8.94 3.48 -1.65
N THR A 97 7.80 2.86 -1.38
CA THR A 97 7.68 1.42 -1.49
C THR A 97 6.40 1.04 -2.23
N LEU A 98 6.37 -0.16 -2.78
CA LEU A 98 5.20 -0.66 -3.52
C LEU A 98 4.99 -2.14 -3.27
N TRP A 99 3.85 -2.48 -2.67
CA TRP A 99 3.53 -3.86 -2.38
C TRP A 99 2.31 -4.32 -3.20
N LEU A 100 2.43 -5.49 -3.81
CA LEU A 100 1.34 -6.04 -4.63
C LEU A 100 0.67 -7.21 -3.92
N GLN A 101 -0.26 -7.86 -4.61
CA GLN A 101 -0.97 -8.99 -4.04
C GLN A 101 -0.22 -10.30 -4.30
N LEU A 102 -0.27 -11.20 -3.34
CA LEU A 102 0.41 -12.49 -3.47
C LEU A 102 -0.01 -13.20 -4.75
N GLY A 103 0.95 -13.83 -5.42
CA GLY A 103 0.65 -14.54 -6.66
C GLY A 103 0.26 -13.60 -7.79
N VAL A 104 0.56 -12.32 -7.62
CA VAL A 104 0.24 -11.32 -8.62
C VAL A 104 1.47 -10.51 -9.02
N ILE A 105 1.98 -10.76 -10.21
CA ILE A 105 3.16 -10.05 -10.70
C ILE A 105 2.82 -9.19 -11.91
N ASN A 106 3.15 -7.91 -11.84
CA ASN A 106 2.89 -6.97 -12.93
C ASN A 106 4.19 -6.52 -13.59
N GLU A 107 4.55 -7.18 -14.68
CA GLU A 107 5.77 -6.84 -15.41
C GLU A 107 5.82 -5.35 -15.72
N GLN A 108 4.66 -4.77 -16.03
CA GLN A 108 4.58 -3.36 -16.36
C GLN A 108 4.71 -2.50 -15.10
N ALA A 109 3.93 -2.84 -14.08
CA ALA A 109 3.95 -2.10 -12.82
C ALA A 109 5.37 -2.07 -12.23
N ALA A 110 6.15 -3.08 -12.56
CA ALA A 110 7.53 -3.17 -12.07
C ALA A 110 8.44 -2.18 -12.80
N VAL A 111 8.22 -2.05 -14.10
CA VAL A 111 9.01 -1.13 -14.91
C VAL A 111 8.82 0.32 -14.47
N LEU A 112 7.57 0.70 -14.26
CA LEU A 112 7.25 2.06 -13.84
C LEU A 112 8.06 2.45 -12.60
N ALA A 113 7.94 1.64 -11.55
CA ALA A 113 8.67 1.90 -10.31
C ALA A 113 10.18 1.80 -10.53
N ARG A 114 10.58 0.92 -11.45
CA ARG A 114 11.99 0.72 -11.75
C ARG A 114 12.59 1.98 -12.39
N GLU A 115 11.79 2.68 -13.19
CA GLU A 115 12.24 3.89 -13.85
C GLU A 115 12.61 4.97 -12.83
N ALA A 116 11.74 5.17 -11.85
CA ALA A 116 11.97 6.17 -10.82
C ALA A 116 12.94 5.64 -9.76
N GLY A 117 13.00 4.32 -9.63
CA GLY A 117 13.88 3.71 -8.64
C GLY A 117 13.13 3.19 -7.45
N LEU A 118 11.82 3.38 -7.43
CA LEU A 118 10.98 2.93 -6.32
C LEU A 118 11.21 1.45 -6.04
N SER A 119 10.84 1.01 -4.84
CA SER A 119 11.01 -0.37 -4.45
C SER A 119 9.73 -1.18 -4.68
N VAL A 120 9.67 -1.86 -5.82
CA VAL A 120 8.51 -2.67 -6.17
C VAL A 120 8.68 -4.10 -5.69
N VAL A 121 7.70 -4.60 -4.95
CA VAL A 121 7.73 -5.96 -4.44
C VAL A 121 6.44 -6.71 -4.76
N MET A 122 6.52 -7.67 -5.66
CA MET A 122 5.36 -8.47 -6.05
C MET A 122 5.41 -9.86 -5.44
N ASP A 123 4.34 -10.61 -5.59
CA ASP A 123 4.27 -11.98 -5.06
C ASP A 123 4.64 -11.99 -3.59
N ARG A 124 4.21 -10.98 -2.86
CA ARG A 124 4.50 -10.88 -1.43
C ARG A 124 3.42 -10.08 -0.71
N CYS A 125 3.06 -10.54 0.49
CA CYS A 125 2.04 -9.86 1.28
C CYS A 125 2.52 -9.62 2.71
N PRO A 126 2.03 -8.54 3.34
CA PRO A 126 2.40 -8.18 4.70
C PRO A 126 1.84 -9.15 5.74
N ALA A 127 0.70 -9.75 5.43
CA ALA A 127 0.07 -10.70 6.33
C ALA A 127 0.97 -11.89 6.59
N ILE A 128 1.78 -12.24 5.61
CA ILE A 128 2.71 -13.37 5.74
C ILE A 128 4.11 -12.88 6.09
N GLU A 129 4.41 -11.63 5.75
CA GLU A 129 5.71 -11.05 6.02
C GLU A 129 5.84 -10.68 7.50
N LEU A 130 4.71 -10.39 8.13
CA LEU A 130 4.70 -10.02 9.55
C LEU A 130 5.13 -11.19 10.43
N PRO A 131 4.41 -12.32 10.31
CA PRO A 131 4.70 -13.53 11.07
C PRO A 131 6.00 -14.20 10.63
N ARG A 132 6.59 -13.69 9.56
CA ARG A 132 7.83 -14.23 9.03
C ARG A 132 8.89 -14.34 10.12
N LEU A 133 8.80 -13.44 11.10
CA LEU A 133 9.74 -13.43 12.22
C LEU A 133 9.25 -14.31 13.36
N GLY A 134 7.93 -14.44 13.46
CA GLY A 134 7.35 -15.25 14.52
C GLY A 134 6.92 -14.43 15.72
N LEU A 135 6.49 -13.20 15.46
CA LEU A 135 6.06 -12.30 16.54
C LEU A 135 4.62 -11.84 16.31
N ALA A 136 4.05 -12.24 15.18
CA ALA A 136 2.68 -11.87 14.85
C ALA A 136 1.72 -12.20 15.99
N LYS A 137 0.93 -11.22 16.41
CA LYS A 137 -0.02 -11.41 17.48
C LYS A 137 -1.34 -11.96 16.96
N MET A 1 23.17 5.88 6.14
CA MET A 1 23.01 6.12 4.72
C MET A 1 24.11 5.43 3.92
N LYS A 2 24.13 4.11 3.97
CA LYS A 2 25.13 3.32 3.24
C LYS A 2 24.57 2.81 1.92
N GLU A 3 23.25 2.62 1.88
CA GLU A 3 22.59 2.13 0.68
C GLU A 3 21.25 2.83 0.47
N ASN A 4 20.85 2.97 -0.79
CA ASN A 4 19.58 3.61 -1.13
C ASN A 4 18.56 2.59 -1.63
N ASP A 5 17.77 2.06 -0.72
CA ASP A 5 16.75 1.07 -1.07
C ASP A 5 15.59 1.10 -0.08
N ILE A 6 14.67 0.16 -0.23
CA ILE A 6 13.52 0.08 0.65
C ILE A 6 13.95 0.04 2.12
N ALA A 7 15.15 -0.46 2.36
CA ALA A 7 15.68 -0.55 3.72
C ALA A 7 15.69 0.81 4.39
N GLY A 8 15.97 1.85 3.61
CA GLY A 8 16.00 3.20 4.16
C GLY A 8 14.62 3.76 4.39
N ILE A 9 13.67 3.41 3.51
CA ILE A 9 12.30 3.89 3.62
C ILE A 9 11.55 3.16 4.73
N LEU A 10 11.94 1.91 4.97
CA LEU A 10 11.31 1.09 6.01
C LEU A 10 11.95 1.36 7.37
N THR A 11 13.22 1.77 7.36
CA THR A 11 13.94 2.06 8.59
C THR A 11 13.74 3.51 9.01
N SER A 12 13.37 4.36 8.06
CA SER A 12 13.16 5.78 8.33
C SER A 12 11.75 6.02 8.87
N THR A 13 10.76 5.81 8.02
CA THR A 13 9.36 6.00 8.41
C THR A 13 8.52 4.77 8.08
N ARG A 14 7.55 4.47 8.94
CA ARG A 14 6.67 3.33 8.74
C ARG A 14 5.25 3.78 8.44
N THR A 15 4.85 3.70 7.18
CA THR A 15 3.52 4.10 6.76
C THR A 15 2.95 3.14 5.73
N ILE A 16 1.65 2.89 5.81
CA ILE A 16 0.98 1.99 4.87
C ILE A 16 -0.22 2.67 4.22
N ALA A 17 -0.37 2.44 2.91
CA ALA A 17 -1.47 3.03 2.16
C ALA A 17 -2.29 1.95 1.46
N LEU A 18 -3.61 2.13 1.45
CA LEU A 18 -4.50 1.17 0.81
C LEU A 18 -5.34 1.84 -0.28
N VAL A 19 -5.44 1.18 -1.43
CA VAL A 19 -6.21 1.71 -2.55
C VAL A 19 -7.49 0.92 -2.76
N GLY A 20 -8.63 1.59 -2.60
CA GLY A 20 -9.92 0.95 -2.76
C GLY A 20 -10.45 0.35 -1.48
N ALA A 21 -10.84 1.22 -0.56
CA ALA A 21 -11.37 0.77 0.73
C ALA A 21 -12.87 1.01 0.82
N SER A 22 -13.64 -0.05 0.59
CA SER A 22 -15.10 0.04 0.64
C SER A 22 -15.65 -0.78 1.80
N ASP A 23 -16.99 -0.90 1.84
CA ASP A 23 -17.64 -1.66 2.90
C ASP A 23 -17.85 -3.11 2.48
N LYS A 24 -16.84 -3.68 1.83
CA LYS A 24 -16.92 -5.07 1.37
C LYS A 24 -15.92 -5.94 2.12
N PRO A 25 -16.35 -6.48 3.27
CA PRO A 25 -15.51 -7.34 4.11
C PRO A 25 -15.25 -8.70 3.46
N ASP A 26 -15.92 -8.96 2.34
CA ASP A 26 -15.76 -10.22 1.62
C ASP A 26 -14.62 -10.12 0.61
N ARG A 27 -13.87 -9.02 0.66
CA ARG A 27 -12.76 -8.81 -0.25
C ARG A 27 -11.43 -8.87 0.49
N PRO A 28 -10.36 -9.20 -0.25
CA PRO A 28 -9.01 -9.30 0.32
C PRO A 28 -8.44 -7.93 0.70
N SER A 29 -9.02 -6.89 0.12
CA SER A 29 -8.56 -5.52 0.39
C SER A 29 -9.08 -5.04 1.75
N TYR A 30 -10.15 -5.66 2.23
CA TYR A 30 -10.74 -5.30 3.51
C TYR A 30 -10.07 -6.06 4.66
N ARG A 31 -9.95 -7.38 4.49
CA ARG A 31 -9.33 -8.22 5.50
C ARG A 31 -7.96 -7.70 5.88
N VAL A 32 -7.27 -7.10 4.91
CA VAL A 32 -5.93 -6.55 5.14
C VAL A 32 -6.01 -5.22 5.88
N MET A 33 -7.03 -4.44 5.58
CA MET A 33 -7.21 -3.14 6.22
C MET A 33 -7.32 -3.30 7.74
N LYS A 34 -8.30 -4.07 8.18
CA LYS A 34 -8.51 -4.30 9.60
C LYS A 34 -7.36 -5.12 10.20
N TYR A 35 -6.64 -5.83 9.34
CA TYR A 35 -5.52 -6.65 9.78
C TYR A 35 -4.31 -5.78 10.12
N LEU A 36 -3.97 -4.87 9.22
CA LEU A 36 -2.84 -3.97 9.42
C LEU A 36 -3.09 -3.03 10.60
N LEU A 37 -4.34 -2.60 10.73
CA LEU A 37 -4.72 -1.69 11.82
C LEU A 37 -4.66 -2.40 13.17
N ASP A 38 -5.18 -3.62 13.21
CA ASP A 38 -5.18 -4.41 14.44
C ASP A 38 -3.75 -4.75 14.88
N GLN A 39 -2.94 -5.18 13.92
CA GLN A 39 -1.54 -5.53 14.21
C GLN A 39 -0.82 -4.36 14.85
N GLY A 40 -1.29 -3.14 14.58
CA GLY A 40 -0.66 -1.96 15.14
C GLY A 40 0.19 -1.23 14.12
N TYR A 41 -0.45 -0.77 13.05
CA TYR A 41 0.26 -0.04 12.00
C TYR A 41 -0.60 1.09 11.45
N HIS A 42 0.05 2.07 10.82
CA HIS A 42 -0.65 3.22 10.25
C HIS A 42 -1.10 2.92 8.83
N VAL A 43 -2.41 3.01 8.59
CA VAL A 43 -2.97 2.75 7.27
C VAL A 43 -3.66 4.00 6.71
N ILE A 44 -3.60 4.17 5.40
CA ILE A 44 -4.23 5.30 4.75
C ILE A 44 -5.04 4.87 3.52
N PRO A 45 -6.25 4.36 3.77
CA PRO A 45 -7.14 3.89 2.70
C PRO A 45 -7.69 5.04 1.87
N VAL A 46 -7.75 4.84 0.56
CA VAL A 46 -8.26 5.86 -0.35
C VAL A 46 -9.26 5.26 -1.35
N SER A 47 -10.46 5.81 -1.35
CA SER A 47 -11.51 5.34 -2.25
C SER A 47 -12.41 6.48 -2.69
N PRO A 48 -13.01 6.34 -3.89
CA PRO A 48 -13.90 7.35 -4.45
C PRO A 48 -15.23 7.44 -3.69
N LYS A 49 -15.48 6.46 -2.83
CA LYS A 49 -16.71 6.43 -2.05
C LYS A 49 -16.43 6.79 -0.59
N VAL A 50 -15.24 6.43 -0.11
CA VAL A 50 -14.85 6.72 1.26
C VAL A 50 -14.44 8.18 1.42
N ALA A 51 -14.40 8.91 0.31
CA ALA A 51 -14.02 10.31 0.32
C ALA A 51 -15.01 11.14 1.13
N GLY A 52 -14.68 11.38 2.40
CA GLY A 52 -15.55 12.16 3.26
C GLY A 52 -16.01 11.38 4.47
N LYS A 53 -15.42 10.20 4.67
CA LYS A 53 -15.77 9.35 5.81
C LYS A 53 -14.54 8.63 6.36
N THR A 54 -14.59 8.28 7.64
CA THR A 54 -13.48 7.59 8.28
C THR A 54 -13.74 6.09 8.38
N LEU A 55 -12.98 5.31 7.61
CA LEU A 55 -13.12 3.87 7.61
C LEU A 55 -12.24 3.23 8.67
N LEU A 56 -12.87 2.65 9.69
CA LEU A 56 -12.13 2.00 10.77
C LEU A 56 -11.26 3.01 11.51
N GLY A 57 -11.64 4.28 11.45
CA GLY A 57 -10.88 5.31 12.12
C GLY A 57 -9.90 6.00 11.20
N GLN A 58 -9.76 5.48 9.99
CA GLN A 58 -8.84 6.06 9.01
C GLN A 58 -9.57 7.01 8.07
N GLN A 59 -9.09 8.23 7.98
CA GLN A 59 -9.70 9.24 7.11
C GLN A 59 -9.74 8.75 5.67
N GLY A 60 -10.88 8.97 5.00
CA GLY A 60 -11.02 8.55 3.62
C GLY A 60 -10.61 9.64 2.64
N TYR A 61 -10.40 9.26 1.39
CA TYR A 61 -10.01 10.20 0.36
C TYR A 61 -10.46 9.72 -1.02
N ALA A 62 -10.99 10.64 -1.82
CA ALA A 62 -11.45 10.32 -3.16
C ALA A 62 -10.27 9.97 -4.08
N THR A 63 -9.15 10.66 -3.88
CA THR A 63 -7.96 10.43 -4.70
C THR A 63 -6.70 10.72 -3.89
N LEU A 64 -5.62 10.00 -4.22
CA LEU A 64 -4.35 10.18 -3.53
C LEU A 64 -3.80 11.59 -3.76
N ALA A 65 -4.34 12.27 -4.76
CA ALA A 65 -3.91 13.63 -5.09
C ALA A 65 -4.30 14.60 -3.98
N ASP A 66 -5.20 14.17 -3.10
CA ASP A 66 -5.66 15.01 -2.00
C ASP A 66 -4.87 14.72 -0.73
N VAL A 67 -4.53 13.44 -0.53
CA VAL A 67 -3.77 13.04 0.65
C VAL A 67 -2.52 13.90 0.82
N PRO A 68 -2.54 14.77 1.84
CA PRO A 68 -1.41 15.66 2.13
C PRO A 68 -0.20 14.90 2.66
N GLU A 69 -0.44 13.94 3.54
CA GLU A 69 0.62 13.14 4.13
C GLU A 69 1.17 12.13 3.13
N LYS A 70 2.39 12.37 2.64
CA LYS A 70 3.02 11.49 1.67
C LYS A 70 3.26 10.11 2.27
N VAL A 71 2.69 9.08 1.63
CA VAL A 71 2.84 7.71 2.10
C VAL A 71 4.24 7.18 1.79
N ASP A 72 4.77 6.36 2.69
CA ASP A 72 6.09 5.78 2.51
C ASP A 72 5.99 4.40 1.87
N MET A 73 4.86 3.75 2.04
CA MET A 73 4.64 2.42 1.47
C MET A 73 3.21 2.28 0.97
N VAL A 74 3.06 2.15 -0.35
CA VAL A 74 1.75 1.99 -0.96
C VAL A 74 1.40 0.52 -1.19
N ASP A 75 0.45 0.02 -0.42
CA ASP A 75 0.03 -1.38 -0.52
C ASP A 75 -1.08 -1.53 -1.56
N VAL A 76 -0.94 -2.52 -2.44
CA VAL A 76 -1.92 -2.77 -3.48
C VAL A 76 -2.47 -4.19 -3.38
N PHE A 77 -3.74 -4.31 -3.05
CA PHE A 77 -4.39 -5.61 -2.93
C PHE A 77 -5.56 -5.73 -3.90
N ARG A 78 -5.91 -4.62 -4.54
CA ARG A 78 -7.01 -4.59 -5.50
C ARG A 78 -6.84 -5.70 -6.53
N ASN A 79 -5.89 -5.51 -7.44
CA ASN A 79 -5.63 -6.49 -8.50
C ASN A 79 -4.29 -6.22 -9.16
N SER A 80 -3.89 -7.12 -10.06
CA SER A 80 -2.62 -6.99 -10.76
C SER A 80 -2.63 -5.74 -11.65
N GLU A 81 -3.56 -5.68 -12.58
CA GLU A 81 -3.67 -4.54 -13.49
C GLU A 81 -3.78 -3.23 -12.70
N ALA A 82 -4.32 -3.32 -11.49
CA ALA A 82 -4.48 -2.14 -10.65
C ALA A 82 -3.12 -1.54 -10.29
N ALA A 83 -2.15 -2.40 -10.01
CA ALA A 83 -0.81 -1.95 -9.67
C ALA A 83 -0.28 -0.95 -10.70
N TRP A 84 -0.57 -1.20 -11.97
CA TRP A 84 -0.12 -0.33 -13.04
C TRP A 84 -0.76 1.05 -12.92
N GLY A 85 -2.09 1.08 -12.86
CA GLY A 85 -2.80 2.35 -12.74
C GLY A 85 -2.40 3.13 -11.50
N VAL A 86 -2.29 2.43 -10.38
CA VAL A 86 -1.92 3.06 -9.11
C VAL A 86 -0.44 3.45 -9.12
N ALA A 87 0.34 2.78 -9.94
CA ALA A 87 1.78 3.06 -10.04
C ALA A 87 2.02 4.43 -10.67
N GLN A 88 1.51 4.62 -11.89
CA GLN A 88 1.67 5.88 -12.59
C GLN A 88 1.24 7.06 -11.72
N GLU A 89 0.16 6.87 -10.97
CA GLU A 89 -0.34 7.91 -10.09
C GLU A 89 0.62 8.18 -8.94
N ALA A 90 1.13 7.11 -8.35
CA ALA A 90 2.07 7.22 -7.23
C ALA A 90 3.36 7.90 -7.67
N ILE A 91 3.84 7.53 -8.85
CA ILE A 91 5.08 8.10 -9.39
C ILE A 91 4.92 9.60 -9.62
N ALA A 92 3.70 10.02 -9.92
CA ALA A 92 3.41 11.43 -10.17
C ALA A 92 3.47 12.24 -8.88
N ILE A 93 2.79 11.75 -7.85
CA ILE A 93 2.76 12.42 -6.57
C ILE A 93 4.11 12.32 -5.86
N GLY A 94 4.87 11.29 -6.20
CA GLY A 94 6.17 11.10 -5.59
C GLY A 94 6.15 10.02 -4.52
N ALA A 95 5.69 8.83 -4.89
CA ALA A 95 5.63 7.72 -3.95
C ALA A 95 7.02 7.31 -3.48
N LYS A 96 7.10 6.22 -2.72
CA LYS A 96 8.37 5.73 -2.21
C LYS A 96 8.47 4.22 -2.37
N THR A 97 7.36 3.52 -2.09
CA THR A 97 7.34 2.07 -2.21
C THR A 97 5.98 1.59 -2.74
N LEU A 98 5.97 0.40 -3.30
CA LEU A 98 4.74 -0.19 -3.85
C LEU A 98 4.70 -1.70 -3.63
N TRP A 99 3.93 -2.13 -2.64
CA TRP A 99 3.80 -3.54 -2.33
C TRP A 99 2.58 -4.15 -3.02
N LEU A 100 2.72 -5.38 -3.48
CA LEU A 100 1.63 -6.07 -4.15
C LEU A 100 1.23 -7.35 -3.40
N GLN A 101 0.37 -8.14 -4.02
CA GLN A 101 -0.08 -9.39 -3.41
C GLN A 101 0.95 -10.50 -3.58
N LEU A 102 0.96 -11.44 -2.65
CA LEU A 102 1.90 -12.56 -2.71
C LEU A 102 1.46 -13.59 -3.74
N GLY A 103 2.43 -14.11 -4.50
CA GLY A 103 2.13 -15.10 -5.52
C GLY A 103 1.89 -14.48 -6.88
N VAL A 104 1.67 -13.17 -6.90
CA VAL A 104 1.43 -12.46 -8.16
C VAL A 104 2.65 -11.64 -8.56
N ILE A 105 2.80 -11.44 -9.87
CA ILE A 105 3.93 -10.68 -10.39
C ILE A 105 3.46 -9.64 -11.40
N ASN A 106 3.99 -8.42 -11.28
CA ASN A 106 3.62 -7.34 -12.18
C ASN A 106 4.86 -6.66 -12.75
N GLU A 107 5.36 -7.19 -13.86
CA GLU A 107 6.55 -6.65 -14.50
C GLU A 107 6.25 -5.28 -15.11
N GLN A 108 5.14 -5.19 -15.83
CA GLN A 108 4.75 -3.94 -16.47
C GLN A 108 4.67 -2.80 -15.46
N ALA A 109 4.00 -3.08 -14.33
CA ALA A 109 3.86 -2.08 -13.27
C ALA A 109 5.19 -1.82 -12.58
N ALA A 110 6.06 -2.84 -12.57
CA ALA A 110 7.37 -2.71 -11.94
C ALA A 110 8.29 -1.84 -12.77
N VAL A 111 8.21 -1.97 -14.09
CA VAL A 111 9.05 -1.19 -14.99
C VAL A 111 8.65 0.29 -14.97
N LEU A 112 7.36 0.55 -15.11
CA LEU A 112 6.86 1.93 -15.11
C LEU A 112 7.35 2.68 -13.88
N ALA A 113 7.53 1.95 -12.79
CA ALA A 113 8.00 2.57 -11.54
C ALA A 113 9.53 2.59 -11.49
N ARG A 114 10.14 1.43 -11.76
CA ARG A 114 11.59 1.32 -11.73
C ARG A 114 12.24 2.38 -12.62
N GLU A 115 11.65 2.59 -13.80
CA GLU A 115 12.17 3.58 -14.74
C GLU A 115 12.10 4.98 -14.16
N ALA A 116 11.18 5.18 -13.21
CA ALA A 116 11.02 6.47 -12.57
C ALA A 116 11.84 6.56 -11.30
N GLY A 117 12.16 5.41 -10.71
CA GLY A 117 12.94 5.38 -9.49
C GLY A 117 12.20 4.73 -8.34
N LEU A 118 10.89 4.59 -8.49
CA LEU A 118 10.06 3.99 -7.45
C LEU A 118 10.53 2.58 -7.13
N SER A 119 10.19 2.09 -5.94
CA SER A 119 10.58 0.75 -5.52
C SER A 119 9.35 -0.15 -5.39
N VAL A 120 9.07 -0.90 -6.44
CA VAL A 120 7.93 -1.81 -6.45
C VAL A 120 8.35 -3.22 -6.03
N VAL A 121 7.47 -3.90 -5.30
CA VAL A 121 7.75 -5.26 -4.85
C VAL A 121 6.54 -6.16 -5.04
N MET A 122 6.71 -7.22 -5.82
CA MET A 122 5.63 -8.16 -6.09
C MET A 122 5.98 -9.55 -5.56
N ASP A 123 5.00 -10.45 -5.57
CA ASP A 123 5.20 -11.81 -5.10
C ASP A 123 5.54 -11.83 -3.62
N ARG A 124 4.96 -10.88 -2.88
CA ARG A 124 5.21 -10.78 -1.44
C ARG A 124 4.05 -10.07 -0.74
N CYS A 125 3.61 -10.63 0.39
CA CYS A 125 2.51 -10.04 1.15
C CYS A 125 2.81 -10.08 2.64
N PRO A 126 2.66 -8.92 3.30
CA PRO A 126 2.91 -8.80 4.75
C PRO A 126 1.85 -9.53 5.58
N ALA A 127 0.75 -9.90 4.94
CA ALA A 127 -0.33 -10.59 5.63
C ALA A 127 0.15 -11.94 6.16
N ILE A 128 0.88 -12.68 5.32
CA ILE A 128 1.39 -13.98 5.71
C ILE A 128 2.85 -13.90 6.13
N GLU A 129 3.51 -12.82 5.74
CA GLU A 129 4.92 -12.61 6.09
C GLU A 129 5.07 -12.32 7.58
N LEU A 130 4.08 -11.65 8.15
CA LEU A 130 4.10 -11.32 9.58
C LEU A 130 3.97 -12.57 10.43
N PRO A 131 2.88 -13.32 10.24
CA PRO A 131 2.62 -14.56 10.98
C PRO A 131 3.58 -15.67 10.60
N ARG A 132 4.38 -15.44 9.57
CA ARG A 132 5.34 -16.44 9.10
C ARG A 132 6.21 -16.94 10.26
N LEU A 133 6.43 -16.07 11.24
CA LEU A 133 7.25 -16.42 12.39
C LEU A 133 6.39 -17.08 13.48
N GLY A 134 5.12 -16.69 13.54
CA GLY A 134 4.23 -17.25 14.53
C GLY A 134 3.99 -16.31 15.70
N LEU A 135 4.50 -15.10 15.60
CA LEU A 135 4.34 -14.10 16.66
C LEU A 135 3.03 -13.35 16.51
N ALA A 136 2.53 -13.29 15.28
CA ALA A 136 1.28 -12.60 15.00
C ALA A 136 0.14 -13.16 15.85
N LYS A 137 -0.85 -12.32 16.12
CA LYS A 137 -2.00 -12.72 16.92
C LYS A 137 -3.07 -13.38 16.06
N MET A 1 24.41 1.12 6.68
CA MET A 1 23.16 1.86 6.85
C MET A 1 22.90 2.77 5.64
N LYS A 2 22.19 2.25 4.66
CA LYS A 2 21.87 3.00 3.45
C LYS A 2 20.41 3.45 3.47
N GLU A 3 20.07 4.36 2.55
CA GLU A 3 18.70 4.86 2.45
C GLU A 3 18.22 4.85 1.01
N ASN A 4 18.77 3.94 0.21
CA ASN A 4 18.39 3.83 -1.18
C ASN A 4 17.46 2.64 -1.41
N ASP A 5 17.55 1.64 -0.53
CA ASP A 5 16.72 0.45 -0.62
C ASP A 5 15.55 0.54 0.36
N ILE A 6 14.57 -0.34 0.18
CA ILE A 6 13.41 -0.38 1.06
C ILE A 6 13.81 -0.46 2.52
N ALA A 7 14.98 -1.03 2.77
CA ALA A 7 15.49 -1.18 4.13
C ALA A 7 15.55 0.17 4.83
N GLY A 8 15.94 1.21 4.09
CA GLY A 8 16.02 2.54 4.66
C GLY A 8 14.67 3.19 4.82
N ILE A 9 13.76 2.89 3.91
CA ILE A 9 12.41 3.45 3.96
C ILE A 9 11.57 2.79 5.04
N LEU A 10 11.85 1.52 5.31
CA LEU A 10 11.13 0.78 6.33
C LEU A 10 11.74 1.01 7.71
N THR A 11 13.04 1.28 7.74
CA THR A 11 13.74 1.52 9.00
C THR A 11 13.63 2.98 9.42
N SER A 12 13.34 3.85 8.46
CA SER A 12 13.21 5.27 8.74
C SER A 12 11.79 5.60 9.22
N THR A 13 10.82 5.43 8.33
CA THR A 13 9.43 5.70 8.66
C THR A 13 8.53 4.52 8.31
N ARG A 14 7.51 4.29 9.13
CA ARG A 14 6.58 3.18 8.91
C ARG A 14 5.18 3.70 8.59
N THR A 15 4.82 3.66 7.31
CA THR A 15 3.51 4.13 6.88
C THR A 15 2.91 3.20 5.82
N ILE A 16 1.60 3.02 5.87
CA ILE A 16 0.92 2.16 4.90
C ILE A 16 -0.29 2.86 4.31
N ALA A 17 -0.42 2.78 2.99
CA ALA A 17 -1.54 3.41 2.29
C ALA A 17 -2.32 2.39 1.46
N LEU A 18 -3.61 2.29 1.73
CA LEU A 18 -4.47 1.35 1.02
C LEU A 18 -5.19 2.04 -0.15
N VAL A 19 -5.05 1.46 -1.34
CA VAL A 19 -5.68 2.01 -2.53
C VAL A 19 -6.95 1.24 -2.88
N GLY A 20 -8.09 1.94 -2.80
CA GLY A 20 -9.36 1.32 -3.10
C GLY A 20 -10.01 0.69 -1.88
N ALA A 21 -10.33 1.52 -0.89
CA ALA A 21 -10.96 1.04 0.33
C ALA A 21 -12.48 1.06 0.21
N SER A 22 -13.10 -0.09 0.41
CA SER A 22 -14.56 -0.20 0.32
C SER A 22 -15.12 -1.00 1.49
N ASP A 23 -16.43 -1.22 1.48
CA ASP A 23 -17.08 -1.97 2.54
C ASP A 23 -17.23 -3.44 2.15
N LYS A 24 -16.17 -4.02 1.60
CA LYS A 24 -16.18 -5.41 1.19
C LYS A 24 -15.29 -6.26 2.10
N PRO A 25 -15.85 -6.68 3.24
CA PRO A 25 -15.12 -7.50 4.22
C PRO A 25 -14.87 -8.91 3.71
N ASP A 26 -15.43 -9.23 2.55
CA ASP A 26 -15.25 -10.54 1.95
C ASP A 26 -14.19 -10.51 0.86
N ARG A 27 -13.26 -9.58 0.97
CA ARG A 27 -12.19 -9.44 0.00
C ARG A 27 -10.83 -9.34 0.69
N PRO A 28 -9.76 -9.64 -0.06
CA PRO A 28 -8.39 -9.60 0.46
C PRO A 28 -7.92 -8.17 0.73
N SER A 29 -8.62 -7.19 0.16
CA SER A 29 -8.28 -5.79 0.34
C SER A 29 -8.74 -5.29 1.70
N TYR A 30 -9.80 -5.89 2.21
CA TYR A 30 -10.35 -5.51 3.51
C TYR A 30 -9.66 -6.26 4.64
N ARG A 31 -9.48 -7.57 4.45
CA ARG A 31 -8.83 -8.41 5.44
C ARG A 31 -7.49 -7.83 5.86
N VAL A 32 -6.82 -7.16 4.92
CA VAL A 32 -5.53 -6.56 5.19
C VAL A 32 -5.66 -5.26 5.97
N MET A 33 -6.68 -4.47 5.62
CA MET A 33 -6.93 -3.21 6.30
C MET A 33 -7.07 -3.41 7.80
N LYS A 34 -8.07 -4.20 8.19
CA LYS A 34 -8.33 -4.47 9.60
C LYS A 34 -7.15 -5.24 10.22
N TYR A 35 -6.37 -5.90 9.37
CA TYR A 35 -5.23 -6.67 9.83
C TYR A 35 -4.08 -5.75 10.26
N LEU A 36 -3.79 -4.76 9.42
CA LEU A 36 -2.72 -3.81 9.71
C LEU A 36 -3.05 -2.99 10.96
N LEU A 37 -4.30 -2.53 11.05
CA LEU A 37 -4.74 -1.73 12.19
C LEU A 37 -4.63 -2.53 13.49
N ASP A 38 -5.11 -3.76 13.45
CA ASP A 38 -5.06 -4.63 14.63
C ASP A 38 -3.64 -4.72 15.18
N GLN A 39 -2.69 -5.09 14.32
CA GLN A 39 -1.30 -5.21 14.72
C GLN A 39 -0.78 -3.90 15.31
N GLY A 40 -1.40 -2.80 14.92
CA GLY A 40 -1.00 -1.50 15.42
C GLY A 40 -0.21 -0.70 14.39
N TYR A 41 -0.68 -0.71 13.15
CA TYR A 41 0.00 0.01 12.08
C TYR A 41 -0.85 1.17 11.58
N HIS A 42 -0.23 2.07 10.83
CA HIS A 42 -0.93 3.23 10.29
C HIS A 42 -1.35 2.98 8.85
N VAL A 43 -2.65 2.95 8.62
CA VAL A 43 -3.19 2.72 7.29
C VAL A 43 -3.84 3.99 6.73
N ILE A 44 -3.72 4.19 5.42
CA ILE A 44 -4.29 5.36 4.76
C ILE A 44 -5.11 4.95 3.54
N PRO A 45 -6.35 4.53 3.78
CA PRO A 45 -7.27 4.11 2.71
C PRO A 45 -7.72 5.28 1.84
N VAL A 46 -7.55 5.15 0.53
CA VAL A 46 -7.94 6.19 -0.40
C VAL A 46 -8.88 5.65 -1.46
N SER A 47 -10.07 6.24 -1.55
CA SER A 47 -11.07 5.81 -2.53
C SER A 47 -11.91 6.99 -3.01
N PRO A 48 -12.41 6.90 -4.25
CA PRO A 48 -13.23 7.95 -4.85
C PRO A 48 -14.61 8.06 -4.19
N LYS A 49 -14.96 7.06 -3.39
CA LYS A 49 -16.24 7.04 -2.70
C LYS A 49 -16.06 7.34 -1.21
N VAL A 50 -14.91 6.92 -0.67
CA VAL A 50 -14.62 7.14 0.75
C VAL A 50 -14.18 8.58 0.99
N ALA A 51 -13.99 9.33 -0.08
CA ALA A 51 -13.56 10.72 0.03
C ALA A 51 -14.52 11.52 0.90
N GLY A 52 -14.12 11.77 2.14
CA GLY A 52 -14.95 12.52 3.05
C GLY A 52 -15.66 11.62 4.06
N LYS A 53 -15.16 10.40 4.22
CA LYS A 53 -15.74 9.45 5.15
C LYS A 53 -14.68 8.91 6.12
N THR A 54 -15.12 8.16 7.11
CA THR A 54 -14.23 7.58 8.11
C THR A 54 -14.46 6.08 8.26
N LEU A 55 -13.47 5.29 7.87
CA LEU A 55 -13.57 3.84 7.96
C LEU A 55 -12.54 3.29 8.94
N LEU A 56 -13.03 2.66 10.01
CA LEU A 56 -12.15 2.08 11.02
C LEU A 56 -11.29 3.16 11.69
N GLY A 57 -11.79 4.40 11.67
CA GLY A 57 -11.07 5.50 12.28
C GLY A 57 -10.11 6.16 11.31
N GLN A 58 -10.05 5.64 10.08
CA GLN A 58 -9.17 6.19 9.06
C GLN A 58 -9.91 7.17 8.16
N GLN A 59 -9.26 8.27 7.83
CA GLN A 59 -9.86 9.29 6.97
C GLN A 59 -9.82 8.85 5.51
N GLY A 60 -10.88 9.19 4.76
CA GLY A 60 -10.94 8.83 3.36
C GLY A 60 -10.40 9.91 2.46
N TYR A 61 -10.12 9.55 1.21
CA TYR A 61 -9.59 10.51 0.25
C TYR A 61 -9.97 10.12 -1.18
N ALA A 62 -10.48 11.09 -1.94
CA ALA A 62 -10.88 10.84 -3.31
C ALA A 62 -9.67 10.52 -4.19
N THR A 63 -8.52 11.08 -3.84
CA THR A 63 -7.29 10.85 -4.59
C THR A 63 -6.07 10.90 -3.68
N LEU A 64 -5.04 10.12 -4.03
CA LEU A 64 -3.83 10.07 -3.25
C LEU A 64 -3.12 11.43 -3.24
N ALA A 65 -3.29 12.18 -4.32
CA ALA A 65 -2.68 13.50 -4.43
C ALA A 65 -3.45 14.53 -3.60
N ASP A 66 -4.54 14.09 -2.99
CA ASP A 66 -5.36 14.98 -2.17
C ASP A 66 -4.98 14.86 -0.70
N VAL A 67 -4.10 13.91 -0.39
CA VAL A 67 -3.65 13.70 0.98
C VAL A 67 -2.46 14.59 1.32
N PRO A 68 -2.54 15.26 2.47
CA PRO A 68 -1.47 16.16 2.94
C PRO A 68 -0.21 15.39 3.34
N GLU A 69 -0.41 14.30 4.07
CA GLU A 69 0.71 13.48 4.53
C GLU A 69 1.28 12.65 3.38
N LYS A 70 2.60 12.40 3.43
CA LYS A 70 3.26 11.63 2.40
C LYS A 70 3.45 10.18 2.84
N VAL A 71 2.92 9.25 2.06
CA VAL A 71 3.02 7.83 2.37
C VAL A 71 4.41 7.30 2.02
N ASP A 72 4.93 6.43 2.88
CA ASP A 72 6.25 5.84 2.66
C ASP A 72 6.13 4.47 2.00
N MET A 73 4.98 3.83 2.16
CA MET A 73 4.74 2.53 1.58
C MET A 73 3.28 2.36 1.18
N VAL A 74 3.03 2.14 -0.11
CA VAL A 74 1.68 1.96 -0.62
C VAL A 74 1.38 0.50 -0.90
N ASP A 75 0.18 0.07 -0.53
CA ASP A 75 -0.24 -1.32 -0.75
C ASP A 75 -1.26 -1.41 -1.87
N VAL A 76 -1.23 -2.52 -2.60
CA VAL A 76 -2.16 -2.73 -3.71
C VAL A 76 -2.79 -4.11 -3.63
N PHE A 77 -4.04 -4.16 -3.16
CA PHE A 77 -4.76 -5.42 -3.03
C PHE A 77 -5.96 -5.45 -3.96
N ARG A 78 -6.22 -4.33 -4.63
CA ARG A 78 -7.35 -4.23 -5.54
C ARG A 78 -7.33 -5.37 -6.55
N ASN A 79 -6.34 -5.36 -7.44
CA ASN A 79 -6.22 -6.40 -8.45
C ASN A 79 -4.83 -6.40 -9.07
N SER A 80 -4.52 -7.45 -9.82
CA SER A 80 -3.21 -7.57 -10.46
C SER A 80 -3.00 -6.44 -11.47
N GLU A 81 -3.89 -6.33 -12.44
CA GLU A 81 -3.80 -5.29 -13.46
C GLU A 81 -3.91 -3.91 -12.83
N ALA A 82 -4.56 -3.84 -11.68
CA ALA A 82 -4.74 -2.57 -10.98
C ALA A 82 -3.40 -2.01 -10.52
N ALA A 83 -2.42 -2.88 -10.35
CA ALA A 83 -1.10 -2.47 -9.92
C ALA A 83 -0.55 -1.35 -10.79
N TRP A 84 -0.76 -1.48 -12.11
CA TRP A 84 -0.29 -0.48 -13.05
C TRP A 84 -1.03 0.84 -12.87
N GLY A 85 -2.36 0.78 -12.92
CA GLY A 85 -3.17 1.98 -12.75
C GLY A 85 -2.91 2.67 -11.42
N VAL A 86 -2.64 1.88 -10.39
CA VAL A 86 -2.37 2.42 -9.06
C VAL A 86 -0.92 2.86 -8.93
N ALA A 87 -0.05 2.30 -9.77
CA ALA A 87 1.36 2.64 -9.75
C ALA A 87 1.61 4.02 -10.34
N GLN A 88 0.97 4.30 -11.46
CA GLN A 88 1.11 5.60 -12.14
C GLN A 88 0.65 6.73 -11.22
N GLU A 89 -0.48 6.52 -10.56
CA GLU A 89 -1.03 7.54 -9.66
C GLU A 89 -0.13 7.73 -8.44
N ALA A 90 0.37 6.62 -7.91
CA ALA A 90 1.24 6.67 -6.75
C ALA A 90 2.57 7.34 -7.08
N ILE A 91 3.13 7.01 -8.24
CA ILE A 91 4.40 7.60 -8.66
C ILE A 91 4.23 9.07 -9.01
N ALA A 92 3.08 9.42 -9.59
CA ALA A 92 2.79 10.80 -9.96
C ALA A 92 2.78 11.71 -8.74
N ILE A 93 2.08 11.27 -7.70
CA ILE A 93 1.99 12.05 -6.47
C ILE A 93 3.32 12.07 -5.72
N GLY A 94 4.14 11.05 -5.96
CA GLY A 94 5.43 10.96 -5.31
C GLY A 94 5.47 9.88 -4.24
N ALA A 95 5.22 8.65 -4.65
CA ALA A 95 5.23 7.51 -3.73
C ALA A 95 6.66 7.12 -3.35
N LYS A 96 6.79 6.07 -2.54
CA LYS A 96 8.10 5.60 -2.12
C LYS A 96 8.22 4.10 -2.31
N THR A 97 7.15 3.37 -2.00
CA THR A 97 7.14 1.92 -2.14
C THR A 97 5.83 1.44 -2.75
N LEU A 98 5.86 0.25 -3.34
CA LEU A 98 4.68 -0.33 -3.96
C LEU A 98 4.60 -1.83 -3.70
N TRP A 99 3.65 -2.24 -2.86
CA TRP A 99 3.47 -3.65 -2.54
C TRP A 99 2.24 -4.22 -3.23
N LEU A 100 2.37 -5.45 -3.72
CA LEU A 100 1.26 -6.10 -4.42
C LEU A 100 0.81 -7.35 -3.66
N GLN A 101 -0.11 -8.10 -4.26
CA GLN A 101 -0.62 -9.32 -3.64
C GLN A 101 0.31 -10.49 -3.88
N LEU A 102 0.14 -11.56 -3.11
CA LEU A 102 0.96 -12.75 -3.23
C LEU A 102 0.45 -13.65 -4.36
N GLY A 103 1.34 -14.02 -5.27
CA GLY A 103 0.96 -14.87 -6.38
C GLY A 103 0.64 -14.09 -7.64
N VAL A 104 1.11 -12.85 -7.69
CA VAL A 104 0.88 -11.99 -8.85
C VAL A 104 2.19 -11.50 -9.45
N ILE A 105 2.19 -11.31 -10.77
CA ILE A 105 3.38 -10.84 -11.46
C ILE A 105 3.02 -9.89 -12.59
N ASN A 106 3.32 -8.60 -12.39
CA ASN A 106 3.03 -7.59 -13.40
C ASN A 106 4.31 -6.93 -13.90
N GLU A 107 4.89 -7.50 -14.95
CA GLU A 107 6.12 -6.98 -15.52
C GLU A 107 5.97 -5.49 -15.86
N GLN A 108 4.80 -5.12 -16.37
CA GLN A 108 4.53 -3.73 -16.73
C GLN A 108 4.57 -2.83 -15.50
N ALA A 109 3.95 -3.29 -14.42
CA ALA A 109 3.91 -2.53 -13.18
C ALA A 109 5.31 -2.35 -12.60
N ALA A 110 6.16 -3.37 -12.78
CA ALA A 110 7.52 -3.32 -12.27
C ALA A 110 8.35 -2.28 -13.02
N VAL A 111 8.05 -2.11 -14.30
CA VAL A 111 8.77 -1.14 -15.13
C VAL A 111 8.29 0.28 -14.86
N LEU A 112 6.98 0.44 -14.70
CA LEU A 112 6.39 1.75 -14.42
C LEU A 112 7.02 2.38 -13.18
N ALA A 113 7.23 1.56 -12.15
CA ALA A 113 7.83 2.03 -10.90
C ALA A 113 9.33 2.24 -11.06
N ARG A 114 9.96 1.38 -11.86
CA ARG A 114 11.40 1.47 -12.08
C ARG A 114 11.74 2.73 -12.87
N GLU A 115 10.92 3.04 -13.87
CA GLU A 115 11.15 4.23 -14.70
C GLU A 115 11.28 5.48 -13.84
N ALA A 116 10.62 5.46 -12.68
CA ALA A 116 10.67 6.59 -11.76
C ALA A 116 11.63 6.34 -10.61
N GLY A 117 11.88 5.06 -10.32
CA GLY A 117 12.78 4.70 -9.25
C GLY A 117 12.06 4.09 -8.06
N LEU A 118 10.73 4.19 -8.06
CA LEU A 118 9.93 3.63 -6.98
C LEU A 118 10.28 2.17 -6.73
N SER A 119 10.22 1.75 -5.47
CA SER A 119 10.54 0.38 -5.10
C SER A 119 9.30 -0.52 -5.22
N VAL A 120 9.22 -1.25 -6.32
CA VAL A 120 8.09 -2.14 -6.56
C VAL A 120 8.38 -3.54 -6.04
N VAL A 121 7.42 -4.12 -5.31
CA VAL A 121 7.58 -5.45 -4.76
C VAL A 121 6.32 -6.29 -4.99
N MET A 122 6.44 -7.30 -5.84
CA MET A 122 5.31 -8.17 -6.15
C MET A 122 5.54 -9.57 -5.56
N ASP A 123 4.54 -10.44 -5.71
CA ASP A 123 4.63 -11.80 -5.20
C ASP A 123 5.02 -11.80 -3.72
N ARG A 124 4.50 -10.83 -2.97
CA ARG A 124 4.81 -10.72 -1.56
C ARG A 124 3.60 -10.19 -0.78
N CYS A 125 3.36 -10.76 0.39
CA CYS A 125 2.23 -10.34 1.22
C CYS A 125 2.69 -10.11 2.66
N PRO A 126 2.33 -8.94 3.20
CA PRO A 126 2.68 -8.55 4.58
C PRO A 126 1.93 -9.38 5.62
N ALA A 127 0.80 -9.95 5.21
CA ALA A 127 -0.01 -10.77 6.12
C ALA A 127 0.78 -11.97 6.62
N ILE A 128 1.55 -12.59 5.73
CA ILE A 128 2.35 -13.76 6.09
C ILE A 128 3.80 -13.36 6.36
N GLU A 129 4.19 -12.18 5.88
CA GLU A 129 5.55 -11.68 6.08
C GLU A 129 5.76 -11.24 7.52
N LEU A 130 4.70 -10.77 8.15
CA LEU A 130 4.77 -10.31 9.53
C LEU A 130 5.04 -11.47 10.48
N PRO A 131 4.14 -12.48 10.45
CA PRO A 131 4.27 -13.67 11.30
C PRO A 131 5.44 -14.56 10.88
N ARG A 132 6.07 -14.22 9.76
CA ARG A 132 7.19 -14.99 9.26
C ARG A 132 8.25 -15.18 10.35
N LEU A 133 8.34 -14.21 11.26
CA LEU A 133 9.31 -14.26 12.34
C LEU A 133 8.62 -14.60 13.67
N GLY A 134 7.36 -14.17 13.80
CA GLY A 134 6.61 -14.44 15.01
C GLY A 134 6.36 -13.17 15.82
N LEU A 135 6.39 -12.03 15.15
CA LEU A 135 6.17 -10.75 15.81
C LEU A 135 4.68 -10.48 15.97
N ALA A 136 3.88 -11.06 15.10
CA ALA A 136 2.43 -10.89 15.14
C ALA A 136 1.89 -11.19 16.53
N LYS A 137 1.14 -10.24 17.09
CA LYS A 137 0.56 -10.41 18.41
C LYS A 137 -0.32 -11.66 18.47
N MET A 1 15.60 12.32 -1.73
CA MET A 1 14.83 11.48 -2.65
C MET A 1 15.32 10.04 -2.60
N LYS A 2 15.01 9.34 -1.52
CA LYS A 2 15.42 7.95 -1.36
C LYS A 2 14.30 7.00 -1.78
N GLU A 3 14.59 6.16 -2.77
CA GLU A 3 13.61 5.21 -3.28
C GLU A 3 14.02 3.78 -2.91
N ASN A 4 15.15 3.34 -3.46
CA ASN A 4 15.64 1.99 -3.21
C ASN A 4 16.03 1.82 -1.74
N ASP A 5 16.61 0.68 -1.41
CA ASP A 5 17.04 0.40 -0.04
C ASP A 5 15.83 0.35 0.90
N ILE A 6 14.89 -0.54 0.60
CA ILE A 6 13.70 -0.68 1.42
C ILE A 6 14.05 -0.84 2.90
N ALA A 7 15.24 -1.38 3.16
CA ALA A 7 15.70 -1.59 4.52
C ALA A 7 15.77 -0.28 5.28
N GLY A 8 16.22 0.77 4.60
CA GLY A 8 16.32 2.07 5.24
C GLY A 8 14.98 2.77 5.36
N ILE A 9 14.09 2.53 4.41
CA ILE A 9 12.76 3.13 4.41
C ILE A 9 11.86 2.45 5.44
N LEU A 10 12.01 1.15 5.59
CA LEU A 10 11.21 0.38 6.54
C LEU A 10 11.74 0.55 7.96
N THR A 11 13.06 0.67 8.08
CA THR A 11 13.69 0.83 9.37
C THR A 11 13.54 2.27 9.88
N SER A 12 13.43 3.21 8.96
CA SER A 12 13.28 4.62 9.31
C SER A 12 11.84 4.93 9.72
N THR A 13 10.91 4.76 8.78
CA THR A 13 9.50 5.02 9.04
C THR A 13 8.64 3.85 8.63
N ARG A 14 7.58 3.60 9.39
CA ARG A 14 6.67 2.49 9.09
C ARG A 14 5.25 3.01 8.83
N THR A 15 4.88 3.03 7.55
CA THR A 15 3.55 3.50 7.17
C THR A 15 2.95 2.63 6.07
N ILE A 16 1.64 2.41 6.13
CA ILE A 16 0.96 1.60 5.14
C ILE A 16 -0.28 2.31 4.60
N ALA A 17 -0.40 2.33 3.28
CA ALA A 17 -1.54 2.97 2.64
C ALA A 17 -2.34 1.98 1.79
N LEU A 18 -3.67 2.01 1.95
CA LEU A 18 -4.54 1.11 1.21
C LEU A 18 -5.25 1.85 0.08
N VAL A 19 -5.28 1.22 -1.09
CA VAL A 19 -5.94 1.83 -2.25
C VAL A 19 -7.26 1.12 -2.57
N GLY A 20 -8.29 1.91 -2.88
CA GLY A 20 -9.58 1.35 -3.20
C GLY A 20 -10.29 0.81 -1.97
N ALA A 21 -10.14 1.52 -0.85
CA ALA A 21 -10.78 1.11 0.40
C ALA A 21 -12.28 1.37 0.36
N SER A 22 -13.07 0.31 0.32
CA SER A 22 -14.52 0.43 0.28
C SER A 22 -15.17 -0.33 1.43
N ASP A 23 -16.49 -0.47 1.38
CA ASP A 23 -17.22 -1.17 2.42
C ASP A 23 -17.40 -2.64 2.07
N LYS A 24 -16.33 -3.25 1.56
CA LYS A 24 -16.37 -4.65 1.17
C LYS A 24 -15.53 -5.50 2.13
N PRO A 25 -16.14 -5.90 3.26
CA PRO A 25 -15.46 -6.71 4.27
C PRO A 25 -15.21 -8.14 3.79
N ASP A 26 -15.75 -8.47 2.62
CA ASP A 26 -15.59 -9.80 2.05
C ASP A 26 -14.47 -9.82 1.01
N ARG A 27 -13.57 -8.83 1.10
CA ARG A 27 -12.46 -8.73 0.17
C ARG A 27 -11.13 -8.79 0.91
N PRO A 28 -10.06 -9.13 0.18
CA PRO A 28 -8.71 -9.23 0.75
C PRO A 28 -8.14 -7.86 1.12
N SER A 29 -8.69 -6.81 0.51
CA SER A 29 -8.23 -5.45 0.78
C SER A 29 -8.77 -4.95 2.11
N TYR A 30 -9.92 -5.49 2.52
CA TYR A 30 -10.55 -5.09 3.78
C TYR A 30 -10.01 -5.92 4.94
N ARG A 31 -9.94 -7.23 4.72
CA ARG A 31 -9.45 -8.15 5.76
C ARG A 31 -8.09 -7.71 6.27
N VAL A 32 -7.26 -7.18 5.36
CA VAL A 32 -5.93 -6.73 5.71
C VAL A 32 -5.98 -5.37 6.42
N MET A 33 -6.98 -4.58 6.08
CA MET A 33 -7.14 -3.26 6.69
C MET A 33 -7.34 -3.37 8.21
N LYS A 34 -8.38 -4.11 8.59
CA LYS A 34 -8.68 -4.30 10.01
C LYS A 34 -7.64 -5.19 10.68
N TYR A 35 -6.96 -6.00 9.87
CA TYR A 35 -5.93 -6.90 10.38
C TYR A 35 -4.67 -6.14 10.75
N LEU A 36 -4.23 -5.27 9.84
CA LEU A 36 -3.03 -4.47 10.06
C LEU A 36 -3.26 -3.44 11.18
N LEU A 37 -4.48 -2.93 11.26
CA LEU A 37 -4.82 -1.95 12.28
C LEU A 37 -4.80 -2.57 13.68
N ASP A 38 -5.40 -3.75 13.81
CA ASP A 38 -5.44 -4.45 15.08
C ASP A 38 -4.04 -4.59 15.67
N GLN A 39 -3.12 -5.11 14.86
CA GLN A 39 -1.74 -5.29 15.30
C GLN A 39 -1.14 -3.99 15.78
N GLY A 40 -1.67 -2.87 15.28
CA GLY A 40 -1.17 -1.57 15.67
C GLY A 40 -0.25 -0.97 14.62
N TYR A 41 -0.77 -0.79 13.42
CA TYR A 41 0.02 -0.22 12.32
C TYR A 41 -0.63 1.05 11.78
N HIS A 42 0.03 1.69 10.83
CA HIS A 42 -0.48 2.92 10.22
C HIS A 42 -1.14 2.62 8.88
N VAL A 43 -2.47 2.70 8.85
CA VAL A 43 -3.21 2.44 7.62
C VAL A 43 -3.77 3.74 7.03
N ILE A 44 -3.61 3.90 5.73
CA ILE A 44 -4.08 5.10 5.04
C ILE A 44 -4.93 4.74 3.83
N PRO A 45 -6.18 4.32 4.07
CA PRO A 45 -7.11 3.93 3.01
C PRO A 45 -7.58 5.13 2.19
N VAL A 46 -7.49 4.99 0.87
CA VAL A 46 -7.90 6.06 -0.04
C VAL A 46 -8.91 5.56 -1.06
N SER A 47 -10.09 6.18 -1.09
CA SER A 47 -11.14 5.80 -2.02
C SER A 47 -11.96 7.00 -2.46
N PRO A 48 -12.52 6.93 -3.67
CA PRO A 48 -13.33 8.01 -4.23
C PRO A 48 -14.67 8.18 -3.50
N LYS A 49 -15.00 7.21 -2.65
CA LYS A 49 -16.23 7.24 -1.89
C LYS A 49 -15.97 7.62 -0.43
N VAL A 50 -14.83 7.18 0.09
CA VAL A 50 -14.46 7.47 1.46
C VAL A 50 -13.95 8.90 1.61
N ALA A 51 -13.73 9.56 0.48
CA ALA A 51 -13.25 10.93 0.47
C ALA A 51 -14.15 11.84 1.32
N GLY A 52 -13.70 12.16 2.53
CA GLY A 52 -14.48 13.01 3.40
C GLY A 52 -15.15 12.22 4.52
N LYS A 53 -14.69 11.00 4.74
CA LYS A 53 -15.26 10.14 5.78
C LYS A 53 -14.16 9.47 6.59
N THR A 54 -14.55 8.80 7.67
CA THR A 54 -13.60 8.12 8.54
C THR A 54 -13.88 6.62 8.58
N LEU A 55 -12.97 5.84 8.04
CA LEU A 55 -13.12 4.38 8.02
C LEU A 55 -12.24 3.73 9.08
N LEU A 56 -12.88 3.09 10.06
CA LEU A 56 -12.16 2.43 11.13
C LEU A 56 -11.25 3.41 11.86
N GLY A 57 -11.60 4.69 11.83
CA GLY A 57 -10.80 5.70 12.49
C GLY A 57 -9.73 6.28 11.58
N GLN A 58 -9.77 5.91 10.31
CA GLN A 58 -8.80 6.39 9.34
C GLN A 58 -9.41 7.44 8.42
N GLN A 59 -8.70 8.54 8.22
CA GLN A 59 -9.18 9.61 7.36
C GLN A 59 -9.36 9.13 5.93
N GLY A 60 -10.40 9.61 5.27
CA GLY A 60 -10.67 9.22 3.90
C GLY A 60 -10.11 10.20 2.89
N TYR A 61 -9.85 9.71 1.68
CA TYR A 61 -9.31 10.57 0.63
C TYR A 61 -9.77 10.09 -0.74
N ALA A 62 -10.20 11.04 -1.57
CA ALA A 62 -10.68 10.73 -2.91
C ALA A 62 -9.53 10.24 -3.80
N THR A 63 -8.33 10.72 -3.53
CA THR A 63 -7.16 10.35 -4.30
C THR A 63 -5.87 10.69 -3.56
N LEU A 64 -4.81 9.94 -3.83
CA LEU A 64 -3.52 10.17 -3.19
C LEU A 64 -2.98 11.55 -3.53
N ALA A 65 -3.53 12.14 -4.59
CA ALA A 65 -3.10 13.47 -5.03
C ALA A 65 -3.45 14.53 -3.99
N ASP A 66 -4.34 14.17 -3.07
CA ASP A 66 -4.75 15.08 -2.02
C ASP A 66 -3.96 14.84 -0.73
N VAL A 67 -3.68 13.58 -0.44
CA VAL A 67 -2.93 13.20 0.75
C VAL A 67 -1.65 14.02 0.86
N PRO A 68 -1.63 14.96 1.83
CA PRO A 68 -0.46 15.82 2.07
C PRO A 68 0.71 15.06 2.65
N GLU A 69 0.43 14.14 3.58
CA GLU A 69 1.48 13.34 4.20
C GLU A 69 2.00 12.29 3.25
N LYS A 70 3.32 12.20 3.13
CA LYS A 70 3.96 11.22 2.24
C LYS A 70 3.92 9.83 2.86
N VAL A 71 3.42 8.87 2.08
CA VAL A 71 3.33 7.50 2.54
C VAL A 71 4.65 6.76 2.37
N ASP A 72 4.96 5.88 3.32
CA ASP A 72 6.21 5.12 3.26
C ASP A 72 6.08 3.94 2.31
N MET A 73 4.95 3.24 2.39
CA MET A 73 4.71 2.08 1.52
C MET A 73 3.23 1.98 1.17
N VAL A 74 2.94 1.84 -0.12
CA VAL A 74 1.57 1.72 -0.58
C VAL A 74 1.19 0.26 -0.82
N ASP A 75 0.33 -0.27 0.05
CA ASP A 75 -0.11 -1.65 -0.06
C ASP A 75 -1.22 -1.79 -1.10
N VAL A 76 -1.03 -2.69 -2.06
CA VAL A 76 -2.01 -2.91 -3.11
C VAL A 76 -2.66 -4.28 -2.97
N PHE A 77 -3.97 -4.28 -2.74
CA PHE A 77 -4.71 -5.53 -2.58
C PHE A 77 -5.76 -5.69 -3.68
N ARG A 78 -6.03 -4.59 -4.37
CA ARG A 78 -7.01 -4.59 -5.45
C ARG A 78 -6.73 -5.72 -6.45
N ASN A 79 -5.68 -5.54 -7.24
CA ASN A 79 -5.29 -6.54 -8.24
C ASN A 79 -4.00 -6.13 -8.96
N SER A 80 -3.57 -6.95 -9.90
CA SER A 80 -2.35 -6.67 -10.65
C SER A 80 -2.58 -5.54 -11.65
N GLU A 81 -3.69 -5.60 -12.37
CA GLU A 81 -4.02 -4.59 -13.35
C GLU A 81 -3.97 -3.19 -12.73
N ALA A 82 -4.43 -3.08 -11.49
CA ALA A 82 -4.44 -1.82 -10.78
C ALA A 82 -3.03 -1.44 -10.30
N ALA A 83 -2.19 -2.46 -10.11
CA ALA A 83 -0.82 -2.23 -9.67
C ALA A 83 -0.10 -1.23 -10.57
N TRP A 84 -0.28 -1.40 -11.87
CA TRP A 84 0.36 -0.51 -12.85
C TRP A 84 -0.15 0.92 -12.71
N GLY A 85 -1.47 1.08 -12.74
CA GLY A 85 -2.06 2.40 -12.61
C GLY A 85 -1.70 3.07 -11.30
N VAL A 86 -1.74 2.31 -10.22
CA VAL A 86 -1.41 2.84 -8.90
C VAL A 86 0.08 3.08 -8.76
N ALA A 87 0.87 2.34 -9.53
CA ALA A 87 2.33 2.48 -9.50
C ALA A 87 2.75 3.84 -10.05
N GLN A 88 2.33 4.14 -11.28
CA GLN A 88 2.67 5.41 -11.91
C GLN A 88 2.24 6.58 -11.05
N GLU A 89 1.03 6.50 -10.50
CA GLU A 89 0.50 7.56 -9.66
C GLU A 89 1.40 7.79 -8.44
N ALA A 90 1.82 6.71 -7.81
CA ALA A 90 2.68 6.80 -6.64
C ALA A 90 4.04 7.41 -6.99
N ILE A 91 4.66 6.87 -8.04
CA ILE A 91 5.95 7.37 -8.48
C ILE A 91 5.86 8.83 -8.92
N ALA A 92 4.75 9.19 -9.54
CA ALA A 92 4.54 10.55 -10.01
C ALA A 92 4.59 11.55 -8.86
N ILE A 93 3.82 11.27 -7.81
CA ILE A 93 3.78 12.14 -6.64
C ILE A 93 5.09 12.05 -5.85
N GLY A 94 5.78 10.91 -5.99
CA GLY A 94 7.04 10.72 -5.28
C GLY A 94 6.89 9.77 -4.11
N ALA A 95 6.42 8.56 -4.39
CA ALA A 95 6.25 7.56 -3.35
C ALA A 95 7.59 7.13 -2.75
N LYS A 96 7.54 6.29 -1.73
CA LYS A 96 8.75 5.81 -1.07
C LYS A 96 8.88 4.30 -1.24
N THR A 97 7.75 3.61 -1.36
CA THR A 97 7.76 2.16 -1.52
C THR A 97 6.43 1.67 -2.09
N LEU A 98 6.45 0.49 -2.71
CA LEU A 98 5.25 -0.09 -3.30
C LEU A 98 5.16 -1.58 -3.00
N TRP A 99 3.99 -2.03 -2.59
CA TRP A 99 3.77 -3.44 -2.28
C TRP A 99 2.51 -3.96 -2.97
N LEU A 100 2.60 -5.18 -3.50
CA LEU A 100 1.47 -5.80 -4.17
C LEU A 100 0.99 -7.04 -3.44
N GLN A 101 0.16 -7.84 -4.10
CA GLN A 101 -0.37 -9.06 -3.49
C GLN A 101 0.60 -10.23 -3.71
N LEU A 102 0.52 -11.22 -2.83
CA LEU A 102 1.38 -12.39 -2.93
C LEU A 102 0.88 -13.36 -3.99
N GLY A 103 1.77 -13.81 -4.86
CA GLY A 103 1.40 -14.75 -5.91
C GLY A 103 1.26 -14.08 -7.26
N VAL A 104 1.22 -12.74 -7.25
CA VAL A 104 1.10 -11.98 -8.49
C VAL A 104 2.46 -11.61 -9.05
N ILE A 105 2.56 -11.52 -10.37
CA ILE A 105 3.81 -11.16 -11.03
C ILE A 105 3.56 -10.27 -12.24
N ASN A 106 3.82 -8.98 -12.08
CA ASN A 106 3.63 -8.02 -13.16
C ASN A 106 4.96 -7.39 -13.57
N GLU A 107 5.63 -8.02 -14.52
CA GLU A 107 6.93 -7.52 -15.00
C GLU A 107 6.82 -6.05 -15.40
N GLN A 108 5.67 -5.68 -15.96
CA GLN A 108 5.45 -4.30 -16.40
C GLN A 108 5.51 -3.35 -15.21
N ALA A 109 4.82 -3.70 -14.12
CA ALA A 109 4.81 -2.87 -12.93
C ALA A 109 6.20 -2.77 -12.31
N ALA A 110 7.00 -3.82 -12.49
CA ALA A 110 8.35 -3.85 -11.95
C ALA A 110 9.26 -2.90 -12.71
N VAL A 111 9.00 -2.73 -14.00
CA VAL A 111 9.79 -1.84 -14.84
C VAL A 111 9.41 -0.38 -14.62
N LEU A 112 8.11 -0.13 -14.46
CA LEU A 112 7.61 1.23 -14.24
C LEU A 112 8.29 1.86 -13.04
N ALA A 113 8.37 1.10 -11.95
CA ALA A 113 9.01 1.59 -10.72
C ALA A 113 10.50 1.73 -10.89
N ARG A 114 11.10 0.80 -11.63
CA ARG A 114 12.54 0.82 -11.87
C ARG A 114 12.93 1.99 -12.77
N GLU A 115 11.99 2.42 -13.60
CA GLU A 115 12.23 3.52 -14.52
C GLU A 115 12.57 4.80 -13.76
N ALA A 116 11.93 4.97 -12.60
CA ALA A 116 12.17 6.15 -11.79
C ALA A 116 13.08 5.82 -10.61
N GLY A 117 13.12 4.56 -10.22
CA GLY A 117 13.95 4.13 -9.11
C GLY A 117 13.14 3.70 -7.90
N LEU A 118 11.83 3.88 -7.99
CA LEU A 118 10.93 3.50 -6.89
C LEU A 118 11.18 2.07 -6.46
N SER A 119 10.81 1.75 -5.21
CA SER A 119 11.00 0.42 -4.67
C SER A 119 9.70 -0.37 -4.74
N VAL A 120 9.53 -1.16 -5.80
CA VAL A 120 8.34 -1.96 -5.98
C VAL A 120 8.59 -3.42 -5.60
N VAL A 121 7.69 -3.98 -4.80
CA VAL A 121 7.81 -5.37 -4.36
C VAL A 121 6.50 -6.13 -4.57
N MET A 122 6.47 -6.99 -5.57
CA MET A 122 5.28 -7.78 -5.86
C MET A 122 5.47 -9.22 -5.40
N ASP A 123 4.46 -10.05 -5.66
CA ASP A 123 4.51 -11.46 -5.27
C ASP A 123 4.86 -11.60 -3.79
N ARG A 124 4.38 -10.65 -2.99
CA ARG A 124 4.64 -10.67 -1.55
C ARG A 124 3.50 -10.00 -0.78
N CYS A 125 3.09 -10.63 0.31
CA CYS A 125 2.00 -10.11 1.14
C CYS A 125 2.43 -10.00 2.60
N PRO A 126 2.21 -8.83 3.19
CA PRO A 126 2.57 -8.57 4.59
C PRO A 126 1.68 -9.34 5.56
N ALA A 127 0.51 -9.74 5.10
CA ALA A 127 -0.43 -10.48 5.93
C ALA A 127 0.22 -11.75 6.49
N ILE A 128 0.99 -12.44 5.65
CA ILE A 128 1.67 -13.66 6.07
C ILE A 128 3.13 -13.38 6.43
N GLU A 129 3.68 -12.30 5.87
CA GLU A 129 5.07 -11.93 6.14
C GLU A 129 5.22 -11.42 7.56
N LEU A 130 4.28 -10.59 8.00
CA LEU A 130 4.32 -10.03 9.35
C LEU A 130 4.40 -11.14 10.39
N PRO A 131 3.42 -12.05 10.37
CA PRO A 131 3.37 -13.18 11.31
C PRO A 131 4.45 -14.21 11.05
N ARG A 132 5.23 -13.99 9.98
CA ARG A 132 6.31 -14.90 9.63
C ARG A 132 7.57 -14.59 10.43
N LEU A 133 7.78 -13.32 10.73
CA LEU A 133 8.94 -12.89 11.49
C LEU A 133 8.54 -12.35 12.85
N GLY A 134 7.35 -11.75 12.91
CA GLY A 134 6.86 -11.19 14.16
C GLY A 134 5.90 -12.12 14.87
N LEU A 135 5.26 -13.02 14.11
CA LEU A 135 4.31 -13.96 14.67
C LEU A 135 3.10 -13.24 15.23
N ALA A 136 2.78 -12.08 14.66
CA ALA A 136 1.63 -11.30 15.10
C ALA A 136 0.37 -12.15 15.17
N LYS A 137 -0.65 -11.65 15.87
CA LYS A 137 -1.90 -12.36 16.02
C LYS A 137 -2.62 -12.48 14.67
N MET A 1 25.60 3.97 8.24
CA MET A 1 24.52 3.01 8.41
C MET A 1 23.33 3.36 7.52
N LYS A 2 23.61 3.77 6.30
CA LYS A 2 22.57 4.14 5.36
C LYS A 2 22.39 3.05 4.29
N GLU A 3 21.16 2.90 3.81
CA GLU A 3 20.86 1.90 2.80
C GLU A 3 20.15 2.53 1.61
N ASN A 4 20.12 1.82 0.49
CA ASN A 4 19.45 2.30 -0.72
C ASN A 4 18.39 1.32 -1.20
N ASP A 5 17.66 0.74 -0.25
CA ASP A 5 16.60 -0.21 -0.57
C ASP A 5 15.42 -0.05 0.38
N ILE A 6 14.43 -0.93 0.23
CA ILE A 6 13.24 -0.88 1.07
C ILE A 6 13.61 -0.87 2.55
N ALA A 7 14.77 -1.46 2.87
CA ALA A 7 15.24 -1.52 4.24
C ALA A 7 15.30 -0.13 4.86
N GLY A 8 15.74 0.85 4.08
CA GLY A 8 15.84 2.22 4.57
C GLY A 8 14.49 2.91 4.64
N ILE A 9 13.60 2.54 3.73
CA ILE A 9 12.25 3.13 3.70
C ILE A 9 11.39 2.57 4.82
N LEU A 10 11.65 1.32 5.21
CA LEU A 10 10.89 0.67 6.27
C LEU A 10 11.46 1.02 7.63
N THR A 11 12.75 1.30 7.68
CA THR A 11 13.42 1.65 8.92
C THR A 11 13.32 3.15 9.20
N SER A 12 13.06 3.92 8.15
CA SER A 12 12.94 5.37 8.28
C SER A 12 11.51 5.76 8.65
N THR A 13 10.59 5.55 7.72
CA THR A 13 9.19 5.89 7.93
C THR A 13 8.29 4.70 7.63
N ARG A 14 7.41 4.36 8.57
CA ARG A 14 6.49 3.25 8.40
C ARG A 14 5.08 3.74 8.09
N THR A 15 4.69 3.64 6.83
CA THR A 15 3.37 4.07 6.39
C THR A 15 2.76 3.09 5.41
N ILE A 16 1.52 2.69 5.67
CA ILE A 16 0.81 1.76 4.80
C ILE A 16 -0.35 2.43 4.09
N ALA A 17 -0.39 2.29 2.77
CA ALA A 17 -1.46 2.88 1.97
C ALA A 17 -2.44 1.81 1.48
N LEU A 18 -3.69 2.22 1.28
CA LEU A 18 -4.72 1.29 0.81
C LEU A 18 -5.50 1.90 -0.36
N VAL A 19 -5.58 1.14 -1.46
CA VAL A 19 -6.30 1.60 -2.64
C VAL A 19 -7.65 0.89 -2.77
N GLY A 20 -8.71 1.68 -2.90
CA GLY A 20 -10.04 1.10 -3.03
C GLY A 20 -10.58 0.60 -1.72
N ALA A 21 -10.79 1.51 -0.78
CA ALA A 21 -11.31 1.14 0.54
C ALA A 21 -12.85 1.12 0.53
N SER A 22 -13.41 -0.07 0.57
CA SER A 22 -14.86 -0.23 0.56
C SER A 22 -15.33 -1.03 1.78
N ASP A 23 -16.63 -1.32 1.83
CA ASP A 23 -17.20 -2.07 2.94
C ASP A 23 -17.39 -3.53 2.55
N LYS A 24 -16.35 -4.13 1.97
CA LYS A 24 -16.41 -5.52 1.55
C LYS A 24 -15.49 -6.38 2.43
N PRO A 25 -16.00 -6.81 3.59
CA PRO A 25 -15.25 -7.65 4.53
C PRO A 25 -15.02 -9.06 3.99
N ASP A 26 -15.63 -9.36 2.85
CA ASP A 26 -15.48 -10.68 2.23
C ASP A 26 -14.43 -10.64 1.12
N ARG A 27 -13.51 -9.69 1.23
CA ARG A 27 -12.44 -9.56 0.24
C ARG A 27 -11.08 -9.40 0.91
N PRO A 28 -10.01 -9.70 0.16
CA PRO A 28 -8.64 -9.60 0.66
C PRO A 28 -8.21 -8.15 0.89
N SER A 29 -8.95 -7.22 0.30
CA SER A 29 -8.64 -5.80 0.45
C SER A 29 -9.08 -5.28 1.81
N TYR A 30 -10.11 -5.89 2.37
CA TYR A 30 -10.63 -5.49 3.67
C TYR A 30 -9.90 -6.22 4.79
N ARG A 31 -9.70 -7.52 4.61
CA ARG A 31 -9.02 -8.34 5.62
C ARG A 31 -7.66 -7.74 5.97
N VAL A 32 -7.03 -7.09 4.99
CA VAL A 32 -5.73 -6.48 5.19
C VAL A 32 -5.86 -5.15 5.94
N MET A 33 -6.88 -4.39 5.60
CA MET A 33 -7.12 -3.10 6.24
C MET A 33 -7.22 -3.26 7.74
N LYS A 34 -8.20 -4.03 8.19
CA LYS A 34 -8.41 -4.26 9.62
C LYS A 34 -7.23 -5.02 10.22
N TYR A 35 -6.49 -5.71 9.38
CA TYR A 35 -5.32 -6.47 9.83
C TYR A 35 -4.19 -5.54 10.26
N LEU A 36 -3.85 -4.61 9.39
CA LEU A 36 -2.78 -3.64 9.68
C LEU A 36 -3.22 -2.66 10.75
N LEU A 37 -4.51 -2.36 10.78
CA LEU A 37 -5.06 -1.43 11.76
C LEU A 37 -5.04 -2.02 13.16
N ASP A 38 -5.26 -3.33 13.24
CA ASP A 38 -5.25 -4.02 14.54
C ASP A 38 -3.82 -4.24 15.02
N GLN A 39 -2.94 -4.63 14.11
CA GLN A 39 -1.55 -4.88 14.44
C GLN A 39 -0.91 -3.64 15.08
N GLY A 40 -1.47 -2.48 14.76
CA GLY A 40 -0.94 -1.24 15.31
C GLY A 40 -0.08 -0.48 14.32
N TYR A 41 -0.55 -0.39 13.08
CA TYR A 41 0.19 0.29 12.03
C TYR A 41 -0.62 1.46 11.47
N HIS A 42 0.03 2.32 10.70
CA HIS A 42 -0.63 3.47 10.11
C HIS A 42 -1.26 3.10 8.77
N VAL A 43 -2.59 3.22 8.69
CA VAL A 43 -3.31 2.91 7.47
C VAL A 43 -3.88 4.16 6.82
N ILE A 44 -3.67 4.29 5.51
CA ILE A 44 -4.17 5.45 4.77
C ILE A 44 -5.00 5.01 3.57
N PRO A 45 -6.27 4.66 3.83
CA PRO A 45 -7.20 4.22 2.79
C PRO A 45 -7.60 5.36 1.86
N VAL A 46 -7.60 5.10 0.56
CA VAL A 46 -7.97 6.10 -0.43
C VAL A 46 -8.94 5.53 -1.46
N SER A 47 -10.12 6.15 -1.56
CA SER A 47 -11.13 5.71 -2.49
C SER A 47 -11.93 6.88 -3.04
N PRO A 48 -12.46 6.74 -4.26
CA PRO A 48 -13.26 7.77 -4.91
C PRO A 48 -14.62 7.98 -4.24
N LYS A 49 -15.00 7.03 -3.40
CA LYS A 49 -16.27 7.10 -2.69
C LYS A 49 -16.06 7.44 -1.22
N VAL A 50 -14.92 7.02 -0.68
CA VAL A 50 -14.59 7.29 0.72
C VAL A 50 -14.13 8.72 0.91
N ALA A 51 -13.96 9.44 -0.19
CA ALA A 51 -13.52 10.83 -0.14
C ALA A 51 -14.54 11.70 0.59
N GLY A 52 -14.23 12.05 1.83
CA GLY A 52 -15.13 12.87 2.62
C GLY A 52 -15.73 12.13 3.79
N LYS A 53 -15.24 10.91 4.03
CA LYS A 53 -15.75 10.09 5.12
C LYS A 53 -14.60 9.35 5.81
N THR A 54 -14.86 8.86 7.01
CA THR A 54 -13.85 8.13 7.78
C THR A 54 -14.21 6.65 7.89
N LEU A 55 -13.31 5.79 7.43
CA LEU A 55 -13.52 4.35 7.49
C LEU A 55 -12.60 3.70 8.51
N LEU A 56 -13.20 3.01 9.47
CA LEU A 56 -12.43 2.33 10.51
C LEU A 56 -11.57 3.33 11.29
N GLY A 57 -11.95 4.60 11.24
CA GLY A 57 -11.20 5.62 11.93
C GLY A 57 -10.19 6.32 11.04
N GLN A 58 -10.03 5.81 9.81
CA GLN A 58 -9.09 6.37 8.87
C GLN A 58 -9.79 7.37 7.93
N GLN A 59 -9.14 8.50 7.69
CA GLN A 59 -9.70 9.52 6.81
C GLN A 59 -9.67 9.07 5.35
N GLY A 60 -10.80 9.23 4.67
CA GLY A 60 -10.88 8.85 3.27
C GLY A 60 -10.36 9.92 2.34
N TYR A 61 -10.01 9.52 1.12
CA TYR A 61 -9.48 10.46 0.13
C TYR A 61 -9.87 10.02 -1.28
N ALA A 62 -10.32 10.98 -2.09
CA ALA A 62 -10.72 10.70 -3.46
C ALA A 62 -9.52 10.25 -4.30
N THR A 63 -8.33 10.66 -3.88
CA THR A 63 -7.11 10.30 -4.58
C THR A 63 -5.87 10.60 -3.74
N LEU A 64 -4.77 9.91 -4.04
CA LEU A 64 -3.52 10.11 -3.31
C LEU A 64 -3.01 11.54 -3.48
N ALA A 65 -3.42 12.18 -4.57
CA ALA A 65 -3.01 13.55 -4.85
C ALA A 65 -3.88 14.55 -4.09
N ASP A 66 -4.80 14.03 -3.29
CA ASP A 66 -5.69 14.88 -2.52
C ASP A 66 -5.24 14.97 -1.06
N VAL A 67 -4.44 13.99 -0.64
CA VAL A 67 -3.93 13.96 0.73
C VAL A 67 -2.51 14.51 0.79
N PRO A 68 -2.26 15.39 1.78
CA PRO A 68 -0.94 16.00 1.97
C PRO A 68 0.08 15.00 2.48
N GLU A 69 -0.34 14.14 3.41
CA GLU A 69 0.55 13.14 3.98
C GLU A 69 1.25 12.33 2.88
N LYS A 70 2.44 11.84 3.18
CA LYS A 70 3.20 11.05 2.23
C LYS A 70 3.11 9.57 2.54
N VAL A 71 3.09 8.74 1.50
CA VAL A 71 3.01 7.30 1.66
C VAL A 71 4.38 6.64 1.55
N ASP A 72 4.61 5.61 2.35
CA ASP A 72 5.88 4.89 2.33
C ASP A 72 5.73 3.52 1.68
N MET A 73 4.61 2.86 1.97
CA MET A 73 4.35 1.53 1.42
C MET A 73 2.94 1.45 0.84
N VAL A 74 2.84 1.33 -0.48
CA VAL A 74 1.55 1.26 -1.15
C VAL A 74 1.08 -0.19 -1.25
N ASP A 75 0.06 -0.54 -0.47
CA ASP A 75 -0.48 -1.89 -0.48
C ASP A 75 -1.60 -2.02 -1.52
N VAL A 76 -1.25 -2.58 -2.68
CA VAL A 76 -2.22 -2.75 -3.75
C VAL A 76 -2.66 -4.22 -3.86
N PHE A 77 -3.89 -4.49 -3.44
CA PHE A 77 -4.43 -5.84 -3.49
C PHE A 77 -5.74 -5.88 -4.25
N ARG A 78 -6.19 -4.72 -4.70
CA ARG A 78 -7.44 -4.62 -5.44
C ARG A 78 -7.49 -5.65 -6.56
N ASN A 79 -6.68 -5.46 -7.59
CA ASN A 79 -6.64 -6.38 -8.72
C ASN A 79 -5.25 -6.39 -9.36
N SER A 80 -5.06 -7.26 -10.34
CA SER A 80 -3.78 -7.36 -11.04
C SER A 80 -3.57 -6.19 -11.99
N GLU A 81 -4.48 -6.04 -12.94
CA GLU A 81 -4.40 -4.95 -13.91
C GLU A 81 -4.45 -3.59 -13.21
N ALA A 82 -5.07 -3.57 -12.04
CA ALA A 82 -5.19 -2.33 -11.27
C ALA A 82 -3.82 -1.84 -10.82
N ALA A 83 -2.89 -2.77 -10.64
CA ALA A 83 -1.54 -2.42 -10.22
C ALA A 83 -0.95 -1.32 -11.08
N TRP A 84 -1.36 -1.29 -12.34
CA TRP A 84 -0.87 -0.29 -13.29
C TRP A 84 -1.44 1.09 -12.96
N GLY A 85 -2.76 1.18 -12.85
CA GLY A 85 -3.40 2.44 -12.54
C GLY A 85 -2.97 2.99 -11.19
N VAL A 86 -2.64 2.10 -10.27
CA VAL A 86 -2.20 2.51 -8.94
C VAL A 86 -0.73 2.87 -8.92
N ALA A 87 0.06 2.13 -9.69
CA ALA A 87 1.50 2.37 -9.77
C ALA A 87 1.79 3.79 -10.24
N GLN A 88 1.24 4.15 -11.39
CA GLN A 88 1.44 5.48 -11.95
C GLN A 88 1.11 6.56 -10.94
N GLU A 89 0.01 6.37 -10.21
CA GLU A 89 -0.42 7.33 -9.20
C GLU A 89 0.59 7.39 -8.05
N ALA A 90 1.05 6.23 -7.61
CA ALA A 90 2.00 6.16 -6.52
C ALA A 90 3.27 6.95 -6.85
N ILE A 91 3.68 6.88 -8.11
CA ILE A 91 4.87 7.59 -8.55
C ILE A 91 4.61 9.09 -8.69
N ALA A 92 3.34 9.45 -8.91
CA ALA A 92 2.97 10.84 -9.05
C ALA A 92 3.12 11.59 -7.73
N ILE A 93 2.55 11.04 -6.66
CA ILE A 93 2.64 11.66 -5.35
C ILE A 93 4.04 11.56 -4.78
N GLY A 94 4.75 10.48 -5.15
CA GLY A 94 6.11 10.28 -4.66
C GLY A 94 6.19 9.18 -3.63
N ALA A 95 5.68 8.00 -3.97
CA ALA A 95 5.70 6.86 -3.07
C ALA A 95 7.13 6.38 -2.82
N LYS A 96 7.29 5.47 -1.88
CA LYS A 96 8.61 4.93 -1.55
C LYS A 96 8.67 3.43 -1.83
N THR A 97 7.51 2.77 -1.73
CA THR A 97 7.43 1.34 -1.97
C THR A 97 6.13 0.97 -2.66
N LEU A 98 6.11 -0.20 -3.31
CA LEU A 98 4.92 -0.67 -4.01
C LEU A 98 4.70 -2.15 -3.77
N TRP A 99 3.76 -2.48 -2.89
CA TRP A 99 3.45 -3.86 -2.57
C TRP A 99 2.21 -4.33 -3.33
N LEU A 100 2.29 -5.51 -3.92
CA LEU A 100 1.18 -6.07 -4.67
C LEU A 100 0.55 -7.24 -3.92
N GLN A 101 -0.40 -7.91 -4.57
CA GLN A 101 -1.07 -9.05 -3.96
C GLN A 101 -0.28 -10.33 -4.17
N LEU A 102 -0.31 -11.21 -3.17
CA LEU A 102 0.41 -12.47 -3.24
C LEU A 102 0.01 -13.27 -4.48
N GLY A 103 0.98 -13.91 -5.11
CA GLY A 103 0.70 -14.69 -6.30
C GLY A 103 0.32 -13.83 -7.48
N VAL A 104 0.60 -12.54 -7.39
CA VAL A 104 0.27 -11.60 -8.46
C VAL A 104 1.49 -10.81 -8.88
N ILE A 105 1.83 -10.90 -10.17
CA ILE A 105 2.98 -10.19 -10.70
C ILE A 105 2.58 -9.32 -11.90
N ASN A 106 3.04 -8.07 -11.88
CA ASN A 106 2.74 -7.13 -12.96
C ASN A 106 4.01 -6.63 -13.63
N GLU A 107 4.28 -7.12 -14.84
CA GLU A 107 5.47 -6.73 -15.58
C GLU A 107 5.34 -5.28 -16.06
N GLN A 108 4.14 -4.90 -16.47
CA GLN A 108 3.89 -3.55 -16.96
C GLN A 108 4.06 -2.53 -15.84
N ALA A 109 3.43 -2.79 -14.70
CA ALA A 109 3.50 -1.89 -13.56
C ALA A 109 4.89 -1.94 -12.92
N ALA A 110 5.59 -3.05 -13.12
CA ALA A 110 6.92 -3.21 -12.57
C ALA A 110 7.91 -2.22 -13.18
N VAL A 111 7.94 -2.17 -14.51
CA VAL A 111 8.82 -1.26 -15.22
C VAL A 111 8.33 0.18 -15.13
N LEU A 112 7.01 0.35 -15.11
CA LEU A 112 6.41 1.67 -15.01
C LEU A 112 6.98 2.45 -13.82
N ALA A 113 7.38 1.72 -12.78
CA ALA A 113 7.95 2.32 -11.59
C ALA A 113 9.45 2.53 -11.73
N ARG A 114 10.12 1.56 -12.32
CA ARG A 114 11.56 1.62 -12.52
C ARG A 114 11.96 2.94 -13.20
N GLU A 115 11.15 3.35 -14.16
CA GLU A 115 11.41 4.59 -14.89
C GLU A 115 11.59 5.76 -13.93
N ALA A 116 10.91 5.70 -12.79
CA ALA A 116 11.01 6.75 -11.79
C ALA A 116 11.96 6.35 -10.66
N GLY A 117 12.13 5.04 -10.47
CA GLY A 117 13.01 4.56 -9.43
C GLY A 117 12.25 4.10 -8.20
N LEU A 118 11.04 3.60 -8.40
CA LEU A 118 10.21 3.12 -7.30
C LEU A 118 10.52 1.66 -6.98
N SER A 119 10.32 1.29 -5.72
CA SER A 119 10.57 -0.07 -5.28
C SER A 119 9.33 -0.95 -5.48
N VAL A 120 9.35 -1.74 -6.55
CA VAL A 120 8.22 -2.62 -6.87
C VAL A 120 8.43 -4.00 -6.24
N VAL A 121 7.37 -4.52 -5.63
CA VAL A 121 7.44 -5.84 -4.99
C VAL A 121 6.15 -6.62 -5.22
N MET A 122 6.25 -7.74 -5.92
CA MET A 122 5.10 -8.58 -6.20
C MET A 122 5.27 -9.96 -5.59
N ASP A 123 4.22 -10.77 -5.66
CA ASP A 123 4.24 -12.13 -5.11
C ASP A 123 4.64 -12.10 -3.64
N ARG A 124 4.28 -11.02 -2.95
CA ARG A 124 4.59 -10.88 -1.54
C ARG A 124 3.53 -10.04 -0.82
N CYS A 125 3.17 -10.47 0.39
CA CYS A 125 2.17 -9.77 1.18
C CYS A 125 2.64 -9.57 2.61
N PRO A 126 2.19 -8.49 3.24
CA PRO A 126 2.55 -8.16 4.63
C PRO A 126 1.92 -9.11 5.63
N ALA A 127 0.75 -9.64 5.29
CA ALA A 127 0.04 -10.57 6.16
C ALA A 127 0.89 -11.80 6.44
N ILE A 128 1.70 -12.21 5.47
CA ILE A 128 2.55 -13.37 5.62
C ILE A 128 3.98 -12.96 5.97
N GLU A 129 4.33 -11.72 5.64
CA GLU A 129 5.66 -11.21 5.93
C GLU A 129 5.80 -10.86 7.41
N LEU A 130 4.68 -10.51 8.04
CA LEU A 130 4.69 -10.15 9.45
C LEU A 130 5.04 -11.36 10.31
N PRO A 131 4.26 -12.44 10.18
CA PRO A 131 4.47 -13.67 10.95
C PRO A 131 5.74 -14.41 10.51
N ARG A 132 6.36 -13.92 9.45
CA ARG A 132 7.58 -14.54 8.93
C ARG A 132 8.61 -14.72 10.03
N LEU A 133 8.57 -13.83 11.02
CA LEU A 133 9.51 -13.90 12.14
C LEU A 133 8.89 -14.64 13.33
N GLY A 134 7.57 -14.54 13.45
CA GLY A 134 6.89 -15.20 14.54
C GLY A 134 6.71 -14.31 15.75
N LEU A 135 6.40 -13.05 15.51
CA LEU A 135 6.21 -12.08 16.58
C LEU A 135 4.78 -11.56 16.60
N ALA A 136 4.08 -11.70 15.47
CA ALA A 136 2.71 -11.25 15.36
C ALA A 136 1.85 -11.81 16.50
N LYS A 137 0.78 -11.09 16.84
CA LYS A 137 -0.12 -11.51 17.90
C LYS A 137 -1.03 -12.63 17.42
N MET A 1 26.63 -4.50 4.68
CA MET A 1 26.00 -5.61 3.97
C MET A 1 24.64 -5.20 3.43
N LYS A 2 24.45 -3.91 3.20
CA LYS A 2 23.19 -3.39 2.70
C LYS A 2 23.16 -3.42 1.18
N GLU A 3 21.97 -3.66 0.62
CA GLU A 3 21.80 -3.72 -0.83
C GLU A 3 20.53 -3.00 -1.27
N ASN A 4 19.46 -3.21 -0.51
CA ASN A 4 18.17 -2.57 -0.82
C ASN A 4 18.10 -1.18 -0.21
N ASP A 5 17.15 -0.39 -0.69
CA ASP A 5 16.96 0.97 -0.19
C ASP A 5 15.74 1.06 0.72
N ILE A 6 14.81 0.12 0.54
CA ILE A 6 13.60 0.09 1.35
C ILE A 6 13.93 0.12 2.84
N ALA A 7 15.11 -0.39 3.19
CA ALA A 7 15.54 -0.42 4.58
C ALA A 7 15.50 0.97 5.20
N GLY A 8 15.84 1.98 4.40
CA GLY A 8 15.84 3.35 4.89
C GLY A 8 14.44 3.92 4.98
N ILE A 9 13.58 3.52 4.06
CA ILE A 9 12.20 4.01 4.04
C ILE A 9 11.37 3.34 5.13
N LEU A 10 11.72 2.10 5.46
CA LEU A 10 11.01 1.36 6.49
C LEU A 10 11.56 1.68 7.89
N THR A 11 12.83 2.07 7.93
CA THR A 11 13.47 2.41 9.20
C THR A 11 13.25 3.89 9.54
N SER A 12 12.94 4.69 8.52
CA SER A 12 12.71 6.12 8.72
C SER A 12 11.27 6.38 9.12
N THR A 13 10.35 6.14 8.20
CA THR A 13 8.93 6.35 8.45
C THR A 13 8.11 5.10 8.11
N ARG A 14 7.19 4.75 9.00
CA ARG A 14 6.34 3.59 8.79
C ARG A 14 4.90 3.99 8.51
N THR A 15 4.51 3.91 7.25
CA THR A 15 3.14 4.28 6.85
C THR A 15 2.60 3.30 5.82
N ILE A 16 1.30 3.02 5.91
CA ILE A 16 0.65 2.10 4.98
C ILE A 16 -0.59 2.73 4.37
N ALA A 17 -0.76 2.54 3.07
CA ALA A 17 -1.92 3.07 2.35
C ALA A 17 -2.67 1.98 1.61
N LEU A 18 -4.00 2.07 1.63
CA LEU A 18 -4.84 1.09 0.96
C LEU A 18 -5.63 1.72 -0.17
N VAL A 19 -5.66 1.06 -1.32
CA VAL A 19 -6.38 1.56 -2.49
C VAL A 19 -7.66 0.77 -2.73
N GLY A 20 -8.79 1.46 -2.78
CA GLY A 20 -10.06 0.79 -3.01
C GLY A 20 -10.64 0.21 -1.74
N ALA A 21 -10.73 1.03 -0.69
CA ALA A 21 -11.27 0.59 0.59
C ALA A 21 -12.78 0.79 0.65
N SER A 22 -13.52 -0.31 0.67
CA SER A 22 -14.98 -0.24 0.72
C SER A 22 -15.52 -1.11 1.85
N ASP A 23 -16.83 -1.31 1.86
CA ASP A 23 -17.48 -2.12 2.89
C ASP A 23 -17.61 -3.57 2.44
N LYS A 24 -16.54 -4.10 1.86
CA LYS A 24 -16.54 -5.48 1.38
C LYS A 24 -15.66 -6.36 2.26
N PRO A 25 -16.26 -6.91 3.33
CA PRO A 25 -15.54 -7.78 4.28
C PRO A 25 -15.19 -9.12 3.67
N ASP A 26 -15.69 -9.37 2.47
CA ASP A 26 -15.42 -10.62 1.77
C ASP A 26 -14.32 -10.46 0.73
N ARG A 27 -13.56 -9.37 0.87
CA ARG A 27 -12.46 -9.08 -0.05
C ARG A 27 -11.11 -9.15 0.66
N PRO A 28 -10.04 -9.39 -0.10
CA PRO A 28 -8.68 -9.48 0.43
C PRO A 28 -8.16 -8.13 0.90
N SER A 29 -8.72 -7.06 0.36
CA SER A 29 -8.31 -5.71 0.73
C SER A 29 -8.88 -5.32 2.10
N TYR A 30 -9.92 -6.03 2.52
CA TYR A 30 -10.57 -5.75 3.80
C TYR A 30 -9.87 -6.51 4.93
N ARG A 31 -9.62 -7.79 4.70
CA ARG A 31 -8.97 -8.63 5.69
C ARG A 31 -7.66 -8.00 6.16
N VAL A 32 -6.92 -7.41 5.22
CA VAL A 32 -5.65 -6.78 5.54
C VAL A 32 -5.86 -5.42 6.20
N MET A 33 -6.95 -4.76 5.83
CA MET A 33 -7.27 -3.45 6.38
C MET A 33 -7.43 -3.51 7.90
N LYS A 34 -8.43 -4.26 8.36
CA LYS A 34 -8.67 -4.41 9.79
C LYS A 34 -7.52 -5.13 10.46
N TYR A 35 -6.73 -5.86 9.67
CA TYR A 35 -5.59 -6.60 10.20
C TYR A 35 -4.43 -5.66 10.53
N LEU A 36 -4.12 -4.76 9.60
CA LEU A 36 -3.03 -3.81 9.78
C LEU A 36 -3.35 -2.85 10.93
N LEU A 37 -4.60 -2.41 11.00
CA LEU A 37 -5.03 -1.49 12.05
C LEU A 37 -4.99 -2.17 13.41
N ASP A 38 -5.42 -3.43 13.46
CA ASP A 38 -5.42 -4.17 14.71
C ASP A 38 -4.04 -4.17 15.35
N GLN A 39 -3.02 -4.53 14.57
CA GLN A 39 -1.65 -4.57 15.06
C GLN A 39 -1.24 -3.21 15.63
N GLY A 40 -1.89 -2.15 15.15
CA GLY A 40 -1.57 -0.81 15.62
C GLY A 40 -0.66 -0.08 14.67
N TYR A 41 -1.02 -0.04 13.40
CA TYR A 41 -0.22 0.64 12.40
C TYR A 41 -0.99 1.81 11.78
N HIS A 42 -0.31 2.60 10.96
CA HIS A 42 -0.93 3.74 10.30
C HIS A 42 -1.44 3.36 8.91
N VAL A 43 -2.76 3.30 8.78
CA VAL A 43 -3.39 2.95 7.51
C VAL A 43 -4.08 4.17 6.88
N ILE A 44 -4.03 4.24 5.56
CA ILE A 44 -4.65 5.35 4.84
C ILE A 44 -5.46 4.84 3.64
N PRO A 45 -6.65 4.32 3.92
CA PRO A 45 -7.55 3.80 2.88
C PRO A 45 -8.12 4.90 1.99
N VAL A 46 -8.09 4.68 0.69
CA VAL A 46 -8.61 5.65 -0.27
C VAL A 46 -9.62 5.02 -1.22
N SER A 47 -10.83 5.57 -1.24
CA SER A 47 -11.90 5.05 -2.09
C SER A 47 -12.80 6.17 -2.58
N PRO A 48 -13.40 5.98 -3.76
CA PRO A 48 -14.30 6.96 -4.36
C PRO A 48 -15.61 7.10 -3.59
N LYS A 49 -15.88 6.14 -2.72
CA LYS A 49 -17.10 6.16 -1.92
C LYS A 49 -16.80 6.54 -0.46
N VAL A 50 -15.61 6.20 0.00
CA VAL A 50 -15.20 6.52 1.36
C VAL A 50 -14.77 7.98 1.49
N ALA A 51 -14.78 8.69 0.36
CA ALA A 51 -14.41 10.10 0.33
C ALA A 51 -15.40 10.94 1.13
N GLY A 52 -15.07 11.19 2.39
CA GLY A 52 -15.94 11.98 3.25
C GLY A 52 -16.43 11.21 4.45
N LYS A 53 -15.83 10.05 4.70
CA LYS A 53 -16.21 9.22 5.83
C LYS A 53 -14.98 8.55 6.44
N THR A 54 -15.10 8.14 7.71
CA THR A 54 -14.00 7.50 8.40
C THR A 54 -14.21 5.98 8.47
N LEU A 55 -13.34 5.25 7.78
CA LEU A 55 -13.43 3.80 7.75
C LEU A 55 -12.51 3.17 8.80
N LEU A 56 -13.10 2.47 9.76
CA LEU A 56 -12.33 1.84 10.82
C LEU A 56 -11.50 2.85 11.58
N GLY A 57 -11.91 4.12 11.52
CA GLY A 57 -11.17 5.17 12.22
C GLY A 57 -10.21 5.90 11.30
N GLN A 58 -10.02 5.37 10.09
CA GLN A 58 -9.12 5.98 9.13
C GLN A 58 -9.88 6.90 8.18
N GLN A 59 -9.37 8.11 7.99
CA GLN A 59 -10.00 9.08 7.12
C GLN A 59 -10.02 8.58 5.68
N GLY A 60 -11.15 8.75 5.01
CA GLY A 60 -11.28 8.30 3.63
C GLY A 60 -10.91 9.40 2.64
N TYR A 61 -10.72 9.01 1.39
CA TYR A 61 -10.37 9.96 0.33
C TYR A 61 -10.82 9.47 -1.03
N ALA A 62 -11.38 10.37 -1.83
CA ALA A 62 -11.85 10.02 -3.16
C ALA A 62 -10.69 9.60 -4.06
N THR A 63 -9.49 10.07 -3.73
CA THR A 63 -8.31 9.74 -4.51
C THR A 63 -7.03 10.12 -3.76
N LEU A 64 -5.94 9.41 -4.07
CA LEU A 64 -4.66 9.68 -3.42
C LEU A 64 -4.18 11.10 -3.71
N ALA A 65 -4.75 11.71 -4.75
CA ALA A 65 -4.38 13.07 -5.12
C ALA A 65 -5.25 14.09 -4.40
N ASP A 66 -6.10 13.61 -3.50
CA ASP A 66 -6.98 14.49 -2.75
C ASP A 66 -6.42 14.75 -1.35
N VAL A 67 -5.56 13.84 -0.88
CA VAL A 67 -4.95 13.97 0.44
C VAL A 67 -3.59 14.65 0.34
N PRO A 68 -3.37 15.64 1.22
CA PRO A 68 -2.11 16.38 1.26
C PRO A 68 -0.94 15.54 1.77
N GLU A 69 -1.20 14.74 2.80
CA GLU A 69 -0.17 13.88 3.37
C GLU A 69 0.36 12.89 2.33
N LYS A 70 1.62 12.49 2.49
CA LYS A 70 2.24 11.55 1.56
C LYS A 70 2.49 10.21 2.24
N VAL A 71 2.14 9.13 1.57
CA VAL A 71 2.34 7.79 2.10
C VAL A 71 3.76 7.29 1.83
N ASP A 72 4.32 6.54 2.78
CA ASP A 72 5.66 6.00 2.64
C ASP A 72 5.63 4.61 2.01
N MET A 73 4.49 3.94 2.15
CA MET A 73 4.34 2.59 1.60
C MET A 73 2.90 2.38 1.10
N VAL A 74 2.76 2.15 -0.20
CA VAL A 74 1.45 1.92 -0.80
C VAL A 74 1.14 0.43 -0.91
N ASP A 75 0.18 -0.02 -0.11
CA ASP A 75 -0.22 -1.42 -0.11
C ASP A 75 -1.34 -1.67 -1.12
N VAL A 76 -1.04 -2.45 -2.15
CA VAL A 76 -2.03 -2.75 -3.18
C VAL A 76 -2.57 -4.18 -3.02
N PHE A 77 -3.86 -4.27 -2.71
CA PHE A 77 -4.50 -5.57 -2.51
C PHE A 77 -5.63 -5.77 -3.52
N ARG A 78 -5.97 -4.70 -4.24
CA ARG A 78 -7.04 -4.76 -5.24
C ARG A 78 -6.82 -5.93 -6.20
N ASN A 79 -5.85 -5.76 -7.10
CA ASN A 79 -5.54 -6.80 -8.08
C ASN A 79 -4.24 -6.49 -8.81
N SER A 80 -3.89 -7.31 -9.79
CA SER A 80 -2.67 -7.12 -10.56
C SER A 80 -2.83 -5.98 -11.56
N GLU A 81 -3.88 -6.04 -12.36
CA GLU A 81 -4.15 -5.00 -13.35
C GLU A 81 -4.17 -3.62 -12.70
N ALA A 82 -4.70 -3.56 -11.49
CA ALA A 82 -4.78 -2.30 -10.75
C ALA A 82 -3.40 -1.80 -10.35
N ALA A 83 -2.47 -2.74 -10.17
CA ALA A 83 -1.11 -2.40 -9.77
C ALA A 83 -0.51 -1.37 -10.73
N TRP A 84 -0.77 -1.54 -12.02
CA TRP A 84 -0.25 -0.63 -13.03
C TRP A 84 -0.88 0.76 -12.89
N GLY A 85 -2.22 0.80 -12.88
CA GLY A 85 -2.92 2.07 -12.75
C GLY A 85 -2.56 2.80 -11.48
N VAL A 86 -2.43 2.05 -10.38
CA VAL A 86 -2.08 2.64 -9.09
C VAL A 86 -0.60 3.03 -9.04
N ALA A 87 0.23 2.25 -9.72
CA ALA A 87 1.66 2.52 -9.76
C ALA A 87 1.95 3.89 -10.37
N GLN A 88 1.49 4.08 -11.60
CA GLN A 88 1.70 5.35 -12.31
C GLN A 88 1.25 6.52 -11.45
N GLU A 89 0.08 6.39 -10.84
CA GLU A 89 -0.46 7.44 -9.99
C GLU A 89 0.45 7.71 -8.79
N ALA A 90 0.93 6.64 -8.17
CA ALA A 90 1.81 6.74 -7.02
C ALA A 90 3.08 7.53 -7.37
N ILE A 91 3.60 7.28 -8.57
CA ILE A 91 4.81 7.96 -9.02
C ILE A 91 4.52 9.40 -9.42
N ALA A 92 3.25 9.67 -9.76
CA ALA A 92 2.84 11.00 -10.16
C ALA A 92 2.87 11.97 -8.97
N ILE A 93 2.24 11.56 -7.87
CA ILE A 93 2.20 12.39 -6.68
C ILE A 93 3.56 12.43 -5.99
N GLY A 94 4.33 11.37 -6.17
CA GLY A 94 5.65 11.29 -5.56
C GLY A 94 5.68 10.38 -4.35
N ALA A 95 5.20 9.15 -4.53
CA ALA A 95 5.18 8.17 -3.45
C ALA A 95 6.59 7.88 -2.95
N LYS A 96 6.71 6.86 -2.10
CA LYS A 96 8.01 6.47 -1.55
C LYS A 96 8.26 4.99 -1.77
N THR A 97 7.22 4.18 -1.62
CA THR A 97 7.33 2.74 -1.81
C THR A 97 6.04 2.15 -2.37
N LEU A 98 6.15 0.98 -2.99
CA LEU A 98 4.99 0.31 -3.57
C LEU A 98 5.01 -1.18 -3.24
N TRP A 99 3.88 -1.69 -2.76
CA TRP A 99 3.78 -3.11 -2.42
C TRP A 99 2.55 -3.73 -3.06
N LEU A 100 2.73 -4.91 -3.66
CA LEU A 100 1.63 -5.61 -4.32
C LEU A 100 1.25 -6.87 -3.56
N GLN A 101 0.44 -7.72 -4.19
CA GLN A 101 0.02 -8.96 -3.57
C GLN A 101 1.02 -10.08 -3.82
N LEU A 102 1.00 -11.09 -2.97
CA LEU A 102 1.91 -12.22 -3.10
C LEU A 102 1.42 -13.20 -4.17
N GLY A 103 2.32 -13.60 -5.07
CA GLY A 103 1.96 -14.53 -6.12
C GLY A 103 1.75 -13.85 -7.45
N VAL A 104 1.66 -12.51 -7.42
CA VAL A 104 1.46 -11.74 -8.65
C VAL A 104 2.78 -11.26 -9.22
N ILE A 105 2.84 -11.13 -10.54
CA ILE A 105 4.06 -10.68 -11.20
C ILE A 105 3.73 -9.77 -12.40
N ASN A 106 4.06 -8.50 -12.26
CA ASN A 106 3.80 -7.53 -13.33
C ASN A 106 5.09 -6.79 -13.71
N GLU A 107 5.83 -7.37 -14.65
CA GLU A 107 7.08 -6.77 -15.11
C GLU A 107 6.85 -5.33 -15.57
N GLN A 108 5.64 -5.05 -16.03
CA GLN A 108 5.29 -3.71 -16.50
C GLN A 108 5.17 -2.74 -15.33
N ALA A 109 4.39 -3.13 -14.32
CA ALA A 109 4.18 -2.30 -13.15
C ALA A 109 5.47 -2.18 -12.32
N ALA A 110 6.35 -3.16 -12.48
CA ALA A 110 7.62 -3.17 -11.75
C ALA A 110 8.59 -2.14 -12.32
N VAL A 111 8.79 -2.19 -13.64
CA VAL A 111 9.69 -1.26 -14.30
C VAL A 111 9.13 0.15 -14.30
N LEU A 112 7.80 0.25 -14.36
CA LEU A 112 7.13 1.55 -14.37
C LEU A 112 7.59 2.40 -13.19
N ALA A 113 7.97 1.74 -12.10
CA ALA A 113 8.44 2.44 -10.90
C ALA A 113 9.93 2.72 -10.98
N ARG A 114 10.66 1.82 -11.63
CA ARG A 114 12.11 1.97 -11.77
C ARG A 114 12.45 3.25 -12.54
N GLU A 115 11.67 3.53 -13.57
CA GLU A 115 11.89 4.73 -14.39
C GLU A 115 11.96 5.98 -13.51
N ALA A 116 11.23 5.96 -12.40
CA ALA A 116 11.22 7.10 -11.49
C ALA A 116 12.14 6.85 -10.30
N GLY A 117 12.40 5.58 -10.00
CA GLY A 117 13.27 5.24 -8.89
C GLY A 117 12.50 4.66 -7.71
N LEU A 118 11.18 4.79 -7.75
CA LEU A 118 10.33 4.29 -6.68
C LEU A 118 10.65 2.83 -6.37
N SER A 119 10.47 2.44 -5.11
CA SER A 119 10.73 1.07 -4.69
C SER A 119 9.51 0.18 -4.92
N VAL A 120 9.52 -0.56 -6.02
CA VAL A 120 8.41 -1.44 -6.34
C VAL A 120 8.66 -2.85 -5.80
N VAL A 121 7.70 -3.35 -5.03
CA VAL A 121 7.81 -4.68 -4.45
C VAL A 121 6.56 -5.51 -4.72
N MET A 122 6.70 -6.51 -5.58
CA MET A 122 5.58 -7.37 -5.94
C MET A 122 5.83 -8.80 -5.47
N ASP A 123 4.87 -9.68 -5.73
CA ASP A 123 4.98 -11.09 -5.33
C ASP A 123 5.34 -11.20 -3.86
N ARG A 124 4.75 -10.33 -3.04
CA ARG A 124 5.01 -10.33 -1.61
C ARG A 124 3.82 -9.78 -0.84
N CYS A 125 3.46 -10.45 0.25
CA CYS A 125 2.33 -10.02 1.07
C CYS A 125 2.81 -9.45 2.40
N PRO A 126 2.31 -8.25 2.75
CA PRO A 126 2.68 -7.58 3.99
C PRO A 126 2.11 -8.27 5.22
N ALA A 127 1.07 -9.09 5.01
CA ALA A 127 0.44 -9.81 6.10
C ALA A 127 1.34 -10.91 6.63
N ILE A 128 2.17 -11.46 5.75
CA ILE A 128 3.10 -12.52 6.13
C ILE A 128 4.50 -11.98 6.40
N GLU A 129 4.80 -10.82 5.81
CA GLU A 129 6.10 -10.19 5.99
C GLU A 129 6.16 -9.45 7.32
N LEU A 130 5.09 -8.74 7.66
CA LEU A 130 5.02 -7.99 8.91
C LEU A 130 5.41 -8.87 10.09
N PRO A 131 4.68 -9.99 10.26
CA PRO A 131 4.92 -10.94 11.35
C PRO A 131 6.23 -11.71 11.17
N ARG A 132 6.89 -11.49 10.03
CA ARG A 132 8.15 -12.15 9.74
C ARG A 132 9.30 -11.49 10.48
N LEU A 133 9.24 -10.17 10.61
CA LEU A 133 10.28 -9.41 11.29
C LEU A 133 9.73 -8.77 12.57
N GLY A 134 8.46 -8.44 12.55
CA GLY A 134 7.83 -7.82 13.71
C GLY A 134 7.13 -8.83 14.60
N LEU A 135 6.75 -9.97 14.02
CA LEU A 135 6.06 -11.01 14.76
C LEU A 135 4.70 -10.53 15.25
N ALA A 136 4.13 -9.57 14.54
CA ALA A 136 2.82 -9.02 14.90
C ALA A 136 1.81 -10.13 15.12
N LYS A 137 0.94 -9.96 16.11
CA LYS A 137 -0.08 -10.95 16.42
C LYS A 137 -0.92 -11.26 15.19
#